data_7KNS
#
_entry.id   7KNS
#
_cell.length_a   1.00
_cell.length_b   1.00
_cell.length_c   1.00
_cell.angle_alpha   90.00
_cell.angle_beta   90.00
_cell.angle_gamma   90.00
#
_symmetry.space_group_name_H-M   'P 1'
#
loop_
_entity.id
_entity.type
_entity.pdbx_description
1 polymer Urease
2 non-polymer 'NICKEL (II) ION'
3 non-polymer 'PHOSPHATE ION'
#
_entity_poly.entity_id   1
_entity_poly.type   'polypeptide(L)'
_entity_poly.pdbx_seq_one_letter_code
;MKLSPREVEKLGLHNAGYLAQKRLARGVRLNYTEAVALIASQIMEYARDGEKTVAQLMCLGQHLLGRRQVLPAVPHLLNA
VQVEATFPDGTKLVTVHDPISRENGELQEALFGSLLPVPSLDKFAETKEDNRIPGEILCEDECLTLNIGRKAVILKVTSK
GDRPIQVGSHYHFIEVNPYLTFDRRKAYGMRLNIAAGTAVRFEPGDCKSVTLVSIEGNKVIRGGNAIADGPVNETNLEAA
MHAVRSKGFGHEEEKDASEGFTKEDPNCPFNTFIHRKEYANKYGPTTGDKIRLGDTNLLAEIEKDYALYGDECVFGGGKV
IRDGMGQSCGHPPAISLDTVITNAVIIDYTGIIKADIGIKDGLIASIGKAGNPDIMNGVFSNMIIGANTEVIAGEGLIVT
AGAIDCHVHYICPQLVYEAISSGITTLVGGGTGPAAGTRATTCTPSPTQMRLMLQSTDDLPLNFGFTGKGSSSKPDELHE
IIKAGAMGL(KCX)LHEDWGSTPAAIDNCLTIAEHHDIQINIHTDTLNEAGFVEHSIAAFKGRTIHTYHSEGAGGGHAPD
IIKVCGIKNVLPSSTNPTRPLTSNTIDEHLDMLMVCHHLDREIPEDLAFAHSRIRKKTIAAEDVLNDIGAISIISSDSQA
MGRVGEVISRTWQTADKMKAQTGPLKCDSSDNDNFRIRRYIAKYTINPAIANGFSQYVGSVEVGKLADLVMWKPSFFGTK
PEMVIKGGMVAWADIGDPNASIPTPEPVKMRPMYGTLGKAGGALSIAFVSKAALDQRVNVLYGLNKRVEAVSNVRKLTKL
DMKLNDALPEITVDPESYTVKADGKLLCVSEATTVPLSRNYFLF
;
_entity_poly.pdbx_strand_id   A,B,C,D,E,F
#
loop_
_chem_comp.id
_chem_comp.type
_chem_comp.name
_chem_comp.formula
NI non-polymer 'NICKEL (II) ION' 'Ni 2'
PO4 non-polymer 'PHOSPHATE ION' 'O4 P -3'
#
# COMPACT_ATOMS: atom_id res chain seq x y z
N MET A 1 0.97 37.96 20.35
CA MET A 1 -0.51 38.04 20.31
C MET A 1 -1.13 36.72 20.76
N LYS A 2 -0.50 35.62 20.32
CA LYS A 2 -0.99 34.27 20.62
C LYS A 2 -2.43 34.09 20.14
N LEU A 3 -2.68 34.52 18.91
CA LEU A 3 -4.03 34.49 18.37
C LEU A 3 -4.49 33.05 18.16
N SER A 4 -5.61 32.70 18.76
CA SER A 4 -6.23 31.41 18.52
C SER A 4 -6.95 31.44 17.16
N PRO A 5 -7.29 30.26 16.62
CA PRO A 5 -7.95 30.25 15.30
C PRO A 5 -9.26 31.02 15.24
N ARG A 6 -10.00 31.12 16.35
CA ARG A 6 -11.28 31.82 16.29
C ARG A 6 -11.10 33.33 16.29
N GLU A 7 -10.05 33.84 16.92
CA GLU A 7 -9.80 35.27 16.88
C GLU A 7 -9.50 35.76 15.47
N VAL A 8 -8.81 34.93 14.67
CA VAL A 8 -8.53 35.31 13.29
C VAL A 8 -9.82 35.43 12.49
N GLU A 9 -10.73 34.48 12.66
CA GLU A 9 -12.00 34.54 11.96
C GLU A 9 -12.84 35.72 12.41
N LYS A 10 -12.83 36.01 13.71
CA LYS A 10 -13.57 37.15 14.20
C LYS A 10 -12.96 38.46 13.71
N LEU A 11 -11.64 38.50 13.52
CA LEU A 11 -11.01 39.66 12.91
C LEU A 11 -11.43 39.83 11.47
N GLY A 12 -11.55 38.74 10.72
CA GLY A 12 -12.09 38.83 9.38
C GLY A 12 -13.52 39.34 9.36
N LEU A 13 -14.33 38.86 10.31
CA LEU A 13 -15.70 39.36 10.44
C LEU A 13 -15.71 40.85 10.73
N HIS A 14 -14.79 41.31 11.60
CA HIS A 14 -14.72 42.73 11.91
C HIS A 14 -14.30 43.53 10.68
N ASN A 15 -13.39 43.00 9.87
CA ASN A 15 -13.00 43.70 8.66
C ASN A 15 -14.17 43.84 7.70
N ALA A 16 -14.95 42.76 7.54
CA ALA A 16 -16.14 42.84 6.69
C ALA A 16 -17.15 43.83 7.25
N GLY A 17 -17.31 43.85 8.57
CA GLY A 17 -18.23 44.81 9.17
C GLY A 17 -17.76 46.24 9.00
N TYR A 18 -16.46 46.47 9.03
CA TYR A 18 -15.94 47.82 8.85
C TYR A 18 -16.08 48.27 7.39
N LEU A 19 -15.92 47.33 6.45
CA LEU A 19 -16.22 47.65 5.05
C LEU A 19 -17.69 48.04 4.90
N ALA A 20 -18.59 47.27 5.51
CA ALA A 20 -20.01 47.61 5.47
C ALA A 20 -20.26 48.96 6.13
N GLN A 21 -19.53 49.27 7.20
CA GLN A 21 -19.69 50.56 7.86
C GLN A 21 -19.25 51.71 6.98
N LYS A 22 -18.13 51.56 6.28
CA LYS A 22 -17.70 52.62 5.36
C LYS A 22 -18.70 52.83 4.25
N ARG A 23 -19.21 51.73 3.68
CA ARG A 23 -20.22 51.84 2.63
C ARG A 23 -21.48 52.52 3.14
N LEU A 24 -21.95 52.13 4.33
CA LEU A 24 -23.12 52.79 4.92
C LEU A 24 -22.84 54.26 5.19
N ALA A 25 -21.62 54.59 5.60
CA ALA A 25 -21.29 55.96 5.92
C ALA A 25 -21.27 56.85 4.67
N ARG A 26 -20.91 56.30 3.52
CA ARG A 26 -21.00 57.06 2.28
C ARG A 26 -22.38 56.95 1.62
N GLY A 27 -23.32 56.23 2.22
CA GLY A 27 -24.72 56.36 1.86
C GLY A 27 -25.24 55.42 0.79
N VAL A 28 -24.66 54.23 0.65
CA VAL A 28 -25.22 53.20 -0.24
C VAL A 28 -26.06 52.26 0.61
N ARG A 29 -27.05 51.65 -0.02
CA ARG A 29 -27.94 50.72 0.67
C ARG A 29 -27.29 49.34 0.69
N LEU A 30 -27.11 48.79 1.89
CA LEU A 30 -26.38 47.55 2.05
C LEU A 30 -27.20 46.37 1.55
N ASN A 31 -26.49 45.31 1.15
CA ASN A 31 -27.11 44.05 0.77
C ASN A 31 -27.10 43.10 1.97
N TYR A 32 -27.45 41.83 1.74
CA TYR A 32 -27.57 40.87 2.82
C TYR A 32 -26.24 40.67 3.54
N THR A 33 -25.17 40.43 2.77
CA THR A 33 -23.87 40.14 3.37
C THR A 33 -23.36 41.32 4.18
N GLU A 34 -23.46 42.53 3.62
CA GLU A 34 -22.98 43.71 4.32
C GLU A 34 -23.78 43.98 5.58
N ALA A 35 -25.10 43.81 5.52
CA ALA A 35 -25.93 44.03 6.70
C ALA A 35 -25.60 43.03 7.80
N VAL A 36 -25.42 41.75 7.44
CA VAL A 36 -25.07 40.75 8.45
C VAL A 36 -23.72 41.07 9.07
N ALA A 37 -22.75 41.44 8.23
CA ALA A 37 -21.42 41.77 8.73
C ALA A 37 -21.47 42.95 9.69
N LEU A 38 -22.21 44.00 9.32
CA LEU A 38 -22.29 45.18 10.16
C LEU A 38 -22.94 44.86 11.50
N ILE A 39 -24.06 44.13 11.49
CA ILE A 39 -24.77 43.86 12.73
C ILE A 39 -23.92 42.98 13.64
N ALA A 40 -23.30 41.94 13.10
CA ALA A 40 -22.46 41.06 13.92
C ALA A 40 -21.28 41.83 14.51
N SER A 41 -20.59 42.62 13.68
CA SER A 41 -19.42 43.34 14.16
C SER A 41 -19.80 44.36 15.24
N GLN A 42 -20.93 45.06 15.06
CA GLN A 42 -21.32 46.05 16.05
C GLN A 42 -21.75 45.40 17.36
N ILE A 43 -22.40 44.24 17.28
CA ILE A 43 -22.73 43.50 18.49
C ILE A 43 -21.45 43.08 19.22
N MET A 44 -20.45 42.63 18.46
CA MET A 44 -19.16 42.29 19.07
C MET A 44 -18.52 43.48 19.77
N GLU A 45 -18.57 44.66 19.14
CA GLU A 45 -17.94 45.82 19.75
C GLU A 45 -18.69 46.27 21.00
N TYR A 46 -20.02 46.25 20.96
CA TYR A 46 -20.78 46.59 22.16
C TYR A 46 -20.52 45.60 23.29
N ALA A 47 -20.31 44.32 22.95
CA ALA A 47 -19.91 43.36 23.96
C ALA A 47 -18.51 43.67 24.50
N ARG A 48 -17.60 44.10 23.62
CA ARG A 48 -16.25 44.45 24.05
C ARG A 48 -16.27 45.63 25.01
N ASP A 49 -17.25 46.53 24.87
CA ASP A 49 -17.35 47.64 25.82
C ASP A 49 -17.59 47.12 27.24
N GLY A 50 -18.42 46.10 27.38
CA GLY A 50 -18.70 45.53 28.68
C GLY A 50 -19.73 46.27 29.50
N GLU A 51 -20.44 47.22 28.90
CA GLU A 51 -21.48 48.00 29.57
C GLU A 51 -22.88 47.55 29.22
N LYS A 52 -23.03 46.39 28.57
CA LYS A 52 -24.31 45.89 28.11
C LYS A 52 -24.48 44.44 28.53
N THR A 53 -25.74 44.04 28.72
CA THR A 53 -26.10 42.66 28.94
C THR A 53 -26.50 42.02 27.62
N VAL A 54 -26.65 40.69 27.63
CA VAL A 54 -27.01 39.98 26.41
C VAL A 54 -28.40 40.41 25.95
N ALA A 55 -29.33 40.60 26.89
CA ALA A 55 -30.67 41.06 26.52
C ALA A 55 -30.64 42.47 25.94
N GLN A 56 -29.80 43.33 26.49
CA GLN A 56 -29.69 44.69 25.97
C GLN A 56 -29.20 44.68 24.53
N LEU A 57 -28.26 43.78 24.20
CA LEU A 57 -27.79 43.68 22.83
C LEU A 57 -28.79 42.95 21.93
N MET A 58 -29.60 42.07 22.49
CA MET A 58 -30.70 41.50 21.70
C MET A 58 -31.66 42.59 21.26
N CYS A 59 -31.97 43.51 22.17
CA CYS A 59 -32.87 44.62 21.81
C CYS A 59 -32.17 45.63 20.92
N LEU A 60 -30.88 45.87 21.15
CA LEU A 60 -30.17 46.91 20.41
C LEU A 60 -29.96 46.52 18.96
N GLY A 61 -29.69 45.24 18.70
CA GLY A 61 -29.40 44.81 17.34
C GLY A 61 -30.55 45.00 16.37
N GLN A 62 -31.77 45.16 16.89
CA GLN A 62 -32.93 45.38 16.04
C GLN A 62 -33.07 46.84 15.59
N HIS A 63 -32.22 47.74 16.08
CA HIS A 63 -32.33 49.16 15.79
C HIS A 63 -31.16 49.71 14.99
N LEU A 64 -30.16 48.88 14.68
CA LEU A 64 -28.98 49.40 13.99
C LEU A 64 -29.31 49.83 12.57
N LEU A 65 -30.00 48.99 11.82
CA LEU A 65 -30.31 49.21 10.41
C LEU A 65 -31.82 49.22 10.22
N GLY A 66 -32.28 50.09 9.31
CA GLY A 66 -33.67 50.16 8.93
C GLY A 66 -33.88 49.69 7.50
N ARG A 67 -35.13 49.74 7.07
CA ARG A 67 -35.47 49.34 5.71
C ARG A 67 -34.88 50.27 4.67
N ARG A 68 -34.63 51.53 5.02
CA ARG A 68 -34.10 52.51 4.08
C ARG A 68 -32.58 52.46 3.94
N GLN A 69 -31.88 51.73 4.82
CA GLN A 69 -30.44 51.57 4.74
C GLN A 69 -30.01 50.28 4.07
N VAL A 70 -30.96 49.46 3.63
CA VAL A 70 -30.67 48.16 3.02
C VAL A 70 -31.49 48.05 1.75
N LEU A 71 -31.07 47.14 0.87
CA LEU A 71 -31.80 46.92 -0.36
C LEU A 71 -33.16 46.31 -0.06
N PRO A 72 -34.14 46.47 -0.95
CA PRO A 72 -35.50 46.00 -0.63
C PRO A 72 -35.62 44.51 -0.37
N ALA A 73 -34.68 43.69 -0.84
CA ALA A 73 -34.74 42.25 -0.59
C ALA A 73 -34.20 41.86 0.78
N VAL A 74 -33.38 42.72 1.40
CA VAL A 74 -32.72 42.34 2.65
C VAL A 74 -33.70 42.05 3.78
N PRO A 75 -34.80 42.79 3.97
CA PRO A 75 -35.73 42.44 5.05
C PRO A 75 -36.31 41.04 4.93
N HIS A 76 -36.40 40.49 3.73
CA HIS A 76 -36.89 39.13 3.54
C HIS A 76 -35.77 38.10 3.63
N LEU A 77 -34.58 38.43 3.13
CA LEU A 77 -33.46 37.49 3.21
C LEU A 77 -32.95 37.33 4.63
N LEU A 78 -33.05 38.37 5.44
CA LEU A 78 -32.39 38.44 6.74
C LEU A 78 -33.42 38.25 7.84
N ASN A 79 -33.47 37.05 8.42
CA ASN A 79 -34.39 36.74 9.51
C ASN A 79 -33.76 36.92 10.88
N ALA A 80 -32.48 36.58 11.02
CA ALA A 80 -31.82 36.70 12.31
C ALA A 80 -30.32 36.81 12.10
N VAL A 81 -29.63 37.24 13.15
CA VAL A 81 -28.18 37.35 13.15
C VAL A 81 -27.64 36.82 14.48
N GLN A 82 -27.10 35.61 14.47
CA GLN A 82 -26.40 35.04 15.61
C GLN A 82 -24.95 35.53 15.62
N VAL A 83 -24.43 35.82 16.81
CA VAL A 83 -23.01 36.15 16.95
C VAL A 83 -22.55 35.82 18.36
N GLU A 84 -21.31 35.38 18.46
CA GLU A 84 -20.68 34.99 19.72
C GLU A 84 -19.72 36.09 20.12
N ALA A 85 -19.82 36.56 21.37
CA ALA A 85 -19.03 37.70 21.81
C ALA A 85 -18.58 37.52 23.26
N THR A 86 -17.44 38.11 23.59
CA THR A 86 -16.85 38.01 24.92
C THR A 86 -17.35 39.17 25.77
N PHE A 87 -18.28 38.87 26.66
CA PHE A 87 -18.72 39.80 27.69
C PHE A 87 -17.79 39.71 28.89
N PRO A 88 -17.89 40.63 29.85
CA PRO A 88 -17.02 40.54 31.03
C PRO A 88 -17.17 39.24 31.81
N ASP A 89 -18.32 38.58 31.71
CA ASP A 89 -18.56 37.27 32.32
C ASP A 89 -18.43 36.14 31.31
N GLY A 90 -17.50 36.25 30.36
CA GLY A 90 -17.18 35.16 29.47
C GLY A 90 -17.85 35.28 28.11
N THR A 91 -17.67 34.23 27.31
CA THR A 91 -18.22 34.23 25.96
C THR A 91 -19.67 33.81 25.97
N LYS A 92 -20.52 34.59 25.29
CA LYS A 92 -21.95 34.37 25.24
C LYS A 92 -22.44 34.51 23.80
N LEU A 93 -23.46 33.73 23.46
CA LEU A 93 -24.15 33.87 22.18
C LEU A 93 -25.26 34.88 22.35
N VAL A 94 -25.33 35.84 21.44
CA VAL A 94 -26.43 36.79 21.35
C VAL A 94 -26.92 36.79 19.92
N THR A 95 -28.24 36.67 19.75
CA THR A 95 -28.86 36.58 18.45
C THR A 95 -29.94 37.64 18.31
N VAL A 96 -29.87 38.38 17.22
CA VAL A 96 -30.86 39.40 16.89
C VAL A 96 -31.95 38.75 16.05
N HIS A 97 -33.20 38.99 16.42
CA HIS A 97 -34.35 38.46 15.71
C HIS A 97 -35.02 39.58 14.93
N ASP A 98 -35.19 39.38 13.63
CA ASP A 98 -35.76 40.40 12.74
C ASP A 98 -34.99 41.71 12.87
N PRO A 99 -33.70 41.73 12.51
CA PRO A 99 -32.90 42.94 12.75
C PRO A 99 -33.34 44.15 11.94
N ILE A 100 -34.04 43.96 10.83
CA ILE A 100 -34.55 45.06 10.02
C ILE A 100 -36.04 45.16 10.33
N SER A 101 -36.37 46.03 11.29
CA SER A 101 -37.74 46.17 11.78
C SER A 101 -38.19 47.62 11.87
N ARG A 102 -37.43 48.56 11.33
CA ARG A 102 -37.77 49.98 11.33
C ARG A 102 -37.53 50.56 9.95
N GLU A 103 -38.21 51.67 9.67
CA GLU A 103 -37.94 52.41 8.44
C GLU A 103 -36.50 52.91 8.41
N ASN A 104 -36.03 53.45 9.54
CA ASN A 104 -34.67 53.96 9.68
C ASN A 104 -34.06 53.40 10.95
N GLY A 105 -32.77 53.05 10.87
CA GLY A 105 -32.05 52.57 12.03
C GLY A 105 -31.31 53.70 12.74
N GLU A 106 -30.73 53.35 13.88
CA GLU A 106 -29.92 54.29 14.66
C GLU A 106 -28.51 54.25 14.08
N LEU A 107 -28.18 55.22 13.25
CA LEU A 107 -26.91 55.18 12.53
C LEU A 107 -25.72 55.46 13.43
N GLN A 108 -25.92 56.18 14.54
CA GLN A 108 -24.83 56.33 15.48
C GLN A 108 -24.50 55.01 16.16
N GLU A 109 -25.50 54.16 16.36
CA GLU A 109 -25.24 52.81 16.89
C GLU A 109 -24.63 51.91 15.83
N ALA A 110 -25.09 52.05 14.58
CA ALA A 110 -24.57 51.20 13.51
C ALA A 110 -23.10 51.51 13.24
N LEU A 111 -22.70 52.77 13.32
CA LEU A 111 -21.32 53.18 13.09
C LEU A 111 -20.54 53.41 14.38
N PHE A 112 -21.04 52.89 15.50
CA PHE A 112 -20.35 53.08 16.77
C PHE A 112 -19.00 52.34 16.76
N GLY A 113 -17.97 53.00 17.27
CA GLY A 113 -16.65 52.42 17.34
C GLY A 113 -15.80 52.63 16.12
N SER A 114 -16.40 52.90 14.96
CA SER A 114 -15.64 53.10 13.73
C SER A 114 -15.02 54.48 13.64
N LEU A 115 -15.51 55.45 14.41
CA LEU A 115 -15.02 56.83 14.35
C LEU A 115 -15.21 57.41 12.96
N LEU A 116 -16.36 57.10 12.33
CA LEU A 116 -16.76 57.61 11.04
C LEU A 116 -17.91 58.60 11.19
N PRO A 117 -18.08 59.55 10.28
CA PRO A 117 -19.19 60.50 10.41
C PRO A 117 -20.52 59.85 10.11
N VAL A 118 -21.49 60.05 10.99
CA VAL A 118 -22.82 59.46 10.83
C VAL A 118 -23.51 60.15 9.67
N PRO A 119 -23.96 59.45 8.63
CA PRO A 119 -24.63 60.14 7.52
C PRO A 119 -26.08 60.47 7.87
N SER A 120 -26.56 61.56 7.30
CA SER A 120 -27.96 61.92 7.46
C SER A 120 -28.85 60.93 6.72
N LEU A 121 -30.10 60.82 7.18
CA LEU A 121 -31.02 59.86 6.59
C LEU A 121 -31.41 60.22 5.16
N ASP A 122 -31.12 61.45 4.71
CA ASP A 122 -31.41 61.83 3.34
C ASP A 122 -30.48 61.17 2.32
N LYS A 123 -29.30 60.74 2.73
CA LYS A 123 -28.31 60.23 1.79
C LYS A 123 -28.70 58.89 1.19
N PHE A 124 -29.66 58.18 1.77
CA PHE A 124 -30.07 56.87 1.28
C PHE A 124 -31.19 57.04 0.25
N ALA A 125 -30.93 56.59 -0.97
CA ALA A 125 -31.83 56.84 -2.09
C ALA A 125 -33.12 56.06 -1.91
N GLU A 126 -34.04 56.27 -2.86
CA GLU A 126 -35.34 55.60 -2.90
C GLU A 126 -35.53 55.01 -4.29
N THR A 127 -36.38 53.99 -4.36
CA THR A 127 -36.71 53.34 -5.63
C THR A 127 -38.20 52.99 -5.67
N ASN A 131 -42.75 44.97 -3.51
CA ASN A 131 -41.47 44.56 -4.09
C ASN A 131 -41.36 43.04 -4.09
N ARG A 132 -40.39 42.53 -4.85
CA ARG A 132 -40.22 41.09 -4.99
C ARG A 132 -39.65 40.48 -3.72
N ILE A 133 -40.18 39.32 -3.35
CA ILE A 133 -39.70 38.55 -2.20
C ILE A 133 -38.85 37.39 -2.74
N PRO A 134 -37.56 37.33 -2.46
CA PRO A 134 -36.78 36.17 -2.92
C PRO A 134 -37.21 34.89 -2.22
N GLY A 135 -37.43 33.84 -3.01
CA GLY A 135 -37.70 32.54 -2.44
C GLY A 135 -39.08 32.36 -1.86
N GLU A 136 -40.02 33.23 -2.18
CA GLU A 136 -41.34 33.15 -1.56
C GLU A 136 -42.11 31.93 -2.08
N ILE A 137 -43.02 31.45 -1.24
CA ILE A 137 -43.90 30.33 -1.55
C ILE A 137 -45.29 30.91 -1.80
N LEU A 138 -45.78 30.80 -3.03
CA LEU A 138 -47.11 31.27 -3.39
C LEU A 138 -48.08 30.10 -3.26
N CYS A 139 -48.89 30.12 -2.22
CA CYS A 139 -49.83 29.04 -1.91
C CYS A 139 -51.25 29.47 -2.19
N GLU A 140 -52.13 28.49 -2.30
CA GLU A 140 -53.56 28.75 -2.43
C GLU A 140 -54.17 29.01 -1.06
N ASP A 141 -55.38 29.54 -1.06
CA ASP A 141 -56.12 29.82 0.17
C ASP A 141 -57.03 28.65 0.50
N GLU A 142 -56.39 27.51 0.77
CA GLU A 142 -57.09 26.25 1.05
C GLU A 142 -56.51 25.62 2.29
N CYS A 143 -57.35 24.85 2.98
CA CYS A 143 -56.95 24.09 4.16
C CYS A 143 -56.87 22.62 3.79
N LEU A 144 -55.69 22.02 3.95
CA LEU A 144 -55.52 20.60 3.74
C LEU A 144 -55.99 19.84 4.98
N THR A 145 -56.39 18.59 4.77
CA THR A 145 -56.92 17.73 5.81
C THR A 145 -56.00 16.54 6.02
N LEU A 146 -55.66 16.27 7.28
CA LEU A 146 -54.68 15.27 7.64
C LEU A 146 -55.35 13.95 8.01
N ASN A 147 -54.66 12.85 7.69
CA ASN A 147 -55.02 11.51 8.15
C ASN A 147 -56.43 11.12 7.66
N ILE A 148 -56.56 11.00 6.35
CA ILE A 148 -57.84 10.68 5.72
C ILE A 148 -58.08 9.18 5.75
N GLY A 149 -59.33 8.79 5.95
CA GLY A 149 -59.72 7.39 5.90
C GLY A 149 -59.18 6.55 7.03
N ARG A 150 -59.12 7.11 8.23
CA ARG A 150 -58.61 6.42 9.40
C ARG A 150 -59.70 6.34 10.47
N LYS A 151 -59.65 5.28 11.26
CA LYS A 151 -60.51 5.16 12.43
C LYS A 151 -60.08 6.17 13.48
N ALA A 152 -61.04 6.93 14.01
CA ALA A 152 -60.77 8.05 14.90
C ALA A 152 -61.59 7.93 16.18
N VAL A 153 -60.99 8.35 17.29
CA VAL A 153 -61.66 8.37 18.59
C VAL A 153 -61.27 9.65 19.32
N ILE A 154 -62.26 10.28 19.96
CA ILE A 154 -62.03 11.45 20.79
C ILE A 154 -62.08 11.00 22.25
N LEU A 155 -60.94 11.09 22.93
CA LEU A 155 -60.79 10.64 24.30
C LEU A 155 -60.55 11.83 25.22
N LYS A 156 -60.72 11.58 26.52
CA LYS A 156 -60.60 12.60 27.56
C LYS A 156 -59.42 12.19 28.45
N VAL A 157 -58.32 12.94 28.37
CA VAL A 157 -57.09 12.63 29.09
C VAL A 157 -56.94 13.62 30.24
N THR A 158 -56.33 13.15 31.32
CA THR A 158 -56.05 13.99 32.48
C THR A 158 -54.72 13.59 33.08
N SER A 159 -53.94 14.58 33.51
CA SER A 159 -52.63 14.36 34.07
C SER A 159 -52.73 14.28 35.59
N LYS A 160 -52.16 13.20 36.15
CA LYS A 160 -52.02 13.04 37.59
C LYS A 160 -50.58 13.19 38.06
N GLY A 161 -49.70 13.72 37.20
CA GLY A 161 -48.33 13.97 37.58
C GLY A 161 -48.13 15.36 38.13
N ASP A 162 -46.99 15.54 38.79
CA ASP A 162 -46.64 16.83 39.40
C ASP A 162 -45.72 17.66 38.52
N ARG A 163 -45.34 17.17 37.35
CA ARG A 163 -44.54 17.91 36.38
C ARG A 163 -44.91 17.53 34.95
N PRO A 164 -44.66 18.44 33.99
CA PRO A 164 -45.42 18.40 32.72
C PRO A 164 -45.04 17.23 31.81
N ILE A 165 -46.00 16.82 30.99
CA ILE A 165 -45.85 15.68 30.08
C ILE A 165 -46.27 16.15 28.69
N GLN A 166 -45.31 16.31 27.77
CA GLN A 166 -45.60 16.63 26.38
C GLN A 166 -45.51 15.38 25.53
N VAL A 167 -46.48 15.22 24.62
CA VAL A 167 -46.61 14.02 23.79
C VAL A 167 -46.61 14.43 22.33
N GLY A 168 -45.80 13.75 21.52
CA GLY A 168 -45.69 14.07 20.11
C GLY A 168 -46.82 13.51 19.28
N SER A 169 -46.81 13.90 17.99
CA SER A 169 -47.91 13.55 17.10
C SER A 169 -47.95 12.07 16.76
N HIS A 170 -46.79 11.41 16.71
CA HIS A 170 -46.70 10.03 16.26
C HIS A 170 -46.40 9.03 17.36
N TYR A 171 -46.14 9.49 18.59
CA TYR A 171 -45.94 8.58 19.71
C TYR A 171 -47.19 7.73 19.92
N HIS A 172 -46.97 6.43 20.13
CA HIS A 172 -48.08 5.52 20.42
C HIS A 172 -48.73 5.92 21.73
N PHE A 173 -50.02 6.26 21.68
CA PHE A 173 -50.65 6.90 22.82
C PHE A 173 -50.88 5.96 23.99
N ILE A 174 -50.97 4.65 23.75
CA ILE A 174 -51.08 3.71 24.86
C ILE A 174 -49.77 3.56 25.63
N GLU A 175 -48.66 4.06 25.07
CA GLU A 175 -47.34 3.97 25.69
C GLU A 175 -46.98 5.20 26.50
N VAL A 176 -47.89 6.16 26.65
CA VAL A 176 -47.55 7.44 27.26
C VAL A 176 -47.27 7.26 28.74
N ASN A 177 -46.76 8.33 29.38
CA ASN A 177 -46.41 8.41 30.80
C ASN A 177 -47.47 7.74 31.65
N PRO A 178 -47.11 6.92 32.66
CA PRO A 178 -48.16 6.27 33.46
C PRO A 178 -49.03 7.23 34.24
N TYR A 179 -48.59 8.47 34.45
CA TYR A 179 -49.35 9.44 35.21
C TYR A 179 -50.42 10.15 34.39
N LEU A 180 -50.63 9.74 33.14
CA LEU A 180 -51.74 10.20 32.33
C LEU A 180 -52.86 9.17 32.41
N THR A 181 -54.05 9.60 32.82
CA THR A 181 -55.20 8.72 32.98
C THR A 181 -56.16 8.96 31.83
N PHE A 182 -56.57 7.88 31.17
CA PHE A 182 -57.46 7.93 30.03
C PHE A 182 -57.81 6.50 29.67
N ASP A 183 -58.76 6.34 28.76
CA ASP A 183 -59.17 5.01 28.31
C ASP A 183 -58.03 4.43 27.47
N ARG A 184 -57.20 3.58 28.08
CA ARG A 184 -56.08 3.00 27.37
C ARG A 184 -56.50 1.90 26.40
N ARG A 185 -57.73 1.40 26.49
CA ARG A 185 -58.19 0.40 25.54
C ARG A 185 -58.52 1.01 24.20
N LYS A 186 -59.10 2.21 24.19
CA LYS A 186 -59.44 2.89 22.94
C LYS A 186 -58.26 3.61 22.32
N ALA A 187 -57.15 3.76 23.04
CA ALA A 187 -55.93 4.35 22.51
C ALA A 187 -55.00 3.31 21.90
N TYR A 188 -55.40 2.04 21.87
CA TYR A 188 -54.54 1.00 21.32
C TYR A 188 -54.40 1.17 19.82
N GLY A 189 -53.17 1.17 19.33
CA GLY A 189 -52.92 1.38 17.91
C GLY A 189 -53.40 2.72 17.41
N MET A 190 -53.27 3.76 18.23
CA MET A 190 -53.72 5.10 17.91
C MET A 190 -52.60 6.10 18.17
N ARG A 191 -52.65 7.22 17.47
CA ARG A 191 -51.71 8.31 17.65
C ARG A 191 -52.48 9.62 17.54
N LEU A 192 -51.93 10.68 18.14
CA LEU A 192 -52.62 11.96 18.16
C LEU A 192 -52.87 12.47 16.76
N ASN A 193 -54.11 12.91 16.50
CA ASN A 193 -54.51 13.41 15.19
C ASN A 193 -54.22 14.91 15.11
N ILE A 194 -52.92 15.21 14.98
CA ILE A 194 -52.42 16.58 14.92
C ILE A 194 -51.36 16.65 13.83
N ALA A 195 -50.92 17.87 13.54
CA ALA A 195 -49.90 18.08 12.52
C ALA A 195 -48.61 17.38 12.92
N ALA A 196 -47.97 16.75 11.94
CA ALA A 196 -46.77 15.97 12.20
C ALA A 196 -45.65 16.84 12.74
N GLY A 197 -44.97 16.34 13.77
CA GLY A 197 -43.90 17.08 14.42
C GLY A 197 -44.35 18.00 15.52
N THR A 198 -45.66 18.17 15.73
CA THR A 198 -46.19 19.00 16.79
C THR A 198 -46.41 18.13 18.02
N ALA A 199 -47.02 18.70 19.07
CA ALA A 199 -47.21 17.98 20.31
C ALA A 199 -48.40 18.56 21.06
N VAL A 200 -48.86 17.81 22.06
CA VAL A 200 -49.85 18.23 23.02
C VAL A 200 -49.22 18.19 24.41
N ARG A 201 -49.35 19.27 25.17
CA ARG A 201 -48.70 19.43 26.45
C ARG A 201 -49.74 19.28 27.56
N PHE A 202 -49.43 18.46 28.56
CA PHE A 202 -50.25 18.27 29.75
C PHE A 202 -49.46 18.83 30.93
N GLU A 203 -49.82 20.05 31.34
CA GLU A 203 -49.28 20.60 32.57
C GLU A 203 -49.81 19.79 33.74
N PRO A 204 -49.11 19.79 34.89
CA PRO A 204 -49.53 18.91 35.99
C PRO A 204 -50.94 19.25 36.49
N GLY A 205 -51.81 18.24 36.42
CA GLY A 205 -53.21 18.41 36.72
C GLY A 205 -54.05 18.83 35.54
N ASP A 206 -53.43 19.16 34.41
CA ASP A 206 -54.19 19.62 33.25
C ASP A 206 -55.08 18.51 32.71
N CYS A 207 -56.29 18.89 32.30
CA CYS A 207 -57.30 17.96 31.81
C CYS A 207 -57.72 18.42 30.42
N LYS A 208 -57.53 17.55 29.43
CA LYS A 208 -57.69 17.89 28.03
C LYS A 208 -58.54 16.84 27.33
N SER A 209 -59.05 17.20 26.17
CA SER A 209 -59.76 16.28 25.28
C SER A 209 -58.98 16.22 23.97
N VAL A 210 -58.56 15.01 23.59
CA VAL A 210 -57.70 14.80 22.43
C VAL A 210 -58.44 13.92 21.43
N THR A 211 -57.98 13.99 20.18
CA THR A 211 -58.45 13.15 19.10
C THR A 211 -57.29 12.30 18.60
N LEU A 212 -57.51 10.99 18.51
CA LEU A 212 -56.52 10.04 18.05
C LEU A 212 -57.04 9.33 16.81
N VAL A 213 -56.13 9.03 15.87
CA VAL A 213 -56.44 8.28 14.67
C VAL A 213 -55.54 7.06 14.63
N SER A 214 -56.00 6.03 13.94
CA SER A 214 -55.27 4.77 13.88
C SER A 214 -53.96 4.95 13.13
N ILE A 215 -52.95 4.17 13.56
CA ILE A 215 -51.76 4.03 12.74
C ILE A 215 -52.09 3.16 11.53
N GLU A 216 -51.26 3.29 10.49
CA GLU A 216 -51.48 2.58 9.23
C GLU A 216 -50.25 1.77 8.87
N GLY A 217 -50.23 1.19 7.68
CA GLY A 217 -49.15 0.31 7.28
C GLY A 217 -49.36 -1.09 7.84
N ASN A 218 -48.30 -1.68 8.37
CA ASN A 218 -48.43 -2.98 9.01
C ASN A 218 -49.13 -2.89 10.36
N LYS A 219 -49.24 -1.70 10.94
CA LYS A 219 -49.85 -1.49 12.26
C LYS A 219 -49.14 -2.33 13.32
N VAL A 220 -47.88 -2.00 13.53
CA VAL A 220 -47.03 -2.66 14.52
C VAL A 220 -46.52 -1.60 15.48
N ILE A 221 -46.67 -1.86 16.78
CA ILE A 221 -46.25 -0.96 17.84
C ILE A 221 -44.88 -1.41 18.35
N ARG A 222 -43.92 -0.49 18.37
CA ARG A 222 -42.58 -0.76 18.86
C ARG A 222 -42.12 0.37 19.76
N GLY A 223 -41.31 0.02 20.76
CA GLY A 223 -40.71 1.01 21.62
C GLY A 223 -41.67 1.60 22.62
N GLY A 224 -41.26 2.75 23.17
CA GLY A 224 -42.04 3.39 24.21
C GLY A 224 -41.74 2.77 25.56
N ASN A 225 -42.79 2.37 26.27
CA ASN A 225 -42.66 1.66 27.53
C ASN A 225 -42.68 0.15 27.36
N ALA A 226 -42.76 -0.36 26.13
CA ALA A 226 -42.88 -1.79 25.86
C ALA A 226 -44.15 -2.36 26.48
N ILE A 227 -45.20 -1.55 26.58
CA ILE A 227 -46.49 -2.03 27.07
C ILE A 227 -47.13 -2.95 26.05
N ALA A 228 -47.04 -2.59 24.77
CA ALA A 228 -47.86 -3.21 23.73
C ALA A 228 -47.03 -3.50 22.48
N ASP A 229 -45.85 -4.08 22.66
CA ASP A 229 -45.02 -4.44 21.51
C ASP A 229 -45.69 -5.53 20.69
N GLY A 230 -45.78 -5.30 19.38
CA GLY A 230 -46.29 -6.28 18.44
C GLY A 230 -47.34 -5.70 17.52
N PRO A 231 -47.87 -6.54 16.62
CA PRO A 231 -48.92 -6.07 15.71
C PRO A 231 -50.21 -5.72 16.45
N VAL A 232 -51.00 -4.88 15.80
CA VAL A 232 -52.27 -4.42 16.37
C VAL A 232 -53.33 -5.49 16.07
N ASN A 233 -53.79 -6.17 17.11
CA ASN A 233 -54.85 -7.15 17.00
C ASN A 233 -55.52 -7.29 18.37
N GLU A 234 -56.45 -8.25 18.49
CA GLU A 234 -57.19 -8.41 19.74
C GLU A 234 -56.33 -9.03 20.83
N THR A 235 -55.56 -10.08 20.50
CA THR A 235 -54.74 -10.74 21.52
C THR A 235 -53.69 -9.79 22.09
N ASN A 236 -53.07 -8.98 21.23
CA ASN A 236 -52.09 -8.02 21.73
C ASN A 236 -52.76 -6.88 22.48
N LEU A 237 -54.01 -6.55 22.12
CA LEU A 237 -54.76 -5.59 22.92
C LEU A 237 -54.98 -6.11 24.34
N GLU A 238 -55.38 -7.38 24.48
CA GLU A 238 -55.58 -7.93 25.81
C GLU A 238 -54.26 -8.01 26.58
N ALA A 239 -53.18 -8.39 25.91
CA ALA A 239 -51.87 -8.40 26.57
C ALA A 239 -51.48 -7.01 27.02
N ALA A 240 -51.73 -6.00 26.19
CA ALA A 240 -51.40 -4.63 26.54
C ALA A 240 -52.21 -4.15 27.72
N MET A 241 -53.50 -4.51 27.77
CA MET A 241 -54.32 -4.08 28.91
C MET A 241 -53.89 -4.78 30.19
N HIS A 242 -53.49 -6.05 30.09
CA HIS A 242 -52.94 -6.73 31.26
C HIS A 242 -51.67 -6.03 31.73
N ALA A 243 -50.80 -5.64 30.80
CA ALA A 243 -49.59 -4.93 31.18
C ALA A 243 -49.91 -3.57 31.79
N VAL A 244 -50.94 -2.90 31.27
CA VAL A 244 -51.35 -1.61 31.82
C VAL A 244 -51.79 -1.77 33.26
N ARG A 245 -52.61 -2.78 33.53
CA ARG A 245 -53.07 -3.00 34.91
C ARG A 245 -51.92 -3.40 35.81
N SER A 246 -51.04 -4.29 35.34
CA SER A 246 -49.98 -4.81 36.19
C SER A 246 -48.94 -3.73 36.51
N LYS A 247 -48.47 -3.01 35.50
CA LYS A 247 -47.41 -2.03 35.69
C LYS A 247 -47.93 -0.71 36.26
N GLY A 248 -49.24 -0.55 36.42
CA GLY A 248 -49.78 0.63 37.06
C GLY A 248 -49.77 1.85 36.17
N PHE A 249 -50.36 1.73 34.98
CA PHE A 249 -50.52 2.86 34.07
C PHE A 249 -51.95 3.38 34.16
N GLY A 250 -52.09 4.70 34.19
CA GLY A 250 -53.38 5.33 34.40
C GLY A 250 -54.42 4.92 33.38
N HIS A 251 -55.47 4.26 33.83
CA HIS A 251 -56.52 3.74 32.97
C HIS A 251 -57.87 3.98 33.63
N GLU A 252 -58.79 4.59 32.89
CA GLU A 252 -60.16 4.79 33.36
C GLU A 252 -61.07 4.68 32.14
N GLU A 253 -62.00 3.73 32.18
CA GLU A 253 -62.86 3.48 31.03
C GLU A 253 -63.77 4.66 30.78
N GLU A 254 -63.95 4.98 29.48
CA GLU A 254 -64.85 6.04 29.02
C GLU A 254 -65.79 5.36 28.02
N LYS A 255 -66.95 4.91 28.52
CA LYS A 255 -67.81 4.04 27.72
C LYS A 255 -68.38 4.77 26.51
N ASP A 256 -68.76 6.04 26.67
CA ASP A 256 -69.41 6.81 25.61
C ASP A 256 -68.43 7.73 24.89
N ALA A 257 -67.19 7.30 24.71
CA ALA A 257 -66.24 8.08 23.92
C ALA A 257 -66.68 8.12 22.47
N SER A 258 -66.51 9.28 21.84
CA SER A 258 -66.96 9.48 20.47
C SER A 258 -66.01 8.76 19.50
N GLU A 259 -66.59 8.00 18.57
CA GLU A 259 -65.83 7.22 17.60
C GLU A 259 -66.38 7.45 16.20
N GLY A 260 -65.50 7.37 15.21
CA GLY A 260 -65.90 7.53 13.83
C GLY A 260 -64.74 7.40 12.86
N PHE A 261 -64.81 8.08 11.73
CA PHE A 261 -63.77 8.02 10.70
C PHE A 261 -63.47 9.43 10.20
N THR A 262 -62.20 9.66 9.88
CA THR A 262 -61.80 10.92 9.26
C THR A 262 -62.18 10.92 7.79
N LYS A 263 -62.86 11.97 7.35
CA LYS A 263 -63.44 12.08 6.03
C LYS A 263 -62.83 13.26 5.28
N GLU A 264 -63.11 13.32 3.99
CA GLU A 264 -62.85 14.51 3.17
C GLU A 264 -64.09 15.41 3.25
N ASP A 265 -64.34 15.90 4.47
CA ASP A 265 -65.53 16.65 4.80
C ASP A 265 -65.15 17.78 5.76
N PRO A 266 -65.40 19.06 5.43
CA PRO A 266 -64.95 20.13 6.36
C PRO A 266 -65.57 20.05 7.75
N ASN A 267 -66.82 19.59 7.86
CA ASN A 267 -67.57 19.64 9.11
C ASN A 267 -67.66 18.27 9.78
N CYS A 268 -66.56 17.48 9.71
CA CYS A 268 -66.46 16.21 10.41
C CYS A 268 -65.72 16.42 11.73
N PRO A 269 -66.21 15.94 12.88
CA PRO A 269 -65.60 16.32 14.16
C PRO A 269 -64.23 15.71 14.41
N PHE A 270 -63.83 14.68 13.65
CA PHE A 270 -62.56 14.00 13.88
C PHE A 270 -61.42 14.53 13.03
N ASN A 271 -61.66 15.52 12.17
CA ASN A 271 -60.66 15.97 11.21
C ASN A 271 -59.82 17.09 11.80
N THR A 272 -58.53 17.08 11.46
CA THR A 272 -57.60 18.15 11.78
C THR A 272 -57.18 18.80 10.47
N PHE A 273 -57.36 20.12 10.37
CA PHE A 273 -57.03 20.88 9.18
C PHE A 273 -55.81 21.74 9.42
N ILE A 274 -55.05 21.96 8.35
CA ILE A 274 -53.87 22.83 8.39
C ILE A 274 -53.88 23.68 7.13
N HIS A 275 -53.64 24.98 7.29
CA HIS A 275 -53.62 25.86 6.13
C HIS A 275 -52.42 25.56 5.25
N ARG A 276 -52.55 25.89 3.96
CA ARG A 276 -51.46 25.64 3.02
C ARG A 276 -50.24 26.49 3.32
N LYS A 277 -50.43 27.72 3.79
CA LYS A 277 -49.28 28.53 4.19
C LYS A 277 -48.57 27.93 5.39
N GLU A 278 -49.33 27.50 6.39
CA GLU A 278 -48.73 26.85 7.55
C GLU A 278 -48.05 25.55 7.14
N TYR A 279 -48.67 24.79 6.25
CA TYR A 279 -48.07 23.56 5.76
C TYR A 279 -46.76 23.84 5.05
N ALA A 280 -46.74 24.86 4.19
CA ALA A 280 -45.53 25.16 3.44
C ALA A 280 -44.42 25.66 4.35
N ASN A 281 -44.79 26.44 5.38
CA ASN A 281 -43.80 26.89 6.35
C ASN A 281 -43.24 25.73 7.15
N LYS A 282 -44.08 24.75 7.49
CA LYS A 282 -43.66 23.68 8.39
C LYS A 282 -42.90 22.59 7.65
N TYR A 283 -43.37 22.17 6.48
CA TYR A 283 -42.82 21.04 5.74
C TYR A 283 -42.33 21.39 4.34
N GLY A 284 -42.52 22.62 3.88
CA GLY A 284 -42.18 23.00 2.52
C GLY A 284 -43.38 22.84 1.59
N PRO A 285 -43.32 23.44 0.41
CA PRO A 285 -44.50 23.47 -0.46
C PRO A 285 -44.90 22.09 -0.95
N THR A 286 -46.19 21.95 -1.25
CA THR A 286 -46.80 20.71 -1.74
C THR A 286 -47.34 20.96 -3.14
N THR A 287 -48.08 19.98 -3.66
CA THR A 287 -48.55 20.03 -5.05
C THR A 287 -49.41 21.27 -5.29
N GLY A 288 -49.11 21.98 -6.38
CA GLY A 288 -49.84 23.16 -6.77
C GLY A 288 -49.24 24.47 -6.29
N ASP A 289 -48.35 24.42 -5.29
CA ASP A 289 -47.69 25.63 -4.84
C ASP A 289 -46.63 26.05 -5.85
N LYS A 290 -46.11 27.26 -5.66
CA LYS A 290 -45.10 27.83 -6.53
C LYS A 290 -43.99 28.43 -5.68
N ILE A 291 -42.77 28.38 -6.22
CA ILE A 291 -41.56 28.84 -5.54
C ILE A 291 -40.85 29.80 -6.48
N ARG A 292 -40.50 30.98 -5.98
CA ARG A 292 -39.66 31.89 -6.74
C ARG A 292 -38.20 31.46 -6.61
N LEU A 293 -37.51 31.33 -7.73
CA LEU A 293 -36.13 30.87 -7.73
C LEU A 293 -35.22 32.08 -7.51
N GLY A 294 -34.74 32.24 -6.28
CA GLY A 294 -33.94 33.41 -5.97
C GLY A 294 -34.75 34.67 -6.13
N ASP A 295 -34.08 35.73 -6.60
CA ASP A 295 -34.73 37.00 -6.92
C ASP A 295 -35.00 37.12 -8.42
N THR A 296 -35.27 36.00 -9.08
CA THR A 296 -35.52 35.97 -10.52
C THR A 296 -37.01 36.10 -10.78
N ASN A 297 -37.38 36.06 -12.07
CA ASN A 297 -38.77 36.09 -12.50
C ASN A 297 -39.43 34.73 -12.50
N LEU A 298 -38.67 33.66 -12.27
CA LEU A 298 -39.10 32.30 -12.58
C LEU A 298 -39.83 31.68 -11.40
N LEU A 299 -40.95 31.02 -11.68
CA LEU A 299 -41.77 30.35 -10.67
C LEU A 299 -41.79 28.86 -10.98
N ALA A 300 -41.22 28.08 -10.08
CA ALA A 300 -41.24 26.62 -10.17
C ALA A 300 -42.47 26.10 -9.43
N GLU A 301 -43.38 25.45 -10.14
CA GLU A 301 -44.56 24.87 -9.54
C GLU A 301 -44.31 23.39 -9.25
N ILE A 302 -44.73 22.95 -8.07
CA ILE A 302 -44.54 21.56 -7.66
C ILE A 302 -45.49 20.70 -8.49
N GLU A 303 -44.92 19.90 -9.39
CA GLU A 303 -45.76 19.08 -10.27
C GLU A 303 -46.48 17.99 -9.50
N LYS A 304 -45.82 17.37 -8.52
CA LYS A 304 -46.47 16.36 -7.70
C LYS A 304 -45.71 16.20 -6.39
N ASP A 305 -46.36 15.54 -5.44
CA ASP A 305 -45.86 15.37 -4.08
C ASP A 305 -46.08 13.92 -3.67
N TYR A 306 -45.04 13.28 -3.15
CA TYR A 306 -45.13 11.89 -2.72
C TYR A 306 -45.63 11.75 -1.28
N ALA A 307 -45.86 12.85 -0.57
CA ALA A 307 -46.20 12.79 0.84
C ALA A 307 -47.71 12.64 1.02
N LEU A 308 -48.10 11.72 1.90
CA LEU A 308 -49.46 11.67 2.42
C LEU A 308 -49.56 12.62 3.61
N TYR A 309 -50.52 13.53 3.55
CA TYR A 309 -50.59 14.60 4.55
C TYR A 309 -50.88 14.01 5.93
N GLY A 310 -49.96 14.24 6.86
CA GLY A 310 -50.09 13.73 8.22
C GLY A 310 -48.89 12.92 8.68
N ASP A 311 -48.16 12.31 7.75
CA ASP A 311 -47.05 11.42 8.04
C ASP A 311 -45.74 11.95 7.46
N GLU A 312 -45.55 13.26 7.50
CA GLU A 312 -44.30 13.84 7.02
C GLU A 312 -43.16 13.46 7.96
N CYS A 313 -42.01 13.12 7.37
CA CYS A 313 -40.83 12.75 8.15
C CYS A 313 -40.12 14.01 8.58
N VAL A 314 -40.27 14.37 9.86
CA VAL A 314 -39.67 15.55 10.45
C VAL A 314 -38.81 15.08 11.62
N PHE A 315 -37.58 15.58 11.69
CA PHE A 315 -36.63 15.21 12.72
C PHE A 315 -36.49 16.35 13.73
N GLY A 316 -36.33 15.98 15.00
CA GLY A 316 -36.15 16.95 16.05
C GLY A 316 -36.55 16.35 17.39
N GLY A 317 -36.81 17.23 18.35
CA GLY A 317 -37.25 16.80 19.66
C GLY A 317 -38.75 16.56 19.72
N GLY A 318 -39.14 15.33 19.99
CA GLY A 318 -40.56 14.99 20.02
C GLY A 318 -41.22 15.05 18.66
N LYS A 319 -40.51 14.64 17.61
CA LYS A 319 -41.00 14.70 16.23
C LYS A 319 -41.06 13.28 15.65
N VAL A 320 -41.34 13.20 14.35
CA VAL A 320 -41.77 11.93 13.76
C VAL A 320 -40.63 10.92 13.74
N ILE A 321 -39.44 11.34 13.32
CA ILE A 321 -38.38 10.37 13.06
C ILE A 321 -37.77 10.00 14.40
N ARG A 322 -38.37 9.00 15.04
CA ARG A 322 -37.95 8.53 16.36
C ARG A 322 -38.19 7.03 16.40
N ASP A 323 -37.58 6.36 17.37
CA ASP A 323 -37.62 4.91 17.46
C ASP A 323 -39.06 4.42 17.57
N GLY A 324 -39.49 3.64 16.58
CA GLY A 324 -40.80 3.02 16.59
C GLY A 324 -41.93 3.89 16.08
N MET A 325 -41.68 5.15 15.72
CA MET A 325 -42.69 6.05 15.20
C MET A 325 -42.46 6.42 13.75
N GLY A 326 -41.29 6.98 13.44
CA GLY A 326 -40.89 7.31 12.08
C GLY A 326 -39.55 6.70 11.71
N GLN A 327 -38.90 6.05 12.67
CA GLN A 327 -37.68 5.28 12.46
C GLN A 327 -38.05 3.81 12.59
N SER A 328 -37.93 3.06 11.51
CA SER A 328 -38.33 1.67 11.53
C SER A 328 -37.43 0.87 12.46
N CYS A 329 -37.98 -0.23 12.99
CA CYS A 329 -37.35 -0.99 14.06
C CYS A 329 -37.28 -2.47 13.74
N GLY A 330 -38.24 -2.98 12.97
CA GLY A 330 -38.36 -4.41 12.73
C GLY A 330 -38.03 -4.84 11.32
N HIS A 331 -36.94 -4.31 10.76
CA HIS A 331 -36.49 -4.58 9.41
C HIS A 331 -35.02 -4.97 9.44
N PRO A 332 -34.51 -5.60 8.38
CA PRO A 332 -33.07 -5.93 8.34
C PRO A 332 -32.22 -4.67 8.41
N PRO A 333 -31.05 -4.71 9.08
CA PRO A 333 -30.19 -3.52 9.09
C PRO A 333 -29.71 -3.10 7.72
N ALA A 334 -29.64 -4.02 6.77
CA ALA A 334 -28.99 -3.72 5.50
C ALA A 334 -29.84 -2.83 4.60
N ILE A 335 -31.16 -3.04 4.57
CA ILE A 335 -32.03 -2.26 3.70
C ILE A 335 -32.27 -0.86 4.25
N SER A 336 -31.75 -0.58 5.45
CA SER A 336 -31.84 0.75 6.00
C SER A 336 -31.02 1.73 5.17
N LEU A 337 -31.57 2.91 4.93
CA LEU A 337 -30.86 3.93 4.19
C LEU A 337 -29.62 4.40 4.95
N ASP A 338 -28.57 4.74 4.20
CA ASP A 338 -27.43 5.37 4.84
C ASP A 338 -27.79 6.77 5.31
N THR A 339 -28.49 7.53 4.47
CA THR A 339 -28.99 8.83 4.89
C THR A 339 -30.22 9.17 4.07
N VAL A 340 -31.00 10.13 4.57
CA VAL A 340 -32.26 10.52 3.95
C VAL A 340 -32.37 12.04 4.01
N ILE A 341 -32.65 12.66 2.86
CA ILE A 341 -33.03 14.06 2.78
C ILE A 341 -34.55 14.10 2.79
N THR A 342 -35.12 14.76 3.79
CA THR A 342 -36.56 14.73 4.02
C THR A 342 -37.23 15.99 3.51
N ASN A 343 -38.42 15.82 2.92
CA ASN A 343 -39.30 16.92 2.53
C ASN A 343 -38.62 17.89 1.57
N ALA A 344 -37.89 17.34 0.61
CA ALA A 344 -37.09 18.12 -0.31
C ALA A 344 -37.88 18.45 -1.58
N VAL A 345 -37.70 19.69 -2.06
CA VAL A 345 -38.19 20.08 -3.38
C VAL A 345 -37.07 19.82 -4.37
N ILE A 346 -37.31 18.91 -5.31
CA ILE A 346 -36.31 18.46 -6.26
C ILE A 346 -36.64 19.14 -7.59
N ILE A 347 -35.73 19.99 -8.04
CA ILE A 347 -35.77 20.59 -9.37
C ILE A 347 -34.79 19.79 -10.23
N ASP A 348 -35.29 19.26 -11.35
CA ASP A 348 -34.48 18.48 -12.26
C ASP A 348 -35.08 18.61 -13.64
N TYR A 349 -34.27 18.31 -14.65
CA TYR A 349 -34.77 18.37 -16.02
C TYR A 349 -35.92 17.41 -16.25
N THR A 350 -36.06 16.38 -15.42
CA THR A 350 -37.21 15.49 -15.50
C THR A 350 -38.48 16.14 -14.94
N GLY A 351 -38.35 16.96 -13.90
CA GLY A 351 -39.52 17.55 -13.30
C GLY A 351 -39.18 18.31 -12.04
N ILE A 352 -40.21 18.95 -11.49
CA ILE A 352 -40.11 19.72 -10.25
C ILE A 352 -41.09 19.07 -9.29
N ILE A 353 -40.57 18.31 -8.32
CA ILE A 353 -41.40 17.46 -7.46
C ILE A 353 -41.05 17.73 -6.00
N LYS A 354 -41.84 17.12 -5.12
CA LYS A 354 -41.62 17.14 -3.68
C LYS A 354 -41.51 15.70 -3.21
N ALA A 355 -40.37 15.37 -2.60
CA ALA A 355 -40.12 13.98 -2.23
C ALA A 355 -38.99 13.93 -1.22
N ASP A 356 -38.81 12.74 -0.65
CA ASP A 356 -37.66 12.39 0.17
C ASP A 356 -36.66 11.61 -0.67
N ILE A 357 -35.38 11.93 -0.52
CA ILE A 357 -34.30 11.31 -1.28
C ILE A 357 -33.53 10.41 -0.32
N GLY A 358 -33.60 9.10 -0.54
CA GLY A 358 -32.83 8.15 0.24
C GLY A 358 -31.54 7.82 -0.48
N ILE A 359 -30.43 7.95 0.25
CA ILE A 359 -29.09 7.72 -0.26
C ILE A 359 -28.52 6.52 0.48
N LYS A 360 -27.94 5.58 -0.28
CA LYS A 360 -27.35 4.37 0.27
C LYS A 360 -26.11 4.01 -0.53
N ASP A 361 -24.99 3.82 0.16
CA ASP A 361 -23.70 3.49 -0.46
C ASP A 361 -23.24 4.58 -1.42
N GLY A 362 -23.62 5.82 -1.15
CA GLY A 362 -23.18 6.94 -1.96
C GLY A 362 -23.98 7.19 -3.22
N LEU A 363 -25.00 6.39 -3.50
CA LEU A 363 -25.85 6.54 -4.66
C LEU A 363 -27.25 6.97 -4.22
N ILE A 364 -27.99 7.57 -5.14
CA ILE A 364 -29.37 7.93 -4.85
C ILE A 364 -30.15 6.63 -4.81
N ALA A 365 -30.38 6.11 -3.59
CA ALA A 365 -31.02 4.81 -3.47
C ALA A 365 -32.47 4.86 -3.94
N SER A 366 -33.18 5.93 -3.63
CA SER A 366 -34.58 6.01 -4.02
C SER A 366 -35.07 7.45 -3.84
N ILE A 367 -36.19 7.74 -4.51
CA ILE A 367 -36.89 9.01 -4.38
C ILE A 367 -38.37 8.68 -4.17
N GLY A 368 -38.95 9.24 -3.12
CA GLY A 368 -40.34 8.94 -2.84
C GLY A 368 -40.80 9.39 -1.46
N LYS A 369 -41.43 8.50 -0.72
CA LYS A 369 -41.85 8.75 0.66
C LYS A 369 -41.04 7.85 1.58
N ALA A 370 -40.31 8.44 2.52
CA ALA A 370 -39.56 7.71 3.51
C ALA A 370 -40.36 7.58 4.79
N GLY A 371 -39.90 6.72 5.67
CA GLY A 371 -40.46 6.62 7.00
C GLY A 371 -40.47 5.17 7.47
N ASN A 372 -41.58 4.82 8.13
CA ASN A 372 -41.74 3.53 8.80
C ASN A 372 -42.91 2.79 8.19
N PRO A 373 -42.74 1.66 7.50
CA PRO A 373 -43.91 0.93 6.99
C PRO A 373 -44.78 0.33 8.07
N ASP A 374 -44.30 0.25 9.32
CA ASP A 374 -45.13 -0.23 10.41
C ASP A 374 -46.20 0.80 10.80
N ILE A 375 -45.93 2.08 10.56
CA ILE A 375 -46.79 3.16 11.03
C ILE A 375 -47.42 3.96 9.90
N MET A 376 -46.86 3.93 8.70
CA MET A 376 -47.25 4.82 7.62
C MET A 376 -47.59 4.01 6.37
N ASN A 377 -48.42 4.59 5.52
CA ASN A 377 -48.76 4.03 4.22
C ASN A 377 -47.87 4.65 3.15
N GLY A 378 -47.57 3.85 2.13
CA GLY A 378 -46.82 4.35 0.99
C GLY A 378 -45.32 4.36 1.16
N VAL A 379 -44.77 3.53 2.05
CA VAL A 379 -43.34 3.42 2.27
C VAL A 379 -42.89 2.09 1.69
N PHE A 380 -41.98 2.15 0.72
CA PHE A 380 -41.42 0.96 0.10
C PHE A 380 -40.11 0.57 0.79
N SER A 381 -39.68 -0.67 0.55
CA SER A 381 -38.54 -1.23 1.26
C SER A 381 -37.22 -0.53 0.94
N ASN A 382 -37.15 0.27 -0.12
CA ASN A 382 -35.97 1.06 -0.44
C ASN A 382 -36.03 2.47 0.15
N MET A 383 -36.97 2.73 1.07
CA MET A 383 -37.17 4.05 1.66
C MET A 383 -37.40 3.94 3.16
N ILE A 384 -36.83 2.95 3.81
CA ILE A 384 -37.02 2.73 5.24
C ILE A 384 -35.96 3.51 6.00
N ILE A 385 -36.40 4.35 6.93
CA ILE A 385 -35.51 5.05 7.86
C ILE A 385 -35.30 4.14 9.06
N GLY A 386 -34.08 3.63 9.21
CA GLY A 386 -33.74 2.77 10.33
C GLY A 386 -32.89 3.49 11.37
N ALA A 387 -32.39 2.71 12.31
CA ALA A 387 -31.53 3.27 13.36
C ALA A 387 -30.13 3.61 12.88
N ASN A 388 -29.76 3.19 11.66
CA ASN A 388 -28.46 3.50 11.08
C ASN A 388 -28.58 4.55 9.97
N THR A 389 -29.62 5.37 10.02
CA THR A 389 -29.93 6.34 8.98
C THR A 389 -29.68 7.74 9.52
N GLU A 390 -28.83 8.49 8.82
CA GLU A 390 -28.67 9.91 9.08
C GLU A 390 -29.79 10.69 8.41
N VAL A 391 -30.12 11.85 8.99
CA VAL A 391 -31.21 12.69 8.50
C VAL A 391 -30.63 14.03 8.09
N ILE A 392 -31.03 14.49 6.91
CA ILE A 392 -30.80 15.85 6.43
C ILE A 392 -32.17 16.47 6.21
N ALA A 393 -32.37 17.66 6.74
CA ALA A 393 -33.66 18.33 6.71
C ALA A 393 -33.76 19.15 5.43
N GLY A 394 -34.62 18.74 4.51
CA GLY A 394 -34.88 19.47 3.30
C GLY A 394 -36.14 20.29 3.36
N GLU A 395 -36.65 20.54 4.57
CA GLU A 395 -37.89 21.29 4.73
C GLU A 395 -37.69 22.71 4.25
N GLY A 396 -38.35 23.06 3.15
CA GLY A 396 -38.24 24.40 2.61
C GLY A 396 -36.98 24.69 1.84
N LEU A 397 -36.18 23.68 1.51
CA LEU A 397 -34.98 23.81 0.71
C LEU A 397 -35.16 23.10 -0.62
N ILE A 398 -34.38 23.53 -1.61
CA ILE A 398 -34.41 22.95 -2.96
C ILE A 398 -33.17 22.08 -3.13
N VAL A 399 -33.36 20.89 -3.70
CA VAL A 399 -32.28 19.94 -3.96
C VAL A 399 -32.10 19.85 -5.46
N THR A 400 -30.87 20.04 -5.92
CA THR A 400 -30.54 20.05 -7.33
C THR A 400 -29.31 19.17 -7.53
N ALA A 401 -29.21 18.57 -8.72
CA ALA A 401 -28.01 17.80 -9.03
C ALA A 401 -26.81 18.72 -9.13
N GLY A 402 -25.65 18.21 -8.72
CA GLY A 402 -24.43 18.99 -8.84
C GLY A 402 -24.15 19.35 -10.28
N ALA A 403 -23.71 20.58 -10.49
CA ALA A 403 -23.46 21.07 -11.84
C ALA A 403 -22.21 20.42 -12.41
N ILE A 404 -22.16 20.38 -13.74
CA ILE A 404 -21.03 19.82 -14.49
C ILE A 404 -20.47 20.95 -15.34
N ASP A 405 -19.19 21.25 -15.14
CA ASP A 405 -18.48 22.29 -15.88
C ASP A 405 -17.53 21.60 -16.85
N CYS A 406 -17.83 21.68 -18.15
CA CYS A 406 -17.15 20.90 -19.16
C CYS A 406 -16.07 21.68 -19.90
N HIS A 407 -15.74 22.89 -19.46
CA HIS A 407 -14.73 23.73 -20.10
C HIS A 407 -13.84 24.37 -19.05
N VAL A 408 -13.32 23.56 -18.14
CA VAL A 408 -12.42 24.04 -17.09
C VAL A 408 -10.99 24.01 -17.61
N HIS A 409 -10.29 25.14 -17.48
CA HIS A 409 -8.84 25.17 -17.63
C HIS A 409 -8.22 24.99 -16.25
N TYR A 410 -7.51 23.89 -16.05
CA TYR A 410 -6.89 23.61 -14.76
C TYR A 410 -5.65 24.49 -14.63
N ILE A 411 -5.89 25.77 -14.32
CA ILE A 411 -4.83 26.75 -14.20
C ILE A 411 -4.34 26.85 -12.75
N CYS A 412 -5.20 26.61 -11.78
CA CYS A 412 -4.81 26.60 -10.38
C CYS A 412 -5.73 25.64 -9.65
N PRO A 413 -5.33 25.17 -8.45
CA PRO A 413 -6.25 24.36 -7.65
C PRO A 413 -7.28 25.16 -6.87
N GLN A 414 -7.17 26.49 -6.84
CA GLN A 414 -8.14 27.31 -6.12
C GLN A 414 -9.46 27.43 -6.87
N LEU A 415 -9.45 27.29 -8.20
CA LEU A 415 -10.71 27.27 -8.92
C LEU A 415 -11.52 26.02 -8.59
N VAL A 416 -10.87 24.95 -8.14
CA VAL A 416 -11.62 23.78 -7.68
C VAL A 416 -12.44 24.12 -6.46
N TYR A 417 -11.83 24.81 -5.49
CA TYR A 417 -12.56 25.23 -4.30
C TYR A 417 -13.65 26.23 -4.67
N GLU A 418 -13.35 27.15 -5.57
CA GLU A 418 -14.35 28.11 -6.01
C GLU A 418 -15.53 27.43 -6.69
N ALA A 419 -15.27 26.39 -7.48
CA ALA A 419 -16.34 25.68 -8.17
C ALA A 419 -17.19 24.88 -7.20
N ILE A 420 -16.55 24.12 -6.31
CA ILE A 420 -17.34 23.27 -5.41
C ILE A 420 -18.11 24.12 -4.41
N SER A 421 -17.59 25.29 -4.04
CA SER A 421 -18.33 26.17 -3.15
C SER A 421 -19.58 26.76 -3.80
N SER A 422 -19.70 26.71 -5.13
CA SER A 422 -20.83 27.24 -5.86
C SER A 422 -21.80 26.16 -6.34
N GLY A 423 -21.50 24.88 -6.10
CA GLY A 423 -22.39 23.80 -6.47
C GLY A 423 -21.98 22.98 -7.67
N ILE A 424 -20.77 23.14 -8.18
CA ILE A 424 -20.26 22.33 -9.27
C ILE A 424 -19.53 21.13 -8.67
N THR A 425 -20.00 19.92 -9.02
CA THR A 425 -19.44 18.69 -8.49
C THR A 425 -18.57 17.92 -9.47
N THR A 426 -18.66 18.23 -10.77
CA THR A 426 -17.87 17.56 -11.80
C THR A 426 -17.21 18.61 -12.68
N LEU A 427 -15.91 18.46 -12.88
CA LEU A 427 -15.13 19.30 -13.80
C LEU A 427 -14.57 18.42 -14.90
N VAL A 428 -14.77 18.82 -16.14
CA VAL A 428 -14.13 18.20 -17.30
C VAL A 428 -13.37 19.29 -18.04
N GLY A 429 -12.17 18.96 -18.49
CA GLY A 429 -11.33 19.93 -19.16
C GLY A 429 -9.90 19.45 -19.31
N GLY A 430 -8.95 20.36 -19.19
CA GLY A 430 -7.56 19.98 -19.31
C GLY A 430 -6.66 21.07 -18.79
N GLY A 431 -5.43 20.70 -18.52
CA GLY A 431 -4.43 21.63 -18.05
C GLY A 431 -3.42 20.95 -17.16
N THR A 432 -2.39 21.71 -16.78
CA THR A 432 -1.32 21.24 -15.92
C THR A 432 -0.90 22.28 -14.89
N GLY A 433 -1.55 23.44 -14.83
CA GLY A 433 -1.09 24.54 -14.02
C GLY A 433 -1.07 25.82 -14.84
N PRO A 434 -0.39 26.86 -14.34
CA PRO A 434 -0.40 28.15 -15.05
C PRO A 434 0.60 28.24 -16.20
N ALA A 435 1.06 27.09 -16.71
CA ALA A 435 1.86 27.11 -17.93
C ALA A 435 1.11 27.80 -19.06
N ALA A 436 1.87 28.39 -19.98
CA ALA A 436 1.26 29.20 -21.04
C ALA A 436 0.37 28.36 -21.94
N GLY A 437 0.67 27.07 -22.08
CA GLY A 437 -0.13 26.23 -22.95
C GLY A 437 -1.53 25.96 -22.43
N THR A 438 -1.70 26.00 -21.11
CA THR A 438 -2.98 25.68 -20.49
C THR A 438 -3.77 26.90 -20.10
N ARG A 439 -3.14 28.08 -20.04
CA ARG A 439 -3.89 29.32 -19.90
C ARG A 439 -4.70 29.64 -21.14
N ALA A 440 -4.38 29.02 -22.28
CA ALA A 440 -5.10 29.23 -23.53
C ALA A 440 -5.99 28.06 -23.94
N THR A 441 -5.61 26.83 -23.62
CA THR A 441 -6.28 25.63 -24.11
C THR A 441 -6.58 24.68 -22.96
N THR A 442 -7.61 23.86 -23.14
CA THR A 442 -7.94 22.79 -22.20
C THR A 442 -7.26 21.48 -22.60
N CYS A 443 -5.95 21.52 -22.78
CA CYS A 443 -5.15 20.39 -23.21
C CYS A 443 -4.20 19.99 -22.10
N THR A 444 -4.15 18.68 -21.81
CA THR A 444 -3.17 18.08 -20.92
C THR A 444 -2.23 17.28 -21.80
N PRO A 445 -1.16 17.89 -22.36
CA PRO A 445 -0.45 17.23 -23.46
C PRO A 445 0.31 15.96 -23.08
N SER A 446 1.11 16.03 -22.03
CA SER A 446 2.03 14.93 -21.78
C SER A 446 1.33 13.82 -20.97
N PRO A 447 1.65 12.55 -21.22
CA PRO A 447 1.19 11.50 -20.30
C PRO A 447 1.74 11.64 -18.89
N THR A 448 2.95 12.18 -18.76
CA THR A 448 3.50 12.47 -17.44
C THR A 448 2.61 13.45 -16.70
N GLN A 449 2.19 14.50 -17.38
CA GLN A 449 1.28 15.47 -16.78
C GLN A 449 -0.08 14.86 -16.50
N MET A 450 -0.54 13.94 -17.34
CA MET A 450 -1.80 13.25 -17.07
C MET A 450 -1.72 12.47 -15.76
N ARG A 451 -0.65 11.72 -15.57
CA ARG A 451 -0.45 10.99 -14.32
C ARG A 451 -0.37 11.94 -13.14
N LEU A 452 0.40 13.03 -13.29
CA LEU A 452 0.58 13.97 -12.19
C LEU A 452 -0.72 14.63 -11.80
N MET A 453 -1.56 14.97 -12.79
CA MET A 453 -2.82 15.64 -12.49
C MET A 453 -3.86 14.68 -11.94
N LEU A 454 -3.86 13.42 -12.39
CA LEU A 454 -4.75 12.45 -11.75
C LEU A 454 -4.32 12.17 -10.31
N GLN A 455 -3.01 12.23 -10.03
CA GLN A 455 -2.55 12.02 -8.67
C GLN A 455 -2.77 13.22 -7.77
N SER A 456 -2.66 14.43 -8.30
CA SER A 456 -2.82 15.63 -7.48
C SER A 456 -4.27 15.85 -7.09
N THR A 457 -5.21 15.54 -7.99
CA THR A 457 -6.64 15.70 -7.71
C THR A 457 -7.25 14.46 -7.10
N ASP A 458 -6.44 13.54 -6.58
CA ASP A 458 -6.95 12.28 -6.08
C ASP A 458 -7.74 12.45 -4.79
N ASP A 459 -7.37 13.42 -3.96
CA ASP A 459 -8.03 13.65 -2.68
C ASP A 459 -9.15 14.68 -2.74
N LEU A 460 -9.32 15.37 -3.86
CA LEU A 460 -10.34 16.40 -3.92
C LEU A 460 -11.73 15.76 -4.08
N PRO A 461 -12.78 16.29 -3.40
CA PRO A 461 -14.11 15.66 -3.50
C PRO A 461 -14.93 16.16 -4.68
N LEU A 462 -14.36 16.03 -5.88
CA LEU A 462 -15.04 16.35 -7.12
C LEU A 462 -14.77 15.24 -8.12
N ASN A 463 -15.66 15.12 -9.10
CA ASN A 463 -15.41 14.26 -10.24
C ASN A 463 -14.56 15.02 -11.26
N PHE A 464 -13.58 14.34 -11.84
CA PHE A 464 -12.59 14.96 -12.70
C PHE A 464 -12.50 14.21 -14.03
N GLY A 465 -12.39 14.97 -15.11
CA GLY A 465 -12.10 14.44 -16.42
C GLY A 465 -11.08 15.29 -17.13
N PHE A 466 -10.03 14.68 -17.65
CA PHE A 466 -8.93 15.39 -18.30
C PHE A 466 -8.91 15.07 -19.79
N THR A 467 -8.62 16.08 -20.59
CA THR A 467 -8.55 15.95 -22.04
C THR A 467 -7.13 16.25 -22.51
N GLY A 468 -6.75 15.60 -23.62
CA GLY A 468 -5.44 15.78 -24.20
C GLY A 468 -5.46 16.72 -25.40
N LYS A 469 -4.29 16.90 -25.99
CA LYS A 469 -4.10 17.77 -27.14
C LYS A 469 -4.32 16.95 -28.41
N GLY A 470 -5.45 17.17 -29.08
CA GLY A 470 -5.77 16.49 -30.31
C GLY A 470 -5.32 17.18 -31.57
N SER A 471 -4.58 18.29 -31.45
CA SER A 471 -4.20 19.10 -32.60
C SER A 471 -2.93 18.51 -33.23
N SER A 472 -3.10 17.37 -33.90
CA SER A 472 -2.03 16.70 -34.62
C SER A 472 -2.60 16.08 -35.89
N SER A 473 -1.74 15.97 -36.90
CA SER A 473 -2.16 15.41 -38.19
C SER A 473 -1.95 13.91 -38.29
N LYS A 474 -1.07 13.32 -37.47
CA LYS A 474 -0.96 11.88 -37.34
C LYS A 474 -1.51 11.43 -35.99
N PRO A 475 -1.94 10.18 -35.87
CA PRO A 475 -2.64 9.73 -34.66
C PRO A 475 -1.76 9.24 -33.51
N ASP A 476 -0.45 9.34 -33.62
CA ASP A 476 0.44 8.60 -32.71
C ASP A 476 0.34 9.14 -31.28
N GLU A 477 0.67 10.41 -31.11
CA GLU A 477 0.64 11.00 -29.78
C GLU A 477 -0.78 11.09 -29.24
N LEU A 478 -1.78 11.16 -30.12
CA LEU A 478 -3.17 11.12 -29.67
C LEU A 478 -3.49 9.77 -29.04
N HIS A 479 -3.05 8.67 -29.66
CA HIS A 479 -3.19 7.36 -29.04
C HIS A 479 -2.48 7.32 -27.70
N GLU A 480 -1.27 7.88 -27.64
CA GLU A 480 -0.50 7.83 -26.40
C GLU A 480 -1.22 8.57 -25.26
N ILE A 481 -1.79 9.74 -25.55
CA ILE A 481 -2.41 10.51 -24.48
C ILE A 481 -3.79 9.97 -24.13
N ILE A 482 -4.50 9.35 -25.08
CA ILE A 482 -5.75 8.70 -24.71
C ILE A 482 -5.49 7.49 -23.83
N LYS A 483 -4.43 6.73 -24.15
CA LYS A 483 -4.08 5.55 -23.36
C LYS A 483 -3.66 5.91 -21.94
N ALA A 484 -3.20 7.14 -21.71
CA ALA A 484 -2.68 7.53 -20.41
C ALA A 484 -3.75 7.99 -19.43
N GLY A 485 -4.99 8.23 -19.89
CA GLY A 485 -6.05 8.65 -19.02
C GLY A 485 -7.01 9.66 -19.61
N ALA A 486 -6.63 10.29 -20.72
CA ALA A 486 -7.45 11.36 -21.28
C ALA A 486 -8.79 10.82 -21.77
N MET A 487 -9.87 11.47 -21.35
CA MET A 487 -11.23 11.09 -21.72
C MET A 487 -11.77 11.95 -22.88
N GLY A 488 -10.94 12.78 -23.48
CA GLY A 488 -11.35 13.55 -24.64
C GLY A 488 -10.14 14.24 -25.22
N LEU A 489 -10.34 14.82 -26.41
CA LEU A 489 -9.29 15.61 -27.06
C LEU A 489 -9.82 16.98 -27.42
N KCX A 490 -8.93 17.96 -27.37
CA KCX A 490 -9.25 19.35 -27.68
CB KCX A 490 -8.94 20.23 -26.47
CG KCX A 490 -9.13 21.74 -26.64
CD KCX A 490 -10.58 22.11 -26.88
CE KCX A 490 -10.74 23.63 -26.99
NZ KCX A 490 -10.38 24.33 -25.73
C KCX A 490 -8.47 19.80 -28.90
O KCX A 490 -7.23 19.81 -28.88
CX KCX A 490 -10.72 25.61 -25.55
OQ1 KCX A 490 -10.42 26.19 -24.50
OQ2 KCX A 490 -11.34 26.22 -26.43
N LEU A 491 -9.17 20.16 -29.97
CA LEU A 491 -8.56 20.83 -31.11
C LEU A 491 -8.57 22.32 -30.85
N HIS A 492 -7.42 22.99 -30.97
CA HIS A 492 -7.32 24.39 -30.60
C HIS A 492 -6.56 25.18 -31.66
N GLU A 493 -7.06 26.39 -31.91
CA GLU A 493 -6.44 27.30 -32.87
C GLU A 493 -4.99 27.59 -32.51
N ASP A 494 -4.65 27.57 -31.22
CA ASP A 494 -3.30 27.86 -30.78
C ASP A 494 -2.34 26.74 -31.09
N TRP A 495 -2.84 25.52 -31.30
CA TRP A 495 -2.02 24.38 -31.70
C TRP A 495 -2.21 23.98 -33.16
N GLY A 496 -3.25 24.50 -33.82
CA GLY A 496 -3.58 24.11 -35.19
C GLY A 496 -4.89 23.35 -35.24
N SER A 497 -5.95 24.04 -35.66
CA SER A 497 -7.29 23.48 -35.73
C SER A 497 -7.73 23.38 -37.19
N THR A 498 -6.83 22.92 -38.04
CA THR A 498 -7.06 22.87 -39.48
C THR A 498 -7.90 21.64 -39.83
N PRO A 499 -8.38 21.56 -41.08
CA PRO A 499 -9.18 20.38 -41.47
C PRO A 499 -8.47 19.05 -41.32
N ALA A 500 -7.16 19.00 -41.58
CA ALA A 500 -6.43 17.75 -41.42
C ALA A 500 -6.43 17.30 -39.97
N ALA A 501 -6.18 18.23 -39.04
CA ALA A 501 -6.21 17.90 -37.63
C ALA A 501 -7.61 17.47 -37.20
N ILE A 502 -8.64 18.13 -37.73
CA ILE A 502 -10.01 17.76 -37.39
C ILE A 502 -10.31 16.34 -37.83
N ASP A 503 -9.93 16.01 -39.07
CA ASP A 503 -10.19 14.67 -39.59
C ASP A 503 -9.45 13.61 -38.77
N ASN A 504 -8.19 13.87 -38.45
CA ASN A 504 -7.40 12.91 -37.67
C ASN A 504 -7.99 12.71 -36.28
N CYS A 505 -8.29 13.82 -35.59
CA CYS A 505 -8.84 13.73 -34.25
C CYS A 505 -10.18 13.02 -34.25
N LEU A 506 -10.99 13.24 -35.29
CA LEU A 506 -12.32 12.63 -35.31
C LEU A 506 -12.25 11.14 -35.60
N THR A 507 -11.35 10.70 -36.48
CA THR A 507 -11.22 9.26 -36.68
C THR A 507 -10.67 8.59 -35.42
N ILE A 508 -9.76 9.26 -34.71
CA ILE A 508 -9.29 8.72 -33.44
C ILE A 508 -10.42 8.65 -32.43
N ALA A 509 -11.30 9.66 -32.42
CA ALA A 509 -12.44 9.64 -31.51
C ALA A 509 -13.36 8.48 -31.82
N GLU A 510 -13.62 8.22 -33.11
CA GLU A 510 -14.45 7.09 -33.48
C GLU A 510 -13.81 5.78 -33.05
N HIS A 511 -12.48 5.69 -33.12
CA HIS A 511 -11.78 4.51 -32.61
C HIS A 511 -12.00 4.36 -31.10
N HIS A 512 -11.74 5.41 -30.33
CA HIS A 512 -11.62 5.30 -28.88
C HIS A 512 -12.90 5.59 -28.12
N ASP A 513 -13.95 6.05 -28.78
CA ASP A 513 -15.22 6.35 -28.10
C ASP A 513 -15.04 7.43 -27.03
N ILE A 514 -14.32 8.49 -27.41
CA ILE A 514 -14.17 9.69 -26.60
C ILE A 514 -14.76 10.86 -27.37
N GLN A 515 -14.98 11.96 -26.66
CA GLN A 515 -15.56 13.15 -27.25
C GLN A 515 -14.46 14.10 -27.70
N ILE A 516 -14.75 14.86 -28.76
CA ILE A 516 -13.83 15.84 -29.32
C ILE A 516 -14.44 17.22 -29.11
N ASN A 517 -13.73 18.06 -28.36
CA ASN A 517 -14.06 19.46 -28.21
C ASN A 517 -13.18 20.25 -29.17
N ILE A 518 -13.72 21.31 -29.76
CA ILE A 518 -13.03 22.06 -30.81
C ILE A 518 -13.14 23.55 -30.54
N HIS A 519 -12.04 24.25 -30.79
CA HIS A 519 -11.89 25.71 -30.78
C HIS A 519 -11.48 26.07 -32.20
N THR A 520 -12.46 26.33 -33.07
CA THR A 520 -12.18 26.39 -34.50
C THR A 520 -11.28 27.59 -34.83
N ASP A 521 -10.90 27.67 -36.11
CA ASP A 521 -9.88 28.62 -36.56
C ASP A 521 -10.52 29.99 -36.77
N THR A 522 -10.19 30.95 -35.91
CA THR A 522 -10.75 32.28 -36.05
C THR A 522 -10.14 33.04 -37.22
N LEU A 523 -8.87 32.80 -37.51
CA LEU A 523 -8.20 33.50 -38.59
C LEU A 523 -8.71 33.09 -39.97
N ASN A 524 -9.49 32.03 -40.07
CA ASN A 524 -9.93 31.50 -41.36
C ASN A 524 -8.72 31.20 -42.24
N GLU A 525 -7.68 30.62 -41.63
CA GLU A 525 -6.37 30.50 -42.27
C GLU A 525 -6.32 29.31 -43.21
N ALA A 526 -6.97 28.21 -42.85
CA ALA A 526 -7.07 27.02 -43.69
C ALA A 526 -8.42 26.90 -44.37
N GLY A 527 -9.47 27.45 -43.77
CA GLY A 527 -10.80 27.35 -44.32
C GLY A 527 -11.75 28.25 -43.56
N PHE A 528 -12.93 28.43 -44.14
CA PHE A 528 -14.04 29.06 -43.44
C PHE A 528 -14.82 27.99 -42.67
N VAL A 529 -15.92 28.39 -42.04
CA VAL A 529 -16.67 27.49 -41.18
C VAL A 529 -17.27 26.34 -41.98
N GLU A 530 -17.64 26.57 -43.25
CA GLU A 530 -18.14 25.49 -44.08
C GLU A 530 -17.09 24.41 -44.29
N HIS A 531 -15.81 24.79 -44.38
CA HIS A 531 -14.76 23.80 -44.58
C HIS A 531 -14.49 23.00 -43.30
N SER A 532 -14.61 23.64 -42.13
CA SER A 532 -14.55 22.89 -40.88
C SER A 532 -15.72 21.90 -40.78
N ILE A 533 -16.92 22.35 -41.15
CA ILE A 533 -18.08 21.45 -41.10
C ILE A 533 -17.89 20.30 -42.08
N ALA A 534 -17.29 20.57 -43.24
CA ALA A 534 -16.96 19.51 -44.17
C ALA A 534 -15.95 18.54 -43.57
N ALA A 535 -14.97 19.07 -42.83
CA ALA A 535 -14.00 18.21 -42.16
C ALA A 535 -14.65 17.35 -41.08
N PHE A 536 -15.76 17.81 -40.50
CA PHE A 536 -16.46 16.98 -39.53
C PHE A 536 -16.98 15.70 -40.17
N LYS A 537 -17.43 15.79 -41.42
CA LYS A 537 -17.94 14.63 -42.17
C LYS A 537 -19.10 13.96 -41.44
N GLY A 538 -19.97 14.77 -40.84
CA GLY A 538 -21.14 14.24 -40.17
C GLY A 538 -20.84 13.46 -38.90
N ARG A 539 -19.64 13.59 -38.36
CA ARG A 539 -19.27 12.88 -37.13
C ARG A 539 -19.53 13.76 -35.92
N THR A 540 -19.84 13.12 -34.80
CA THR A 540 -20.15 13.84 -33.57
C THR A 540 -18.97 14.69 -33.14
N ILE A 541 -19.27 15.92 -32.71
CA ILE A 541 -18.24 16.80 -32.18
C ILE A 541 -18.89 17.82 -31.25
N HIS A 542 -18.28 18.01 -30.08
CA HIS A 542 -18.67 19.08 -29.18
C HIS A 542 -17.98 20.36 -29.63
N THR A 543 -18.73 21.44 -29.75
CA THR A 543 -18.19 22.74 -30.14
C THR A 543 -18.26 23.66 -28.93
N TYR A 544 -17.08 24.11 -28.48
CA TYR A 544 -17.00 25.02 -27.35
C TYR A 544 -17.30 26.44 -27.82
N HIS A 545 -18.05 27.18 -26.98
CA HIS A 545 -18.47 28.57 -27.21
C HIS A 545 -18.87 28.81 -28.66
N SER A 546 -19.95 28.14 -29.09
CA SER A 546 -20.32 28.13 -30.51
C SER A 546 -20.59 29.52 -31.06
N GLU A 547 -20.96 30.47 -30.20
CA GLU A 547 -21.13 31.84 -30.65
C GLU A 547 -19.85 32.42 -31.23
N GLY A 548 -18.72 32.17 -30.57
CA GLY A 548 -17.42 32.61 -31.05
C GLY A 548 -16.82 33.81 -30.34
N ALA A 549 -17.43 34.29 -29.26
CA ALA A 549 -16.76 35.27 -28.42
C ALA A 549 -15.51 34.67 -27.79
N GLY A 550 -15.62 33.44 -27.28
CA GLY A 550 -14.45 32.73 -26.83
C GLY A 550 -13.49 32.43 -27.95
N GLY A 551 -14.01 32.21 -29.14
CA GLY A 551 -13.22 32.09 -30.35
C GLY A 551 -13.87 31.13 -31.31
N GLY A 552 -13.42 31.18 -32.57
CA GLY A 552 -13.97 30.38 -33.62
C GLY A 552 -14.04 31.17 -34.90
N HIS A 553 -14.46 30.54 -36.00
CA HIS A 553 -14.46 31.14 -37.33
C HIS A 553 -15.17 32.48 -37.34
N ALA A 554 -14.44 33.55 -37.59
CA ALA A 554 -15.04 34.87 -37.61
C ALA A 554 -15.81 35.07 -38.91
N PRO A 555 -17.09 35.49 -38.88
CA PRO A 555 -18.02 35.78 -37.79
C PRO A 555 -19.07 34.70 -37.53
N ASP A 556 -19.00 33.58 -38.25
CA ASP A 556 -20.13 32.67 -38.39
C ASP A 556 -19.82 31.26 -37.90
N ILE A 557 -19.11 31.16 -36.77
CA ILE A 557 -19.03 29.85 -36.12
C ILE A 557 -20.40 29.44 -35.57
N ILE A 558 -21.25 30.42 -35.25
CA ILE A 558 -22.58 30.17 -34.69
C ILE A 558 -23.44 29.29 -35.59
N LYS A 559 -23.10 29.20 -36.89
CA LYS A 559 -23.84 28.31 -37.79
C LYS A 559 -23.83 26.86 -37.31
N VAL A 560 -22.81 26.46 -36.53
CA VAL A 560 -22.77 25.10 -36.03
C VAL A 560 -23.95 24.76 -35.13
N CYS A 561 -24.67 25.77 -34.63
CA CYS A 561 -25.88 25.49 -33.87
C CYS A 561 -26.99 24.86 -34.71
N GLY A 562 -26.89 24.93 -36.03
CA GLY A 562 -27.88 24.30 -36.90
C GLY A 562 -27.51 22.92 -37.39
N ILE A 563 -26.25 22.51 -37.19
CA ILE A 563 -25.77 21.22 -37.64
C ILE A 563 -26.25 20.14 -36.70
N LYS A 564 -26.66 19.00 -37.27
CA LYS A 564 -27.26 17.94 -36.47
C LYS A 564 -26.24 17.21 -35.60
N ASN A 565 -25.07 16.90 -36.16
CA ASN A 565 -24.08 16.12 -35.43
C ASN A 565 -23.25 16.96 -34.45
N VAL A 566 -23.34 18.28 -34.50
CA VAL A 566 -22.57 19.15 -33.61
C VAL A 566 -23.36 19.36 -32.33
N LEU A 567 -22.72 19.12 -31.19
CA LEU A 567 -23.28 19.45 -29.89
C LEU A 567 -22.71 20.80 -29.48
N PRO A 568 -23.47 21.89 -29.50
CA PRO A 568 -22.90 23.21 -29.22
C PRO A 568 -22.98 23.57 -27.74
N SER A 569 -22.12 24.50 -27.36
CA SER A 569 -22.12 25.02 -25.99
C SER A 569 -21.72 26.48 -26.02
N SER A 570 -22.08 27.18 -24.96
CA SER A 570 -21.73 28.58 -24.74
C SER A 570 -21.00 28.71 -23.42
N THR A 571 -20.08 29.67 -23.35
CA THR A 571 -19.37 29.96 -22.12
C THR A 571 -20.05 31.14 -21.41
N ASN A 572 -19.82 31.23 -20.10
CA ASN A 572 -20.61 32.14 -19.28
C ASN A 572 -20.33 33.65 -19.42
N PRO A 573 -19.12 34.14 -19.77
CA PRO A 573 -18.91 35.60 -19.67
C PRO A 573 -19.79 36.43 -20.60
N THR A 574 -20.35 35.82 -21.64
CA THR A 574 -21.30 36.49 -22.52
C THR A 574 -22.76 36.19 -22.16
N ARG A 575 -23.01 35.60 -20.99
CA ARG A 575 -24.32 35.06 -20.63
C ARG A 575 -24.91 35.86 -19.48
N PRO A 576 -25.90 36.74 -19.71
CA PRO A 576 -26.54 37.22 -20.94
C PRO A 576 -25.87 38.46 -21.48
N LEU A 577 -26.27 38.93 -22.66
CA LEU A 577 -25.78 40.19 -23.16
C LEU A 577 -26.27 41.32 -22.26
N THR A 578 -25.33 42.16 -21.83
CA THR A 578 -25.62 43.30 -20.98
C THR A 578 -24.90 44.52 -21.53
N SER A 579 -25.10 45.66 -20.88
CA SER A 579 -24.55 46.91 -21.40
C SER A 579 -23.03 46.94 -21.36
N ASN A 580 -22.42 46.25 -20.39
CA ASN A 580 -20.98 46.27 -20.18
C ASN A 580 -20.25 45.12 -20.86
N THR A 581 -20.96 44.25 -21.59
CA THR A 581 -20.34 43.03 -22.10
C THR A 581 -19.31 43.34 -23.20
N ILE A 582 -19.64 44.23 -24.13
CA ILE A 582 -18.80 44.40 -25.31
C ILE A 582 -17.47 45.06 -24.96
N ASP A 583 -17.51 46.10 -24.11
CA ASP A 583 -16.27 46.76 -23.73
C ASP A 583 -15.37 45.82 -22.94
N GLU A 584 -15.96 45.08 -21.99
CA GLU A 584 -15.24 44.07 -21.25
C GLU A 584 -14.56 43.09 -22.18
N HIS A 585 -15.32 42.51 -23.10
CA HIS A 585 -14.78 41.43 -23.92
C HIS A 585 -13.76 41.95 -24.92
N LEU A 586 -14.00 43.14 -25.46
CA LEU A 586 -13.03 43.73 -26.39
C LEU A 586 -11.68 43.94 -25.71
N ASP A 587 -11.68 44.60 -24.55
CA ASP A 587 -10.38 44.90 -23.94
C ASP A 587 -9.78 43.66 -23.28
N MET A 588 -10.63 42.73 -22.83
CA MET A 588 -10.14 41.44 -22.34
C MET A 588 -9.42 40.69 -23.45
N LEU A 589 -9.99 40.67 -24.65
CA LEU A 589 -9.32 40.06 -25.79
C LEU A 589 -8.04 40.78 -26.13
N MET A 590 -8.04 42.11 -26.00
CA MET A 590 -6.83 42.87 -26.28
C MET A 590 -5.70 42.48 -25.33
N VAL A 591 -5.99 42.32 -24.04
CA VAL A 591 -4.94 41.90 -23.11
C VAL A 591 -4.56 40.44 -23.34
N CYS A 592 -5.54 39.58 -23.62
CA CYS A 592 -5.26 38.16 -23.80
C CYS A 592 -4.33 37.93 -24.98
N HIS A 593 -4.65 38.51 -26.13
CA HIS A 593 -3.88 38.32 -27.35
C HIS A 593 -2.75 39.33 -27.50
N HIS A 594 -2.53 40.19 -26.50
CA HIS A 594 -1.44 41.16 -26.52
C HIS A 594 -1.55 42.09 -27.73
N LEU A 595 -2.77 42.51 -28.01
CA LEU A 595 -3.08 43.34 -29.16
C LEU A 595 -2.95 44.81 -28.78
N ASP A 596 -2.69 45.64 -29.79
CA ASP A 596 -2.56 47.08 -29.62
C ASP A 596 -3.75 47.75 -30.30
N ARG A 597 -4.48 48.59 -29.55
CA ARG A 597 -5.62 49.30 -30.12
C ARG A 597 -5.21 50.26 -31.21
N GLU A 598 -3.96 50.74 -31.21
CA GLU A 598 -3.51 51.72 -32.18
C GLU A 598 -3.07 51.11 -33.49
N ILE A 599 -2.92 49.79 -33.57
CA ILE A 599 -2.57 49.11 -34.81
C ILE A 599 -3.88 48.73 -35.51
N PRO A 600 -4.13 49.19 -36.75
CA PRO A 600 -5.43 48.89 -37.37
C PRO A 600 -5.74 47.41 -37.53
N GLU A 601 -4.74 46.58 -37.86
CA GLU A 601 -5.00 45.16 -38.05
C GLU A 601 -5.42 44.49 -36.74
N ASP A 602 -4.79 44.88 -35.64
CA ASP A 602 -5.09 44.27 -34.34
C ASP A 602 -6.52 44.60 -33.92
N LEU A 603 -6.89 45.87 -34.03
CA LEU A 603 -8.24 46.28 -33.68
C LEU A 603 -9.26 45.69 -34.64
N ALA A 604 -8.89 45.52 -35.91
CA ALA A 604 -9.79 44.88 -36.86
C ALA A 604 -10.08 43.44 -36.49
N PHE A 605 -9.04 42.70 -36.12
CA PHE A 605 -9.23 41.33 -35.64
C PHE A 605 -10.13 41.32 -34.40
N ALA A 606 -9.85 42.23 -33.46
CA ALA A 606 -10.60 42.26 -32.22
C ALA A 606 -12.08 42.55 -32.48
N HIS A 607 -12.38 43.50 -33.36
CA HIS A 607 -13.77 43.81 -33.66
C HIS A 607 -14.43 42.69 -34.45
N SER A 608 -13.68 41.97 -35.29
CA SER A 608 -14.25 40.85 -36.01
C SER A 608 -14.60 39.71 -35.06
N ARG A 609 -13.88 39.59 -33.93
CA ARG A 609 -14.14 38.48 -33.01
C ARG A 609 -15.24 38.79 -31.99
N ILE A 610 -15.32 40.01 -31.47
CA ILE A 610 -16.31 40.38 -30.47
C ILE A 610 -17.42 41.14 -31.17
N ARG A 611 -18.58 40.50 -31.29
CA ARG A 611 -19.70 41.01 -32.09
C ARG A 611 -20.95 41.03 -31.23
N LYS A 612 -21.65 42.17 -31.23
CA LYS A 612 -22.88 42.27 -30.45
C LYS A 612 -23.99 41.40 -31.02
N LYS A 613 -24.05 41.28 -32.35
CA LYS A 613 -25.19 40.61 -32.96
C LYS A 613 -25.20 39.11 -32.66
N THR A 614 -24.04 38.46 -32.72
CA THR A 614 -23.99 37.03 -32.40
C THR A 614 -24.11 36.78 -30.90
N ILE A 615 -23.61 37.69 -30.06
CA ILE A 615 -23.80 37.54 -28.63
C ILE A 615 -25.26 37.74 -28.25
N ALA A 616 -25.99 38.54 -29.02
CA ALA A 616 -27.45 38.61 -28.84
C ALA A 616 -28.13 37.39 -29.42
N ALA A 617 -27.58 36.82 -30.49
CA ALA A 617 -28.16 35.62 -31.08
C ALA A 617 -28.10 34.44 -30.13
N GLU A 618 -26.98 34.28 -29.41
CA GLU A 618 -26.85 33.10 -28.55
C GLU A 618 -27.88 33.11 -27.42
N ASP A 619 -28.38 34.28 -27.00
CA ASP A 619 -29.42 34.30 -25.99
C ASP A 619 -30.70 33.65 -26.52
N VAL A 620 -31.11 34.01 -27.73
CA VAL A 620 -32.29 33.37 -28.32
C VAL A 620 -32.02 31.90 -28.56
N LEU A 621 -30.81 31.56 -28.99
CA LEU A 621 -30.51 30.17 -29.30
C LEU A 621 -30.49 29.31 -28.05
N ASN A 622 -30.06 29.87 -26.92
CA ASN A 622 -30.16 29.16 -25.65
C ASN A 622 -31.61 29.05 -25.20
N ASP A 623 -32.41 30.08 -25.45
CA ASP A 623 -33.81 30.04 -25.02
C ASP A 623 -34.60 28.99 -25.79
N ILE A 624 -34.47 28.98 -27.13
CA ILE A 624 -35.22 28.01 -27.94
C ILE A 624 -34.64 26.61 -27.87
N GLY A 625 -33.45 26.44 -27.31
CA GLY A 625 -32.82 25.15 -27.19
C GLY A 625 -31.80 24.83 -28.26
N ALA A 626 -31.40 25.80 -29.08
CA ALA A 626 -30.40 25.52 -30.11
C ALA A 626 -29.01 25.36 -29.51
N ILE A 627 -28.75 25.96 -28.35
CA ILE A 627 -27.52 25.77 -27.60
C ILE A 627 -27.86 24.95 -26.37
N SER A 628 -27.16 23.83 -26.19
CA SER A 628 -27.58 22.82 -25.22
C SER A 628 -26.77 22.79 -23.94
N ILE A 629 -25.58 23.41 -23.91
CA ILE A 629 -24.68 23.34 -22.76
C ILE A 629 -24.19 24.74 -22.46
N ILE A 630 -24.05 25.05 -21.16
CA ILE A 630 -23.42 26.27 -20.70
C ILE A 630 -22.23 25.88 -19.83
N SER A 631 -21.03 26.31 -20.24
CA SER A 631 -19.77 25.95 -19.62
C SER A 631 -19.10 27.21 -19.06
N SER A 632 -17.84 27.07 -18.63
CA SER A 632 -17.12 28.14 -17.96
C SER A 632 -16.02 28.75 -18.81
N ASP A 633 -15.04 27.95 -19.27
CA ASP A 633 -13.79 28.46 -19.86
C ASP A 633 -12.95 29.15 -18.79
N SER A 634 -12.84 28.49 -17.64
CA SER A 634 -12.38 29.14 -16.41
C SER A 634 -11.00 29.76 -16.55
N GLN A 635 -10.89 31.04 -16.18
CA GLN A 635 -9.65 31.81 -16.23
C GLN A 635 -9.05 31.86 -17.63
N ALA A 636 -9.85 31.60 -18.66
CA ALA A 636 -9.46 31.70 -20.06
C ALA A 636 -10.59 32.38 -20.82
N MET A 637 -11.00 33.55 -20.34
CA MET A 637 -12.28 34.19 -20.64
C MET A 637 -13.43 33.37 -20.06
N GLY A 638 -13.42 33.17 -18.75
CA GLY A 638 -14.48 32.42 -18.10
C GLY A 638 -14.37 32.38 -16.58
N ARG A 639 -15.52 32.30 -15.91
CA ARG A 639 -15.59 32.31 -14.45
C ARG A 639 -16.20 31.01 -13.97
N VAL A 640 -15.42 30.23 -13.22
CA VAL A 640 -15.85 28.89 -12.83
C VAL A 640 -17.02 28.94 -11.86
N GLY A 641 -17.09 29.97 -11.02
CA GLY A 641 -18.10 30.03 -10.00
C GLY A 641 -19.39 30.71 -10.43
N GLU A 642 -19.60 30.86 -11.74
CA GLU A 642 -20.78 31.53 -12.27
C GLU A 642 -21.44 30.75 -13.40
N VAL A 643 -21.14 29.45 -13.53
CA VAL A 643 -21.82 28.64 -14.53
C VAL A 643 -23.31 28.56 -14.19
N ILE A 644 -23.64 28.37 -12.92
CA ILE A 644 -25.03 28.22 -12.52
C ILE A 644 -25.75 29.56 -12.60
N SER A 645 -25.24 30.56 -11.86
CA SER A 645 -25.95 31.83 -11.73
C SER A 645 -26.19 32.48 -13.08
N ARG A 646 -25.14 32.56 -13.91
CA ARG A 646 -25.28 33.16 -15.23
C ARG A 646 -26.36 32.46 -16.04
N THR A 647 -26.41 31.12 -15.96
CA THR A 647 -27.45 30.37 -16.65
C THR A 647 -28.83 30.88 -16.26
N TRP A 648 -29.09 30.94 -14.96
CA TRP A 648 -30.40 31.39 -14.51
C TRP A 648 -30.62 32.85 -14.86
N GLN A 649 -29.56 33.65 -14.86
CA GLN A 649 -29.70 35.04 -15.27
C GLN A 649 -30.23 35.10 -16.69
N THR A 650 -29.67 34.29 -17.59
CA THR A 650 -30.16 34.27 -18.96
C THR A 650 -31.63 33.90 -19.00
N ALA A 651 -32.02 32.88 -18.22
CA ALA A 651 -33.42 32.47 -18.20
C ALA A 651 -34.29 33.63 -17.79
N ASP A 652 -33.88 34.34 -16.73
CA ASP A 652 -34.63 35.50 -16.27
C ASP A 652 -34.77 36.51 -17.39
N LYS A 653 -33.66 36.80 -18.08
CA LYS A 653 -33.71 37.80 -19.13
C LYS A 653 -34.66 37.36 -20.24
N MET A 654 -34.62 36.09 -20.61
CA MET A 654 -35.44 35.66 -21.72
C MET A 654 -36.91 35.53 -21.32
N LYS A 655 -37.21 35.52 -20.02
CA LYS A 655 -38.61 35.66 -19.62
C LYS A 655 -39.02 37.12 -19.58
N ALA A 656 -38.08 38.03 -19.33
CA ALA A 656 -38.42 39.44 -19.26
C ALA A 656 -38.74 39.99 -20.65
N GLN A 657 -38.03 39.54 -21.67
CA GLN A 657 -38.06 40.14 -22.99
C GLN A 657 -38.70 39.26 -24.06
N THR A 658 -39.18 38.06 -23.69
CA THR A 658 -39.93 37.22 -24.63
C THR A 658 -41.18 36.60 -24.01
N GLY A 659 -41.41 36.71 -22.71
CA GLY A 659 -42.55 36.11 -22.08
C GLY A 659 -42.37 34.63 -21.88
N PRO A 660 -43.42 33.93 -21.47
CA PRO A 660 -43.33 32.47 -21.31
C PRO A 660 -43.10 31.78 -22.64
N LEU A 661 -42.44 30.63 -22.57
CA LEU A 661 -42.26 29.81 -23.76
C LEU A 661 -43.61 29.28 -24.23
N LYS A 662 -43.59 28.63 -25.40
CA LYS A 662 -44.82 28.05 -25.93
C LYS A 662 -45.39 26.99 -24.99
N CYS A 663 -44.52 26.11 -24.48
CA CYS A 663 -44.98 25.06 -23.59
C CYS A 663 -45.33 25.56 -22.20
N ASP A 664 -44.89 26.76 -21.84
CA ASP A 664 -45.21 27.34 -20.54
C ASP A 664 -46.54 28.09 -20.62
N SER A 665 -47.00 28.55 -19.45
CA SER A 665 -48.20 29.35 -19.33
C SER A 665 -47.92 30.51 -18.39
N SER A 666 -48.95 31.31 -18.10
CA SER A 666 -48.82 32.38 -17.13
C SER A 666 -48.74 31.88 -15.70
N ASP A 667 -48.98 30.59 -15.46
CA ASP A 667 -48.99 30.05 -14.11
C ASP A 667 -47.57 29.82 -13.60
N ASN A 668 -46.80 28.98 -14.29
CA ASN A 668 -45.47 28.58 -13.86
C ASN A 668 -44.50 28.69 -15.04
N ASP A 669 -43.23 28.45 -14.76
CA ASP A 669 -42.16 28.45 -15.75
C ASP A 669 -41.41 27.12 -15.71
N ASN A 670 -42.17 26.02 -15.54
CA ASN A 670 -41.54 24.73 -15.32
C ASN A 670 -40.74 24.27 -16.53
N PHE A 671 -41.27 24.45 -17.73
CA PHE A 671 -40.55 23.99 -18.91
C PHE A 671 -39.27 24.78 -19.12
N ARG A 672 -39.31 26.10 -18.93
CA ARG A 672 -38.10 26.90 -19.06
C ARG A 672 -37.08 26.53 -18.00
N ILE A 673 -37.54 26.28 -16.77
CA ILE A 673 -36.65 25.90 -15.68
C ILE A 673 -35.98 24.57 -16.00
N ARG A 674 -36.74 23.61 -16.51
CA ARG A 674 -36.17 22.32 -16.89
C ARG A 674 -35.16 22.47 -18.02
N ARG A 675 -35.51 23.25 -19.04
CA ARG A 675 -34.62 23.45 -20.17
C ARG A 675 -33.31 24.05 -19.74
N TYR A 676 -33.36 25.03 -18.83
CA TYR A 676 -32.13 25.70 -18.42
C TYR A 676 -31.33 24.90 -17.39
N ILE A 677 -31.99 24.14 -16.51
CA ILE A 677 -31.23 23.30 -15.60
C ILE A 677 -30.62 22.11 -16.32
N ALA A 678 -31.17 21.70 -17.46
CA ALA A 678 -30.53 20.68 -18.27
C ALA A 678 -29.21 21.16 -18.87
N LYS A 679 -29.01 22.48 -18.98
CA LYS A 679 -27.86 22.99 -19.70
C LYS A 679 -26.55 22.84 -18.94
N TYR A 680 -26.60 22.66 -17.61
CA TYR A 680 -25.38 22.47 -16.82
C TYR A 680 -25.39 21.22 -15.95
N THR A 681 -26.49 20.45 -15.93
CA THR A 681 -26.54 19.21 -15.17
C THR A 681 -26.38 17.98 -16.07
N ILE A 682 -27.30 17.78 -17.01
CA ILE A 682 -27.42 16.51 -17.73
C ILE A 682 -26.80 16.58 -19.12
N ASN A 683 -26.93 17.70 -19.80
CA ASN A 683 -26.43 17.81 -21.17
C ASN A 683 -24.91 17.69 -21.23
N PRO A 684 -24.14 18.35 -20.35
CA PRO A 684 -22.70 18.07 -20.30
C PRO A 684 -22.39 16.61 -20.03
N ALA A 685 -23.17 15.96 -19.17
CA ALA A 685 -22.93 14.55 -18.86
C ALA A 685 -23.17 13.67 -20.07
N ILE A 686 -24.24 13.94 -20.82
CA ILE A 686 -24.49 13.17 -22.05
C ILE A 686 -23.42 13.44 -23.08
N ALA A 687 -23.02 14.71 -23.23
CA ALA A 687 -22.04 15.08 -24.24
C ALA A 687 -20.69 14.43 -23.97
N ASN A 688 -20.27 14.39 -22.72
CA ASN A 688 -18.95 13.87 -22.39
C ASN A 688 -18.93 12.37 -22.16
N GLY A 689 -20.06 11.76 -21.81
CA GLY A 689 -20.19 10.32 -21.82
C GLY A 689 -20.21 9.67 -20.45
N PHE A 690 -20.74 10.37 -19.44
CA PHE A 690 -20.88 9.80 -18.10
C PHE A 690 -22.23 10.20 -17.51
N SER A 691 -23.28 10.20 -18.36
CA SER A 691 -24.61 10.54 -17.89
C SER A 691 -25.24 9.45 -17.05
N GLN A 692 -24.69 8.24 -17.05
CA GLN A 692 -25.22 7.16 -16.21
C GLN A 692 -24.83 7.30 -14.75
N TYR A 693 -23.79 8.08 -14.45
CA TYR A 693 -23.29 8.26 -13.09
C TYR A 693 -23.75 9.55 -12.44
N VAL A 694 -23.73 10.66 -13.18
CA VAL A 694 -24.02 11.99 -12.65
C VAL A 694 -24.93 12.72 -13.63
N GLY A 695 -25.42 13.88 -13.20
CA GLY A 695 -26.15 14.79 -14.06
C GLY A 695 -27.61 14.95 -13.76
N SER A 696 -28.17 14.20 -12.81
CA SER A 696 -29.58 14.35 -12.49
C SER A 696 -29.85 13.71 -11.13
N VAL A 697 -30.97 14.11 -10.54
CA VAL A 697 -31.45 13.49 -9.29
C VAL A 697 -32.31 12.31 -9.72
N GLU A 698 -31.63 11.18 -9.99
CA GLU A 698 -32.27 9.97 -10.45
C GLU A 698 -31.75 8.79 -9.64
N VAL A 699 -32.62 7.79 -9.47
CA VAL A 699 -32.24 6.61 -8.70
C VAL A 699 -31.12 5.87 -9.41
N GLY A 700 -30.11 5.47 -8.64
CA GLY A 700 -28.97 4.74 -9.16
C GLY A 700 -27.77 5.60 -9.48
N LYS A 701 -27.95 6.91 -9.58
CA LYS A 701 -26.85 7.82 -9.89
C LYS A 701 -26.12 8.23 -8.61
N LEU A 702 -24.92 8.77 -8.80
CA LEU A 702 -24.13 9.24 -7.66
C LEU A 702 -24.85 10.38 -6.96
N ALA A 703 -24.77 10.40 -5.64
CA ALA A 703 -25.50 11.37 -4.83
C ALA A 703 -24.73 12.69 -4.72
N ASP A 704 -24.47 13.30 -5.87
CA ASP A 704 -23.85 14.62 -5.94
C ASP A 704 -24.98 15.64 -5.92
N LEU A 705 -25.35 16.08 -4.73
CA LEU A 705 -26.52 16.92 -4.53
C LEU A 705 -26.09 18.28 -4.02
N VAL A 706 -26.91 19.29 -4.28
CA VAL A 706 -26.70 20.65 -3.82
C VAL A 706 -28.01 21.11 -3.20
N MET A 707 -27.95 21.48 -1.93
CA MET A 707 -29.10 21.99 -1.20
C MET A 707 -29.01 23.51 -1.12
N TRP A 708 -30.11 24.15 -1.50
CA TRP A 708 -30.21 25.59 -1.68
C TRP A 708 -31.34 26.10 -0.81
N LYS A 709 -31.13 27.25 -0.20
CA LYS A 709 -32.29 27.97 0.29
C LYS A 709 -33.01 28.59 -0.90
N PRO A 710 -34.35 28.56 -0.96
CA PRO A 710 -35.04 29.07 -2.17
C PRO A 710 -34.76 30.54 -2.43
N SER A 711 -34.58 31.33 -1.38
CA SER A 711 -34.22 32.73 -1.55
C SER A 711 -32.83 32.91 -2.13
N PHE A 712 -31.92 31.95 -1.89
CA PHE A 712 -30.55 32.01 -2.35
C PHE A 712 -30.27 31.08 -3.54
N PHE A 713 -31.32 30.55 -4.18
CA PHE A 713 -31.12 29.63 -5.28
C PHE A 713 -30.35 30.30 -6.42
N GLY A 714 -29.35 29.60 -6.93
CA GLY A 714 -28.57 30.06 -8.04
C GLY A 714 -27.32 30.85 -7.69
N THR A 715 -27.16 31.25 -6.42
CA THR A 715 -26.01 32.05 -5.99
C THR A 715 -25.13 31.32 -5.00
N LYS A 716 -25.68 30.89 -3.87
CA LYS A 716 -24.92 30.38 -2.74
C LYS A 716 -25.64 29.20 -2.11
N PRO A 717 -25.20 27.96 -2.30
CA PRO A 717 -25.94 26.83 -1.73
C PRO A 717 -25.76 26.70 -0.23
N GLU A 718 -26.74 26.02 0.38
CA GLU A 718 -26.63 25.70 1.80
C GLU A 718 -25.62 24.60 2.03
N MET A 719 -25.62 23.57 1.18
CA MET A 719 -24.53 22.60 1.29
C MET A 719 -24.37 21.84 -0.02
N VAL A 720 -23.17 21.32 -0.22
CA VAL A 720 -22.84 20.46 -1.36
C VAL A 720 -22.48 19.10 -0.81
N ILE A 721 -23.31 18.10 -1.15
CA ILE A 721 -23.14 16.71 -0.78
C ILE A 721 -22.47 15.99 -1.94
N LYS A 722 -21.41 15.24 -1.64
CA LYS A 722 -20.66 14.49 -2.64
C LYS A 722 -20.69 13.03 -2.23
N GLY A 723 -21.36 12.20 -3.01
CA GLY A 723 -21.40 10.77 -2.74
C GLY A 723 -22.03 10.42 -1.40
N GLY A 724 -23.08 11.13 -1.02
CA GLY A 724 -23.78 10.86 0.21
C GLY A 724 -23.19 11.48 1.45
N MET A 725 -22.09 12.22 1.33
CA MET A 725 -21.43 12.86 2.45
C MET A 725 -21.31 14.35 2.16
N VAL A 726 -21.53 15.18 3.18
CA VAL A 726 -21.49 16.63 3.01
C VAL A 726 -20.05 17.03 2.71
N ALA A 727 -19.81 17.48 1.48
CA ALA A 727 -18.47 17.86 1.08
C ALA A 727 -18.15 19.29 1.49
N TRP A 728 -19.08 20.22 1.26
CA TRP A 728 -18.89 21.62 1.62
C TRP A 728 -20.17 22.16 2.23
N ALA A 729 -20.05 23.12 3.14
CA ALA A 729 -21.27 23.62 3.79
C ALA A 729 -21.04 25.00 4.37
N ASP A 730 -22.12 25.76 4.50
CA ASP A 730 -22.10 27.07 5.14
C ASP A 730 -22.13 26.89 6.64
N ILE A 731 -21.02 27.21 7.32
CA ILE A 731 -20.90 27.02 8.75
C ILE A 731 -20.27 28.26 9.37
N GLY A 732 -20.58 28.49 10.63
CA GLY A 732 -20.15 29.64 11.38
C GLY A 732 -18.88 29.42 12.18
N ASP A 733 -18.80 30.10 13.32
CA ASP A 733 -17.61 30.07 14.13
C ASP A 733 -17.36 28.65 14.67
N PRO A 734 -16.15 28.11 14.58
CA PRO A 734 -15.91 26.77 15.17
C PRO A 734 -16.12 26.71 16.66
N ASN A 735 -15.88 27.80 17.38
CA ASN A 735 -16.08 27.86 18.83
C ASN A 735 -17.46 28.36 19.22
N ALA A 736 -18.37 28.52 18.26
CA ALA A 736 -19.71 28.94 18.60
C ALA A 736 -20.45 27.84 19.36
N SER A 737 -21.47 28.26 20.11
CA SER A 737 -22.31 27.31 20.81
C SER A 737 -23.22 26.54 19.85
N ILE A 738 -23.49 27.09 18.67
CA ILE A 738 -24.31 26.44 17.65
C ILE A 738 -23.67 26.76 16.30
N PRO A 739 -24.03 26.10 15.19
CA PRO A 739 -23.26 26.27 13.95
C PRO A 739 -23.49 27.61 13.25
N THR A 740 -24.56 28.32 13.56
CA THR A 740 -25.00 29.51 12.84
C THR A 740 -24.23 30.81 13.03
N PRO A 741 -23.60 31.13 14.18
CA PRO A 741 -23.11 32.49 14.39
C PRO A 741 -22.04 32.92 13.40
N GLU A 742 -22.00 34.22 13.13
CA GLU A 742 -21.08 34.76 12.16
C GLU A 742 -19.64 34.61 12.67
N PRO A 743 -18.65 34.57 11.76
CA PRO A 743 -18.70 34.61 10.30
C PRO A 743 -19.14 33.30 9.67
N VAL A 744 -20.29 33.29 9.01
CA VAL A 744 -20.76 32.12 8.28
C VAL A 744 -20.07 32.12 6.92
N LYS A 745 -19.26 31.09 6.68
CA LYS A 745 -18.54 30.94 5.41
C LYS A 745 -18.82 29.55 4.87
N MET A 746 -18.75 29.42 3.55
CA MET A 746 -18.77 28.11 2.92
C MET A 746 -17.41 27.45 3.14
N ARG A 747 -17.37 26.46 4.02
CA ARG A 747 -16.16 25.80 4.46
C ARG A 747 -16.12 24.36 3.97
N PRO A 748 -14.93 23.78 3.82
CA PRO A 748 -14.85 22.35 3.51
C PRO A 748 -15.12 21.51 4.74
N MET A 749 -15.81 20.38 4.52
CA MET A 749 -16.27 19.50 5.59
C MET A 749 -15.40 18.25 5.60
N TYR A 750 -15.81 17.26 6.38
CA TYR A 750 -15.02 16.04 6.53
C TYR A 750 -14.90 15.26 5.23
N GLY A 751 -15.72 15.55 4.23
CA GLY A 751 -15.54 14.97 2.92
C GLY A 751 -14.27 15.38 2.22
N THR A 752 -13.62 16.46 2.68
CA THR A 752 -12.43 17.01 2.03
C THR A 752 -11.13 16.58 2.69
N LEU A 753 -11.18 15.84 3.80
CA LEU A 753 -10.00 15.51 4.59
C LEU A 753 -9.60 14.07 4.40
N GLY A 754 -8.30 13.81 4.55
CA GLY A 754 -7.77 12.46 4.50
C GLY A 754 -8.02 11.81 3.16
N LYS A 755 -8.23 10.48 3.21
CA LYS A 755 -8.58 9.70 2.03
C LYS A 755 -10.09 9.56 1.86
N ALA A 756 -10.86 10.53 2.36
CA ALA A 756 -12.31 10.50 2.22
C ALA A 756 -12.77 11.16 0.93
N GLY A 757 -12.09 12.22 0.49
CA GLY A 757 -12.51 12.90 -0.72
C GLY A 757 -12.44 12.01 -1.95
N GLY A 758 -11.43 11.14 -2.01
CA GLY A 758 -11.36 10.18 -3.10
C GLY A 758 -12.40 9.09 -2.99
N ALA A 759 -12.82 8.76 -1.77
CA ALA A 759 -13.82 7.72 -1.57
C ALA A 759 -15.21 8.10 -2.06
N LEU A 760 -15.45 9.38 -2.37
CA LEU A 760 -16.77 9.89 -2.72
C LEU A 760 -16.89 10.33 -4.16
N SER A 761 -15.83 10.19 -4.96
CA SER A 761 -15.74 10.81 -6.28
C SER A 761 -15.42 9.76 -7.33
N ILE A 762 -15.48 10.19 -8.60
CA ILE A 762 -15.15 9.36 -9.75
C ILE A 762 -14.19 10.13 -10.63
N ALA A 763 -13.11 9.48 -11.06
CA ALA A 763 -12.19 10.02 -12.05
C ALA A 763 -12.55 9.42 -13.40
N PHE A 764 -13.07 10.24 -14.31
CA PHE A 764 -13.52 9.76 -15.61
C PHE A 764 -12.34 9.72 -16.57
N VAL A 765 -12.09 8.53 -17.12
CA VAL A 765 -11.00 8.29 -18.05
C VAL A 765 -11.58 7.62 -19.29
N SER A 766 -10.70 7.30 -20.24
CA SER A 766 -11.10 6.59 -21.43
C SER A 766 -11.20 5.09 -21.14
N LYS A 767 -11.78 4.35 -22.09
CA LYS A 767 -11.82 2.90 -21.97
C LYS A 767 -10.42 2.31 -22.09
N ALA A 768 -9.58 2.90 -22.95
CA ALA A 768 -8.22 2.41 -23.11
C ALA A 768 -7.43 2.53 -21.81
N ALA A 769 -7.67 3.59 -21.05
CA ALA A 769 -6.96 3.77 -19.79
C ALA A 769 -7.49 2.87 -18.70
N LEU A 770 -8.80 2.60 -18.68
CA LEU A 770 -9.34 1.68 -17.69
C LEU A 770 -8.94 0.24 -17.98
N ASP A 771 -8.79 -0.11 -19.26
CA ASP A 771 -8.28 -1.45 -19.60
C ASP A 771 -6.84 -1.60 -19.13
N GLN A 772 -6.06 -0.53 -19.20
CA GLN A 772 -4.70 -0.52 -18.69
C GLN A 772 -4.65 -0.44 -17.17
N ARG A 773 -5.77 -0.14 -16.51
CA ARG A 773 -5.86 -0.01 -15.06
C ARG A 773 -4.93 1.09 -14.56
N VAL A 774 -5.17 2.30 -15.06
CA VAL A 774 -4.40 3.46 -14.61
C VAL A 774 -4.72 3.83 -13.18
N ASN A 775 -5.85 3.37 -12.64
CA ASN A 775 -6.12 3.58 -11.22
C ASN A 775 -5.16 2.78 -10.34
N VAL A 776 -4.61 1.69 -10.86
CA VAL A 776 -3.62 0.91 -10.13
C VAL A 776 -2.20 1.39 -10.43
N LEU A 777 -1.94 1.77 -11.68
CA LEU A 777 -0.60 2.26 -12.04
C LEU A 777 -0.28 3.54 -11.29
N TYR A 778 -1.22 4.47 -11.25
CA TYR A 778 -0.99 5.78 -10.64
C TYR A 778 -1.27 5.78 -9.15
N GLY A 779 -1.77 4.69 -8.59
CA GLY A 779 -2.06 4.64 -7.16
C GLY A 779 -3.17 5.58 -6.74
N LEU A 780 -4.26 5.61 -7.49
CA LEU A 780 -5.38 6.50 -7.20
C LEU A 780 -6.36 5.81 -6.26
N ASN A 781 -6.67 6.48 -5.15
CA ASN A 781 -7.74 6.02 -4.26
C ASN A 781 -9.12 6.34 -4.80
N LYS A 782 -9.22 7.25 -5.77
CA LYS A 782 -10.51 7.62 -6.33
C LYS A 782 -11.07 6.50 -7.18
N ARG A 783 -12.39 6.42 -7.23
CA ARG A 783 -13.07 5.54 -8.17
C ARG A 783 -12.81 6.03 -9.59
N VAL A 784 -12.73 5.08 -10.53
CA VAL A 784 -12.42 5.37 -11.92
C VAL A 784 -13.42 4.65 -12.80
N GLU A 785 -14.00 5.38 -13.76
CA GLU A 785 -14.98 4.85 -14.69
C GLU A 785 -14.63 5.32 -16.09
N ALA A 786 -15.05 4.54 -17.08
CA ALA A 786 -14.79 4.86 -18.48
C ALA A 786 -15.98 5.61 -19.07
N VAL A 787 -15.67 6.63 -19.86
CA VAL A 787 -16.70 7.36 -20.59
C VAL A 787 -17.07 6.58 -21.84
N SER A 788 -18.34 6.70 -22.26
CA SER A 788 -18.84 5.90 -23.36
C SER A 788 -20.09 6.56 -23.93
N ASN A 789 -20.50 6.09 -25.11
CA ASN A 789 -21.71 6.55 -25.78
C ASN A 789 -21.63 8.04 -26.11
N VAL A 790 -20.65 8.41 -26.92
CA VAL A 790 -20.43 9.79 -27.33
C VAL A 790 -20.22 9.94 -28.84
N ARG A 791 -20.21 8.85 -29.60
CA ARG A 791 -19.94 8.91 -31.03
C ARG A 791 -21.20 8.83 -31.89
N LYS A 792 -22.26 8.21 -31.38
CA LYS A 792 -23.54 8.16 -32.07
C LYS A 792 -24.47 9.30 -31.66
N LEU A 793 -23.98 10.26 -30.88
CA LEU A 793 -24.83 11.35 -30.41
C LEU A 793 -25.07 12.37 -31.51
N THR A 794 -26.29 12.87 -31.56
CA THR A 794 -26.69 13.99 -32.40
C THR A 794 -27.30 15.07 -31.52
N LYS A 795 -27.76 16.16 -32.14
CA LYS A 795 -28.41 17.22 -31.38
C LYS A 795 -29.67 16.72 -30.69
N LEU A 796 -30.33 15.73 -31.26
CA LEU A 796 -31.59 15.23 -30.70
C LEU A 796 -31.39 14.50 -29.38
N ASP A 797 -30.16 14.17 -29.00
CA ASP A 797 -29.89 13.48 -27.74
C ASP A 797 -29.72 14.45 -26.57
N MET A 798 -29.45 15.72 -26.83
CA MET A 798 -29.43 16.71 -25.78
C MET A 798 -30.85 16.92 -25.26
N LYS A 799 -31.01 16.83 -23.94
CA LYS A 799 -32.35 16.83 -23.34
C LYS A 799 -32.89 18.25 -23.31
N LEU A 800 -34.08 18.45 -23.89
CA LEU A 800 -34.82 19.71 -23.90
C LEU A 800 -34.13 20.81 -24.68
N ASN A 801 -33.03 20.52 -25.37
CA ASN A 801 -32.27 21.51 -26.12
C ASN A 801 -31.88 20.93 -27.47
N ASP A 802 -32.87 20.36 -28.16
CA ASP A 802 -32.64 19.60 -29.39
C ASP A 802 -33.04 20.36 -30.65
N ALA A 803 -33.28 21.67 -30.54
CA ALA A 803 -33.68 22.45 -31.70
C ALA A 803 -32.53 22.56 -32.70
N LEU A 804 -32.90 22.61 -33.99
CA LEU A 804 -31.93 22.67 -35.10
C LEU A 804 -32.35 23.77 -36.06
N PRO A 805 -32.24 25.03 -35.66
CA PRO A 805 -32.56 26.12 -36.58
C PRO A 805 -31.57 26.19 -37.74
N GLU A 806 -32.05 26.74 -38.85
CA GLU A 806 -31.20 26.97 -40.03
C GLU A 806 -30.59 28.35 -39.87
N ILE A 807 -29.33 28.40 -39.49
CA ILE A 807 -28.66 29.65 -39.13
C ILE A 807 -27.99 30.24 -40.35
N THR A 808 -28.07 31.55 -40.49
CA THR A 808 -27.42 32.29 -41.56
C THR A 808 -26.89 33.60 -40.98
N VAL A 809 -25.60 33.84 -41.18
CA VAL A 809 -24.92 35.04 -40.68
C VAL A 809 -24.50 35.89 -41.87
N ASP A 810 -24.72 37.19 -41.77
CA ASP A 810 -24.30 38.10 -42.83
C ASP A 810 -22.79 38.32 -42.76
N PRO A 811 -22.04 38.16 -43.86
CA PRO A 811 -20.59 38.38 -43.77
C PRO A 811 -20.20 39.79 -43.37
N GLU A 812 -20.98 40.80 -43.74
CA GLU A 812 -20.62 42.20 -43.54
C GLU A 812 -21.21 42.78 -42.26
N SER A 813 -22.53 42.66 -42.08
CA SER A 813 -23.22 43.25 -40.94
C SER A 813 -23.30 42.31 -39.74
N TYR A 814 -22.93 41.04 -39.89
CA TYR A 814 -22.97 40.06 -38.79
C TYR A 814 -24.39 39.83 -38.29
N THR A 815 -25.40 40.03 -39.14
CA THR A 815 -26.78 39.81 -38.75
C THR A 815 -27.11 38.32 -38.84
N VAL A 816 -27.79 37.81 -37.82
CA VAL A 816 -28.04 36.38 -37.66
C VAL A 816 -29.52 36.11 -37.84
N LYS A 817 -29.85 35.15 -38.70
CA LYS A 817 -31.21 34.72 -38.96
C LYS A 817 -31.32 33.23 -38.69
N ALA A 818 -32.38 32.82 -37.99
CA ALA A 818 -32.70 31.41 -37.76
C ALA A 818 -34.01 31.10 -38.46
N ASP A 819 -33.93 30.22 -39.47
CA ASP A 819 -35.08 29.89 -40.32
C ASP A 819 -35.64 31.13 -41.02
N GLY A 820 -34.76 32.07 -41.36
CA GLY A 820 -35.15 33.27 -42.08
C GLY A 820 -35.59 34.44 -41.21
N LYS A 821 -35.67 34.26 -39.89
CA LYS A 821 -36.16 35.29 -38.98
C LYS A 821 -34.99 35.89 -38.21
N LEU A 822 -34.92 37.22 -38.20
CA LEU A 822 -33.88 37.93 -37.46
C LEU A 822 -33.91 37.55 -35.98
N LEU A 823 -32.73 37.26 -35.43
CA LEU A 823 -32.56 37.01 -34.00
C LEU A 823 -31.93 38.24 -33.38
N CYS A 824 -32.65 38.90 -32.49
CA CYS A 824 -32.18 40.14 -31.87
C CYS A 824 -32.75 40.24 -30.47
N VAL A 825 -31.90 40.58 -29.52
CA VAL A 825 -32.28 40.74 -28.12
C VAL A 825 -31.69 42.06 -27.62
N SER A 826 -32.45 42.75 -26.77
CA SER A 826 -31.98 43.99 -26.19
C SER A 826 -30.95 43.72 -25.10
N GLU A 827 -30.04 44.66 -24.93
CA GLU A 827 -29.10 44.60 -23.82
C GLU A 827 -29.84 44.75 -22.50
N ALA A 828 -29.45 43.93 -21.52
CA ALA A 828 -30.02 43.98 -20.18
C ALA A 828 -29.18 44.90 -19.32
N THR A 829 -29.81 45.91 -18.73
CA THR A 829 -29.10 46.86 -17.87
C THR A 829 -28.90 46.35 -16.46
N THR A 830 -29.59 45.28 -16.06
CA THR A 830 -29.41 44.66 -14.76
C THR A 830 -29.58 43.16 -14.90
N VAL A 831 -29.12 42.44 -13.87
CA VAL A 831 -29.38 41.00 -13.78
C VAL A 831 -29.72 40.67 -12.34
N PRO A 832 -30.45 39.58 -12.12
CA PRO A 832 -30.66 39.10 -10.75
C PRO A 832 -29.46 38.28 -10.30
N LEU A 833 -29.54 37.77 -9.07
CA LEU A 833 -28.59 36.81 -8.54
C LEU A 833 -27.17 37.36 -8.44
N SER A 834 -27.00 38.69 -8.49
CA SER A 834 -25.68 39.32 -8.45
C SER A 834 -25.51 40.25 -7.27
N ARG A 835 -26.39 41.24 -7.11
CA ARG A 835 -26.12 42.38 -6.23
C ARG A 835 -26.70 42.22 -4.83
N ASN A 836 -27.78 41.47 -4.67
CA ASN A 836 -28.33 41.24 -3.34
C ASN A 836 -27.49 40.29 -2.50
N TYR A 837 -26.49 39.63 -3.08
CA TYR A 837 -25.89 38.45 -2.50
C TYR A 837 -24.39 38.55 -2.23
N PHE A 838 -23.64 39.31 -3.03
CA PHE A 838 -22.18 39.24 -3.02
C PHE A 838 -21.60 40.51 -2.42
N LEU A 839 -20.64 40.34 -1.52
CA LEU A 839 -20.00 41.47 -0.85
C LEU A 839 -19.26 42.37 -1.84
N PHE A 840 -18.54 41.76 -2.78
CA PHE A 840 -17.74 42.50 -3.76
C PHE A 840 -18.20 42.22 -5.18
N MET B 1 -0.14 42.43 -7.41
CA MET B 1 0.45 42.65 -6.06
C MET B 1 1.63 41.72 -5.82
N LYS B 2 1.49 40.47 -6.25
CA LYS B 2 2.50 39.45 -6.05
C LYS B 2 2.82 39.28 -4.56
N LEU B 3 1.76 39.17 -3.76
CA LEU B 3 1.92 39.12 -2.32
C LEU B 3 2.52 37.78 -1.90
N SER B 4 3.66 37.83 -1.21
CA SER B 4 4.22 36.65 -0.59
C SER B 4 3.46 36.34 0.71
N PRO B 5 3.59 35.12 1.24
CA PRO B 5 2.82 34.78 2.45
C PRO B 5 3.10 35.67 3.64
N ARG B 6 4.33 36.16 3.79
CA ARG B 6 4.64 36.99 4.94
C ARG B 6 3.95 38.34 4.84
N GLU B 7 3.79 38.87 3.62
CA GLU B 7 3.02 40.10 3.47
C GLU B 7 1.57 39.89 3.87
N VAL B 8 1.00 38.72 3.59
CA VAL B 8 -0.37 38.45 3.99
C VAL B 8 -0.49 38.39 5.51
N GLU B 9 0.44 37.71 6.17
CA GLU B 9 0.37 37.65 7.62
C GLU B 9 0.62 39.00 8.26
N LYS B 10 1.53 39.79 7.70
CA LYS B 10 1.76 41.14 8.20
C LYS B 10 0.57 42.05 7.97
N LEU B 11 -0.18 41.83 6.89
CA LEU B 11 -1.42 42.56 6.68
C LEU B 11 -2.46 42.19 7.74
N GLY B 12 -2.52 40.90 8.10
CA GLY B 12 -3.39 40.52 9.21
C GLY B 12 -2.97 41.17 10.50
N LEU B 13 -1.67 41.24 10.75
CA LEU B 13 -1.16 41.95 11.94
C LEU B 13 -1.56 43.41 11.92
N HIS B 14 -1.47 44.05 10.75
CA HIS B 14 -1.85 45.45 10.64
C HIS B 14 -3.34 45.63 10.89
N ASN B 15 -4.17 44.70 10.41
CA ASN B 15 -5.60 44.78 10.68
C ASN B 15 -5.88 44.68 12.17
N ALA B 16 -5.20 43.76 12.85
CA ALA B 16 -5.37 43.64 14.30
C ALA B 16 -4.91 44.91 15.01
N GLY B 17 -3.79 45.47 14.57
CA GLY B 17 -3.31 46.70 15.18
C GLY B 17 -4.26 47.86 14.96
N TYR B 18 -4.89 47.92 13.78
CA TYR B 18 -5.84 48.98 13.51
C TYR B 18 -7.12 48.81 14.33
N LEU B 19 -7.54 47.57 14.55
CA LEU B 19 -8.65 47.33 15.48
C LEU B 19 -8.28 47.81 16.88
N ALA B 20 -7.06 47.51 17.33
CA ALA B 20 -6.62 47.99 18.64
C ALA B 20 -6.58 49.51 18.68
N GLN B 21 -6.17 50.14 17.59
CA GLN B 21 -6.14 51.60 17.52
C GLN B 21 -7.54 52.20 17.59
N LYS B 22 -8.50 51.59 16.89
CA LYS B 22 -9.88 52.08 16.95
C LYS B 22 -10.43 51.94 18.36
N ARG B 23 -10.14 50.82 19.02
CA ARG B 23 -10.59 50.65 20.40
C ARG B 23 -9.94 51.66 21.32
N LEU B 24 -8.63 51.89 21.16
CA LEU B 24 -7.92 52.84 21.99
C LEU B 24 -8.45 54.26 21.79
N ALA B 25 -8.81 54.61 20.55
CA ALA B 25 -9.24 55.97 20.25
C ALA B 25 -10.56 56.32 20.94
N ARG B 26 -11.40 55.33 21.22
CA ARG B 26 -12.64 55.55 21.95
C ARG B 26 -12.51 55.32 23.45
N GLY B 27 -11.29 55.09 23.94
CA GLY B 27 -11.03 55.17 25.36
C GLY B 27 -11.25 53.90 26.17
N VAL B 28 -11.12 52.72 25.56
CA VAL B 28 -11.17 51.47 26.31
C VAL B 28 -9.74 51.06 26.61
N ARG B 29 -9.57 50.36 27.73
CA ARG B 29 -8.24 49.90 28.15
C ARG B 29 -7.93 48.60 27.42
N LEU B 30 -6.81 48.57 26.71
CA LEU B 30 -6.48 47.43 25.87
C LEU B 30 -5.98 46.27 26.73
N ASN B 31 -6.20 45.05 26.22
CA ASN B 31 -5.71 43.84 26.85
C ASN B 31 -4.37 43.46 26.24
N TYR B 32 -3.88 42.26 26.55
CA TYR B 32 -2.56 41.83 26.08
C TYR B 32 -2.50 41.77 24.55
N THR B 33 -3.49 41.11 23.94
CA THR B 33 -3.47 40.93 22.49
C THR B 33 -3.55 42.27 21.76
N GLU B 34 -4.45 43.15 22.21
CA GLU B 34 -4.60 44.44 21.54
C GLU B 34 -3.35 45.29 21.69
N ALA B 35 -2.73 45.29 22.89
CA ALA B 35 -1.52 46.07 23.09
C ALA B 35 -0.39 45.55 22.21
N VAL B 36 -0.22 44.23 22.13
CA VAL B 36 0.83 43.67 21.28
C VAL B 36 0.59 44.04 19.83
N ALA B 37 -0.65 43.90 19.37
CA ALA B 37 -0.97 44.23 17.98
C ALA B 37 -0.70 45.69 17.67
N LEU B 38 -1.10 46.59 18.57
CA LEU B 38 -0.90 48.01 18.35
C LEU B 38 0.59 48.34 18.29
N ILE B 39 1.37 47.83 19.24
CA ILE B 39 2.79 48.18 19.28
C ILE B 39 3.50 47.64 18.04
N ALA B 40 3.23 46.39 17.66
CA ALA B 40 3.88 45.81 16.49
C ALA B 40 3.50 46.58 15.23
N SER B 41 2.21 46.87 15.05
CA SER B 41 1.77 47.55 13.84
C SER B 41 2.35 48.95 13.75
N GLN B 42 2.43 49.67 14.87
CA GLN B 42 2.98 51.02 14.85
C GLN B 42 4.47 51.01 14.57
N ILE B 43 5.19 50.01 15.10
CA ILE B 43 6.60 49.89 14.77
C ILE B 43 6.77 49.63 13.28
N MET B 44 5.92 48.80 12.69
CA MET B 44 5.97 48.57 11.25
C MET B 44 5.73 49.85 10.47
N GLU B 45 4.75 50.65 10.88
CA GLU B 45 4.48 51.88 10.14
C GLU B 45 5.61 52.88 10.26
N TYR B 46 6.17 53.03 11.46
CA TYR B 46 7.31 53.93 11.62
C TYR B 46 8.50 53.46 10.80
N ALA B 47 8.67 52.14 10.66
CA ALA B 47 9.71 51.64 9.78
C ALA B 47 9.39 51.93 8.32
N ARG B 48 8.11 51.86 7.96
CA ARG B 48 7.70 52.16 6.58
C ARG B 48 7.98 53.61 6.21
N ASP B 49 7.91 54.51 7.19
CA ASP B 49 8.26 55.90 6.89
C ASP B 49 9.71 56.02 6.45
N GLY B 50 10.60 55.26 7.05
CA GLY B 50 12.01 55.32 6.70
C GLY B 50 12.78 56.46 7.32
N GLU B 51 12.19 57.17 8.27
CA GLU B 51 12.84 58.29 8.94
C GLU B 51 13.43 57.92 10.29
N LYS B 52 13.45 56.63 10.63
CA LYS B 52 13.89 56.17 11.94
C LYS B 52 14.88 55.02 11.77
N THR B 53 15.76 54.88 12.76
CA THR B 53 16.68 53.76 12.85
C THR B 53 16.11 52.71 13.80
N VAL B 54 16.75 51.54 13.83
CA VAL B 54 16.26 50.46 14.68
C VAL B 54 16.34 50.84 16.15
N ALA B 55 17.43 51.49 16.56
CA ALA B 55 17.55 51.93 17.94
C ALA B 55 16.50 52.99 18.28
N GLN B 56 16.23 53.89 17.35
CA GLN B 56 15.21 54.91 17.58
C GLN B 56 13.84 54.28 17.80
N LEU B 57 13.51 53.25 17.03
CA LEU B 57 12.24 52.56 17.23
C LEU B 57 12.25 51.72 18.50
N MET B 58 13.40 51.18 18.88
CA MET B 58 13.51 50.47 20.15
C MET B 58 13.17 51.40 21.31
N CYS B 59 13.62 52.65 21.23
CA CYS B 59 13.28 53.63 22.25
C CYS B 59 11.82 54.08 22.12
N LEU B 60 11.34 54.24 20.89
CA LEU B 60 10.00 54.79 20.67
C LEU B 60 8.91 53.81 21.10
N GLY B 61 9.14 52.52 20.92
CA GLY B 61 8.12 51.54 21.25
C GLY B 61 7.80 51.45 22.72
N GLN B 62 8.68 51.95 23.59
CA GLN B 62 8.43 51.95 25.02
C GLN B 62 7.54 53.09 25.47
N HIS B 63 7.16 54.01 24.58
CA HIS B 63 6.39 55.19 24.92
C HIS B 63 5.00 55.22 24.30
N LEU B 64 4.63 54.21 23.51
CA LEU B 64 3.35 54.25 22.83
C LEU B 64 2.19 54.12 23.81
N LEU B 65 2.26 53.16 24.71
CA LEU B 65 1.20 52.84 25.65
C LEU B 65 1.70 52.97 27.08
N GLY B 66 0.82 53.43 27.96
CA GLY B 66 1.10 53.51 29.38
C GLY B 66 0.26 52.54 30.18
N ARG B 67 0.44 52.59 31.50
CA ARG B 67 -0.32 51.73 32.38
C ARG B 67 -1.81 52.08 32.38
N ARG B 68 -2.14 53.35 32.10
CA ARG B 68 -3.52 53.80 32.12
C ARG B 68 -4.28 53.47 30.84
N GLN B 69 -3.59 53.08 29.77
CA GLN B 69 -4.22 52.71 28.51
C GLN B 69 -4.43 51.21 28.37
N VAL B 70 -4.04 50.42 29.36
CA VAL B 70 -4.11 48.97 29.29
C VAL B 70 -4.68 48.46 30.60
N LEU B 71 -5.18 47.23 30.58
CA LEU B 71 -5.72 46.62 31.77
C LEU B 71 -4.59 46.37 32.77
N PRO B 72 -4.90 46.29 34.07
CA PRO B 72 -3.82 46.19 35.07
C PRO B 72 -2.94 44.95 34.95
N ALA B 73 -3.41 43.90 34.26
CA ALA B 73 -2.59 42.71 34.08
C ALA B 73 -1.58 42.84 32.96
N VAL B 74 -1.82 43.75 32.01
CA VAL B 74 -0.96 43.83 30.82
C VAL B 74 0.49 44.16 31.15
N PRO B 75 0.81 45.05 32.10
CA PRO B 75 2.22 45.29 32.42
C PRO B 75 2.98 44.06 32.87
N HIS B 76 2.30 43.06 33.44
CA HIS B 76 2.94 41.82 33.85
C HIS B 76 2.90 40.75 32.77
N LEU B 77 1.84 40.71 31.95
CA LEU B 77 1.79 39.75 30.87
C LEU B 77 2.74 40.10 29.74
N LEU B 78 2.98 41.39 29.50
CA LEU B 78 3.70 41.88 28.33
C LEU B 78 5.09 42.31 28.74
N ASN B 79 6.09 41.48 28.39
CA ASN B 79 7.49 41.75 28.68
C ASN B 79 8.23 42.37 27.51
N ALA B 80 7.92 41.95 26.28
CA ALA B 80 8.61 42.48 25.11
C ALA B 80 7.72 42.28 23.89
N VAL B 81 8.08 43.01 22.83
CA VAL B 81 7.39 42.91 21.54
C VAL B 81 8.42 42.89 20.42
N GLN B 82 8.66 41.72 19.84
CA GLN B 82 9.49 41.57 18.66
C GLN B 82 8.67 41.81 17.41
N VAL B 83 9.28 42.46 16.41
CA VAL B 83 8.63 42.60 15.10
C VAL B 83 9.69 42.84 14.05
N GLU B 84 9.49 42.26 12.88
CA GLU B 84 10.32 42.52 11.71
C GLU B 84 9.71 43.66 10.91
N ALA B 85 10.56 44.46 10.28
CA ALA B 85 10.06 45.56 9.47
C ALA B 85 11.07 45.91 8.39
N THR B 86 10.56 46.37 7.26
CA THR B 86 11.39 46.74 6.11
C THR B 86 11.80 48.20 6.26
N PHE B 87 13.04 48.42 6.69
CA PHE B 87 13.66 49.72 6.69
C PHE B 87 14.23 50.00 5.31
N PRO B 88 14.67 51.23 5.04
CA PRO B 88 15.27 51.51 3.72
C PRO B 88 16.47 50.66 3.38
N ASP B 89 17.15 50.11 4.39
CA ASP B 89 18.27 49.18 4.20
C ASP B 89 17.87 47.74 4.49
N GLY B 90 16.64 47.35 4.10
CA GLY B 90 16.23 45.96 4.15
C GLY B 90 15.44 45.63 5.41
N THR B 91 15.12 44.35 5.55
CA THR B 91 14.33 43.90 6.67
C THR B 91 15.19 43.75 7.92
N LYS B 92 14.72 44.32 9.03
CA LYS B 92 15.43 44.30 10.30
C LYS B 92 14.47 43.90 11.40
N LEU B 93 14.97 43.14 12.37
CA LEU B 93 14.22 42.86 13.58
C LEU B 93 14.39 44.01 14.56
N VAL B 94 13.29 44.44 15.16
CA VAL B 94 13.31 45.44 16.21
C VAL B 94 12.41 44.94 17.33
N THR B 95 12.91 45.00 18.56
CA THR B 95 12.21 44.45 19.71
C THR B 95 12.13 45.50 20.81
N VAL B 96 10.92 45.75 21.27
CA VAL B 96 10.65 46.65 22.38
C VAL B 96 10.76 45.85 23.66
N HIS B 97 11.48 46.39 24.64
CA HIS B 97 11.67 45.77 25.94
C HIS B 97 10.89 46.56 26.99
N ASP B 98 10.03 45.87 27.73
CA ASP B 98 9.16 46.49 28.72
C ASP B 98 8.36 47.64 28.09
N PRO B 99 7.50 47.33 27.12
CA PRO B 99 6.81 48.42 26.39
C PRO B 99 5.88 49.26 27.25
N ILE B 100 5.38 48.72 28.36
CA ILE B 100 4.50 49.45 29.25
C ILE B 100 5.37 49.85 30.45
N SER B 101 5.91 51.07 30.39
CA SER B 101 6.83 51.58 31.39
C SER B 101 6.47 52.99 31.87
N ARG B 102 5.31 53.52 31.47
CA ARG B 102 4.89 54.85 31.85
C ARG B 102 3.44 54.81 32.33
N GLU B 103 3.07 55.81 33.12
CA GLU B 103 1.67 55.95 33.50
C GLU B 103 0.80 56.22 32.28
N ASN B 104 1.27 57.07 31.38
CA ASN B 104 0.57 57.41 30.16
C ASN B 104 1.54 57.34 28.98
N GLY B 105 1.05 56.81 27.86
CA GLY B 105 1.84 56.74 26.65
C GLY B 105 1.60 57.95 25.75
N GLU B 106 2.42 58.03 24.71
CA GLU B 106 2.28 59.08 23.70
C GLU B 106 1.21 58.63 22.71
N LEU B 107 -0.02 59.11 22.91
CA LEU B 107 -1.13 58.62 22.10
C LEU B 107 -1.06 59.09 20.65
N GLN B 108 -0.38 60.20 20.38
CA GLN B 108 -0.17 60.57 18.99
C GLN B 108 0.77 59.59 18.30
N GLU B 109 1.75 59.04 19.04
CA GLU B 109 2.60 57.99 18.51
C GLU B 109 1.82 56.69 18.34
N ALA B 110 0.97 56.37 19.32
CA ALA B 110 0.23 55.11 19.28
C ALA B 110 -0.75 55.09 18.11
N LEU B 111 -1.41 56.20 17.83
CA LEU B 111 -2.38 56.31 16.74
C LEU B 111 -1.79 56.94 15.48
N PHE B 112 -0.47 57.00 15.38
CA PHE B 112 0.16 57.58 14.20
C PHE B 112 -0.13 56.71 12.97
N GLY B 113 -0.46 57.37 11.86
CA GLY B 113 -0.75 56.69 10.62
C GLY B 113 -2.18 56.27 10.43
N SER B 114 -2.95 56.15 11.52
CA SER B 114 -4.34 55.72 11.42
C SER B 114 -5.27 56.84 10.99
N LEU B 115 -4.85 58.10 11.12
CA LEU B 115 -5.70 59.25 10.81
C LEU B 115 -6.96 59.25 11.68
N LEU B 116 -6.80 58.87 12.95
CA LEU B 116 -7.85 58.86 13.95
C LEU B 116 -7.62 59.97 14.97
N PRO B 117 -8.67 60.49 15.62
CA PRO B 117 -8.46 61.56 16.60
C PRO B 117 -7.83 61.01 17.87
N VAL B 118 -6.80 61.71 18.36
CA VAL B 118 -6.09 61.28 19.56
C VAL B 118 -6.98 61.52 20.77
N PRO B 119 -7.31 60.52 21.58
CA PRO B 119 -8.18 60.78 22.74
C PRO B 119 -7.42 61.41 23.89
N SER B 120 -8.13 62.25 24.64
CA SER B 120 -7.56 62.83 25.84
C SER B 120 -7.33 61.75 26.89
N LEU B 121 -6.37 62.01 27.78
CA LEU B 121 -6.02 61.03 28.80
C LEU B 121 -7.13 60.85 29.84
N ASP B 122 -8.13 61.72 29.87
CA ASP B 122 -9.25 61.56 30.78
C ASP B 122 -10.17 60.42 30.37
N LYS B 123 -10.18 60.03 29.10
CA LYS B 123 -11.16 59.05 28.63
C LYS B 123 -10.91 57.66 29.17
N PHE B 124 -9.73 57.38 29.72
CA PHE B 124 -9.38 56.05 30.19
C PHE B 124 -9.79 55.92 31.64
N ALA B 125 -10.77 55.05 31.90
CA ALA B 125 -11.31 54.90 33.24
C ALA B 125 -10.28 54.27 34.17
N GLU B 126 -10.57 54.35 35.47
CA GLU B 126 -9.73 53.79 36.52
C GLU B 126 -10.57 52.91 37.42
N THR B 127 -9.91 51.96 38.07
CA THR B 127 -10.58 51.01 38.95
C THR B 127 -9.83 50.87 40.27
N ASN B 131 -4.86 44.28 40.15
CA ASN B 131 -4.30 44.12 41.48
C ASN B 131 -3.33 42.94 41.52
N ARG B 132 -3.81 41.76 41.14
CA ARG B 132 -2.99 40.56 41.18
C ARG B 132 -2.11 40.46 39.94
N ILE B 133 -1.08 39.62 40.04
CA ILE B 133 -0.12 39.36 38.97
C ILE B 133 -0.45 37.99 38.39
N PRO B 134 -0.81 37.87 37.11
CA PRO B 134 -1.05 36.53 36.56
C PRO B 134 0.23 35.70 36.50
N GLY B 135 0.15 34.47 36.99
CA GLY B 135 1.27 33.55 36.86
C GLY B 135 2.42 33.83 37.78
N GLU B 136 2.21 34.58 38.86
CA GLU B 136 3.31 34.93 39.74
C GLU B 136 3.78 33.73 40.56
N ILE B 137 5.06 33.76 40.92
CA ILE B 137 5.68 32.74 41.76
C ILE B 137 5.90 33.35 43.12
N LEU B 138 5.18 32.84 44.13
CA LEU B 138 5.32 33.29 45.51
C LEU B 138 6.29 32.36 46.22
N CYS B 139 7.45 32.90 46.59
CA CYS B 139 8.53 32.14 47.21
C CYS B 139 8.77 32.61 48.62
N GLU B 140 9.37 31.75 49.43
CA GLU B 140 9.85 32.15 50.73
C GLU B 140 11.10 33.02 50.59
N ASP B 141 11.47 33.68 51.67
CA ASP B 141 12.67 34.51 51.71
C ASP B 141 13.82 33.70 52.31
N GLU B 142 14.30 32.75 51.49
CA GLU B 142 15.35 31.83 51.89
C GLU B 142 16.36 31.70 50.76
N CYS B 143 17.60 31.38 51.13
CA CYS B 143 18.68 31.15 50.18
C CYS B 143 18.98 29.65 50.16
N LEU B 144 18.72 29.02 49.03
CA LEU B 144 19.08 27.62 48.86
C LEU B 144 20.58 27.48 48.66
N THR B 145 21.10 26.31 49.02
CA THR B 145 22.53 26.02 48.97
C THR B 145 22.79 24.93 47.95
N LEU B 146 23.77 25.15 47.08
CA LEU B 146 24.05 24.27 45.96
C LEU B 146 25.17 23.31 46.29
N ASN B 147 25.06 22.08 45.77
CA ASN B 147 26.14 21.10 45.78
C ASN B 147 26.56 20.74 47.21
N ILE B 148 25.61 20.16 47.95
CA ILE B 148 25.85 19.77 49.34
C ILE B 148 26.58 18.43 49.37
N GLY B 149 27.47 18.28 50.36
CA GLY B 149 28.18 17.03 50.57
C GLY B 149 29.17 16.69 49.49
N ARG B 150 29.92 17.67 49.01
CA ARG B 150 30.92 17.47 47.97
C ARG B 150 32.28 17.99 48.45
N LYS B 151 33.33 17.34 47.96
CA LYS B 151 34.69 17.82 48.19
C LYS B 151 34.91 19.11 47.41
N ALA B 152 35.44 20.14 48.08
CA ALA B 152 35.55 21.47 47.52
C ALA B 152 36.98 21.98 47.64
N VAL B 153 37.42 22.73 46.62
CA VAL B 153 38.74 23.34 46.60
C VAL B 153 38.62 24.74 46.01
N ILE B 154 39.32 25.70 46.61
CA ILE B 154 39.40 27.07 46.11
C ILE B 154 40.77 27.25 45.47
N LEU B 155 40.78 27.65 44.20
CA LEU B 155 41.99 27.74 43.40
C LEU B 155 42.13 29.13 42.80
N LYS B 156 43.39 29.47 42.49
CA LYS B 156 43.71 30.69 41.74
C LYS B 156 43.84 30.32 40.26
N VAL B 157 43.17 31.09 39.41
CA VAL B 157 43.23 30.90 37.97
C VAL B 157 43.63 32.22 37.34
N THR B 158 44.45 32.15 36.29
CA THR B 158 44.89 33.34 35.58
C THR B 158 44.98 33.03 34.10
N SER B 159 44.50 33.96 33.28
CA SER B 159 44.47 33.79 31.83
C SER B 159 45.76 34.33 31.23
N LYS B 160 46.48 33.47 30.52
CA LYS B 160 47.63 33.86 29.72
C LYS B 160 47.26 34.05 28.25
N GLY B 161 45.96 33.98 27.90
CA GLY B 161 45.53 34.17 26.54
C GLY B 161 45.19 35.61 26.24
N ASP B 162 45.14 35.92 24.94
CA ASP B 162 44.86 37.27 24.47
C ASP B 162 43.42 37.43 23.98
N ARG B 163 42.55 36.49 24.28
CA ARG B 163 41.13 36.55 23.93
C ARG B 163 40.34 36.07 25.12
N PRO B 164 39.07 36.48 25.27
CA PRO B 164 38.32 36.12 26.47
C PRO B 164 37.92 34.66 26.49
N ILE B 165 37.74 34.13 27.70
CA ILE B 165 37.43 32.71 27.90
C ILE B 165 36.35 32.56 28.95
N GLN B 166 35.12 32.26 28.53
CA GLN B 166 34.08 31.84 29.47
C GLN B 166 34.11 30.34 29.66
N VAL B 167 33.83 29.91 30.88
CA VAL B 167 33.75 28.50 31.24
C VAL B 167 32.47 28.24 32.01
N GLY B 168 31.78 27.15 31.67
CA GLY B 168 30.49 26.86 32.24
C GLY B 168 30.56 26.20 33.61
N SER B 169 29.38 26.04 34.20
CA SER B 169 29.30 25.51 35.56
C SER B 169 29.64 24.04 35.64
N HIS B 170 29.38 23.28 34.57
CA HIS B 170 29.54 21.83 34.57
C HIS B 170 30.68 21.34 33.68
N TYR B 171 31.33 22.22 32.93
CA TYR B 171 32.51 21.83 32.16
C TYR B 171 33.61 21.36 33.11
N HIS B 172 34.23 20.23 32.75
CA HIS B 172 35.34 19.70 33.55
C HIS B 172 36.49 20.69 33.55
N PHE B 173 36.90 21.13 34.75
CA PHE B 173 37.82 22.26 34.82
C PHE B 173 39.23 21.90 34.40
N ILE B 174 39.63 20.62 34.50
CA ILE B 174 40.94 20.22 34.01
C ILE B 174 41.03 20.21 32.49
N GLU B 175 39.89 20.29 31.80
CA GLU B 175 39.82 20.26 30.35
C GLU B 175 39.78 21.66 29.73
N VAL B 176 39.94 22.70 30.52
CA VAL B 176 39.73 24.07 30.05
C VAL B 176 40.84 24.46 29.08
N ASN B 177 40.66 25.62 28.44
CA ASN B 177 41.58 26.15 27.44
C ASN B 177 43.02 26.15 27.98
N PRO B 178 44.02 25.68 27.20
CA PRO B 178 45.38 25.63 27.75
C PRO B 178 45.95 26.97 28.18
N TYR B 179 45.39 28.10 27.72
CA TYR B 179 45.90 29.40 28.12
C TYR B 179 45.40 29.86 29.49
N LEU B 180 44.76 28.97 30.26
CA LEU B 180 44.42 29.21 31.66
C LEU B 180 45.41 28.47 32.54
N THR B 181 46.04 29.20 33.46
CA THR B 181 47.05 28.65 34.36
C THR B 181 46.45 28.52 35.76
N PHE B 182 46.57 27.33 36.33
CA PHE B 182 46.05 27.02 37.65
C PHE B 182 46.52 25.62 38.02
N ASP B 183 46.28 25.23 39.26
CA ASP B 183 46.69 23.90 39.70
C ASP B 183 45.80 22.85 39.07
N ARG B 184 46.23 22.28 37.94
CA ARG B 184 45.41 21.31 37.24
C ARG B 184 45.28 19.99 37.98
N ARG B 185 46.15 19.72 38.96
CA ARG B 185 46.03 18.49 39.74
C ARG B 185 44.84 18.57 40.69
N LYS B 186 44.64 19.71 41.33
CA LYS B 186 43.54 19.88 42.26
C LYS B 186 42.21 20.13 41.56
N ALA B 187 42.22 20.38 40.25
CA ALA B 187 41.00 20.53 39.46
C ALA B 187 40.52 19.21 38.86
N TYR B 188 41.19 18.10 39.15
CA TYR B 188 40.81 16.83 38.56
C TYR B 188 39.48 16.35 39.14
N GLY B 189 38.54 16.02 38.24
CA GLY B 189 37.22 15.58 38.68
C GLY B 189 36.46 16.64 39.43
N MET B 190 36.60 17.90 39.03
CA MET B 190 35.95 19.02 39.69
C MET B 190 35.26 19.88 38.63
N ARG B 191 34.25 20.62 39.09
CA ARG B 191 33.52 21.57 38.25
C ARG B 191 33.23 22.79 39.09
N LEU B 192 33.02 23.92 38.41
CA LEU B 192 32.81 25.19 39.10
C LEU B 192 31.58 25.12 40.01
N ASN B 193 31.76 25.58 41.25
CA ASN B 193 30.68 25.57 42.25
C ASN B 193 29.88 26.87 42.10
N ILE B 194 29.04 26.90 41.06
CA ILE B 194 28.21 28.05 40.75
C ILE B 194 26.84 27.54 40.31
N ALA B 195 25.91 28.48 40.13
CA ALA B 195 24.57 28.13 39.69
C ALA B 195 24.60 27.46 38.32
N ALA B 196 23.78 26.42 38.17
CA ALA B 196 23.78 25.65 36.94
C ALA B 196 23.36 26.51 35.76
N GLY B 197 24.10 26.37 34.66
CA GLY B 197 23.85 27.15 33.46
C GLY B 197 24.56 28.49 33.41
N THR B 198 25.21 28.90 34.50
CA THR B 198 25.97 30.13 34.54
C THR B 198 27.41 29.86 34.11
N ALA B 199 28.25 30.88 34.15
CA ALA B 199 29.63 30.77 33.69
C ALA B 199 30.51 31.75 34.44
N VAL B 200 31.81 31.53 34.34
CA VAL B 200 32.84 32.44 34.83
C VAL B 200 33.67 32.88 33.63
N ARG B 201 33.87 34.20 33.49
CA ARG B 201 34.54 34.79 32.35
C ARG B 201 35.93 35.24 32.76
N PHE B 202 36.94 34.84 31.99
CA PHE B 202 38.32 35.25 32.17
C PHE B 202 38.68 36.13 30.98
N GLU B 203 38.65 37.45 31.19
CA GLU B 203 39.13 38.37 30.18
C GLU B 203 40.64 38.20 30.05
N PRO B 204 41.23 38.57 28.91
CA PRO B 204 42.66 38.27 28.70
C PRO B 204 43.54 38.94 29.75
N GLY B 205 44.29 38.12 30.47
CA GLY B 205 45.11 38.58 31.58
C GLY B 205 44.42 38.57 32.93
N ASP B 206 43.11 38.33 32.96
CA ASP B 206 42.37 38.41 34.21
C ASP B 206 42.76 37.27 35.14
N CYS B 207 42.91 37.60 36.43
CA CYS B 207 43.20 36.64 37.48
C CYS B 207 42.02 36.59 38.44
N LYS B 208 41.51 35.40 38.70
CA LYS B 208 40.33 35.17 39.51
C LYS B 208 40.61 34.06 40.52
N SER B 209 39.74 33.96 41.51
CA SER B 209 39.77 32.91 42.52
C SER B 209 38.44 32.17 42.43
N VAL B 210 38.50 30.91 42.00
CA VAL B 210 37.30 30.10 41.76
C VAL B 210 37.20 29.03 42.85
N THR B 211 35.97 28.54 43.02
CA THR B 211 35.69 27.40 43.89
C THR B 211 35.13 26.28 43.04
N LEU B 212 35.71 25.09 43.16
CA LEU B 212 35.29 23.91 42.43
C LEU B 212 34.84 22.84 43.42
N VAL B 213 33.79 22.11 43.04
CA VAL B 213 33.28 20.99 43.79
C VAL B 213 33.38 19.75 42.93
N SER B 214 33.55 18.60 43.57
CA SER B 214 33.73 17.35 42.84
C SER B 214 32.46 16.97 42.09
N ILE B 215 32.65 16.36 40.93
CA ILE B 215 31.52 15.73 40.25
C ILE B 215 31.08 14.51 41.04
N GLU B 216 29.83 14.10 40.79
CA GLU B 216 29.22 12.98 41.51
C GLU B 216 28.71 11.95 40.53
N GLY B 217 27.98 10.95 41.01
CA GLY B 217 27.54 9.86 40.16
C GLY B 217 28.62 8.82 39.99
N ASN B 218 28.83 8.35 38.77
CA ASN B 218 29.94 7.44 38.51
C ASN B 218 31.29 8.16 38.52
N LYS B 219 31.30 9.49 38.44
CA LYS B 219 32.53 10.28 38.40
C LYS B 219 33.40 9.86 37.21
N VAL B 220 32.87 10.08 36.02
CA VAL B 220 33.55 9.76 34.77
C VAL B 220 33.64 11.04 33.94
N ILE B 221 34.84 11.34 33.45
CA ILE B 221 35.12 12.53 32.67
C ILE B 221 35.12 12.13 31.20
N ARG B 222 34.31 12.81 30.40
CA ARG B 222 34.23 12.58 28.97
C ARG B 222 34.25 13.92 28.23
N GLY B 223 34.79 13.90 27.02
CA GLY B 223 34.80 15.08 26.19
C GLY B 223 35.79 16.13 26.65
N GLY B 224 35.61 17.33 26.09
CA GLY B 224 36.51 18.43 26.36
C GLY B 224 37.71 18.38 25.43
N ASN B 225 38.91 18.44 26.01
CA ASN B 225 40.15 18.30 25.27
C ASN B 225 40.67 16.87 25.26
N ALA B 226 39.94 15.92 25.87
CA ALA B 226 40.40 14.54 26.02
C ALA B 226 41.69 14.46 26.84
N ILE B 227 41.85 15.39 27.78
CA ILE B 227 43.00 15.34 28.69
C ILE B 227 42.85 14.18 29.67
N ALA B 228 41.64 14.01 30.21
CA ALA B 228 41.37 13.11 31.34
C ALA B 228 40.19 12.21 31.04
N ASP B 229 40.18 11.59 29.87
CA ASP B 229 39.08 10.73 29.45
C ASP B 229 39.10 9.44 30.27
N GLY B 230 38.17 9.34 31.23
CA GLY B 230 38.00 8.12 32.00
C GLY B 230 37.43 8.36 33.39
N PRO B 231 37.28 7.29 34.17
CA PRO B 231 36.79 7.44 35.54
C PRO B 231 37.79 8.19 36.42
N VAL B 232 37.26 8.78 37.49
CA VAL B 232 38.07 9.56 38.43
C VAL B 232 38.77 8.60 39.38
N ASN B 233 40.09 8.50 39.26
CA ASN B 233 40.90 7.69 40.15
C ASN B 233 42.34 8.21 40.09
N GLU B 234 43.26 7.52 40.77
CA GLU B 234 44.64 7.99 40.83
C GLU B 234 45.38 7.72 39.51
N THR B 235 45.16 6.55 38.90
CA THR B 235 45.84 6.25 37.64
C THR B 235 45.46 7.24 36.56
N ASN B 236 44.16 7.54 36.44
CA ASN B 236 43.74 8.50 35.43
C ASN B 236 44.17 9.91 35.80
N LEU B 237 44.32 10.21 37.09
CA LEU B 237 44.89 11.49 37.47
C LEU B 237 46.33 11.63 36.98
N GLU B 238 47.13 10.59 37.16
CA GLU B 238 48.52 10.67 36.69
C GLU B 238 48.58 10.73 35.17
N ALA B 239 47.72 9.97 34.49
CA ALA B 239 47.66 10.06 33.03
C ALA B 239 47.25 11.45 32.58
N ALA B 240 46.28 12.07 33.26
CA ALA B 240 45.85 13.41 32.92
C ALA B 240 46.96 14.43 33.15
N MET B 241 47.72 14.28 34.23
CA MET B 241 48.82 15.21 34.48
C MET B 241 49.92 15.05 33.44
N HIS B 242 50.19 13.82 33.02
CA HIS B 242 51.15 13.61 31.94
C HIS B 242 50.66 14.27 30.65
N ALA B 243 49.37 14.13 30.35
CA ALA B 243 48.82 14.78 29.16
C ALA B 243 48.89 16.29 29.28
N VAL B 244 48.65 16.83 30.48
CA VAL B 244 48.73 18.26 30.69
C VAL B 244 50.14 18.76 30.40
N ARG B 245 51.14 18.06 30.93
CA ARG B 245 52.52 18.48 30.71
C ARG B 245 52.94 18.32 29.25
N SER B 246 52.52 17.22 28.61
CA SER B 246 52.94 16.96 27.23
C SER B 246 52.30 17.92 26.26
N LYS B 247 50.98 18.11 26.35
CA LYS B 247 50.25 18.93 25.39
C LYS B 247 50.39 20.42 25.64
N GLY B 248 51.00 20.83 26.76
CA GLY B 248 51.24 22.23 27.01
C GLY B 248 50.03 22.97 27.53
N PHE B 249 49.44 22.44 28.59
CA PHE B 249 48.31 23.08 29.28
C PHE B 249 48.82 23.79 30.52
N GLY B 250 48.32 25.00 30.75
CA GLY B 250 48.78 25.82 31.85
C GLY B 250 48.61 25.17 33.19
N HIS B 251 49.72 24.98 33.90
CA HIS B 251 49.73 24.29 35.18
C HIS B 251 50.76 24.93 36.09
N GLU B 252 50.33 25.31 37.29
CA GLU B 252 51.23 25.84 38.30
C GLU B 252 50.71 25.39 39.66
N GLU B 253 51.52 24.64 40.40
CA GLU B 253 51.07 24.07 41.65
C GLU B 253 50.79 25.15 42.68
N GLU B 254 49.69 24.99 43.41
CA GLU B 254 49.29 25.86 44.51
C GLU B 254 49.23 24.98 45.76
N LYS B 255 50.33 24.93 46.50
CA LYS B 255 50.49 23.94 47.56
C LYS B 255 49.49 24.16 48.69
N ASP B 256 49.22 25.41 49.05
CA ASP B 256 48.36 25.75 50.18
C ASP B 256 46.98 26.21 49.74
N ALA B 257 46.44 25.61 48.67
CA ALA B 257 45.08 25.90 48.25
C ALA B 257 44.09 25.42 49.31
N SER B 258 43.03 26.19 49.51
CA SER B 258 42.04 25.86 50.52
C SER B 258 41.20 24.66 50.07
N GLU B 259 41.03 23.68 50.96
CA GLU B 259 40.28 22.47 50.69
C GLU B 259 39.33 22.18 51.84
N GLY B 260 38.18 21.60 51.50
CA GLY B 260 37.19 21.24 52.50
C GLY B 260 35.97 20.57 51.91
N PHE B 261 34.82 20.74 52.55
CA PHE B 261 33.57 20.14 52.08
C PHE B 261 32.45 21.17 52.17
N THR B 262 31.51 21.06 51.23
CA THR B 262 30.32 21.91 51.26
C THR B 262 29.33 21.37 52.26
N LYS B 263 28.86 22.25 53.14
CA LYS B 263 28.00 21.89 54.27
C LYS B 263 26.65 22.56 54.12
N GLU B 264 25.72 22.17 55.00
CA GLU B 264 24.49 22.93 55.22
C GLU B 264 24.71 23.95 56.34
N ASP B 265 25.66 24.84 56.08
CA ASP B 265 26.15 25.82 57.05
C ASP B 265 26.31 27.16 56.35
N PRO B 266 25.68 28.25 56.80
CA PRO B 266 25.88 29.54 56.10
C PRO B 266 27.31 30.03 56.10
N ASN B 267 28.10 29.73 57.14
CA ASN B 267 29.44 30.25 57.29
C ASN B 267 30.52 29.33 56.72
N CYS B 268 30.17 28.48 55.76
CA CYS B 268 31.15 27.61 55.10
C CYS B 268 31.75 28.35 53.91
N PRO B 269 33.08 28.48 53.81
CA PRO B 269 33.64 29.28 52.70
C PRO B 269 33.47 28.66 51.32
N PHE B 270 33.12 27.37 51.23
CA PHE B 270 33.02 26.68 49.96
C PHE B 270 31.62 26.66 49.37
N ASN B 271 30.63 27.23 50.07
CA ASN B 271 29.24 27.11 49.66
C ASN B 271 28.84 28.25 48.72
N THR B 272 28.01 27.92 47.74
CA THR B 272 27.38 28.89 46.85
C THR B 272 25.89 28.90 47.16
N PHE B 273 25.36 30.09 47.41
CA PHE B 273 23.95 30.28 47.75
C PHE B 273 23.23 30.97 46.60
N ILE B 274 21.92 30.73 46.54
CA ILE B 274 21.07 31.34 45.53
C ILE B 274 19.71 31.60 46.16
N HIS B 275 19.19 32.81 46.01
CA HIS B 275 17.89 33.12 46.57
C HIS B 275 16.80 32.35 45.85
N ARG B 276 15.70 32.09 46.56
CA ARG B 276 14.61 31.33 45.98
C ARG B 276 13.96 32.07 44.82
N LYS B 277 13.93 33.40 44.85
CA LYS B 277 13.39 34.15 43.72
C LYS B 277 14.26 34.01 42.49
N GLU B 278 15.59 34.15 42.67
CA GLU B 278 16.51 33.94 41.56
C GLU B 278 16.44 32.51 41.05
N TYR B 279 16.32 31.55 41.97
CA TYR B 279 16.19 30.15 41.56
C TYR B 279 14.93 29.95 40.71
N ALA B 280 13.81 30.47 41.17
CA ALA B 280 12.55 30.28 40.46
C ALA B 280 12.57 30.97 39.11
N ASN B 281 13.20 32.14 39.04
CA ASN B 281 13.36 32.81 37.76
C ASN B 281 14.23 32.00 36.81
N LYS B 282 15.29 31.38 37.34
CA LYS B 282 16.26 30.69 36.51
C LYS B 282 15.76 29.31 36.09
N TYR B 283 15.20 28.53 37.03
CA TYR B 283 14.84 27.15 36.81
C TYR B 283 13.35 26.83 37.02
N GLY B 284 12.57 27.78 37.53
CA GLY B 284 11.18 27.52 37.86
C GLY B 284 11.03 27.16 39.32
N PRO B 285 9.80 27.23 39.84
CA PRO B 285 9.61 27.06 41.29
C PRO B 285 10.00 25.67 41.78
N THR B 286 10.39 25.60 43.04
CA THR B 286 10.80 24.37 43.72
C THR B 286 9.83 24.08 44.86
N THR B 287 10.18 23.09 45.67
CA THR B 287 9.28 22.63 46.73
C THR B 287 8.93 23.75 47.70
N GLY B 288 7.64 23.90 47.98
CA GLY B 288 7.15 24.89 48.91
C GLY B 288 6.74 26.20 48.29
N ASP B 289 7.11 26.45 47.03
CA ASP B 289 6.68 27.65 46.34
C ASP B 289 5.22 27.52 45.92
N LYS B 290 4.68 28.61 45.39
CA LYS B 290 3.29 28.65 44.93
C LYS B 290 3.23 29.38 43.60
N ILE B 291 2.27 28.98 42.77
CA ILE B 291 2.08 29.51 41.43
C ILE B 291 0.62 29.91 41.29
N ARG B 292 0.37 31.12 40.84
CA ARG B 292 -0.99 31.53 40.50
C ARG B 292 -1.34 31.00 39.12
N LEU B 293 -2.50 30.36 39.00
CA LEU B 293 -2.92 29.74 37.75
C LEU B 293 -3.65 30.79 36.92
N GLY B 294 -2.95 31.36 35.94
CA GLY B 294 -3.54 32.42 35.15
C GLY B 294 -3.85 33.62 36.02
N ASP B 295 -4.93 34.32 35.66
CA ASP B 295 -5.44 35.42 36.47
C ASP B 295 -6.53 34.97 37.45
N THR B 296 -6.51 33.70 37.84
CA THR B 296 -7.45 33.16 38.81
C THR B 296 -6.95 33.44 40.23
N ASN B 297 -7.73 33.00 41.22
CA ASN B 297 -7.36 33.10 42.62
C ASN B 297 -6.84 31.79 43.20
N LEU B 298 -6.51 30.82 42.35
CA LEU B 298 -6.07 29.50 42.78
C LEU B 298 -4.54 29.46 42.81
N LEU B 299 -3.99 28.92 43.90
CA LEU B 299 -2.54 28.82 44.09
C LEU B 299 -2.15 27.36 44.12
N ALA B 300 -1.37 26.93 43.14
CA ALA B 300 -0.82 25.58 43.08
C ALA B 300 0.53 25.59 43.78
N GLU B 301 0.65 24.82 44.86
CA GLU B 301 1.89 24.70 45.60
C GLU B 301 2.62 23.44 45.16
N ILE B 302 3.94 23.57 44.96
CA ILE B 302 4.74 22.44 44.51
C ILE B 302 4.89 21.46 45.67
N GLU B 303 4.28 20.28 45.53
CA GLU B 303 4.31 19.31 46.61
C GLU B 303 5.71 18.74 46.82
N LYS B 304 6.44 18.48 45.74
CA LYS B 304 7.80 17.99 45.87
C LYS B 304 8.55 18.25 44.57
N ASP B 305 9.88 18.13 44.67
CA ASP B 305 10.78 18.45 43.58
C ASP B 305 11.86 17.39 43.50
N TYR B 306 12.05 16.83 42.31
CA TYR B 306 13.04 15.77 42.11
C TYR B 306 14.46 16.30 41.92
N ALA B 307 14.64 17.62 41.80
CA ALA B 307 15.94 18.17 41.46
C ALA B 307 16.85 18.25 42.67
N LEU B 308 18.12 17.89 42.46
CA LEU B 308 19.18 18.18 43.41
C LEU B 308 19.73 19.56 43.07
N TYR B 309 19.74 20.46 44.06
CA TYR B 309 20.08 21.85 43.81
C TYR B 309 21.54 21.96 43.38
N GLY B 310 21.75 22.38 42.13
CA GLY B 310 23.08 22.53 41.57
C GLY B 310 23.26 21.82 40.25
N ASP B 311 22.43 20.81 39.99
CA ASP B 311 22.56 19.94 38.82
C ASP B 311 21.33 20.01 37.92
N GLU B 312 20.69 21.17 37.85
CA GLU B 312 19.54 21.32 36.99
C GLU B 312 19.94 21.21 35.52
N CYS B 313 19.13 20.49 34.76
CA CYS B 313 19.37 20.31 33.33
C CYS B 313 18.86 21.54 32.59
N VAL B 314 19.78 22.40 32.18
CA VAL B 314 19.49 23.63 31.45
C VAL B 314 20.21 23.55 30.11
N PHE B 315 19.49 23.79 29.03
CA PHE B 315 20.04 23.77 27.69
C PHE B 315 20.28 25.19 27.21
N GLY B 316 21.36 25.38 26.45
CA GLY B 316 21.69 26.68 25.92
C GLY B 316 23.17 26.72 25.55
N GLY B 317 23.66 27.95 25.39
CA GLY B 317 25.07 28.15 25.09
C GLY B 317 25.92 28.14 26.33
N GLY B 318 26.80 27.16 26.44
CA GLY B 318 27.62 27.02 27.62
C GLY B 318 26.85 26.64 28.87
N LYS B 319 25.87 25.74 28.73
CA LYS B 319 24.99 25.34 29.82
C LYS B 319 25.16 23.83 30.07
N VAL B 320 24.30 23.29 30.93
CA VAL B 320 24.55 21.97 31.51
C VAL B 320 24.45 20.87 30.46
N ILE B 321 23.44 20.92 29.61
CA ILE B 321 23.17 19.79 28.70
C ILE B 321 24.14 19.91 27.55
N ARG B 322 25.33 19.34 27.72
CA ARG B 322 26.39 19.37 26.73
C ARG B 322 27.14 18.05 26.81
N ASP B 323 27.95 17.78 25.79
CA ASP B 323 28.68 16.52 25.71
C ASP B 323 29.55 16.31 26.93
N GLY B 324 29.25 15.25 27.69
CA GLY B 324 30.04 14.88 28.84
C GLY B 324 29.75 15.65 30.10
N MET B 325 28.82 16.60 30.08
CA MET B 325 28.48 17.42 31.23
C MET B 325 27.08 17.12 31.74
N GLY B 326 26.07 17.28 30.89
CA GLY B 326 24.70 16.90 31.19
C GLY B 326 24.07 16.06 30.10
N GLN B 327 24.83 15.78 29.04
CA GLN B 327 24.46 14.85 27.99
C GLN B 327 25.37 13.64 28.12
N SER B 328 24.80 12.49 28.44
CA SER B 328 25.61 11.31 28.68
C SER B 328 26.27 10.84 27.39
N CYS B 329 27.38 10.13 27.55
CA CYS B 329 28.21 9.71 26.43
C CYS B 329 28.51 8.22 26.46
N GLY B 330 28.57 7.63 27.66
CA GLY B 330 29.00 6.26 27.84
C GLY B 330 27.89 5.29 28.18
N HIS B 331 26.76 5.40 27.49
CA HIS B 331 25.58 4.58 27.68
C HIS B 331 25.15 4.02 26.33
N PRO B 332 24.40 2.92 26.30
CA PRO B 332 23.90 2.42 25.02
C PRO B 332 22.98 3.42 24.34
N PRO B 333 23.00 3.50 23.00
CA PRO B 333 22.12 4.48 22.33
C PRO B 333 20.65 4.27 22.59
N ALA B 334 20.22 3.03 22.83
CA ALA B 334 18.81 2.67 22.81
C ALA B 334 18.09 2.92 24.13
N ILE B 335 18.81 3.25 25.21
CA ILE B 335 18.17 3.73 26.43
C ILE B 335 18.12 5.25 26.49
N SER B 336 18.70 5.94 25.52
CA SER B 336 18.63 7.39 25.48
C SER B 336 17.20 7.84 25.23
N LEU B 337 16.80 8.91 25.91
CA LEU B 337 15.47 9.46 25.71
C LEU B 337 15.33 10.03 24.31
N ASP B 338 14.13 9.91 23.75
CA ASP B 338 13.84 10.58 22.49
C ASP B 338 13.70 12.08 22.70
N THR B 339 13.00 12.47 23.77
CA THR B 339 12.82 13.87 24.10
C THR B 339 12.83 14.00 25.61
N VAL B 340 13.23 15.17 26.10
CA VAL B 340 13.18 15.48 27.53
C VAL B 340 12.62 16.88 27.71
N ILE B 341 11.56 17.00 28.50
CA ILE B 341 11.06 18.29 28.97
C ILE B 341 11.72 18.55 30.32
N THR B 342 12.48 19.64 30.41
CA THR B 342 13.33 19.90 31.57
C THR B 342 12.69 20.92 32.48
N ASN B 343 12.79 20.66 33.80
CA ASN B 343 12.40 21.62 34.84
C ASN B 343 10.93 22.00 34.74
N ALA B 344 10.09 21.01 34.49
CA ALA B 344 8.66 21.24 34.28
C ALA B 344 7.89 21.15 35.58
N VAL B 345 6.92 22.05 35.73
CA VAL B 345 5.95 21.98 36.82
C VAL B 345 4.76 21.19 36.28
N ILE B 346 4.57 19.98 36.80
CA ILE B 346 3.54 19.07 36.34
C ILE B 346 2.37 19.18 37.29
N ILE B 347 1.23 19.66 36.77
CA ILE B 347 -0.03 19.67 37.49
C ILE B 347 -0.86 18.50 36.97
N ASP B 348 -1.31 17.64 37.87
CA ASP B 348 -2.07 16.47 37.49
C ASP B 348 -2.96 16.10 38.67
N TYR B 349 -3.99 15.31 38.40
CA TYR B 349 -4.88 14.86 39.47
C TYR B 349 -4.13 14.07 40.53
N THR B 350 -2.98 13.49 40.19
CA THR B 350 -2.17 12.81 41.19
C THR B 350 -1.43 13.78 42.10
N GLY B 351 -1.02 14.94 41.58
CA GLY B 351 -0.23 15.86 42.38
C GLY B 351 0.29 17.00 41.55
N ILE B 352 0.93 17.93 42.25
CA ILE B 352 1.52 19.12 41.65
C ILE B 352 3.00 19.07 42.03
N ILE B 353 3.86 18.69 41.07
CA ILE B 353 5.25 18.38 41.34
C ILE B 353 6.14 19.16 40.37
N LYS B 354 7.45 19.05 40.61
CA LYS B 354 8.48 19.63 39.77
C LYS B 354 9.41 18.52 39.33
N ALA B 355 9.50 18.28 38.03
CA ALA B 355 10.28 17.15 37.53
C ALA B 355 10.60 17.36 36.07
N ASP B 356 11.50 16.53 35.56
CA ASP B 356 11.78 16.38 34.15
C ASP B 356 11.00 15.19 33.61
N ILE B 357 10.44 15.35 32.41
CA ILE B 357 9.61 14.34 31.77
C ILE B 357 10.38 13.79 30.57
N GLY B 358 10.77 12.53 30.64
CA GLY B 358 11.43 11.87 29.54
C GLY B 358 10.42 11.12 28.69
N ILE B 359 10.47 11.36 27.38
CA ILE B 359 9.55 10.80 26.40
C ILE B 359 10.36 9.90 25.48
N LYS B 360 9.83 8.70 25.21
CA LYS B 360 10.50 7.74 24.35
C LYS B 360 9.45 6.93 23.61
N ASP B 361 9.58 6.88 22.29
CA ASP B 361 8.66 6.16 21.41
C ASP B 361 7.24 6.71 21.54
N GLY B 362 7.10 7.99 21.84
CA GLY B 362 5.81 8.63 21.93
C GLY B 362 5.09 8.45 23.24
N LEU B 363 5.67 7.73 24.19
CA LEU B 363 5.08 7.51 25.51
C LEU B 363 5.87 8.27 26.55
N ILE B 364 5.23 8.53 27.69
CA ILE B 364 5.92 9.16 28.80
C ILE B 364 6.85 8.11 29.38
N ALA B 365 8.12 8.15 28.97
CA ALA B 365 9.07 7.13 29.39
C ALA B 365 9.31 7.18 30.88
N SER B 366 9.42 8.38 31.45
CA SER B 366 9.70 8.49 32.86
C SER B 366 9.45 9.92 33.33
N ILE B 367 9.27 10.07 34.64
CA ILE B 367 9.15 11.36 35.30
C ILE B 367 10.10 11.34 36.49
N GLY B 368 10.97 12.34 36.57
CA GLY B 368 11.93 12.36 37.65
C GLY B 368 13.03 13.39 37.48
N LYS B 369 14.27 12.97 37.62
CA LYS B 369 15.44 13.81 37.37
C LYS B 369 16.19 13.26 36.16
N ALA B 370 16.35 14.09 35.14
CA ALA B 370 17.13 13.75 33.96
C ALA B 370 18.55 14.27 34.12
N GLY B 371 19.44 13.76 33.30
CA GLY B 371 20.79 14.27 33.24
C GLY B 371 21.78 13.18 32.86
N ASN B 372 22.95 13.24 33.47
CA ASN B 372 24.07 12.36 33.17
C ASN B 372 24.44 11.58 34.43
N PRO B 373 24.26 10.25 34.49
CA PRO B 373 24.67 9.53 35.71
C PRO B 373 26.17 9.55 35.95
N ASP B 374 26.98 9.90 34.96
CA ASP B 374 28.42 10.03 35.18
C ASP B 374 28.76 11.25 36.03
N ILE B 375 27.96 12.30 35.94
CA ILE B 375 28.28 13.58 36.56
C ILE B 375 27.31 13.92 37.69
N MET B 376 26.12 13.34 37.70
CA MET B 376 25.02 13.78 38.56
C MET B 376 24.53 12.61 39.41
N ASN B 377 24.04 12.93 40.59
CA ASN B 377 23.40 11.97 41.48
C ASN B 377 21.90 11.95 41.23
N GLY B 378 21.31 10.78 41.37
CA GLY B 378 19.87 10.64 41.26
C GLY B 378 19.32 10.50 39.86
N VAL B 379 20.15 10.07 38.90
CA VAL B 379 19.73 9.86 37.52
C VAL B 379 19.62 8.36 37.30
N PHE B 380 18.41 7.89 36.98
CA PHE B 380 18.16 6.49 36.69
C PHE B 380 18.29 6.22 35.19
N SER B 381 18.39 4.93 34.85
CA SER B 381 18.68 4.54 33.48
C SER B 381 17.56 4.88 32.49
N ASN B 382 16.36 5.21 32.98
CA ASN B 382 15.27 5.65 32.13
C ASN B 382 15.16 7.16 32.04
N MET B 383 16.21 7.89 32.45
CA MET B 383 16.21 9.34 32.46
C MET B 383 17.55 9.89 31.98
N ILE B 384 18.21 9.19 31.05
CA ILE B 384 19.52 9.58 30.56
C ILE B 384 19.34 10.45 29.32
N ILE B 385 19.92 11.63 29.34
CA ILE B 385 19.97 12.51 28.18
C ILE B 385 21.20 12.13 27.38
N GLY B 386 20.99 11.58 26.18
CA GLY B 386 22.06 11.22 25.29
C GLY B 386 22.20 12.18 24.14
N ALA B 387 23.05 11.81 23.17
CA ALA B 387 23.25 12.63 21.99
C ALA B 387 22.11 12.51 20.99
N ASN B 388 21.16 11.61 21.20
CA ASN B 388 19.98 11.47 20.36
C ASN B 388 18.72 11.99 21.03
N THR B 389 18.88 12.88 22.02
CA THR B 389 17.77 13.37 22.82
C THR B 389 17.48 14.82 22.47
N GLU B 390 16.26 15.09 22.03
CA GLU B 390 15.78 16.45 21.88
C GLU B 390 15.43 17.04 23.25
N VAL B 391 15.55 18.35 23.35
CA VAL B 391 15.31 19.08 24.59
C VAL B 391 14.17 20.06 24.38
N ILE B 392 13.22 20.05 25.33
CA ILE B 392 12.19 21.07 25.45
C ILE B 392 12.38 21.72 26.80
N ALA B 393 12.35 23.06 26.82
CA ALA B 393 12.62 23.82 28.03
C ALA B 393 11.31 24.05 28.76
N GLY B 394 11.16 23.44 29.93
CA GLY B 394 10.01 23.63 30.78
C GLY B 394 10.26 24.60 31.92
N GLU B 395 11.33 25.39 31.82
CA GLU B 395 11.69 26.31 32.90
C GLU B 395 10.63 27.39 33.01
N GLY B 396 9.91 27.39 34.13
CA GLY B 396 8.86 28.37 34.34
C GLY B 396 7.57 28.12 33.63
N LEU B 397 7.40 26.95 33.01
CA LEU B 397 6.18 26.56 32.33
C LEU B 397 5.52 25.41 33.09
N ILE B 398 4.21 25.26 32.86
CA ILE B 398 3.40 24.21 33.47
C ILE B 398 3.08 23.18 32.40
N VAL B 399 3.24 21.91 32.75
CA VAL B 399 2.95 20.78 31.87
C VAL B 399 1.70 20.10 32.38
N THR B 400 0.76 19.84 31.47
CA THR B 400 -0.54 19.27 31.81
C THR B 400 -0.87 18.20 30.78
N ALA B 401 -1.64 17.21 31.18
CA ALA B 401 -2.10 16.21 30.23
C ALA B 401 -3.10 16.86 29.27
N GLY B 402 -3.07 16.43 28.02
CA GLY B 402 -4.02 16.93 27.04
C GLY B 402 -5.45 16.63 27.47
N ALA B 403 -6.30 17.64 27.36
CA ALA B 403 -7.69 17.50 27.78
C ALA B 403 -8.43 16.50 26.90
N ILE B 404 -9.43 15.87 27.48
CA ILE B 404 -10.28 14.90 26.79
C ILE B 404 -11.69 15.47 26.75
N ASP B 405 -12.23 15.64 25.55
CA ASP B 405 -13.55 16.22 25.33
C ASP B 405 -14.47 15.10 24.86
N CYS B 406 -15.44 14.72 25.70
CA CYS B 406 -16.22 13.52 25.48
C CYS B 406 -17.63 13.80 24.94
N HIS B 407 -17.92 15.03 24.55
CA HIS B 407 -19.23 15.38 24.01
C HIS B 407 -19.06 16.29 22.80
N VAL B 408 -18.23 15.86 21.86
CA VAL B 408 -18.01 16.60 20.62
C VAL B 408 -19.08 16.18 19.62
N HIS B 409 -19.67 17.16 18.94
CA HIS B 409 -20.47 16.93 17.74
C HIS B 409 -19.60 17.23 16.54
N TYR B 410 -19.33 16.22 15.72
CA TYR B 410 -18.48 16.39 14.55
C TYR B 410 -19.30 17.06 13.45
N ILE B 411 -19.51 18.36 13.65
CA ILE B 411 -20.29 19.15 12.70
C ILE B 411 -19.41 19.76 11.62
N CYS B 412 -18.15 20.05 11.92
CA CYS B 412 -17.21 20.53 10.94
C CYS B 412 -15.81 20.11 11.36
N PRO B 413 -14.84 20.10 10.43
CA PRO B 413 -13.45 19.82 10.84
C PRO B 413 -12.72 21.00 11.44
N GLN B 414 -13.29 22.21 11.40
CA GLN B 414 -12.61 23.36 11.98
C GLN B 414 -12.68 23.37 13.50
N LEU B 415 -13.68 22.70 14.09
CA LEU B 415 -13.69 22.56 15.54
C LEU B 415 -12.55 21.67 16.02
N VAL B 416 -12.03 20.79 15.17
CA VAL B 416 -10.85 20.01 15.54
C VAL B 416 -9.65 20.93 15.72
N TYR B 417 -9.46 21.87 14.79
CA TYR B 417 -8.35 22.82 14.91
C TYR B 417 -8.56 23.72 16.12
N GLU B 418 -9.79 24.18 16.34
CA GLU B 418 -10.08 25.02 17.49
C GLU B 418 -9.83 24.27 18.80
N ALA B 419 -10.12 22.97 18.83
CA ALA B 419 -9.91 22.19 20.05
C ALA B 419 -8.43 21.95 20.31
N ILE B 420 -7.69 21.52 19.29
CA ILE B 420 -6.28 21.22 19.52
C ILE B 420 -5.49 22.49 19.80
N SER B 421 -5.91 23.63 19.26
CA SER B 421 -5.23 24.88 19.58
C SER B 421 -5.45 25.32 21.01
N SER B 422 -6.40 24.73 21.74
CA SER B 422 -6.69 25.08 23.13
C SER B 422 -6.25 24.01 24.13
N GLY B 423 -5.56 22.96 23.67
CA GLY B 423 -5.04 21.95 24.56
C GLY B 423 -5.86 20.68 24.70
N ILE B 424 -6.83 20.46 23.82
CA ILE B 424 -7.61 19.22 23.81
C ILE B 424 -6.96 18.28 22.81
N THR B 425 -6.55 17.10 23.28
CA THR B 425 -5.85 16.13 22.46
C THR B 425 -6.70 14.92 22.08
N THR B 426 -7.86 14.74 22.71
CA THR B 426 -8.74 13.61 22.44
C THR B 426 -10.17 14.10 22.35
N LEU B 427 -10.86 13.70 21.29
CA LEU B 427 -12.28 13.97 21.10
C LEU B 427 -13.02 12.64 21.05
N VAL B 428 -14.07 12.53 21.87
CA VAL B 428 -15.01 11.41 21.79
C VAL B 428 -16.39 12.00 21.53
N GLY B 429 -17.12 11.39 20.60
CA GLY B 429 -18.41 11.93 20.22
C GLY B 429 -18.97 11.20 19.03
N GLY B 430 -19.74 11.92 18.22
CA GLY B 430 -20.32 11.33 17.04
C GLY B 430 -20.79 12.40 16.08
N GLY B 431 -20.88 12.03 14.83
CA GLY B 431 -21.32 12.94 13.79
C GLY B 431 -20.76 12.55 12.44
N THR B 432 -21.24 13.24 11.42
CA THR B 432 -20.83 13.01 10.04
C THR B 432 -20.65 14.31 9.25
N GLY B 433 -20.81 15.47 9.87
CA GLY B 433 -20.87 16.73 9.16
C GLY B 433 -22.04 17.55 9.64
N PRO B 434 -22.40 18.60 8.89
CA PRO B 434 -23.49 19.48 9.34
C PRO B 434 -24.89 18.97 9.02
N ALA B 435 -25.03 17.67 8.75
CA ALA B 435 -26.35 17.09 8.60
C ALA B 435 -27.20 17.36 9.84
N ALA B 436 -28.52 17.41 9.64
CA ALA B 436 -29.42 17.80 10.72
C ALA B 436 -29.39 16.81 11.87
N GLY B 437 -29.10 15.54 11.58
CA GLY B 437 -29.08 14.54 12.63
C GLY B 437 -27.91 14.69 13.58
N THR B 438 -26.81 15.25 13.11
CA THR B 438 -25.59 15.40 13.91
C THR B 438 -25.46 16.78 14.52
N ARG B 439 -26.17 17.77 13.99
CA ARG B 439 -26.25 19.06 14.67
C ARG B 439 -27.02 18.96 15.99
N ALA B 440 -27.80 17.91 16.18
CA ALA B 440 -28.57 17.70 17.39
C ALA B 440 -28.02 16.60 18.30
N THR B 441 -27.39 15.56 17.73
CA THR B 441 -27.01 14.36 18.46
C THR B 441 -25.57 14.01 18.14
N THR B 442 -24.92 13.32 19.09
CA THR B 442 -23.58 12.77 18.89
C THR B 442 -23.63 11.34 18.39
N CYS B 443 -24.38 11.13 17.30
CA CYS B 443 -24.59 9.81 16.73
C CYS B 443 -23.98 9.76 15.34
N THR B 444 -23.23 8.69 15.07
CA THR B 444 -22.71 8.37 13.74
C THR B 444 -23.50 7.16 13.25
N PRO B 445 -24.67 7.35 12.62
CA PRO B 445 -25.59 6.22 12.43
C PRO B 445 -25.08 5.12 11.49
N SER B 446 -24.64 5.49 10.30
CA SER B 446 -24.39 4.48 9.29
C SER B 446 -22.98 3.88 9.46
N PRO B 447 -22.80 2.58 9.18
CA PRO B 447 -21.44 2.05 9.15
C PRO B 447 -20.57 2.65 8.05
N THR B 448 -21.18 3.03 6.92
CA THR B 448 -20.40 3.68 5.86
C THR B 448 -19.92 5.05 6.33
N GLN B 449 -20.77 5.77 7.06
CA GLN B 449 -20.34 7.02 7.66
C GLN B 449 -19.26 6.80 8.70
N MET B 450 -19.33 5.70 9.44
CA MET B 450 -18.27 5.37 10.39
C MET B 450 -16.94 5.18 9.67
N ARG B 451 -16.95 4.43 8.57
CA ARG B 451 -15.74 4.24 7.77
C ARG B 451 -15.22 5.57 7.24
N LEU B 452 -16.12 6.39 6.69
CA LEU B 452 -15.71 7.67 6.11
C LEU B 452 -15.14 8.60 7.16
N MET B 453 -15.71 8.59 8.37
CA MET B 453 -15.24 9.48 9.42
C MET B 453 -13.90 9.01 9.97
N LEU B 454 -13.71 7.70 10.10
CA LEU B 454 -12.41 7.20 10.52
C LEU B 454 -11.34 7.48 9.47
N GLN B 455 -11.73 7.46 8.18
CA GLN B 455 -10.77 7.72 7.12
C GLN B 455 -10.44 9.20 6.99
N SER B 456 -11.42 10.08 7.20
CA SER B 456 -11.20 11.51 7.02
C SER B 456 -10.36 12.08 8.15
N THR B 457 -10.55 11.60 9.37
CA THR B 457 -9.78 12.05 10.53
C THR B 457 -8.49 11.26 10.72
N ASP B 458 -8.07 10.50 9.71
CA ASP B 458 -6.92 9.61 9.88
C ASP B 458 -5.61 10.39 10.01
N ASP B 459 -5.48 11.53 9.34
CA ASP B 459 -4.26 12.30 9.35
C ASP B 459 -4.23 13.39 10.42
N LEU B 460 -5.33 13.61 11.14
CA LEU B 460 -5.34 14.66 12.15
C LEU B 460 -4.58 14.20 13.39
N PRO B 461 -3.80 15.09 14.07
CA PRO B 461 -3.02 14.66 15.23
C PRO B 461 -3.81 14.75 16.54
N LEU B 462 -4.96 14.09 16.56
CA LEU B 462 -5.78 13.96 17.75
C LEU B 462 -6.22 12.52 17.90
N ASN B 463 -6.55 12.14 19.13
CA ASN B 463 -7.22 10.87 19.37
C ASN B 463 -8.71 11.05 19.14
N PHE B 464 -9.32 10.06 18.49
CA PHE B 464 -10.71 10.14 18.07
C PHE B 464 -11.47 8.91 18.53
N GLY B 465 -12.70 9.15 19.00
CA GLY B 465 -13.64 8.09 19.29
C GLY B 465 -15.01 8.45 18.78
N PHE B 466 -15.63 7.55 18.03
CA PHE B 466 -16.93 7.79 17.40
C PHE B 466 -17.99 6.90 18.02
N THR B 467 -19.17 7.47 18.25
CA THR B 467 -20.30 6.75 18.83
C THR B 467 -21.43 6.64 17.82
N GLY B 468 -22.21 5.57 17.95
CA GLY B 468 -23.34 5.31 17.07
C GLY B 468 -24.67 5.68 17.71
N LYS B 469 -25.73 5.45 16.95
CA LYS B 469 -27.09 5.74 17.40
C LYS B 469 -27.65 4.53 18.12
N GLY B 470 -27.75 4.62 19.44
CA GLY B 470 -28.28 3.56 20.26
C GLY B 470 -29.77 3.62 20.50
N SER B 471 -30.47 4.55 19.87
CA SER B 471 -31.90 4.75 20.14
C SER B 471 -32.73 3.80 19.27
N SER B 472 -32.73 2.53 19.69
CA SER B 472 -33.51 1.50 19.02
C SER B 472 -33.97 0.50 20.06
N SER B 473 -35.19 -0.02 19.87
CA SER B 473 -35.76 -1.02 20.76
C SER B 473 -35.35 -2.44 20.41
N LYS B 474 -34.79 -2.68 19.21
CA LYS B 474 -34.25 -3.96 18.80
C LYS B 474 -32.73 -3.85 18.63
N PRO B 475 -31.97 -4.93 18.82
CA PRO B 475 -30.51 -4.80 18.92
C PRO B 475 -29.75 -4.93 17.61
N ASP B 476 -30.41 -5.00 16.46
CA ASP B 476 -29.75 -5.42 15.23
C ASP B 476 -28.78 -4.34 14.73
N GLU B 477 -29.33 -3.17 14.42
CA GLU B 477 -28.52 -2.10 13.87
C GLU B 477 -27.49 -1.59 14.87
N LEU B 478 -27.78 -1.71 16.17
CA LEU B 478 -26.80 -1.34 17.18
C LEU B 478 -25.60 -2.27 17.13
N HIS B 479 -25.84 -3.57 16.95
CA HIS B 479 -24.74 -4.50 16.76
C HIS B 479 -23.94 -4.14 15.51
N GLU B 480 -24.65 -3.80 14.42
CA GLU B 480 -23.97 -3.47 13.18
C GLU B 480 -23.06 -2.25 13.34
N ILE B 481 -23.54 -1.21 14.01
CA ILE B 481 -22.73 0.01 14.12
C ILE B 481 -21.62 -0.17 15.15
N ILE B 482 -21.80 -1.01 16.17
CA ILE B 482 -20.71 -1.29 17.09
C ILE B 482 -19.61 -2.08 16.39
N LYS B 483 -20.01 -3.03 15.54
CA LYS B 483 -19.05 -3.84 14.81
C LYS B 483 -18.21 -3.00 13.84
N ALA B 484 -18.74 -1.87 13.38
CA ALA B 484 -18.08 -1.07 12.34
C ALA B 484 -17.04 -0.11 12.88
N GLY B 485 -16.97 0.11 14.20
CA GLY B 485 -16.00 1.01 14.77
C GLY B 485 -16.48 1.83 15.94
N ALA B 486 -17.79 1.85 16.18
CA ALA B 486 -18.34 2.71 17.22
C ALA B 486 -17.88 2.24 18.60
N MET B 487 -17.25 3.14 19.35
CA MET B 487 -16.77 2.86 20.70
C MET B 487 -17.81 3.19 21.77
N GLY B 488 -19.00 3.62 21.37
CA GLY B 488 -20.08 3.87 22.32
C GLY B 488 -21.36 4.10 21.57
N LEU B 489 -22.45 4.14 22.32
CA LEU B 489 -23.76 4.45 21.76
C LEU B 489 -24.38 5.63 22.49
N KCX B 490 -25.20 6.38 21.77
CA KCX B 490 -25.85 7.57 22.29
CB KCX B 490 -25.39 8.79 21.50
CG KCX B 490 -26.05 10.12 21.87
CD KCX B 490 -25.73 10.53 23.31
CE KCX B 490 -26.38 11.85 23.65
NZ KCX B 490 -25.90 12.96 22.79
C KCX B 490 -27.36 7.41 22.24
O KCX B 490 -27.93 7.24 21.16
CX KCX B 490 -26.06 14.22 23.15
OQ1 KCX B 490 -25.65 15.13 22.42
OQ2 KCX B 490 -26.59 14.51 24.23
N LEU B 491 -28.00 7.47 23.40
CA LEU B 491 -29.46 7.60 23.47
C LEU B 491 -29.82 9.07 23.52
N HIS B 492 -30.68 9.51 22.62
CA HIS B 492 -31.02 10.91 22.47
C HIS B 492 -32.53 11.07 22.38
N GLU B 493 -33.01 12.19 22.91
CA GLU B 493 -34.44 12.50 22.88
C GLU B 493 -34.97 12.59 21.46
N ASP B 494 -34.13 13.01 20.51
CA ASP B 494 -34.57 13.26 19.14
C ASP B 494 -34.71 11.98 18.33
N TRP B 495 -34.13 10.87 18.77
CA TRP B 495 -34.31 9.57 18.15
C TRP B 495 -35.21 8.65 18.95
N GLY B 496 -35.50 8.99 20.20
CA GLY B 496 -36.28 8.14 21.09
C GLY B 496 -35.44 7.62 22.24
N SER B 497 -35.59 8.24 23.40
CA SER B 497 -34.85 7.91 24.61
C SER B 497 -35.77 7.25 25.65
N THR B 498 -36.66 6.39 25.18
CA THR B 498 -37.67 5.77 26.02
C THR B 498 -37.05 4.64 26.85
N PRO B 499 -37.79 4.12 27.84
CA PRO B 499 -37.23 3.02 28.64
C PRO B 499 -36.88 1.78 27.85
N ALA B 500 -37.64 1.45 26.80
CA ALA B 500 -37.31 0.28 25.98
C ALA B 500 -35.96 0.45 25.30
N ALA B 501 -35.72 1.63 24.72
CA ALA B 501 -34.43 1.91 24.09
C ALA B 501 -33.30 1.88 25.11
N ILE B 502 -33.56 2.38 26.33
CA ILE B 502 -32.54 2.38 27.36
C ILE B 502 -32.16 0.95 27.73
N ASP B 503 -33.16 0.09 27.93
CA ASP B 503 -32.90 -1.29 28.28
C ASP B 503 -32.13 -2.00 27.17
N ASN B 504 -32.56 -1.81 25.92
CA ASN B 504 -31.90 -2.48 24.81
C ASN B 504 -30.44 -2.01 24.67
N CYS B 505 -30.23 -0.71 24.71
CA CYS B 505 -28.87 -0.17 24.58
C CYS B 505 -27.99 -0.63 25.72
N LEU B 506 -28.54 -0.74 26.93
CA LEU B 506 -27.70 -1.12 28.06
C LEU B 506 -27.35 -2.60 28.03
N THR B 507 -28.27 -3.46 27.60
CA THR B 507 -27.89 -4.88 27.48
C THR B 507 -26.87 -5.08 26.37
N ILE B 508 -26.99 -4.34 25.27
CA ILE B 508 -25.97 -4.42 24.23
C ILE B 508 -24.63 -3.88 24.74
N ALA B 509 -24.66 -2.85 25.58
CA ALA B 509 -23.44 -2.34 26.17
C ALA B 509 -22.77 -3.38 27.05
N GLU B 510 -23.56 -4.06 27.88
CA GLU B 510 -23.01 -5.13 28.71
C GLU B 510 -22.42 -6.24 27.85
N HIS B 511 -23.03 -6.52 26.70
CA HIS B 511 -22.44 -7.48 25.77
C HIS B 511 -21.09 -7.01 25.25
N HIS B 512 -21.03 -5.77 24.74
CA HIS B 512 -19.90 -5.31 23.95
C HIS B 512 -18.84 -4.55 24.74
N ASP B 513 -19.08 -4.25 26.02
CA ASP B 513 -18.11 -3.54 26.84
C ASP B 513 -17.80 -2.15 26.28
N ILE B 514 -18.85 -1.41 25.94
CA ILE B 514 -18.76 -0.03 25.52
C ILE B 514 -19.57 0.82 26.49
N GLN B 515 -19.36 2.12 26.43
CA GLN B 515 -20.08 3.05 27.28
C GLN B 515 -21.33 3.56 26.58
N ILE B 516 -22.36 3.84 27.37
CA ILE B 516 -23.63 4.38 26.89
C ILE B 516 -23.76 5.80 27.41
N ASN B 517 -23.85 6.75 26.50
CA ASN B 517 -24.17 8.13 26.82
C ASN B 517 -25.65 8.35 26.54
N ILE B 518 -26.33 9.05 27.44
CA ILE B 518 -27.78 9.22 27.36
C ILE B 518 -28.13 10.69 27.49
N HIS B 519 -29.02 11.13 26.60
CA HIS B 519 -29.74 12.40 26.72
C HIS B 519 -31.21 12.00 26.87
N THR B 520 -31.74 12.18 28.08
CA THR B 520 -33.01 11.59 28.46
C THR B 520 -34.18 12.40 27.91
N ASP B 521 -35.39 11.92 28.17
CA ASP B 521 -36.61 12.49 27.60
C ASP B 521 -37.00 13.74 28.38
N THR B 522 -36.84 14.90 27.75
CA THR B 522 -37.20 16.14 28.42
C THR B 522 -38.71 16.33 28.48
N LEU B 523 -39.44 15.80 27.49
CA LEU B 523 -40.89 15.93 27.46
C LEU B 523 -41.59 15.08 28.52
N ASN B 524 -40.87 14.17 29.20
CA ASN B 524 -41.48 13.22 30.13
C ASN B 524 -42.57 12.41 29.43
N GLU B 525 -42.27 11.99 28.21
CA GLU B 525 -43.28 11.40 27.33
C GLU B 525 -43.53 9.93 27.65
N ALA B 526 -42.48 9.14 27.79
CA ALA B 526 -42.62 7.75 28.18
C ALA B 526 -42.63 7.57 29.69
N GLY B 527 -41.98 8.47 30.41
CA GLY B 527 -41.95 8.41 31.86
C GLY B 527 -41.20 9.59 32.41
N PHE B 528 -41.21 9.67 33.73
CA PHE B 528 -40.40 10.63 34.48
C PHE B 528 -39.00 10.05 34.72
N VAL B 529 -38.17 10.81 35.43
CA VAL B 529 -36.76 10.43 35.58
C VAL B 529 -36.61 9.19 36.44
N GLU B 530 -37.53 8.96 37.39
CA GLU B 530 -37.49 7.73 38.17
C GLU B 530 -37.67 6.51 37.28
N HIS B 531 -38.47 6.65 36.21
CA HIS B 531 -38.67 5.54 35.28
C HIS B 531 -37.45 5.32 34.39
N SER B 532 -36.75 6.38 34.00
CA SER B 532 -35.47 6.20 33.31
C SER B 532 -34.46 5.50 34.22
N ILE B 533 -34.39 5.91 35.49
CA ILE B 533 -33.47 5.27 36.42
C ILE B 533 -33.85 3.82 36.64
N ALA B 534 -35.15 3.53 36.66
CA ALA B 534 -35.59 2.14 36.73
C ALA B 534 -35.15 1.37 35.49
N ALA B 535 -35.21 2.01 34.32
CA ALA B 535 -34.76 1.38 33.10
C ALA B 535 -33.26 1.13 33.11
N PHE B 536 -32.50 1.92 33.87
CA PHE B 536 -31.07 1.65 33.97
C PHE B 536 -30.82 0.30 34.62
N LYS B 537 -31.65 -0.07 35.61
CA LYS B 537 -31.53 -1.34 36.32
C LYS B 537 -30.14 -1.50 36.96
N GLY B 538 -29.63 -0.42 37.52
CA GLY B 538 -28.35 -0.47 38.20
C GLY B 538 -27.15 -0.66 37.31
N ARG B 539 -27.30 -0.54 35.99
CA ARG B 539 -26.21 -0.71 35.05
C ARG B 539 -25.50 0.61 34.82
N THR B 540 -24.21 0.53 34.53
CA THR B 540 -23.41 1.73 34.31
C THR B 540 -23.94 2.52 33.12
N ILE B 541 -23.96 3.84 33.26
CA ILE B 541 -24.38 4.72 32.18
C ILE B 541 -23.78 6.10 32.39
N HIS B 542 -23.22 6.66 31.32
CA HIS B 542 -22.76 8.04 31.31
C HIS B 542 -23.94 8.93 30.99
N THR B 543 -24.14 9.99 31.77
CA THR B 543 -25.22 10.95 31.56
C THR B 543 -24.61 12.27 31.11
N TYR B 544 -25.01 12.72 29.93
CA TYR B 544 -24.55 13.99 29.37
C TYR B 544 -25.44 15.11 29.90
N HIS B 545 -24.81 16.27 30.18
CA HIS B 545 -25.45 17.47 30.74
C HIS B 545 -26.50 17.12 31.79
N SER B 546 -26.03 16.55 32.91
CA SER B 546 -26.93 15.98 33.91
C SER B 546 -27.84 17.03 34.54
N GLU B 547 -27.42 18.29 34.57
CA GLU B 547 -28.31 19.35 35.04
C GLU B 547 -29.56 19.47 34.18
N GLY B 548 -29.41 19.39 32.86
CA GLY B 548 -30.53 19.42 31.96
C GLY B 548 -30.70 20.71 31.18
N ALA B 549 -29.78 21.66 31.30
CA ALA B 549 -29.79 22.80 30.38
C ALA B 549 -29.60 22.34 28.95
N GLY B 550 -28.64 21.44 28.73
CA GLY B 550 -28.52 20.79 27.44
C GLY B 550 -29.73 19.95 27.10
N GLY B 551 -30.33 19.33 28.11
CA GLY B 551 -31.57 18.60 27.97
C GLY B 551 -31.63 17.44 28.93
N GLY B 552 -32.83 16.93 29.12
CA GLY B 552 -33.07 15.86 30.07
C GLY B 552 -34.39 16.07 30.76
N HIS B 553 -34.83 15.10 31.57
CA HIS B 553 -36.13 15.15 32.23
C HIS B 553 -36.32 16.46 32.98
N ALA B 554 -37.29 17.24 32.55
CA ALA B 554 -37.53 18.55 33.15
C ALA B 554 -38.34 18.38 34.45
N PRO B 555 -37.85 18.88 35.61
CA PRO B 555 -36.59 19.50 36.00
C PRO B 555 -35.68 18.58 36.81
N ASP B 556 -36.06 17.30 36.91
CA ASP B 556 -35.52 16.40 37.91
C ASP B 556 -34.36 15.57 37.41
N ILE B 557 -33.81 15.87 36.23
CA ILE B 557 -32.73 15.05 35.69
C ILE B 557 -31.50 15.11 36.58
N ILE B 558 -31.28 16.24 37.27
CA ILE B 558 -30.11 16.41 38.13
C ILE B 558 -30.04 15.37 39.24
N LYS B 559 -31.17 14.71 39.55
CA LYS B 559 -31.16 13.64 40.53
C LYS B 559 -30.18 12.53 40.19
N VAL B 560 -29.87 12.36 38.91
CA VAL B 560 -28.91 11.33 38.50
C VAL B 560 -27.53 11.55 39.11
N CYS B 561 -27.22 12.76 39.60
CA CYS B 561 -25.97 12.97 40.28
C CYS B 561 -25.85 12.22 41.60
N GLY B 562 -26.96 11.70 42.14
CA GLY B 562 -26.93 10.94 43.37
C GLY B 562 -26.92 9.43 43.18
N ILE B 563 -27.11 8.97 41.95
CA ILE B 563 -27.17 7.54 41.66
C ILE B 563 -25.75 6.98 41.58
N LYS B 564 -25.55 5.79 42.14
CA LYS B 564 -24.21 5.22 42.23
C LYS B 564 -23.68 4.79 40.87
N ASN B 565 -24.53 4.15 40.07
CA ASN B 565 -24.07 3.59 38.79
C ASN B 565 -24.02 4.62 37.67
N VAL B 566 -24.55 5.82 37.87
CA VAL B 566 -24.54 6.85 36.84
C VAL B 566 -23.26 7.65 36.96
N LEU B 567 -22.55 7.80 35.83
CA LEU B 567 -21.41 8.70 35.74
C LEU B 567 -21.92 10.02 35.18
N PRO B 568 -22.05 11.09 35.95
CA PRO B 568 -22.65 12.31 35.43
C PRO B 568 -21.61 13.25 34.83
N SER B 569 -22.08 14.12 33.95
CA SER B 569 -21.24 15.14 33.34
C SER B 569 -22.07 16.38 33.09
N SER B 570 -21.37 17.50 33.00
CA SER B 570 -21.97 18.79 32.68
C SER B 570 -21.27 19.35 31.46
N THR B 571 -21.97 20.21 30.73
CA THR B 571 -21.42 20.88 29.56
C THR B 571 -20.95 22.27 29.93
N ASN B 572 -20.07 22.83 29.11
CA ASN B 572 -19.42 24.08 29.49
C ASN B 572 -20.26 25.35 29.42
N PRO B 573 -21.28 25.52 28.55
CA PRO B 573 -21.87 26.86 28.42
C PRO B 573 -22.58 27.34 29.68
N THR B 574 -22.89 26.45 30.61
CA THR B 574 -23.41 26.82 31.92
C THR B 574 -22.33 26.95 32.98
N ARG B 575 -21.05 26.75 32.63
CA ARG B 575 -19.98 26.71 33.61
C ARG B 575 -19.24 28.04 33.59
N PRO B 576 -19.36 28.91 34.61
CA PRO B 576 -20.22 28.96 35.78
C PRO B 576 -21.51 29.74 35.52
N LEU B 577 -22.43 29.73 36.47
CA LEU B 577 -23.60 30.59 36.37
C LEU B 577 -23.16 32.04 36.47
N THR B 578 -23.61 32.87 35.53
CA THR B 578 -23.29 34.28 35.48
C THR B 578 -24.57 35.05 35.18
N SER B 579 -24.46 36.38 35.15
CA SER B 579 -25.65 37.22 34.98
C SER B 579 -26.28 37.02 33.62
N ASN B 580 -25.50 36.73 32.59
CA ASN B 580 -25.99 36.62 31.22
C ASN B 580 -26.36 35.19 30.82
N THR B 581 -26.27 34.23 31.75
CA THR B 581 -26.45 32.83 31.38
C THR B 581 -27.90 32.52 30.99
N ILE B 582 -28.86 32.98 31.79
CA ILE B 582 -30.23 32.54 31.59
C ILE B 582 -30.82 33.12 30.30
N ASP B 583 -30.62 34.40 30.04
CA ASP B 583 -31.13 34.99 28.80
C ASP B 583 -30.49 34.33 27.59
N GLU B 584 -29.16 34.16 27.64
CA GLU B 584 -28.42 33.49 26.58
C GLU B 584 -29.02 32.13 26.28
N HIS B 585 -29.08 31.25 27.29
CA HIS B 585 -29.53 29.88 27.05
C HIS B 585 -31.01 29.82 26.71
N LEU B 586 -31.83 30.69 27.29
CA LEU B 586 -33.26 30.67 26.97
C LEU B 586 -33.49 30.97 25.50
N ASP B 587 -32.90 32.05 24.99
CA ASP B 587 -33.14 32.37 23.60
C ASP B 587 -32.34 31.49 22.66
N MET B 588 -31.22 30.92 23.14
CA MET B 588 -30.50 29.89 22.40
C MET B 588 -31.40 28.68 22.17
N LEU B 589 -32.08 28.23 23.23
CA LEU B 589 -33.00 27.11 23.11
C LEU B 589 -34.15 27.45 22.18
N MET B 590 -34.65 28.69 22.26
CA MET B 590 -35.71 29.12 21.35
C MET B 590 -35.25 29.03 19.90
N VAL B 591 -34.01 29.43 19.62
CA VAL B 591 -33.48 29.34 18.26
C VAL B 591 -33.32 27.88 17.85
N CYS B 592 -32.73 27.07 18.72
CA CYS B 592 -32.42 25.68 18.38
C CYS B 592 -33.69 24.89 18.08
N HIS B 593 -34.70 25.02 18.93
CA HIS B 593 -35.93 24.26 18.78
C HIS B 593 -36.98 24.96 17.92
N HIS B 594 -36.64 26.11 17.32
CA HIS B 594 -37.56 26.83 16.44
C HIS B 594 -38.85 27.20 17.17
N LEU B 595 -38.71 27.63 18.41
CA LEU B 595 -39.83 27.97 19.27
C LEU B 595 -40.17 29.45 19.13
N ASP B 596 -41.44 29.77 19.33
CA ASP B 596 -41.95 31.13 19.28
C ASP B 596 -42.25 31.60 20.69
N ARG B 597 -41.68 32.75 21.07
CA ARG B 597 -41.92 33.30 22.40
C ARG B 597 -43.37 33.66 22.63
N GLU B 598 -44.13 33.92 21.56
CA GLU B 598 -45.52 34.36 21.68
C GLU B 598 -46.50 33.21 21.85
N ILE B 599 -46.07 31.97 21.65
CA ILE B 599 -46.92 30.80 21.88
C ILE B 599 -46.74 30.37 23.33
N PRO B 600 -47.81 30.29 24.14
CA PRO B 600 -47.61 29.93 25.56
C PRO B 600 -46.96 28.57 25.77
N GLU B 601 -47.28 27.56 24.97
CA GLU B 601 -46.71 26.24 25.18
C GLU B 601 -45.21 26.24 24.91
N ASP B 602 -44.78 26.95 23.86
CA ASP B 602 -43.37 27.02 23.52
C ASP B 602 -42.56 27.67 24.64
N LEU B 603 -43.03 28.83 25.12
CA LEU B 603 -42.34 29.51 26.19
C LEU B 603 -42.38 28.70 27.48
N ALA B 604 -43.49 27.99 27.72
CA ALA B 604 -43.57 27.14 28.90
C ALA B 604 -42.54 26.03 28.86
N PHE B 605 -42.38 25.38 27.70
CA PHE B 605 -41.34 24.36 27.56
C PHE B 605 -39.96 24.95 27.77
N ALA B 606 -39.71 26.13 27.17
CA ALA B 606 -38.40 26.75 27.29
C ALA B 606 -38.06 27.08 28.74
N HIS B 607 -39.02 27.64 29.48
CA HIS B 607 -38.78 27.93 30.88
C HIS B 607 -38.70 26.66 31.72
N SER B 608 -39.36 25.59 31.29
CA SER B 608 -39.22 24.31 31.96
C SER B 608 -37.80 23.77 31.83
N ARG B 609 -37.15 23.99 30.69
CA ARG B 609 -35.79 23.47 30.53
C ARG B 609 -34.72 24.36 31.16
N ILE B 610 -34.77 25.67 30.92
CA ILE B 610 -33.72 26.57 31.36
C ILE B 610 -34.10 27.12 32.73
N ARG B 611 -33.42 26.64 33.77
CA ARG B 611 -33.78 26.91 35.15
C ARG B 611 -32.57 27.43 35.91
N LYS B 612 -32.75 28.55 36.60
CA LYS B 612 -31.67 29.13 37.39
C LYS B 612 -31.24 28.21 38.52
N LYS B 613 -32.21 27.59 39.21
CA LYS B 613 -31.90 26.88 40.45
C LYS B 613 -31.05 25.65 40.19
N THR B 614 -31.37 24.87 39.16
CA THR B 614 -30.58 23.68 38.88
C THR B 614 -29.22 24.04 38.29
N ILE B 615 -29.14 25.10 37.50
CA ILE B 615 -27.84 25.55 36.99
C ILE B 615 -26.94 25.99 38.13
N ALA B 616 -27.53 26.64 39.14
CA ALA B 616 -26.75 27.02 40.32
C ALA B 616 -26.41 25.80 41.17
N ALA B 617 -27.30 24.82 41.22
CA ALA B 617 -27.03 23.60 41.99
C ALA B 617 -25.85 22.85 41.40
N GLU B 618 -25.77 22.76 40.07
CA GLU B 618 -24.69 21.98 39.48
C GLU B 618 -23.32 22.62 39.70
N ASP B 619 -23.27 23.93 39.98
CA ASP B 619 -22.01 24.54 40.41
C ASP B 619 -21.51 23.92 41.72
N VAL B 620 -22.40 23.83 42.72
CA VAL B 620 -22.02 23.22 43.98
C VAL B 620 -21.70 21.75 43.78
N LEU B 621 -22.46 21.07 42.93
CA LEU B 621 -22.22 19.65 42.70
C LEU B 621 -20.88 19.42 42.01
N ASN B 622 -20.49 20.32 41.11
CA ASN B 622 -19.13 20.26 40.56
C ASN B 622 -18.09 20.48 41.65
N ASP B 623 -18.34 21.42 42.55
CA ASP B 623 -17.35 21.73 43.59
C ASP B 623 -17.15 20.55 44.53
N ILE B 624 -18.24 19.98 45.04
CA ILE B 624 -18.12 18.90 46.02
C ILE B 624 -17.77 17.55 45.39
N GLY B 625 -17.76 17.46 44.06
CA GLY B 625 -17.42 16.24 43.37
C GLY B 625 -18.57 15.38 42.94
N ALA B 626 -19.81 15.88 43.05
CA ALA B 626 -20.95 15.07 42.63
C ALA B 626 -21.04 14.97 41.10
N ILE B 627 -20.55 15.98 40.39
CA ILE B 627 -20.43 15.95 38.94
C ILE B 627 -18.96 15.75 38.59
N SER B 628 -18.67 14.72 37.80
CA SER B 628 -17.30 14.23 37.65
C SER B 628 -16.63 14.65 36.35
N ILE B 629 -17.37 15.04 35.32
CA ILE B 629 -16.82 15.32 34.00
C ILE B 629 -17.39 16.65 33.52
N ILE B 630 -16.56 17.42 32.82
CA ILE B 630 -16.99 18.65 32.14
C ILE B 630 -16.64 18.50 30.66
N SER B 631 -17.67 18.48 29.82
CA SER B 631 -17.55 18.24 28.39
C SER B 631 -17.92 19.51 27.62
N SER B 632 -17.97 19.40 26.29
CA SER B 632 -18.22 20.54 25.41
C SER B 632 -19.67 20.64 24.94
N ASP B 633 -20.16 19.60 24.25
CA ASP B 633 -21.41 19.67 23.48
C ASP B 633 -21.25 20.62 22.30
N SER B 634 -20.11 20.49 21.61
CA SER B 634 -19.62 21.53 20.71
C SER B 634 -20.59 21.81 19.57
N GLN B 635 -20.91 23.09 19.37
CA GLN B 635 -21.81 23.57 18.32
C GLN B 635 -23.21 22.96 18.44
N ALA B 636 -23.55 22.42 19.60
CA ALA B 636 -24.88 21.88 19.90
C ALA B 636 -25.26 22.34 21.30
N MET B 637 -25.19 23.66 21.53
CA MET B 637 -25.15 24.30 22.84
C MET B 637 -23.85 23.95 23.55
N GLY B 638 -22.71 24.28 22.93
CA GLY B 638 -21.43 24.04 23.53
C GLY B 638 -20.26 24.59 22.75
N ARG B 639 -19.16 24.90 23.42
CA ARG B 639 -17.99 25.53 22.82
C ARG B 639 -16.78 24.63 23.04
N VAL B 640 -16.21 24.12 21.95
CA VAL B 640 -15.15 23.12 22.07
C VAL B 640 -13.88 23.71 22.65
N GLY B 641 -13.62 24.99 22.39
CA GLY B 641 -12.40 25.64 22.83
C GLY B 641 -12.45 26.23 24.21
N GLU B 642 -13.45 25.89 25.02
CA GLU B 642 -13.60 26.44 26.37
C GLU B 642 -13.89 25.36 27.40
N VAL B 643 -13.59 24.09 27.09
CA VAL B 643 -13.74 23.04 28.09
C VAL B 643 -12.79 23.29 29.25
N ILE B 644 -11.56 23.69 28.95
CA ILE B 644 -10.56 23.92 29.98
C ILE B 644 -10.87 25.21 30.74
N SER B 645 -10.94 26.32 30.00
CA SER B 645 -11.10 27.64 30.62
C SER B 645 -12.32 27.68 31.53
N ARG B 646 -13.48 27.28 31.00
CA ARG B 646 -14.71 27.30 31.78
C ARG B 646 -14.55 26.48 33.05
N THR B 647 -13.89 25.31 32.96
CA THR B 647 -13.66 24.50 34.15
C THR B 647 -12.95 25.30 35.21
N TRP B 648 -11.83 25.94 34.86
CA TRP B 648 -11.09 26.69 35.85
C TRP B 648 -11.88 27.89 36.31
N GLN B 649 -12.69 28.48 35.44
CA GLN B 649 -13.54 29.57 35.86
C GLN B 649 -14.46 29.12 36.99
N THR B 650 -15.07 27.93 36.82
CA THR B 650 -15.90 27.37 37.88
C THR B 650 -15.12 27.27 39.18
N ALA B 651 -13.90 26.73 39.10
CA ALA B 651 -13.10 26.58 40.31
C ALA B 651 -12.85 27.93 40.96
N ASP B 652 -12.53 28.94 40.15
CA ASP B 652 -12.30 30.27 40.68
C ASP B 652 -13.54 30.76 41.42
N LYS B 653 -14.71 30.60 40.80
CA LYS B 653 -15.94 31.05 41.42
C LYS B 653 -16.17 30.34 42.74
N MET B 654 -15.86 29.05 42.78
CA MET B 654 -16.15 28.29 43.99
C MET B 654 -15.16 28.62 45.10
N LYS B 655 -13.98 29.14 44.76
CA LYS B 655 -13.12 29.64 45.81
C LYS B 655 -13.56 31.02 46.27
N ALA B 656 -14.24 31.77 45.40
CA ALA B 656 -14.66 33.11 45.77
C ALA B 656 -15.85 33.08 46.72
N GLN B 657 -16.81 32.20 46.47
CA GLN B 657 -18.08 32.20 47.17
C GLN B 657 -18.23 31.06 48.17
N THR B 658 -17.22 30.21 48.33
CA THR B 658 -17.25 29.15 49.36
C THR B 658 -15.94 29.02 50.13
N GLY B 659 -14.86 29.66 49.71
CA GLY B 659 -13.60 29.54 50.40
C GLY B 659 -12.90 28.24 50.06
N PRO B 660 -11.81 27.93 50.76
CA PRO B 660 -11.12 26.66 50.51
C PRO B 660 -11.99 25.47 50.88
N LEU B 661 -11.78 24.37 50.17
CA LEU B 661 -12.46 23.13 50.51
C LEU B 661 -11.99 22.63 51.87
N LYS B 662 -12.68 21.60 52.38
CA LYS B 662 -12.30 21.03 53.67
C LYS B 662 -10.89 20.48 53.63
N CYS B 663 -10.54 19.77 52.56
CA CYS B 663 -9.21 19.18 52.44
C CYS B 663 -8.14 20.23 52.15
N ASP B 664 -8.51 21.44 51.75
CA ASP B 664 -7.57 22.51 51.48
C ASP B 664 -7.31 23.33 52.75
N SER B 665 -6.34 24.23 52.66
CA SER B 665 -6.03 25.19 53.71
C SER B 665 -5.95 26.57 53.08
N SER B 666 -5.61 27.57 53.90
CA SER B 666 -5.41 28.92 53.40
C SER B 666 -4.07 29.08 52.66
N ASP B 667 -3.22 28.06 52.68
CA ASP B 667 -1.92 28.15 52.02
C ASP B 667 -2.03 27.93 50.53
N ASN B 668 -2.57 26.78 50.13
CA ASN B 668 -2.66 26.38 48.73
C ASN B 668 -4.07 25.88 48.42
N ASP B 669 -4.32 25.63 47.15
CA ASP B 669 -5.57 25.09 46.64
C ASP B 669 -5.33 23.81 45.87
N ASN B 670 -4.38 23.00 46.36
CA ASN B 670 -3.94 21.84 45.61
C ASN B 670 -5.06 20.82 45.42
N PHE B 671 -5.86 20.58 46.46
CA PHE B 671 -6.93 19.60 46.33
C PHE B 671 -7.99 20.05 45.35
N ARG B 672 -8.37 21.33 45.37
CA ARG B 672 -9.34 21.84 44.41
C ARG B 672 -8.78 21.78 42.99
N ILE B 673 -7.49 22.11 42.83
CA ILE B 673 -6.87 22.07 41.51
C ILE B 673 -6.87 20.64 40.97
N ARG B 674 -6.55 19.67 41.82
CA ARG B 674 -6.57 18.27 41.40
C ARG B 674 -7.98 17.83 41.05
N ARG B 675 -8.96 18.18 41.89
CA ARG B 675 -10.34 17.78 41.64
C ARG B 675 -10.84 18.33 40.31
N TYR B 676 -10.48 19.57 39.99
CA TYR B 676 -10.98 20.18 38.77
C TYR B 676 -10.20 19.76 37.53
N ILE B 677 -8.89 19.51 37.64
CA ILE B 677 -8.17 19.01 36.48
C ILE B 677 -8.51 17.57 36.21
N ALA B 678 -8.99 16.82 37.21
CA ALA B 678 -9.50 15.48 36.95
C ALA B 678 -10.76 15.49 36.09
N LYS B 679 -11.50 16.60 36.08
CA LYS B 679 -12.80 16.62 35.42
C LYS B 679 -12.70 16.58 33.90
N TYR B 680 -11.58 17.01 33.31
CA TYR B 680 -11.41 16.98 31.86
C TYR B 680 -10.19 16.20 31.41
N THR B 681 -9.37 15.68 32.32
CA THR B 681 -8.20 14.89 31.94
C THR B 681 -8.45 13.39 32.12
N ILE B 682 -8.73 12.94 33.34
CA ILE B 682 -8.71 11.52 33.67
C ILE B 682 -10.12 10.94 33.73
N ASN B 683 -11.08 11.69 34.24
CA ASN B 683 -12.43 11.17 34.42
C ASN B 683 -13.09 10.83 33.09
N PRO B 684 -13.00 11.69 32.05
CA PRO B 684 -13.48 11.25 30.73
C PRO B 684 -12.80 9.99 30.23
N ALA B 685 -11.49 9.85 30.48
CA ALA B 685 -10.77 8.67 30.04
C ALA B 685 -11.27 7.41 30.73
N ILE B 686 -11.50 7.49 32.05
CA ILE B 686 -12.02 6.33 32.77
C ILE B 686 -13.44 6.02 32.31
N ALA B 687 -14.27 7.06 32.13
CA ALA B 687 -15.66 6.85 31.77
C ALA B 687 -15.80 6.21 30.40
N ASN B 688 -14.98 6.64 29.44
CA ASN B 688 -15.11 6.13 28.09
C ASN B 688 -14.29 4.86 27.83
N GLY B 689 -13.28 4.59 28.65
CA GLY B 689 -12.61 3.30 28.65
C GLY B 689 -11.25 3.25 28.00
N PHE B 690 -10.51 4.36 28.04
CA PHE B 690 -9.15 4.41 27.51
C PHE B 690 -8.24 5.18 28.47
N SER B 691 -8.42 4.98 29.77
CA SER B 691 -7.60 5.66 30.76
C SER B 691 -6.19 5.09 30.85
N GLN B 692 -5.94 3.91 30.28
CA GLN B 692 -4.60 3.35 30.31
C GLN B 692 -3.67 4.00 29.29
N TYR B 693 -4.22 4.69 28.29
CA TYR B 693 -3.44 5.34 27.25
C TYR B 693 -3.27 6.83 27.48
N VAL B 694 -4.34 7.54 27.85
CA VAL B 694 -4.35 8.99 27.96
C VAL B 694 -5.01 9.38 29.27
N GLY B 695 -4.92 10.66 29.60
CA GLY B 695 -5.67 11.25 30.69
C GLY B 695 -4.85 11.70 31.88
N SER B 696 -3.54 11.49 31.88
CA SER B 696 -2.72 11.94 32.99
C SER B 696 -1.26 11.96 32.55
N VAL B 697 -0.46 12.70 33.31
CA VAL B 697 1.00 12.71 33.10
C VAL B 697 1.54 11.59 33.96
N GLU B 698 1.50 10.37 33.41
CA GLU B 698 1.92 9.16 34.09
C GLU B 698 2.82 8.36 33.17
N VAL B 699 3.78 7.65 33.77
CA VAL B 699 4.72 6.86 33.00
C VAL B 699 3.97 5.74 32.28
N GLY B 700 4.33 5.54 31.01
CA GLY B 700 3.71 4.52 30.19
C GLY B 700 2.53 4.99 29.36
N LYS B 701 2.02 6.19 29.61
CA LYS B 701 0.90 6.72 28.85
C LYS B 701 1.39 7.51 27.65
N LEU B 702 0.48 7.76 26.72
CA LEU B 702 0.82 8.53 25.54
C LEU B 702 1.19 9.95 25.93
N ALA B 703 2.20 10.50 25.24
CA ALA B 703 2.75 11.80 25.61
C ALA B 703 1.95 12.94 24.96
N ASP B 704 0.67 12.98 25.30
CA ASP B 704 -0.22 14.07 24.88
C ASP B 704 -0.14 15.17 25.93
N LEU B 705 0.85 16.04 25.79
CA LEU B 705 1.17 17.06 26.78
C LEU B 705 0.81 18.44 26.26
N VAL B 706 0.57 19.35 27.19
CA VAL B 706 0.30 20.74 26.89
C VAL B 706 1.17 21.59 27.79
N MET B 707 1.89 22.53 27.20
CA MET B 707 2.80 23.41 27.92
C MET B 707 2.23 24.81 27.91
N TRP B 708 2.04 25.38 29.11
CA TRP B 708 1.47 26.69 29.33
C TRP B 708 2.48 27.58 30.05
N LYS B 709 2.40 28.88 29.79
CA LYS B 709 2.93 29.82 30.76
C LYS B 709 1.95 29.91 31.93
N PRO B 710 2.44 30.02 33.19
CA PRO B 710 1.49 30.25 34.29
C PRO B 710 0.69 31.52 34.13
N SER B 711 1.24 32.52 33.42
CA SER B 711 0.48 33.72 33.12
C SER B 711 -0.75 33.41 32.29
N PHE B 712 -0.64 32.46 31.36
CA PHE B 712 -1.67 32.14 30.39
C PHE B 712 -2.33 30.79 30.63
N PHE B 713 -2.15 30.21 31.82
CA PHE B 713 -2.72 28.90 32.11
C PHE B 713 -4.24 28.95 32.01
N GLY B 714 -4.80 27.99 31.29
CA GLY B 714 -6.23 27.86 31.16
C GLY B 714 -6.84 28.52 29.94
N THR B 715 -6.09 29.38 29.24
CA THR B 715 -6.60 30.09 28.06
C THR B 715 -5.88 29.69 26.78
N LYS B 716 -4.56 29.85 26.73
CA LYS B 716 -3.79 29.75 25.49
C LYS B 716 -2.48 29.03 25.77
N PRO B 717 -2.32 27.76 25.40
CA PRO B 717 -1.07 27.06 25.72
C PRO B 717 0.08 27.53 24.84
N GLU B 718 1.30 27.32 25.35
CA GLU B 718 2.47 27.62 24.55
C GLU B 718 2.68 26.56 23.48
N MET B 719 2.45 25.29 23.81
CA MET B 719 2.50 24.28 22.75
C MET B 719 1.72 23.05 23.17
N VAL B 720 1.26 22.32 22.16
CA VAL B 720 0.54 21.06 22.33
C VAL B 720 1.39 19.99 21.66
N ILE B 721 1.92 19.07 22.48
CA ILE B 721 2.73 17.95 22.05
C ILE B 721 1.81 16.73 21.95
N LYS B 722 1.88 16.03 20.81
CA LYS B 722 1.09 14.84 20.56
C LYS B 722 2.04 13.69 20.25
N GLY B 723 2.04 12.69 21.12
CA GLY B 723 2.88 11.52 20.90
C GLY B 723 4.36 11.82 20.86
N GLY B 724 4.81 12.75 21.71
CA GLY B 724 6.21 13.09 21.76
C GLY B 724 6.70 14.04 20.69
N MET B 725 5.79 14.61 19.90
CA MET B 725 6.13 15.54 18.83
C MET B 725 5.22 16.76 18.94
N VAL B 726 5.77 17.94 18.70
CA VAL B 726 5.00 19.17 18.84
C VAL B 726 3.95 19.20 17.75
N ALA B 727 2.69 19.05 18.12
CA ALA B 727 1.60 19.07 17.15
C ALA B 727 1.23 20.49 16.78
N TRP B 728 1.04 21.36 17.77
CA TRP B 728 0.68 22.76 17.52
C TRP B 728 1.52 23.65 18.43
N ALA B 729 1.80 24.87 17.98
CA ALA B 729 2.65 25.74 18.78
C ALA B 729 2.42 27.20 18.41
N ASP B 730 2.71 28.07 19.36
CA ASP B 730 2.63 29.52 19.15
C ASP B 730 3.90 29.99 18.47
N ILE B 731 3.79 30.40 17.20
CA ILE B 731 4.94 30.76 16.40
C ILE B 731 4.65 32.06 15.66
N GLY B 732 5.71 32.81 15.39
CA GLY B 732 5.63 34.12 14.76
C GLY B 732 5.80 34.08 13.27
N ASP B 733 6.39 35.15 12.74
CA ASP B 733 6.52 35.32 11.30
C ASP B 733 7.45 34.25 10.74
N PRO B 734 7.06 33.50 9.69
CA PRO B 734 7.98 32.49 9.13
C PRO B 734 9.24 33.08 8.53
N ASN B 735 9.24 34.35 8.14
CA ASN B 735 10.41 35.02 7.59
C ASN B 735 11.15 35.87 8.63
N ALA B 736 10.95 35.57 9.91
CA ALA B 736 11.62 36.31 10.96
C ALA B 736 13.01 35.72 11.22
N SER B 737 13.87 36.56 11.79
CA SER B 737 15.18 36.09 12.21
C SER B 737 15.10 35.13 13.39
N ILE B 738 14.02 35.21 14.17
CA ILE B 738 13.81 34.36 15.33
C ILE B 738 12.32 34.02 15.38
N PRO B 739 11.86 33.04 16.17
CA PRO B 739 10.45 32.60 16.07
C PRO B 739 9.44 33.55 16.69
N THR B 740 9.84 34.37 17.64
CA THR B 740 8.96 35.22 18.44
C THR B 740 8.24 36.41 17.76
N PRO B 741 8.72 37.02 16.66
CA PRO B 741 8.10 38.27 16.20
C PRO B 741 6.65 38.13 15.77
N GLU B 742 5.91 39.22 15.91
CA GLU B 742 4.49 39.20 15.57
C GLU B 742 4.32 39.07 14.06
N PRO B 743 3.17 38.54 13.60
CA PRO B 743 2.02 38.01 14.35
C PRO B 743 2.27 36.62 14.91
N VAL B 744 2.27 36.50 16.24
CA VAL B 744 2.40 35.20 16.88
C VAL B 744 1.02 34.56 16.91
N LYS B 745 0.90 33.42 16.24
CA LYS B 745 -0.35 32.68 16.17
C LYS B 745 -0.10 31.24 16.57
N MET B 746 -1.13 30.61 17.12
CA MET B 746 -1.10 29.19 17.41
C MET B 746 -1.28 28.46 16.09
N ARG B 747 -0.16 28.00 15.51
CA ARG B 747 -0.08 27.41 14.19
C ARG B 747 0.13 25.90 14.27
N PRO B 748 -0.23 25.16 13.21
CA PRO B 748 0.09 23.73 13.17
C PRO B 748 1.54 23.49 12.78
N MET B 749 2.15 22.54 13.47
CA MET B 749 3.56 22.20 13.29
C MET B 749 3.68 20.95 12.42
N TYR B 750 4.88 20.38 12.35
CA TYR B 750 5.13 19.22 11.51
C TYR B 750 4.37 17.97 11.95
N GLY B 751 3.79 17.97 13.15
CA GLY B 751 2.92 16.89 13.55
C GLY B 751 1.58 16.84 12.83
N THR B 752 1.30 17.82 11.97
CA THR B 752 0.03 17.89 11.24
C THR B 752 0.16 17.58 9.76
N LEU B 753 1.38 17.37 9.25
CA LEU B 753 1.62 17.24 7.83
C LEU B 753 1.92 15.79 7.45
N GLY B 754 1.59 15.45 6.21
CA GLY B 754 1.88 14.14 5.66
C GLY B 754 1.19 13.04 6.45
N LYS B 755 1.88 11.90 6.53
CA LYS B 755 1.42 10.76 7.31
C LYS B 755 2.04 10.74 8.70
N ALA B 756 2.38 11.91 9.24
CA ALA B 756 2.97 12.02 10.57
C ALA B 756 1.91 12.21 11.64
N GLY B 757 0.84 12.96 11.34
CA GLY B 757 -0.19 13.19 12.33
C GLY B 757 -0.90 11.92 12.76
N GLY B 758 -0.99 10.94 11.86
CA GLY B 758 -1.53 9.65 12.24
C GLY B 758 -0.59 8.77 13.00
N ALA B 759 0.72 8.99 12.86
CA ALA B 759 1.71 8.21 13.59
C ALA B 759 1.75 8.56 15.08
N LEU B 760 1.11 9.65 15.50
CA LEU B 760 1.21 10.17 16.86
C LEU B 760 -0.08 10.00 17.66
N SER B 761 -1.08 9.31 17.10
CA SER B 761 -2.44 9.35 17.62
C SER B 761 -3.00 7.94 17.72
N ILE B 762 -4.15 7.84 18.40
CA ILE B 762 -4.86 6.58 18.58
C ILE B 762 -6.31 6.80 18.17
N ALA B 763 -6.85 5.87 17.39
CA ALA B 763 -8.27 5.84 17.06
C ALA B 763 -8.94 4.81 17.96
N PHE B 764 -9.76 5.27 18.89
CA PHE B 764 -10.40 4.39 19.86
C PHE B 764 -11.66 3.80 19.25
N VAL B 765 -11.73 2.48 19.20
CA VAL B 765 -12.85 1.73 18.65
C VAL B 765 -13.30 0.70 19.68
N SER B 766 -14.31 -0.08 19.31
CA SER B 766 -14.78 -1.15 20.16
C SER B 766 -13.89 -2.38 20.03
N LYS B 767 -14.11 -3.35 20.92
CA LYS B 767 -13.39 -4.61 20.81
C LYS B 767 -13.83 -5.38 19.57
N ALA B 768 -15.12 -5.32 19.24
CA ALA B 768 -15.62 -6.02 18.06
C ALA B 768 -14.97 -5.49 16.80
N ALA B 769 -14.80 -4.17 16.70
CA ALA B 769 -14.19 -3.58 15.52
C ALA B 769 -12.72 -3.94 15.41
N LEU B 770 -12.01 -3.96 16.54
CA LEU B 770 -10.59 -4.31 16.52
C LEU B 770 -10.39 -5.78 16.20
N ASP B 771 -11.30 -6.65 16.64
CA ASP B 771 -11.23 -8.05 16.26
C ASP B 771 -11.45 -8.21 14.76
N GLN B 772 -12.31 -7.40 14.17
CA GLN B 772 -12.51 -7.38 12.73
C GLN B 772 -11.35 -6.70 11.99
N ARG B 773 -10.47 -6.01 12.70
CA ARG B 773 -9.34 -5.29 12.12
C ARG B 773 -9.82 -4.23 11.14
N VAL B 774 -10.62 -3.30 11.67
CA VAL B 774 -11.10 -2.18 10.87
C VAL B 774 -9.98 -1.23 10.49
N ASN B 775 -8.86 -1.26 11.21
CA ASN B 775 -7.72 -0.43 10.83
C ASN B 775 -7.10 -0.93 9.53
N VAL B 776 -7.24 -2.22 9.22
CA VAL B 776 -6.78 -2.76 7.95
C VAL B 776 -7.83 -2.62 6.87
N LEU B 777 -9.11 -2.83 7.23
CA LEU B 777 -10.19 -2.72 6.25
C LEU B 777 -10.29 -1.31 5.69
N TYR B 778 -10.24 -0.31 6.56
CA TYR B 778 -10.39 1.08 6.16
C TYR B 778 -9.08 1.71 5.73
N GLY B 779 -7.96 1.00 5.85
CA GLY B 779 -6.68 1.57 5.49
C GLY B 779 -6.26 2.73 6.37
N LEU B 780 -6.45 2.60 7.68
CA LEU B 780 -6.09 3.66 8.60
C LEU B 780 -4.62 3.61 8.93
N ASN B 781 -3.94 4.74 8.78
CA ASN B 781 -2.55 4.86 9.21
C ASN B 781 -2.43 5.04 10.72
N LYS B 782 -3.51 5.42 11.39
CA LYS B 782 -3.47 5.66 12.82
C LYS B 782 -3.41 4.37 13.62
N ARG B 783 -2.83 4.47 14.80
CA ARG B 783 -2.93 3.41 15.79
C ARG B 783 -4.38 3.26 16.21
N VAL B 784 -4.81 2.03 16.46
CA VAL B 784 -6.18 1.71 16.84
C VAL B 784 -6.14 0.84 18.08
N GLU B 785 -6.92 1.21 19.09
CA GLU B 785 -6.99 0.50 20.35
C GLU B 785 -8.45 0.32 20.73
N ALA B 786 -8.72 -0.73 21.50
CA ALA B 786 -10.06 -1.04 21.95
C ALA B 786 -10.32 -0.44 23.32
N VAL B 787 -11.51 0.12 23.50
CA VAL B 787 -11.93 0.62 24.80
C VAL B 787 -12.42 -0.54 25.65
N SER B 788 -12.26 -0.42 26.97
CA SER B 788 -12.55 -1.53 27.87
C SER B 788 -12.73 -0.98 29.27
N ASN B 789 -13.28 -1.85 30.14
CA ASN B 789 -13.48 -1.54 31.56
C ASN B 789 -14.38 -0.32 31.75
N VAL B 790 -15.62 -0.47 31.28
CA VAL B 790 -16.62 0.61 31.37
C VAL B 790 -17.97 0.14 31.90
N ARG B 791 -18.14 -1.19 32.06
CA ARG B 791 -19.42 -1.73 32.51
C ARG B 791 -19.49 -1.97 34.00
N LYS B 792 -18.36 -2.17 34.66
CA LYS B 792 -18.30 -2.33 36.11
C LYS B 792 -18.03 -1.02 36.83
N LEU B 793 -18.05 0.11 36.12
CA LEU B 793 -17.75 1.39 36.74
C LEU B 793 -18.94 1.91 37.53
N THR B 794 -18.65 2.50 38.68
CA THR B 794 -19.61 3.21 39.51
C THR B 794 -19.11 4.63 39.73
N LYS B 795 -19.87 5.41 40.50
CA LYS B 795 -19.46 6.77 40.80
C LYS B 795 -18.14 6.80 41.56
N LEU B 796 -17.85 5.75 42.33
CA LEU B 796 -16.64 5.72 43.14
C LEU B 796 -15.36 5.56 42.31
N ASP B 797 -15.47 5.25 41.02
CA ASP B 797 -14.30 5.10 40.16
C ASP B 797 -13.85 6.41 39.53
N MET B 798 -14.69 7.45 39.56
CA MET B 798 -14.26 8.78 39.12
C MET B 798 -13.29 9.35 40.14
N LYS B 799 -12.13 9.78 39.68
CA LYS B 799 -11.07 10.23 40.58
C LYS B 799 -11.42 11.60 41.16
N LEU B 800 -11.43 11.69 42.49
CA LEU B 800 -11.64 12.92 43.23
C LEU B 800 -13.03 13.52 43.04
N ASN B 801 -13.95 12.82 42.38
CA ASN B 801 -15.29 13.31 42.11
C ASN B 801 -16.30 12.19 42.35
N ASP B 802 -16.19 11.53 43.51
CA ASP B 802 -16.95 10.33 43.81
C ASP B 802 -18.09 10.57 44.81
N ALA B 803 -18.43 11.82 45.08
CA ALA B 803 -19.50 12.11 46.03
C ALA B 803 -20.85 11.65 45.48
N LEU B 804 -21.72 11.22 46.39
CA LEU B 804 -23.05 10.70 46.04
C LEU B 804 -24.10 11.35 46.95
N PRO B 805 -24.38 12.63 46.77
CA PRO B 805 -25.43 13.26 47.58
C PRO B 805 -26.80 12.74 47.21
N GLU B 806 -27.72 12.85 48.17
CA GLU B 806 -29.12 12.52 47.95
C GLU B 806 -29.81 13.79 47.45
N ILE B 807 -30.06 13.84 46.15
CA ILE B 807 -30.60 15.03 45.50
C ILE B 807 -32.11 14.97 45.52
N THR B 808 -32.74 16.14 45.74
CA THR B 808 -34.18 16.28 45.70
C THR B 808 -34.52 17.61 45.05
N VAL B 809 -35.37 17.56 44.02
CA VAL B 809 -35.80 18.75 43.28
C VAL B 809 -37.28 18.96 43.52
N ASP B 810 -37.66 20.18 43.84
CA ASP B 810 -39.08 20.49 44.03
C ASP B 810 -39.75 20.57 42.66
N PRO B 811 -40.87 19.85 42.44
CA PRO B 811 -41.49 19.91 41.10
C PRO B 811 -41.96 21.29 40.69
N GLU B 812 -42.30 22.16 41.65
CA GLU B 812 -42.91 23.45 41.36
C GLU B 812 -41.88 24.58 41.30
N SER B 813 -41.12 24.77 42.38
CA SER B 813 -40.16 25.86 42.46
C SER B 813 -38.78 25.50 41.92
N TYR B 814 -38.54 24.23 41.56
CA TYR B 814 -37.26 23.77 41.02
C TYR B 814 -36.12 23.94 42.03
N THR B 815 -36.44 23.91 43.32
CA THR B 815 -35.43 24.07 44.36
C THR B 815 -34.71 22.75 44.61
N VAL B 816 -33.38 22.79 44.67
CA VAL B 816 -32.53 21.60 44.74
C VAL B 816 -31.91 21.51 46.12
N LYS B 817 -32.03 20.34 46.74
CA LYS B 817 -31.44 20.04 48.03
C LYS B 817 -30.57 18.80 47.92
N ALA B 818 -29.42 18.82 48.57
CA ALA B 818 -28.50 17.68 48.63
C ALA B 818 -28.34 17.25 50.07
N ASP B 819 -28.74 16.00 50.36
CA ASP B 819 -28.77 15.48 51.72
C ASP B 819 -29.61 16.35 52.65
N GLY B 820 -30.68 16.93 52.10
CA GLY B 820 -31.55 17.80 52.88
C GLY B 820 -31.07 19.22 53.03
N LYS B 821 -29.89 19.56 52.50
CA LYS B 821 -29.33 20.90 52.63
C LYS B 821 -29.54 21.66 51.33
N LEU B 822 -30.10 22.87 51.46
CA LEU B 822 -30.39 23.70 50.30
C LEU B 822 -29.12 24.06 49.55
N LEU B 823 -29.14 23.89 48.23
CA LEU B 823 -28.02 24.26 47.36
C LEU B 823 -28.36 25.54 46.62
N CYS B 824 -27.48 26.53 46.72
CA CYS B 824 -27.72 27.82 46.11
C CYS B 824 -26.41 28.59 46.02
N VAL B 825 -26.18 29.21 44.86
CA VAL B 825 -25.01 30.07 44.65
C VAL B 825 -25.47 31.30 43.91
N SER B 826 -24.77 32.41 44.14
CA SER B 826 -25.08 33.65 43.46
C SER B 826 -24.48 33.66 42.05
N GLU B 827 -25.03 34.52 41.20
CA GLU B 827 -24.45 34.74 39.90
C GLU B 827 -23.09 35.41 40.04
N ALA B 828 -22.16 35.06 39.14
CA ALA B 828 -20.88 35.73 39.03
C ALA B 828 -20.96 36.76 37.91
N THR B 829 -20.76 38.03 38.26
CA THR B 829 -20.78 39.10 37.27
C THR B 829 -19.49 39.19 36.47
N THR B 830 -18.44 38.48 36.89
CA THR B 830 -17.16 38.48 36.19
C THR B 830 -16.56 37.10 36.30
N VAL B 831 -15.75 36.73 35.31
CA VAL B 831 -15.00 35.47 35.32
C VAL B 831 -13.57 35.79 34.92
N PRO B 832 -12.58 35.04 35.38
CA PRO B 832 -11.21 35.22 34.87
C PRO B 832 -11.04 34.46 33.56
N LEU B 833 -9.83 34.53 33.02
CA LEU B 833 -9.43 33.75 31.85
C LEU B 833 -10.23 34.10 30.60
N SER B 834 -10.92 35.25 30.59
CA SER B 834 -11.76 35.64 29.47
C SER B 834 -11.32 36.95 28.83
N ARG B 835 -11.21 38.03 29.61
CA ARG B 835 -11.10 39.37 29.06
C ARG B 835 -9.66 39.87 28.94
N ASN B 836 -8.75 39.38 29.78
CA ASN B 836 -7.36 39.80 29.67
C ASN B 836 -6.64 39.18 28.48
N TYR B 837 -7.25 38.24 27.78
CA TYR B 837 -6.55 37.33 26.89
C TYR B 837 -7.03 37.32 25.45
N PHE B 838 -8.31 37.57 25.20
CA PHE B 838 -8.90 37.32 23.89
C PHE B 838 -9.23 38.63 23.19
N LEU B 839 -8.88 38.70 21.91
CA LEU B 839 -9.10 39.91 21.11
C LEU B 839 -10.58 40.22 20.97
N PHE B 840 -11.40 39.19 20.73
CA PHE B 840 -12.83 39.35 20.50
C PHE B 840 -13.64 38.60 21.53
N MET C 1 -23.51 35.53 6.59
CA MET C 1 -22.81 36.16 5.45
C MET C 1 -22.76 35.22 4.25
N LYS C 2 -22.52 33.93 4.51
CA LYS C 2 -22.38 32.93 3.46
C LYS C 2 -21.27 33.32 2.48
N LEU C 3 -20.14 33.74 3.03
CA LEU C 3 -19.05 34.26 2.21
C LEU C 3 -18.42 33.14 1.39
N SER C 4 -18.42 33.31 0.06
CA SER C 4 -17.68 32.42 -0.82
C SER C 4 -16.20 32.76 -0.75
N PRO C 5 -15.33 31.85 -1.23
CA PRO C 5 -13.88 32.14 -1.15
C PRO C 5 -13.44 33.40 -1.87
N ARG C 6 -14.08 33.73 -2.99
CA ARG C 6 -13.65 34.92 -3.72
C ARG C 6 -13.99 36.18 -2.94
N GLU C 7 -15.09 36.18 -2.20
CA GLU C 7 -15.40 37.31 -1.33
C GLU C 7 -14.33 37.49 -0.26
N VAL C 8 -13.81 36.39 0.29
CA VAL C 8 -12.76 36.48 1.30
C VAL C 8 -11.49 37.06 0.70
N GLU C 9 -11.10 36.58 -0.49
CA GLU C 9 -9.88 37.11 -1.09
C GLU C 9 -10.04 38.56 -1.52
N LYS C 10 -11.22 38.94 -2.00
CA LYS C 10 -11.49 40.33 -2.35
C LYS C 10 -11.52 41.21 -1.11
N LEU C 11 -11.96 40.68 0.03
CA LEU C 11 -11.87 41.44 1.28
C LEU C 11 -10.42 41.66 1.68
N GLY C 12 -9.57 40.65 1.49
CA GLY C 12 -8.15 40.86 1.71
C GLY C 12 -7.57 41.92 0.80
N LEU C 13 -7.97 41.90 -0.47
CA LEU C 13 -7.54 42.94 -1.41
C LEU C 13 -7.99 44.32 -0.94
N HIS C 14 -9.23 44.41 -0.45
CA HIS C 14 -9.73 45.69 0.04
C HIS C 14 -8.96 46.17 1.26
N ASN C 15 -8.59 45.25 2.15
CA ASN C 15 -7.78 45.63 3.30
C ASN C 15 -6.42 46.17 2.87
N ALA C 16 -5.80 45.50 1.90
CA ALA C 16 -4.52 46.00 1.38
C ALA C 16 -4.68 47.36 0.74
N GLY C 17 -5.76 47.56 -0.01
CA GLY C 17 -6.01 48.86 -0.61
C GLY C 17 -6.26 49.94 0.41
N TYR C 18 -6.93 49.61 1.51
CA TYR C 18 -7.17 50.60 2.56
C TYR C 18 -5.88 50.95 3.30
N LEU C 19 -4.99 49.98 3.48
CA LEU C 19 -3.67 50.29 4.02
C LEU C 19 -2.93 51.24 3.09
N ALA C 20 -2.96 50.95 1.79
CA ALA C 20 -2.33 51.85 0.81
C ALA C 20 -2.97 53.23 0.86
N GLN C 21 -4.28 53.30 1.06
CA GLN C 21 -4.97 54.57 1.13
C GLN C 21 -4.54 55.38 2.35
N LYS C 22 -4.40 54.73 3.51
CA LYS C 22 -3.93 55.45 4.69
C LYS C 22 -2.51 55.96 4.47
N ARG C 23 -1.64 55.12 3.90
CA ARG C 23 -0.28 55.56 3.64
C ARG C 23 -0.25 56.73 2.67
N LEU C 24 -1.05 56.66 1.61
CA LEU C 24 -1.14 57.76 0.65
C LEU C 24 -1.68 59.02 1.32
N ALA C 25 -2.64 58.87 2.23
CA ALA C 25 -3.25 60.01 2.89
C ALA C 25 -2.27 60.72 3.82
N ARG C 26 -1.37 59.98 4.46
CA ARG C 26 -0.33 60.63 5.27
C ARG C 26 0.87 61.08 4.44
N GLY C 27 0.85 60.85 3.13
CA GLY C 27 1.79 61.51 2.24
C GLY C 27 3.08 60.79 1.95
N VAL C 28 3.09 59.46 1.91
CA VAL C 28 4.25 58.69 1.50
C VAL C 28 4.04 58.26 0.06
N ARG C 29 5.14 58.08 -0.66
CA ARG C 29 5.08 57.65 -2.05
C ARG C 29 4.94 56.14 -2.09
N LEU C 30 3.85 55.66 -2.69
CA LEU C 30 3.55 54.24 -2.68
C LEU C 30 4.50 53.46 -3.58
N ASN C 31 4.67 52.18 -3.27
CA ASN C 31 5.47 51.27 -4.08
C ASN C 31 4.53 50.50 -5.02
N TYR C 32 5.07 49.48 -5.68
CA TYR C 32 4.30 48.74 -6.66
C TYR C 32 3.09 48.05 -6.04
N THR C 33 3.31 47.33 -4.94
CA THR C 33 2.22 46.58 -4.31
C THR C 33 1.13 47.50 -3.81
N GLU C 34 1.51 48.60 -3.15
CA GLU C 34 0.53 49.52 -2.61
C GLU C 34 -0.27 50.19 -3.72
N ALA C 35 0.40 50.59 -4.80
CA ALA C 35 -0.31 51.21 -5.92
C ALA C 35 -1.30 50.24 -6.56
N VAL C 36 -0.88 49.00 -6.78
CA VAL C 36 -1.78 48.01 -7.36
C VAL C 36 -2.99 47.79 -6.45
N ALA C 37 -2.74 47.65 -5.15
CA ALA C 37 -3.83 47.43 -4.20
C ALA C 37 -4.81 48.59 -4.21
N LEU C 38 -4.29 49.82 -4.18
CA LEU C 38 -5.16 50.99 -4.16
C LEU C 38 -6.00 51.07 -5.42
N ILE C 39 -5.39 50.89 -6.58
CA ILE C 39 -6.13 51.02 -7.83
C ILE C 39 -7.20 49.95 -7.93
N ALA C 40 -6.84 48.70 -7.60
CA ALA C 40 -7.81 47.61 -7.67
C ALA C 40 -8.99 47.86 -6.72
N SER C 41 -8.70 48.22 -5.48
CA SER C 41 -9.77 48.42 -4.50
C SER C 41 -10.67 49.57 -4.88
N GLN C 42 -10.10 50.66 -5.40
CA GLN C 42 -10.93 51.78 -5.79
C GLN C 42 -11.80 51.45 -6.99
N ILE C 43 -11.29 50.65 -7.92
CA ILE C 43 -12.14 50.19 -9.02
C ILE C 43 -13.29 49.34 -8.49
N MET C 44 -13.01 48.47 -7.52
CA MET C 44 -14.09 47.68 -6.93
C MET C 44 -15.14 48.56 -6.27
N GLU C 45 -14.71 49.61 -5.56
CA GLU C 45 -15.68 50.45 -4.86
C GLU C 45 -16.52 51.25 -5.84
N TYR C 46 -15.88 51.78 -6.90
CA TYR C 46 -16.64 52.51 -7.91
C TYR C 46 -17.61 51.59 -8.63
N ALA C 47 -17.26 50.32 -8.80
CA ALA C 47 -18.22 49.36 -9.33
C ALA C 47 -19.34 49.09 -8.34
N ARG C 48 -19.03 49.07 -7.04
CA ARG C 48 -20.05 48.84 -6.03
C ARG C 48 -21.08 49.96 -6.01
N ASP C 49 -20.65 51.19 -6.31
CA ASP C 49 -21.62 52.28 -6.40
C ASP C 49 -22.67 52.01 -7.48
N GLY C 50 -22.25 51.41 -8.59
CA GLY C 50 -23.16 51.12 -9.68
C GLY C 50 -23.50 52.29 -10.56
N GLU C 51 -22.78 53.41 -10.43
CA GLU C 51 -23.01 54.61 -11.23
C GLU C 51 -22.03 54.75 -12.39
N LYS C 52 -21.22 53.72 -12.66
CA LYS C 52 -20.18 53.77 -13.68
C LYS C 52 -20.30 52.55 -14.58
N THR C 53 -19.85 52.71 -15.83
CA THR C 53 -19.71 51.60 -16.76
C THR C 53 -18.27 51.12 -16.77
N VAL C 54 -18.04 50.00 -17.44
CA VAL C 54 -16.69 49.42 -17.46
C VAL C 54 -15.72 50.36 -18.16
N ALA C 55 -16.16 50.98 -19.27
CA ALA C 55 -15.28 51.92 -19.97
C ALA C 55 -14.99 53.15 -19.11
N GLN C 56 -15.99 53.62 -18.36
CA GLN C 56 -15.78 54.76 -17.48
C GLN C 56 -14.72 54.46 -16.43
N LEU C 57 -14.71 53.24 -15.90
CA LEU C 57 -13.68 52.85 -14.93
C LEU C 57 -12.34 52.57 -15.60
N MET C 58 -12.35 52.14 -16.86
CA MET C 58 -11.09 52.01 -17.59
C MET C 58 -10.42 53.37 -17.74
N CYS C 59 -11.21 54.40 -18.00
CA CYS C 59 -10.66 55.75 -18.09
C CYS C 59 -10.34 56.32 -16.71
N LEU C 60 -11.16 56.03 -15.71
CA LEU C 60 -10.97 56.60 -14.38
C LEU C 60 -9.76 56.01 -13.68
N GLY C 61 -9.47 54.72 -13.90
CA GLY C 61 -8.34 54.10 -13.22
C GLY C 61 -7.00 54.67 -13.60
N GLN C 62 -6.91 55.37 -14.73
CA GLN C 62 -5.67 56.00 -15.15
C GLN C 62 -5.42 57.34 -14.48
N HIS C 63 -6.36 57.83 -13.66
CA HIS C 63 -6.27 59.16 -13.06
C HIS C 63 -6.08 59.13 -11.56
N LEU C 64 -6.13 57.96 -10.92
CA LEU C 64 -6.09 57.90 -9.47
C LEU C 64 -4.73 58.33 -8.93
N LEU C 65 -3.66 57.79 -9.49
CA LEU C 65 -2.30 58.00 -9.01
C LEU C 65 -1.45 58.61 -10.12
N GLY C 66 -0.61 59.57 -9.74
CA GLY C 66 0.36 60.17 -10.62
C GLY C 66 1.77 59.69 -10.31
N ARG C 67 2.72 60.27 -11.04
CA ARG C 67 4.12 59.92 -10.83
C ARG C 67 4.67 60.46 -9.51
N ARG C 68 4.05 61.49 -8.95
CA ARG C 68 4.50 62.08 -7.70
C ARG C 68 3.97 61.39 -6.47
N GLN C 69 2.98 60.50 -6.62
CA GLN C 69 2.42 59.74 -5.50
C GLN C 69 3.00 58.35 -5.39
N VAL C 70 3.94 57.98 -6.26
CA VAL C 70 4.52 56.64 -6.29
C VAL C 70 6.03 56.80 -6.41
N LEU C 71 6.74 55.74 -6.03
CA LEU C 71 8.19 55.75 -6.13
C LEU C 71 8.60 55.78 -7.59
N PRO C 72 9.80 56.29 -7.91
CA PRO C 72 10.18 56.46 -9.32
C PRO C 72 10.22 55.16 -10.13
N ALA C 73 10.33 54.00 -9.48
CA ALA C 73 10.34 52.73 -10.20
C ALA C 73 8.93 52.26 -10.58
N VAL C 74 7.90 52.73 -9.86
CA VAL C 74 6.55 52.20 -10.07
C VAL C 74 6.03 52.44 -11.49
N PRO C 75 6.26 53.59 -12.14
CA PRO C 75 5.76 53.76 -13.51
C PRO C 75 6.29 52.72 -14.49
N HIS C 76 7.47 52.15 -14.24
CA HIS C 76 8.01 51.10 -15.10
C HIS C 76 7.59 49.71 -14.66
N LEU C 77 7.45 49.48 -13.36
CA LEU C 77 7.01 48.16 -12.89
C LEU C 77 5.55 47.91 -13.20
N LEU C 78 4.73 48.95 -13.25
CA LEU C 78 3.27 48.83 -13.29
C LEU C 78 2.77 49.18 -14.69
N ASN C 79 2.43 48.15 -15.47
CA ASN C 79 1.93 48.34 -16.82
C ASN C 79 0.41 48.34 -16.88
N ALA C 80 -0.24 47.50 -16.08
CA ALA C 80 -1.70 47.42 -16.10
C ALA C 80 -2.19 46.86 -14.77
N VAL C 81 -3.48 47.03 -14.53
CA VAL C 81 -4.14 46.53 -13.32
C VAL C 81 -5.48 45.94 -13.74
N GLN C 82 -5.57 44.61 -13.74
CA GLN C 82 -6.82 43.89 -13.96
C GLN C 82 -7.55 43.71 -12.64
N VAL C 83 -8.88 43.82 -12.67
CA VAL C 83 -9.68 43.50 -11.49
C VAL C 83 -11.09 43.15 -11.93
N GLU C 84 -11.69 42.19 -11.22
CA GLU C 84 -13.09 41.84 -11.39
C GLU C 84 -13.93 42.64 -10.42
N ALA C 85 -15.14 43.00 -10.84
CA ALA C 85 -16.02 43.75 -9.95
C ALA C 85 -17.47 43.50 -10.32
N THR C 86 -18.33 43.51 -9.31
CA THR C 86 -19.76 43.27 -9.49
C THR C 86 -20.45 44.59 -9.80
N PHE C 87 -20.76 44.80 -11.07
CA PHE C 87 -21.61 45.89 -11.52
C PHE C 87 -23.06 45.47 -11.39
N PRO C 88 -24.01 46.39 -11.63
CA PRO C 88 -25.42 45.95 -11.70
C PRO C 88 -25.66 44.92 -12.78
N ASP C 89 -24.85 44.89 -13.83
CA ASP C 89 -24.94 43.87 -14.88
C ASP C 89 -24.40 42.51 -14.43
N GLY C 90 -23.72 42.43 -13.29
CA GLY C 90 -23.04 41.23 -12.86
C GLY C 90 -21.55 41.45 -12.77
N THR C 91 -20.81 40.36 -12.62
CA THR C 91 -19.36 40.45 -12.50
C THR C 91 -18.75 40.71 -13.86
N LYS C 92 -17.90 41.74 -13.93
CA LYS C 92 -17.22 42.15 -15.15
C LYS C 92 -15.76 42.40 -14.84
N LEU C 93 -14.90 42.00 -15.78
CA LEU C 93 -13.49 42.36 -15.73
C LEU C 93 -13.31 43.78 -16.22
N VAL C 94 -12.47 44.53 -15.53
CA VAL C 94 -12.05 45.86 -15.97
C VAL C 94 -10.56 45.98 -15.72
N THR C 95 -9.83 46.46 -16.73
CA THR C 95 -8.38 46.52 -16.69
C THR C 95 -7.92 47.93 -17.03
N VAL C 96 -7.12 48.50 -16.15
CA VAL C 96 -6.52 49.81 -16.34
C VAL C 96 -5.20 49.61 -17.08
N HIS C 97 -4.97 50.45 -18.08
CA HIS C 97 -3.77 50.40 -18.91
C HIS C 97 -2.91 51.62 -18.62
N ASP C 98 -1.66 51.39 -18.24
CA ASP C 98 -0.73 52.45 -17.87
C ASP C 98 -1.35 53.36 -16.79
N PRO C 99 -1.65 52.80 -15.61
CA PRO C 99 -2.39 53.59 -14.61
C PRO C 99 -1.64 54.81 -14.11
N ILE C 100 -0.32 54.82 -14.18
CA ILE C 100 0.49 55.97 -13.79
C ILE C 100 0.86 56.69 -15.07
N SER C 101 0.09 57.73 -15.42
CA SER C 101 0.27 58.46 -16.66
C SER C 101 0.17 59.97 -16.48
N ARG C 102 0.23 60.48 -15.26
CA ARG C 102 0.19 61.91 -14.99
C ARG C 102 1.22 62.24 -13.93
N GLU C 103 1.60 63.52 -13.88
CA GLU C 103 2.46 63.98 -12.81
C GLU C 103 1.77 63.83 -11.46
N ASN C 104 0.49 64.18 -11.40
CA ASN C 104 -0.31 64.08 -10.19
C ASN C 104 -1.65 63.42 -10.52
N GLY C 105 -2.09 62.53 -9.64
CA GLY C 105 -3.39 61.90 -9.79
C GLY C 105 -4.48 62.64 -9.05
N GLU C 106 -5.71 62.19 -9.25
CA GLU C 106 -6.87 62.75 -8.56
C GLU C 106 -6.98 62.08 -7.20
N LEU C 107 -6.52 62.77 -6.16
CA LEU C 107 -6.44 62.13 -4.84
C LEU C 107 -7.81 61.95 -4.23
N GLN C 108 -8.79 62.78 -4.59
CA GLN C 108 -10.15 62.53 -4.13
C GLN C 108 -10.70 61.25 -4.73
N GLU C 109 -10.34 60.96 -5.99
CA GLU C 109 -10.71 59.69 -6.60
C GLU C 109 -9.98 58.53 -5.92
N ALA C 110 -8.70 58.72 -5.62
CA ALA C 110 -7.90 57.65 -5.04
C ALA C 110 -8.38 57.27 -3.65
N LEU C 111 -8.78 58.26 -2.85
CA LEU C 111 -9.25 58.03 -1.49
C LEU C 111 -10.77 58.01 -1.38
N PHE C 112 -11.47 57.86 -2.50
CA PHE C 112 -12.92 57.80 -2.47
C PHE C 112 -13.40 56.58 -1.70
N GLY C 113 -14.39 56.78 -0.84
CA GLY C 113 -14.97 55.70 -0.06
C GLY C 113 -14.27 55.44 1.26
N SER C 114 -13.02 55.86 1.40
CA SER C 114 -12.28 55.64 2.65
C SER C 114 -12.69 56.62 3.75
N LEU C 115 -13.28 57.75 3.39
CA LEU C 115 -13.63 58.79 4.37
C LEU C 115 -12.39 59.30 5.09
N LEU C 116 -11.28 59.43 4.35
CA LEU C 116 -10.02 59.97 4.84
C LEU C 116 -9.78 61.36 4.26
N PRO C 117 -9.03 62.22 4.94
CA PRO C 117 -8.80 63.57 4.39
C PRO C 117 -7.84 63.52 3.21
N VAL C 118 -8.24 64.14 2.11
CA VAL C 118 -7.43 64.15 0.90
C VAL C 118 -6.19 64.99 1.15
N PRO C 119 -4.97 64.48 0.98
CA PRO C 119 -3.79 65.31 1.23
C PRO C 119 -3.48 66.24 0.07
N SER C 120 -2.89 67.38 0.41
CA SER C 120 -2.46 68.31 -0.62
C SER C 120 -1.27 67.72 -1.39
N LEU C 121 -1.12 68.17 -2.63
CA LEU C 121 -0.05 67.65 -3.48
C LEU C 121 1.33 68.06 -2.99
N ASP C 122 1.43 69.02 -2.07
CA ASP C 122 2.72 69.39 -1.50
C ASP C 122 3.29 68.33 -0.59
N LYS C 123 2.46 67.47 0.00
CA LYS C 123 2.93 66.53 1.01
C LYS C 123 3.85 65.45 0.45
N PHE C 124 3.86 65.25 -0.86
CA PHE C 124 4.64 64.19 -1.48
C PHE C 124 6.03 64.71 -1.81
N ALA C 125 7.04 64.16 -1.13
CA ALA C 125 8.40 64.62 -1.29
C ALA C 125 8.92 64.30 -2.69
N GLU C 126 10.05 64.92 -3.03
CA GLU C 126 10.73 64.74 -4.30
C GLU C 126 12.19 64.41 -4.05
N THR C 127 12.79 63.69 -4.99
CA THR C 127 14.18 63.27 -4.90
C THR C 127 14.91 63.48 -6.22
N ASN C 131 15.90 58.52 -13.33
CA ASN C 131 16.23 57.39 -12.45
C ASN C 131 16.41 56.12 -13.27
N ARG C 132 16.59 55.00 -12.58
CA ARG C 132 16.89 53.72 -13.22
C ARG C 132 15.60 52.94 -13.45
N ILE C 133 15.59 52.20 -14.55
CA ILE C 133 14.44 51.37 -14.93
C ILE C 133 14.72 49.94 -14.49
N PRO C 134 13.92 49.36 -13.58
CA PRO C 134 14.16 47.96 -13.22
C PRO C 134 13.88 47.03 -14.39
N GLY C 135 14.81 46.10 -14.62
CA GLY C 135 14.59 45.07 -15.62
C GLY C 135 14.71 45.53 -17.05
N GLU C 136 15.32 46.68 -17.31
CA GLU C 136 15.38 47.20 -18.67
C GLU C 136 16.33 46.36 -19.53
N ILE C 137 16.05 46.37 -20.83
CA ILE C 137 16.88 45.69 -21.83
C ILE C 137 17.62 46.78 -22.60
N LEU C 138 18.94 46.81 -22.44
CA LEU C 138 19.79 47.75 -23.16
C LEU C 138 20.25 47.08 -24.45
N CYS C 139 19.76 47.55 -25.58
CA CYS C 139 20.04 47.00 -26.90
C CYS C 139 20.86 47.97 -27.72
N GLU C 140 21.51 47.43 -28.75
CA GLU C 140 22.19 48.25 -29.73
C GLU C 140 21.19 48.82 -30.72
N ASP C 141 21.64 49.82 -31.48
CA ASP C 141 20.82 50.44 -32.51
C ASP C 141 21.12 49.79 -33.85
N GLU C 142 20.74 48.51 -33.94
CA GLU C 142 20.99 47.68 -35.11
C GLU C 142 19.71 46.95 -35.48
N CYS C 143 19.55 46.69 -36.78
CA CYS C 143 18.43 45.94 -37.32
C CYS C 143 18.89 44.54 -37.68
N LEU C 144 18.37 43.55 -36.97
CA LEU C 144 18.64 42.16 -37.32
C LEU C 144 17.85 41.79 -38.58
N THR C 145 18.36 40.77 -39.27
CA THR C 145 17.80 40.30 -40.53
C THR C 145 17.39 38.83 -40.40
N LEU C 146 16.19 38.52 -40.86
CA LEU C 146 15.56 37.23 -40.65
C LEU C 146 15.65 36.35 -41.89
N ASN C 147 15.74 35.04 -41.64
CA ASN C 147 15.64 34.02 -42.69
C ASN C 147 16.72 34.22 -43.76
N ILE C 148 17.97 34.10 -43.34
CA ILE C 148 19.12 34.32 -44.20
C ILE C 148 19.53 33.00 -44.86
N GLY C 149 20.00 33.11 -46.10
CA GLY C 149 20.41 31.95 -46.87
C GLY C 149 19.25 31.08 -47.30
N ARG C 150 18.15 31.68 -47.72
CA ARG C 150 16.95 30.97 -48.14
C ARG C 150 16.52 31.44 -49.52
N LYS C 151 15.91 30.53 -50.26
CA LYS C 151 15.29 30.87 -51.54
C LYS C 151 14.03 31.69 -51.28
N ALA C 152 13.90 32.82 -51.98
CA ALA C 152 12.84 33.79 -51.73
C ALA C 152 12.09 34.11 -53.02
N VAL C 153 10.79 34.29 -52.90
CA VAL C 153 9.93 34.68 -54.01
C VAL C 153 8.92 35.72 -53.54
N ILE C 154 8.71 36.74 -54.35
CA ILE C 154 7.70 37.77 -54.09
C ILE C 154 6.50 37.50 -54.98
N LEU C 155 5.37 37.20 -54.36
CA LEU C 155 4.15 36.85 -55.05
C LEU C 155 3.07 37.88 -54.81
N LYS C 156 2.04 37.84 -55.64
CA LYS C 156 0.87 38.72 -55.57
C LYS C 156 -0.33 37.85 -55.20
N VAL C 157 -1.00 38.21 -54.11
CA VAL C 157 -2.11 37.43 -53.57
C VAL C 157 -3.33 38.34 -53.53
N THR C 158 -4.50 37.77 -53.81
CA THR C 158 -5.75 38.50 -53.74
C THR C 158 -6.81 37.60 -53.10
N SER C 159 -7.62 38.19 -52.24
CA SER C 159 -8.66 37.45 -51.53
C SER C 159 -9.97 37.53 -52.31
N LYS C 160 -10.50 36.37 -52.68
CA LYS C 160 -11.82 36.26 -53.29
C LYS C 160 -12.89 35.86 -52.28
N GLY C 161 -12.55 35.80 -50.99
CA GLY C 161 -13.53 35.51 -49.95
C GLY C 161 -14.20 36.78 -49.45
N ASP C 162 -15.29 36.57 -48.70
CA ASP C 162 -16.08 37.66 -48.14
C ASP C 162 -15.87 37.84 -46.64
N ARG C 163 -14.91 37.14 -46.05
CA ARG C 163 -14.54 37.22 -44.64
C ARG C 163 -13.04 37.40 -44.52
N PRO C 164 -12.56 38.01 -43.43
CA PRO C 164 -11.12 38.27 -43.31
C PRO C 164 -10.32 36.99 -43.11
N ILE C 165 -9.06 37.04 -43.54
CA ILE C 165 -8.20 35.85 -43.61
C ILE C 165 -6.83 36.29 -43.11
N GLN C 166 -6.53 36.06 -41.82
CA GLN C 166 -5.14 36.14 -41.39
C GLN C 166 -4.41 34.83 -41.62
N VAL C 167 -3.14 34.94 -41.98
CA VAL C 167 -2.25 33.81 -42.19
C VAL C 167 -0.96 34.06 -41.41
N GLY C 168 -0.47 33.03 -40.73
CA GLY C 168 0.68 33.16 -39.86
C GLY C 168 2.00 33.15 -40.59
N SER C 169 3.06 33.34 -39.81
CA SER C 169 4.40 33.45 -40.39
C SER C 169 4.95 32.10 -40.82
N HIS C 170 4.57 31.02 -40.13
CA HIS C 170 5.09 29.69 -40.40
C HIS C 170 4.06 28.74 -41.00
N TYR C 171 2.83 29.19 -41.25
CA TYR C 171 1.87 28.38 -41.96
C TYR C 171 2.33 28.14 -43.39
N HIS C 172 2.21 26.90 -43.85
CA HIS C 172 2.57 26.56 -45.23
C HIS C 172 1.64 27.29 -46.19
N PHE C 173 2.23 28.11 -47.06
CA PHE C 173 1.42 29.05 -47.83
C PHE C 173 0.64 28.37 -48.95
N ILE C 174 1.08 27.22 -49.45
CA ILE C 174 0.31 26.52 -50.47
C ILE C 174 -0.98 25.93 -49.91
N GLU C 175 -1.10 25.82 -48.59
CA GLU C 175 -2.25 25.21 -47.94
C GLU C 175 -3.20 26.25 -47.34
N VAL C 176 -3.10 27.50 -47.76
CA VAL C 176 -3.99 28.56 -47.25
C VAL C 176 -5.39 28.33 -47.79
N ASN C 177 -6.34 29.11 -47.26
CA ASN C 177 -7.76 29.11 -47.59
C ASN C 177 -7.95 29.02 -49.11
N PRO C 178 -8.88 28.21 -49.65
CA PRO C 178 -9.05 28.17 -51.11
C PRO C 178 -9.47 29.49 -51.72
N TYR C 179 -10.00 30.45 -50.95
CA TYR C 179 -10.42 31.74 -51.49
C TYR C 179 -9.29 32.76 -51.53
N LEU C 180 -8.03 32.32 -51.53
CA LEU C 180 -6.89 33.17 -51.81
C LEU C 180 -6.30 32.72 -53.14
N THR C 181 -6.20 33.65 -54.09
CA THR C 181 -5.69 33.37 -55.42
C THR C 181 -4.28 33.91 -55.55
N PHE C 182 -3.37 33.05 -55.99
CA PHE C 182 -1.95 33.38 -56.15
C PHE C 182 -1.29 32.19 -56.83
N ASP C 183 -0.02 32.37 -57.19
CA ASP C 183 0.71 31.29 -57.83
C ASP C 183 1.02 30.20 -56.81
N ARG C 184 0.15 29.19 -56.71
CA ARG C 184 0.34 28.13 -55.73
C ARG C 184 1.52 27.23 -56.08
N ARG C 185 2.00 27.26 -57.32
CA ARG C 185 3.19 26.49 -57.67
C ARG C 185 4.44 27.10 -57.06
N LYS C 186 4.51 28.43 -57.01
CA LYS C 186 5.66 29.11 -56.46
C LYS C 186 5.60 29.26 -54.95
N ALA C 187 4.48 28.92 -54.32
CA ALA C 187 4.35 28.90 -52.87
C ALA C 187 4.66 27.54 -52.26
N TYR C 188 5.08 26.57 -53.08
CA TYR C 188 5.34 25.22 -52.57
C TYR C 188 6.58 25.22 -51.69
N GLY C 189 6.44 24.69 -50.47
CA GLY C 189 7.55 24.66 -49.54
C GLY C 189 8.05 26.04 -49.16
N MET C 190 7.13 26.99 -48.97
CA MET C 190 7.47 28.36 -48.63
C MET C 190 6.57 28.82 -47.48
N ARG C 191 7.06 29.82 -46.76
CA ARG C 191 6.33 30.44 -45.67
C ARG C 191 6.62 31.94 -45.70
N LEU C 192 5.72 32.72 -45.12
CA LEU C 192 5.85 34.17 -45.18
C LEU C 192 7.14 34.64 -44.53
N ASN C 193 7.85 35.52 -45.22
CA ASN C 193 9.12 36.07 -44.73
C ASN C 193 8.83 37.29 -43.85
N ILE C 194 8.32 37.00 -42.66
CA ILE C 194 7.95 38.01 -41.68
C ILE C 194 8.41 37.55 -40.31
N ALA C 195 8.33 38.45 -39.34
CA ALA C 195 8.73 38.13 -37.97
C ALA C 195 7.91 36.98 -37.43
N ALA C 196 8.59 36.07 -36.73
CA ALA C 196 7.95 34.87 -36.22
C ALA C 196 6.85 35.23 -35.22
N GLY C 197 5.70 34.58 -35.36
CA GLY C 197 4.56 34.83 -34.51
C GLY C 197 3.62 35.92 -34.98
N THR C 198 3.98 36.65 -36.04
CA THR C 198 3.13 37.67 -36.61
C THR C 198 2.27 37.06 -37.72
N ALA C 199 1.53 37.89 -38.44
CA ALA C 199 0.61 37.41 -39.46
C ALA C 199 0.41 38.49 -40.51
N VAL C 200 -0.17 38.07 -41.64
CA VAL C 200 -0.63 38.96 -42.69
C VAL C 200 -2.12 38.77 -42.85
N ARG C 201 -2.87 39.88 -42.85
CA ARG C 201 -4.33 39.87 -42.89
C ARG C 201 -4.80 40.25 -44.28
N PHE C 202 -5.72 39.46 -44.83
CA PHE C 202 -6.37 39.70 -46.11
C PHE C 202 -7.84 39.98 -45.82
N GLU C 203 -8.20 41.26 -45.79
CA GLU C 203 -9.60 41.63 -45.71
C GLU C 203 -10.27 41.22 -47.03
N PRO C 204 -11.59 41.02 -47.03
CA PRO C 204 -12.26 40.52 -48.24
C PRO C 204 -12.07 41.45 -49.43
N GLY C 205 -11.54 40.88 -50.52
CA GLY C 205 -11.18 41.64 -51.69
C GLY C 205 -9.78 42.24 -51.65
N ASP C 206 -9.09 42.17 -50.52
CA ASP C 206 -7.79 42.80 -50.39
C ASP C 206 -6.77 42.13 -51.28
N CYS C 207 -5.90 42.94 -51.88
CA CYS C 207 -4.82 42.48 -52.76
C CYS C 207 -3.50 42.98 -52.19
N LYS C 208 -2.55 42.05 -52.03
CA LYS C 208 -1.31 42.32 -51.31
C LYS C 208 -0.16 41.61 -52.00
N SER C 209 1.01 42.24 -51.98
CA SER C 209 2.25 41.62 -52.45
C SER C 209 3.01 41.12 -51.23
N VAL C 210 3.25 39.81 -51.18
CA VAL C 210 3.91 39.16 -50.06
C VAL C 210 5.24 38.58 -50.51
N THR C 211 6.11 38.35 -49.55
CA THR C 211 7.41 37.71 -49.76
C THR C 211 7.44 36.41 -48.97
N LEU C 212 7.76 35.31 -49.65
CA LEU C 212 7.87 34.00 -49.03
C LEU C 212 9.30 33.50 -49.15
N VAL C 213 9.75 32.80 -48.12
CA VAL C 213 11.07 32.16 -48.09
C VAL C 213 10.87 30.67 -47.86
N SER C 214 11.82 29.89 -48.35
CA SER C 214 11.72 28.44 -48.25
C SER C 214 11.79 27.99 -46.80
N ILE C 215 11.07 26.91 -46.50
CA ILE C 215 11.28 26.21 -45.24
C ILE C 215 12.61 25.46 -45.30
N GLU C 216 13.16 25.20 -44.11
CA GLU C 216 14.45 24.55 -43.97
C GLU C 216 14.30 23.27 -43.14
N GLY C 217 15.42 22.65 -42.80
CA GLY C 217 15.40 21.39 -42.10
C GLY C 217 15.22 20.24 -43.07
N ASN C 218 14.35 19.30 -42.74
CA ASN C 218 14.02 18.22 -43.67
C ASN C 218 13.13 18.69 -44.81
N LYS C 219 12.50 19.85 -44.68
CA LYS C 219 11.58 20.39 -45.69
C LYS C 219 10.44 19.42 -45.95
N VAL C 220 9.64 19.21 -44.91
CA VAL C 220 8.48 18.32 -44.96
C VAL C 220 7.24 19.12 -44.58
N ILE C 221 6.21 19.04 -45.43
CA ILE C 221 4.96 19.78 -45.25
C ILE C 221 3.94 18.83 -44.64
N ARG C 222 3.37 19.20 -43.50
CA ARG C 222 2.33 18.43 -42.85
C ARG C 222 1.21 19.37 -42.40
N GLY C 223 0.02 18.81 -42.25
CA GLY C 223 -1.10 19.55 -41.69
C GLY C 223 -1.77 20.47 -42.68
N GLY C 224 -2.48 21.46 -42.13
CA GLY C 224 -3.21 22.41 -42.96
C GLY C 224 -4.38 21.74 -43.65
N ASN C 225 -4.47 21.92 -44.95
CA ASN C 225 -5.52 21.33 -45.77
C ASN C 225 -5.13 19.98 -46.36
N ALA C 226 -3.92 19.49 -46.07
CA ALA C 226 -3.43 18.23 -46.64
C ALA C 226 -3.34 18.30 -48.17
N ILE C 227 -3.07 19.49 -48.70
CA ILE C 227 -2.85 19.63 -50.14
C ILE C 227 -1.51 19.02 -50.52
N ALA C 228 -0.46 19.28 -49.74
CA ALA C 228 0.92 18.96 -50.07
C ALA C 228 1.56 18.15 -48.96
N ASP C 229 0.88 17.11 -48.51
CA ASP C 229 1.35 16.28 -47.40
C ASP C 229 2.54 15.45 -47.87
N GLY C 230 3.76 15.86 -47.47
CA GLY C 230 4.95 15.10 -47.74
C GLY C 230 6.20 15.94 -47.87
N PRO C 231 7.34 15.31 -48.17
CA PRO C 231 8.58 16.07 -48.35
C PRO C 231 8.53 16.96 -49.59
N VAL C 232 9.34 18.00 -49.56
CA VAL C 232 9.40 18.97 -50.65
C VAL C 232 10.27 18.40 -51.77
N ASN C 233 9.63 18.05 -52.87
CA ASN C 233 10.34 17.60 -54.08
C ASN C 233 9.44 17.86 -55.27
N GLU C 234 9.87 17.42 -56.45
CA GLU C 234 9.11 17.70 -57.67
C GLU C 234 7.86 16.85 -57.78
N THR C 235 7.95 15.56 -57.45
CA THR C 235 6.77 14.69 -57.54
C THR C 235 5.67 15.15 -56.59
N ASN C 236 6.05 15.56 -55.37
CA ASN C 236 5.05 16.05 -54.44
C ASN C 236 4.54 17.43 -54.86
N LEU C 237 5.36 18.22 -55.55
CA LEU C 237 4.86 19.47 -56.12
C LEU C 237 3.77 19.19 -57.16
N GLU C 238 3.99 18.23 -58.03
CA GLU C 238 2.98 17.91 -59.04
C GLU C 238 1.72 17.35 -58.39
N ALA C 239 1.88 16.49 -57.37
CA ALA C 239 0.72 15.98 -56.66
C ALA C 239 -0.05 17.11 -55.98
N ALA C 240 0.66 18.05 -55.38
CA ALA C 240 0.02 19.18 -54.72
C ALA C 240 -0.72 20.06 -55.72
N MET C 241 -0.13 20.27 -56.90
CA MET C 241 -0.81 21.09 -57.90
C MET C 241 -2.05 20.38 -58.43
N HIS C 242 -1.97 19.06 -58.59
CA HIS C 242 -3.18 18.32 -58.96
C HIS C 242 -4.25 18.46 -57.90
N ALA C 243 -3.86 18.38 -56.62
CA ALA C 243 -4.84 18.56 -55.54
C ALA C 243 -5.41 19.97 -55.55
N VAL C 244 -4.58 20.97 -55.84
CA VAL C 244 -5.05 22.35 -55.91
C VAL C 244 -6.11 22.49 -56.99
N ARG C 245 -5.84 21.93 -58.17
CA ARG C 245 -6.80 22.05 -59.26
C ARG C 245 -8.07 21.26 -58.99
N SER C 246 -7.93 20.05 -58.42
CA SER C 246 -9.09 19.21 -58.19
C SER C 246 -10.00 19.76 -57.10
N LYS C 247 -9.41 20.14 -55.96
CA LYS C 247 -10.20 20.60 -54.83
C LYS C 247 -10.65 22.05 -54.95
N GLY C 248 -10.21 22.77 -55.98
CA GLY C 248 -10.69 24.12 -56.21
C GLY C 248 -10.07 25.15 -55.30
N PHE C 249 -8.74 25.16 -55.24
CA PHE C 249 -7.99 26.16 -54.49
C PHE C 249 -7.52 27.24 -55.46
N GLY C 250 -7.70 28.50 -55.08
CA GLY C 250 -7.40 29.61 -55.97
C GLY C 250 -5.97 29.62 -56.46
N HIS C 251 -5.81 29.57 -57.78
CA HIS C 251 -4.50 29.46 -58.40
C HIS C 251 -4.50 30.25 -59.71
N GLU C 252 -3.55 31.18 -59.83
CA GLU C 252 -3.34 31.93 -61.07
C GLU C 252 -1.84 32.11 -61.25
N GLU C 253 -1.31 31.58 -62.36
CA GLU C 253 0.12 31.64 -62.58
C GLU C 253 0.60 33.07 -62.73
N GLU C 254 1.71 33.39 -62.05
CA GLU C 254 2.38 34.67 -62.15
C GLU C 254 3.77 34.38 -62.72
N LYS C 255 3.87 34.38 -64.04
CA LYS C 255 5.10 33.96 -64.70
C LYS C 255 6.26 34.90 -64.39
N ASP C 256 5.98 36.19 -64.20
CA ASP C 256 7.01 37.21 -64.02
C ASP C 256 7.19 37.55 -62.54
N ALA C 257 7.04 36.57 -61.66
CA ALA C 257 7.29 36.80 -60.25
C ALA C 257 8.77 37.01 -60.00
N SER C 258 9.09 37.74 -58.92
CA SER C 258 10.47 38.03 -58.58
C SER C 258 11.03 36.91 -57.70
N GLU C 259 12.19 36.40 -58.09
CA GLU C 259 12.85 35.29 -57.41
C GLU C 259 14.27 35.69 -57.03
N GLY C 260 14.76 35.10 -55.95
CA GLY C 260 16.12 35.36 -55.52
C GLY C 260 16.48 34.66 -54.22
N PHE C 261 17.44 35.22 -53.48
CA PHE C 261 17.88 34.66 -52.20
C PHE C 261 17.99 35.77 -51.17
N THR C 262 17.69 35.43 -49.93
CA THR C 262 17.89 36.36 -48.82
C THR C 262 19.37 36.40 -48.46
N LYS C 263 19.91 37.61 -48.41
CA LYS C 263 21.34 37.85 -48.19
C LYS C 263 21.52 38.69 -46.94
N GLU C 264 22.78 38.81 -46.51
CA GLU C 264 23.17 39.77 -45.47
C GLU C 264 23.45 41.13 -46.12
N ASP C 265 22.41 41.67 -46.75
CA ASP C 265 22.49 42.87 -47.57
C ASP C 265 21.37 43.82 -47.14
N PRO C 266 21.66 45.07 -46.77
CA PRO C 266 20.55 46.00 -46.50
C PRO C 266 19.66 46.25 -47.71
N ASN C 267 20.21 46.20 -48.92
CA ASN C 267 19.49 46.57 -50.14
C ASN C 267 18.99 45.35 -50.91
N CYS C 268 18.73 44.24 -50.22
CA CYS C 268 18.15 43.05 -50.87
C CYS C 268 16.63 43.13 -50.81
N PRO C 269 15.89 43.02 -51.92
CA PRO C 269 14.44 43.21 -51.85
C PRO C 269 13.70 42.09 -51.13
N PHE C 270 14.34 40.95 -50.87
CA PHE C 270 13.68 39.81 -50.26
C PHE C 270 13.85 39.74 -48.75
N ASN C 271 14.58 40.68 -48.14
CA ASN C 271 14.91 40.60 -46.72
C ASN C 271 13.89 41.33 -45.88
N THR C 272 13.59 40.74 -44.71
CA THR C 272 12.76 41.37 -43.70
C THR C 272 13.64 41.68 -42.50
N PHE C 273 13.64 42.95 -42.09
CA PHE C 273 14.46 43.41 -40.97
C PHE C 273 13.58 43.67 -39.75
N ILE C 274 14.21 43.61 -38.58
CA ILE C 274 13.55 43.89 -37.32
C ILE C 274 14.54 44.56 -36.39
N HIS C 275 14.14 45.65 -35.77
CA HIS C 275 15.03 46.35 -34.86
C HIS C 275 15.30 45.49 -33.62
N ARG C 276 16.47 45.72 -33.00
CA ARG C 276 16.83 44.95 -31.82
C ARG C 276 15.91 45.23 -30.65
N LYS C 277 15.42 46.46 -30.50
CA LYS C 277 14.45 46.74 -29.45
C LYS C 277 13.14 46.00 -29.69
N GLU C 278 12.65 46.02 -30.93
CA GLU C 278 11.44 45.26 -31.25
C GLU C 278 11.67 43.77 -31.05
N TYR C 279 12.85 43.27 -31.44
CA TYR C 279 13.17 41.87 -31.24
C TYR C 279 13.16 41.51 -29.75
N ALA C 280 13.78 42.35 -28.93
CA ALA C 280 13.85 42.06 -27.50
C ALA C 280 12.46 42.12 -26.87
N ASN C 281 11.62 43.06 -27.33
CA ASN C 281 10.27 43.12 -26.83
C ASN C 281 9.47 41.88 -27.21
N LYS C 282 9.69 41.38 -28.44
CA LYS C 282 8.86 40.30 -28.96
C LYS C 282 9.30 38.93 -28.43
N TYR C 283 10.62 38.67 -28.38
CA TYR C 283 11.15 37.36 -28.03
C TYR C 283 12.16 37.38 -26.88
N GLY C 284 12.43 38.53 -26.29
CA GLY C 284 13.45 38.64 -25.27
C GLY C 284 14.81 38.93 -25.88
N PRO C 285 15.77 39.36 -25.06
CA PRO C 285 17.05 39.82 -25.61
C PRO C 285 17.84 38.69 -26.26
N THR C 286 18.70 39.09 -27.19
CA THR C 286 19.57 38.18 -27.93
C THR C 286 21.02 38.51 -27.61
N THR C 287 21.95 37.90 -28.35
CA THR C 287 23.37 38.02 -28.06
C THR C 287 23.81 39.48 -28.12
N GLY C 288 24.55 39.91 -27.08
CA GLY C 288 25.09 41.25 -27.00
C GLY C 288 24.22 42.23 -26.24
N ASP C 289 22.96 41.91 -26.00
CA ASP C 289 22.10 42.78 -25.21
C ASP C 289 22.47 42.65 -23.72
N LYS C 290 21.87 43.51 -22.91
CA LYS C 290 22.12 43.53 -21.48
C LYS C 290 20.80 43.67 -20.74
N ILE C 291 20.74 43.05 -19.57
CA ILE C 291 19.55 43.01 -18.73
C ILE C 291 19.92 43.55 -17.36
N ARG C 292 19.15 44.50 -16.86
CA ARG C 292 19.32 44.95 -15.49
C ARG C 292 18.60 43.97 -14.55
N LEU C 293 19.30 43.50 -13.52
CA LEU C 293 18.75 42.51 -12.61
C LEU C 293 17.99 43.23 -11.51
N GLY C 294 16.67 43.26 -11.64
CA GLY C 294 15.86 43.98 -10.68
C GLY C 294 16.18 45.47 -10.72
N ASP C 295 16.10 46.10 -9.55
CA ASP C 295 16.50 47.49 -9.37
C ASP C 295 17.95 47.61 -8.90
N THR C 296 18.79 46.63 -9.19
CA THR C 296 20.20 46.67 -8.85
C THR C 296 20.97 47.41 -9.93
N ASN C 297 22.29 47.50 -9.74
CA ASN C 297 23.19 48.11 -10.72
C ASN C 297 23.95 47.07 -11.54
N LEU C 298 23.56 45.80 -11.46
CA LEU C 298 24.25 44.72 -12.16
C LEU C 298 23.62 44.51 -13.52
N LEU C 299 24.46 44.38 -14.55
CA LEU C 299 24.02 44.17 -15.93
C LEU C 299 24.49 42.80 -16.39
N ALA C 300 23.53 41.92 -16.68
CA ALA C 300 23.82 40.60 -17.24
C ALA C 300 23.78 40.69 -18.76
N GLU C 301 24.91 40.47 -19.40
CA GLU C 301 24.98 40.47 -20.86
C GLU C 301 24.79 39.05 -21.38
N ILE C 302 24.01 38.91 -22.45
CA ILE C 302 23.75 37.61 -23.04
C ILE C 302 25.02 37.16 -23.75
N GLU C 303 25.68 36.14 -23.21
CA GLU C 303 26.94 35.68 -23.80
C GLU C 303 26.71 35.07 -25.17
N LYS C 304 25.63 34.32 -25.36
CA LYS C 304 25.33 33.75 -26.66
C LYS C 304 23.87 33.36 -26.71
N ASP C 305 23.40 33.06 -27.92
CA ASP C 305 22.00 32.80 -28.19
C ASP C 305 21.90 31.66 -29.20
N TYR C 306 21.12 30.63 -28.86
CA TYR C 306 20.97 29.47 -29.73
C TYR C 306 19.97 29.69 -30.86
N ALA C 307 19.23 30.78 -30.87
CA ALA C 307 18.16 30.97 -31.83
C ALA C 307 18.69 31.46 -33.17
N LEU C 308 18.18 30.87 -34.24
CA LEU C 308 18.34 31.40 -35.58
C LEU C 308 17.19 32.38 -35.83
N TYR C 309 17.53 33.61 -36.21
CA TYR C 309 16.54 34.66 -36.30
C TYR C 309 15.50 34.36 -37.38
N GLY C 310 14.22 34.43 -37.00
CA GLY C 310 13.11 34.14 -37.87
C GLY C 310 12.36 32.86 -37.53
N ASP C 311 12.94 32.00 -36.69
CA ASP C 311 12.37 30.68 -36.38
C ASP C 311 12.13 30.53 -34.88
N GLU C 312 11.88 31.63 -34.18
CA GLU C 312 11.67 31.57 -32.75
C GLU C 312 10.38 30.82 -32.43
N CYS C 313 10.44 29.95 -31.42
CA CYS C 313 9.26 29.20 -31.00
C CYS C 313 8.40 30.09 -30.12
N VAL C 314 7.31 30.59 -30.70
CA VAL C 314 6.35 31.46 -30.02
C VAL C 314 5.01 30.74 -30.05
N PHE C 315 4.37 30.65 -28.88
CA PHE C 315 3.09 29.99 -28.75
C PHE C 315 1.98 31.04 -28.63
N GLY C 316 0.84 30.74 -29.24
CA GLY C 316 -0.30 31.62 -29.18
C GLY C 316 -1.23 31.35 -30.35
N GLY C 317 -2.14 32.30 -30.57
CA GLY C 317 -3.06 32.22 -31.68
C GLY C 317 -2.42 32.62 -32.98
N GLY C 318 -2.33 31.69 -33.92
CA GLY C 318 -1.69 31.96 -35.19
C GLY C 318 -0.20 32.20 -35.09
N LYS C 319 0.50 31.40 -34.29
CA LYS C 319 1.91 31.57 -34.02
C LYS C 319 2.66 30.28 -34.38
N VAL C 320 3.95 30.23 -34.04
CA VAL C 320 4.85 29.23 -34.61
C VAL C 320 4.50 27.84 -34.11
N ILE C 321 4.27 27.68 -32.80
CA ILE C 321 4.13 26.35 -32.23
C ILE C 321 2.72 25.87 -32.54
N ARG C 322 2.56 25.26 -33.71
CA ARG C 322 1.29 24.74 -34.19
C ARG C 322 1.58 23.49 -35.00
N ASP C 323 0.54 22.70 -35.23
CA ASP C 323 0.69 21.41 -35.89
C ASP C 323 1.33 21.56 -37.26
N GLY C 324 2.51 20.96 -37.42
CA GLY C 324 3.19 20.93 -38.69
C GLY C 324 4.02 22.15 -39.02
N MET C 325 4.07 23.15 -38.14
CA MET C 325 4.83 24.38 -38.38
C MET C 325 5.96 24.53 -37.38
N GLY C 326 5.66 24.55 -36.08
CA GLY C 326 6.65 24.59 -35.02
C GLY C 326 6.45 23.48 -34.01
N GLN C 327 5.34 22.77 -34.10
CA GLN C 327 5.09 21.55 -33.35
C GLN C 327 5.33 20.39 -34.30
N SER C 328 6.38 19.61 -34.05
CA SER C 328 6.69 18.49 -34.91
C SER C 328 5.57 17.46 -34.83
N CYS C 329 5.38 16.74 -35.94
CA CYS C 329 4.19 15.92 -36.12
C CYS C 329 4.56 14.50 -36.57
N GLY C 330 5.66 14.36 -37.31
CA GLY C 330 6.05 13.09 -37.89
C GLY C 330 7.25 12.42 -37.24
N HIS C 331 7.29 12.41 -35.91
CA HIS C 331 8.39 11.84 -35.13
C HIS C 331 7.83 10.85 -34.13
N PRO C 332 8.66 10.00 -33.53
CA PRO C 332 8.17 9.10 -32.48
C PRO C 332 7.57 9.86 -31.32
N PRO C 333 6.47 9.38 -30.72
CA PRO C 333 5.89 10.09 -29.57
C PRO C 333 6.83 10.19 -28.37
N ALA C 334 7.79 9.29 -28.25
CA ALA C 334 8.56 9.13 -27.03
C ALA C 334 9.85 9.96 -27.00
N ILE C 335 10.16 10.69 -28.07
CA ILE C 335 11.26 11.66 -28.04
C ILE C 335 10.75 13.09 -27.92
N SER C 336 9.43 13.31 -27.91
CA SER C 336 8.90 14.65 -27.73
C SER C 336 9.10 15.07 -26.28
N LEU C 337 9.41 16.35 -26.09
CA LEU C 337 9.58 16.88 -24.75
C LEU C 337 8.28 16.83 -23.98
N ASP C 338 8.39 16.62 -22.66
CA ASP C 338 7.23 16.76 -21.79
C ASP C 338 6.83 18.22 -21.67
N THR C 339 7.80 19.10 -21.50
CA THR C 339 7.57 20.53 -21.42
C THR C 339 8.71 21.25 -22.12
N VAL C 340 8.44 22.46 -22.59
CA VAL C 340 9.47 23.30 -23.18
C VAL C 340 9.27 24.73 -22.68
N ILE C 341 10.32 25.31 -22.11
CA ILE C 341 10.37 26.72 -21.78
C ILE C 341 11.04 27.42 -22.96
N THR C 342 10.32 28.34 -23.60
CA THR C 342 10.76 28.93 -24.86
C THR C 342 11.36 30.31 -24.65
N ASN C 343 12.43 30.60 -25.38
CA ASN C 343 13.02 31.93 -25.47
C ASN C 343 13.44 32.46 -24.11
N ALA C 344 14.02 31.59 -23.30
CA ALA C 344 14.39 31.92 -21.92
C ALA C 344 15.81 32.44 -21.83
N VAL C 345 16.00 33.45 -20.99
CA VAL C 345 17.33 33.90 -20.61
C VAL C 345 17.74 33.12 -19.37
N ILE C 346 18.80 32.33 -19.49
CA ILE C 346 19.25 31.44 -18.44
C ILE C 346 20.47 32.09 -17.80
N ILE C 347 20.34 32.46 -16.52
CA ILE C 347 21.45 32.91 -15.69
C ILE C 347 21.87 31.74 -14.82
N ASP C 348 23.12 31.30 -15.00
CA ASP C 348 23.68 30.21 -14.23
C ASP C 348 25.12 30.56 -13.91
N TYR C 349 25.73 29.79 -13.01
CA TYR C 349 27.15 29.99 -12.74
C TYR C 349 28.02 29.66 -13.93
N THR C 350 27.52 28.85 -14.88
CA THR C 350 28.29 28.52 -16.06
C THR C 350 28.30 29.68 -17.07
N GLY C 351 27.18 30.36 -17.22
CA GLY C 351 27.10 31.43 -18.18
C GLY C 351 25.72 32.04 -18.18
N ILE C 352 25.59 33.15 -18.91
CA ILE C 352 24.34 33.86 -19.10
C ILE C 352 24.01 33.75 -20.57
N ILE C 353 23.01 32.93 -20.91
CA ILE C 353 22.73 32.56 -22.29
C ILE C 353 21.25 32.78 -22.59
N LYS C 354 20.89 32.59 -23.87
CA LYS C 354 19.52 32.65 -24.35
C LYS C 354 19.23 31.34 -25.05
N ALA C 355 18.25 30.60 -24.56
CA ALA C 355 18.00 29.26 -25.08
C ALA C 355 16.60 28.82 -24.69
N ASP C 356 16.18 27.71 -25.29
CA ASP C 356 14.98 26.98 -24.91
C ASP C 356 15.39 25.79 -24.06
N ILE C 357 14.63 25.55 -22.99
CA ILE C 357 14.89 24.48 -22.04
C ILE C 357 13.83 23.41 -22.24
N GLY C 358 14.25 22.24 -22.71
CA GLY C 358 13.35 21.11 -22.84
C GLY C 358 13.44 20.22 -21.62
N ILE C 359 12.27 19.89 -21.07
CA ILE C 359 12.13 19.12 -19.83
C ILE C 359 11.43 17.83 -20.17
N LYS C 360 11.98 16.71 -19.70
CA LYS C 360 11.41 15.40 -19.95
C LYS C 360 11.61 14.51 -18.74
N ASP C 361 10.51 13.94 -18.24
CA ASP C 361 10.52 13.06 -17.06
C ASP C 361 11.03 13.79 -15.82
N GLY C 362 10.78 15.09 -15.73
CA GLY C 362 11.17 15.86 -14.57
C GLY C 362 12.61 16.31 -14.54
N LEU C 363 13.39 16.00 -15.57
CA LEU C 363 14.78 16.39 -15.68
C LEU C 363 14.94 17.39 -16.81
N ILE C 364 16.01 18.19 -16.74
CA ILE C 364 16.31 19.12 -17.81
C ILE C 364 16.81 18.28 -18.98
N ALA C 365 15.91 17.99 -19.93
CA ALA C 365 16.25 17.09 -21.02
C ALA C 365 17.30 17.69 -21.93
N SER C 366 17.21 18.99 -22.19
CA SER C 366 18.16 19.61 -23.10
C SER C 366 18.04 21.12 -23.00
N ILE C 367 19.09 21.80 -23.43
CA ILE C 367 19.13 23.25 -23.54
C ILE C 367 19.65 23.60 -24.93
N GLY C 368 18.90 24.43 -25.66
CA GLY C 368 19.33 24.77 -27.00
C GLY C 368 18.26 25.46 -27.81
N LYS C 369 18.01 24.97 -29.02
CA LYS C 369 16.93 25.47 -29.88
C LYS C 369 15.90 24.37 -30.03
N ALA C 370 14.65 24.68 -29.69
CA ALA C 370 13.53 23.78 -29.87
C ALA C 370 12.77 24.14 -31.13
N GLY C 371 11.92 23.22 -31.55
CA GLY C 371 11.02 23.49 -32.65
C GLY C 371 10.76 22.22 -33.45
N ASN C 372 10.65 22.40 -34.76
CA ASN C 372 10.32 21.33 -35.70
C ASN C 372 11.50 21.08 -36.63
N PRO C 373 12.18 19.93 -36.57
CA PRO C 373 13.27 19.71 -37.54
C PRO C 373 12.80 19.59 -38.98
N ASP C 374 11.50 19.41 -39.22
CA ASP C 374 10.99 19.41 -40.58
C ASP C 374 10.99 20.80 -41.19
N ILE C 375 10.86 21.84 -40.35
CA ILE C 375 10.68 23.20 -40.81
C ILE C 375 11.87 24.10 -40.46
N MET C 376 12.68 23.73 -39.48
CA MET C 376 13.67 24.61 -38.88
C MET C 376 15.05 23.96 -38.94
N ASN C 377 16.07 24.79 -39.08
CA ASN C 377 17.45 24.37 -38.98
C ASN C 377 17.92 24.44 -37.53
N GLY C 378 18.81 23.54 -37.16
CA GLY C 378 19.41 23.59 -35.84
C GLY C 378 18.60 23.01 -34.73
N VAL C 379 17.68 22.08 -35.03
CA VAL C 379 16.86 21.41 -34.04
C VAL C 379 17.35 19.97 -33.93
N PHE C 380 17.81 19.58 -32.75
CA PHE C 380 18.27 18.24 -32.49
C PHE C 380 17.13 17.38 -31.95
N SER C 381 17.34 16.07 -31.99
CA SER C 381 16.29 15.12 -31.64
C SER C 381 15.89 15.15 -30.17
N ASN C 382 16.67 15.82 -29.31
CA ASN C 382 16.32 15.99 -27.90
C ASN C 382 15.66 17.33 -27.63
N MET C 383 15.19 18.03 -28.68
CA MET C 383 14.57 19.34 -28.56
C MET C 383 13.34 19.46 -29.45
N ILE C 384 12.66 18.35 -29.72
CA ILE C 384 11.53 18.33 -30.62
C ILE C 384 10.26 18.65 -29.83
N ILE C 385 9.52 19.66 -30.26
CA ILE C 385 8.22 19.99 -29.70
C ILE C 385 7.19 19.18 -30.46
N GLY C 386 6.59 18.20 -29.77
CA GLY C 386 5.56 17.37 -30.35
C GLY C 386 4.16 17.76 -29.87
N ALA C 387 3.20 16.90 -30.19
CA ALA C 387 1.83 17.13 -29.78
C ALA C 387 1.58 16.80 -28.31
N ASN C 388 2.55 16.17 -27.63
CA ASN C 388 2.45 15.87 -26.20
C ASN C 388 3.33 16.80 -25.37
N THR C 389 3.68 17.96 -25.90
CA THR C 389 4.60 18.89 -25.26
C THR C 389 3.84 20.09 -24.75
N GLU C 390 3.92 20.33 -23.44
CA GLU C 390 3.43 21.57 -22.87
C GLU C 390 4.42 22.70 -23.13
N VAL C 391 3.91 23.92 -23.19
CA VAL C 391 4.69 25.11 -23.51
C VAL C 391 4.62 26.07 -22.34
N ILE C 392 5.78 26.58 -21.93
CA ILE C 392 5.91 27.68 -20.98
C ILE C 392 6.62 28.81 -21.72
N ALA C 393 6.07 30.01 -21.62
CA ALA C 393 6.58 31.16 -22.34
C ALA C 393 7.65 31.84 -21.51
N GLY C 394 8.89 31.83 -22.00
CA GLY C 394 10.00 32.48 -21.35
C GLY C 394 10.44 33.77 -22.01
N GLU C 395 9.57 34.34 -22.85
CA GLU C 395 9.91 35.57 -23.57
C GLU C 395 10.02 36.71 -22.57
N GLY C 396 11.22 37.25 -22.41
CA GLY C 396 11.41 38.35 -21.49
C GLY C 396 11.45 37.96 -20.03
N LEU C 397 11.63 36.67 -19.72
CA LEU C 397 11.78 36.17 -18.37
C LEU C 397 13.15 35.54 -18.21
N ILE C 398 13.62 35.50 -16.97
CA ILE C 398 14.90 34.91 -16.61
C ILE C 398 14.63 33.58 -15.92
N VAL C 399 15.33 32.53 -16.36
CA VAL C 399 15.26 31.22 -15.75
C VAL C 399 16.50 31.02 -14.90
N THR C 400 16.28 30.60 -13.65
CA THR C 400 17.38 30.35 -12.73
C THR C 400 17.13 29.02 -12.04
N ALA C 401 18.21 28.37 -11.60
CA ALA C 401 18.05 27.15 -10.82
C ALA C 401 17.47 27.50 -9.46
N GLY C 402 16.65 26.60 -8.93
CA GLY C 402 16.09 26.80 -7.60
C GLY C 402 17.20 26.89 -6.56
N ALA C 403 17.07 27.85 -5.66
CA ALA C 403 18.10 28.07 -4.66
C ALA C 403 18.14 26.91 -3.67
N ILE C 404 19.32 26.71 -3.07
CA ILE C 404 19.55 25.67 -2.08
C ILE C 404 19.90 26.37 -0.78
N ASP C 405 19.09 26.14 0.26
CA ASP C 405 19.28 26.73 1.58
C ASP C 405 19.81 25.65 2.50
N CYS C 406 21.07 25.78 2.91
CA CYS C 406 21.78 24.71 3.60
C CYS C 406 21.84 24.91 5.12
N HIS C 407 21.15 25.91 5.66
CA HIS C 407 21.16 26.18 7.09
C HIS C 407 19.73 26.48 7.57
N VAL C 408 18.80 25.60 7.23
CA VAL C 408 17.42 25.73 7.68
C VAL C 408 17.28 25.10 9.05
N HIS C 409 16.60 25.79 9.96
CA HIS C 409 16.10 25.20 11.20
C HIS C 409 14.64 24.88 10.99
N TYR C 410 14.29 23.60 11.04
CA TYR C 410 12.90 23.17 10.84
C TYR C 410 12.12 23.46 12.12
N ILE C 411 11.83 24.75 12.32
CA ILE C 411 11.11 25.20 13.50
C ILE C 411 9.59 25.19 13.26
N CYS C 412 9.16 25.37 12.03
CA CYS C 412 7.75 25.29 11.68
C CYS C 412 7.64 24.90 10.22
N PRO C 413 6.48 24.39 9.78
CA PRO C 413 6.30 24.11 8.35
C PRO C 413 5.95 25.33 7.52
N GLN C 414 5.68 26.49 8.13
CA GLN C 414 5.37 27.68 7.38
C GLN C 414 6.59 28.30 6.73
N LEU C 415 7.78 28.07 7.30
CA LEU C 415 8.99 28.53 6.63
C LEU C 415 9.23 27.77 5.33
N VAL C 416 8.70 26.55 5.20
CA VAL C 416 8.79 25.84 3.94
C VAL C 416 8.01 26.58 2.85
N TYR C 417 6.79 27.02 3.18
CA TYR C 417 6.01 27.78 2.22
C TYR C 417 6.67 29.11 1.91
N GLU C 418 7.21 29.77 2.93
CA GLU C 418 7.91 31.03 2.72
C GLU C 418 9.13 30.85 1.84
N ALA C 419 9.85 29.74 1.99
CA ALA C 419 11.04 29.49 1.19
C ALA C 419 10.68 29.19 -0.26
N ILE C 420 9.72 28.29 -0.48
CA ILE C 420 9.39 27.93 -1.85
C ILE C 420 8.72 29.09 -2.57
N SER C 421 8.03 29.97 -1.85
CA SER C 421 7.44 31.14 -2.50
C SER C 421 8.51 32.12 -2.99
N SER C 422 9.72 32.05 -2.46
CA SER C 422 10.81 32.93 -2.83
C SER C 422 11.80 32.30 -3.81
N GLY C 423 11.59 31.06 -4.22
CA GLY C 423 12.43 30.40 -5.19
C GLY C 423 13.46 29.43 -4.63
N ILE C 424 13.33 29.02 -3.38
CA ILE C 424 14.20 28.01 -2.80
C ILE C 424 13.53 26.65 -2.98
N THR C 425 14.18 25.74 -3.69
CA THR C 425 13.62 24.44 -3.99
C THR C 425 14.22 23.31 -3.16
N THR C 426 15.28 23.56 -2.41
CA THR C 426 15.94 22.54 -1.59
C THR C 426 16.30 23.14 -0.25
N LEU C 427 15.95 22.44 0.82
CA LEU C 427 16.31 22.79 2.18
C LEU C 427 17.17 21.69 2.77
N VAL C 428 18.30 22.05 3.34
CA VAL C 428 19.14 21.13 4.11
C VAL C 428 19.32 21.73 5.49
N GLY C 429 19.18 20.90 6.52
CA GLY C 429 19.24 21.40 7.88
C GLY C 429 18.85 20.33 8.88
N GLY C 430 18.21 20.77 9.94
CA GLY C 430 17.78 19.84 10.97
C GLY C 430 16.77 20.50 11.87
N GLY C 431 16.01 19.66 12.56
CA GLY C 431 15.00 20.14 13.50
C GLY C 431 13.87 19.14 13.64
N THR C 432 12.99 19.45 14.58
CA THR C 432 11.82 18.62 14.87
C THR C 432 10.58 19.45 15.14
N GLY C 433 10.64 20.77 15.02
CA GLY C 433 9.58 21.64 15.46
C GLY C 433 10.13 22.74 16.36
N PRO C 434 9.25 23.43 17.08
CA PRO C 434 9.71 24.54 17.93
C PRO C 434 10.24 24.11 19.29
N ALA C 435 10.65 22.85 19.43
CA ALA C 435 11.36 22.42 20.63
C ALA C 435 12.59 23.31 20.85
N ALA C 436 12.98 23.45 22.11
CA ALA C 436 14.08 24.35 22.45
C ALA C 436 15.40 23.91 21.82
N GLY C 437 15.57 22.61 21.58
CA GLY C 437 16.83 22.14 21.02
C GLY C 437 17.01 22.53 19.58
N THR C 438 15.93 22.77 18.85
CA THR C 438 15.98 23.07 17.42
C THR C 438 15.82 24.54 17.11
N ARG C 439 15.34 25.34 18.07
CA ARG C 439 15.39 26.78 17.91
C ARG C 439 16.82 27.31 17.87
N ALA C 440 17.77 26.56 18.44
CA ALA C 440 19.17 26.96 18.50
C ALA C 440 20.08 26.16 17.59
N THR C 441 19.69 24.96 17.17
CA THR C 441 20.57 24.02 16.50
C THR C 441 19.86 23.41 15.31
N THR C 442 20.63 23.09 14.26
CA THR C 442 20.13 22.33 13.12
C THR C 442 20.38 20.84 13.29
N CYS C 443 19.93 20.31 14.43
CA CYS C 443 20.12 18.91 14.79
C CYS C 443 18.77 18.23 14.88
N THR C 444 18.66 17.05 14.26
CA THR C 444 17.50 16.16 14.38
C THR C 444 17.97 14.97 15.20
N PRO C 445 17.92 15.04 16.55
CA PRO C 445 18.67 14.05 17.35
C PRO C 445 18.14 12.63 17.25
N SER C 446 16.85 12.44 17.46
CA SER C 446 16.34 11.09 17.63
C SER C 446 16.10 10.42 16.27
N PRO C 447 16.37 9.13 16.12
CA PRO C 447 15.92 8.43 14.91
C PRO C 447 14.41 8.42 14.76
N THR C 448 13.68 8.40 15.86
CA THR C 448 12.22 8.52 15.80
C THR C 448 11.82 9.84 15.16
N GLN C 449 12.47 10.92 15.58
CA GLN C 449 12.20 12.22 14.97
C GLN C 449 12.65 12.27 13.52
N MET C 450 13.73 11.56 13.18
CA MET C 450 14.15 11.49 11.78
C MET C 450 13.06 10.84 10.92
N ARG C 451 12.51 9.73 11.39
CA ARG C 451 11.42 9.08 10.68
C ARG C 451 10.21 10.00 10.58
N LEU C 452 9.85 10.65 11.69
CA LEU C 452 8.67 11.50 11.70
C LEU C 452 8.81 12.68 10.75
N MET C 453 10.01 13.28 10.69
CA MET C 453 10.21 14.43 9.81
C MET C 453 10.32 14.01 8.35
N LEU C 454 10.90 12.86 8.06
CA LEU C 454 10.87 12.39 6.68
C LEU C 454 9.44 12.06 6.25
N GLN C 455 8.60 11.60 7.17
CA GLN C 455 7.21 11.31 6.84
C GLN C 455 6.37 12.56 6.69
N SER C 456 6.61 13.57 7.53
CA SER C 456 5.78 14.77 7.50
C SER C 456 6.07 15.62 6.27
N THR C 457 7.33 15.70 5.85
CA THR C 457 7.72 16.47 4.68
C THR C 457 7.63 15.67 3.39
N ASP C 458 6.91 14.54 3.40
CA ASP C 458 6.90 13.65 2.24
C ASP C 458 6.06 14.22 1.10
N ASP C 459 5.01 14.96 1.41
CA ASP C 459 4.13 15.52 0.39
C ASP C 459 4.54 16.92 -0.07
N LEU C 460 5.50 17.55 0.59
CA LEU C 460 5.87 18.90 0.21
C LEU C 460 6.71 18.88 -1.07
N PRO C 461 6.50 19.84 -2.03
CA PRO C 461 7.25 19.82 -3.29
C PRO C 461 8.61 20.53 -3.19
N LEU C 462 9.42 20.11 -2.23
CA LEU C 462 10.78 20.59 -2.06
C LEU C 462 11.69 19.39 -1.87
N ASN C 463 12.98 19.59 -2.13
CA ASN C 463 13.99 18.63 -1.75
C ASN C 463 14.41 18.90 -0.32
N PHE C 464 14.60 17.81 0.44
CA PHE C 464 14.85 17.90 1.88
C PHE C 464 16.07 17.08 2.26
N GLY C 465 16.86 17.64 3.18
CA GLY C 465 17.95 16.93 3.79
C GLY C 465 18.01 17.23 5.28
N PHE C 466 18.09 16.20 6.11
CA PHE C 466 18.07 16.34 7.56
C PHE C 466 19.42 15.93 8.14
N THR C 467 19.91 16.71 9.10
CA THR C 467 21.17 16.44 9.78
C THR C 467 20.91 16.07 11.23
N GLY C 468 21.83 15.28 11.79
CA GLY C 468 21.73 14.84 13.17
C GLY C 468 22.67 15.61 14.09
N LYS C 469 22.64 15.22 15.36
CA LYS C 469 23.47 15.84 16.39
C LYS C 469 24.80 15.09 16.45
N GLY C 470 25.85 15.69 15.93
CA GLY C 470 27.17 15.12 15.96
C GLY C 470 28.00 15.48 17.18
N SER C 471 27.42 16.20 18.14
CA SER C 471 28.17 16.68 19.30
C SER C 471 28.21 15.57 20.35
N SER C 472 29.07 14.59 20.09
CA SER C 472 29.29 13.48 21.01
C SER C 472 30.75 13.07 20.93
N SER C 473 31.30 12.65 22.07
CA SER C 473 32.69 12.22 22.14
C SER C 473 32.88 10.74 21.81
N LYS C 474 31.80 9.98 21.65
CA LYS C 474 31.87 8.59 21.20
C LYS C 474 30.95 8.39 20.01
N PRO C 475 31.25 7.41 19.15
CA PRO C 475 30.60 7.35 17.84
C PRO C 475 29.26 6.63 17.78
N ASP C 476 28.72 6.16 18.89
CA ASP C 476 27.61 5.20 18.86
C ASP C 476 26.34 5.85 18.32
N GLU C 477 25.87 6.89 19.01
CA GLU C 477 24.62 7.54 18.63
C GLU C 477 24.75 8.24 17.29
N LEU C 478 25.96 8.68 16.92
CA LEU C 478 26.17 9.24 15.59
C LEU C 478 25.92 8.19 14.52
N HIS C 479 26.42 6.97 14.72
CA HIS C 479 26.13 5.89 13.79
C HIS C 479 24.64 5.63 13.72
N GLU C 480 23.97 5.63 14.89
CA GLU C 480 22.53 5.36 14.90
C GLU C 480 21.75 6.40 14.11
N ILE C 481 22.09 7.68 14.27
CA ILE C 481 21.32 8.72 13.60
C ILE C 481 21.69 8.82 12.13
N ILE C 482 22.92 8.47 11.74
CA ILE C 482 23.25 8.44 10.32
C ILE C 482 22.52 7.30 9.63
N LYS C 483 22.42 6.15 10.30
CA LYS C 483 21.72 5.01 9.73
C LYS C 483 20.24 5.30 9.51
N ALA C 484 19.66 6.20 10.30
CA ALA C 484 18.23 6.47 10.26
C ALA C 484 17.81 7.40 9.14
N GLY C 485 18.74 8.11 8.51
CA GLY C 485 18.39 9.02 7.42
C GLY C 485 19.20 10.29 7.38
N ALA C 486 19.98 10.58 8.42
CA ALA C 486 20.70 11.85 8.49
C ALA C 486 21.75 11.92 7.41
N MET C 487 21.69 12.95 6.58
CA MET C 487 22.67 13.18 5.51
C MET C 487 23.84 14.05 5.97
N GLY C 488 23.89 14.43 7.23
CA GLY C 488 25.02 15.17 7.76
C GLY C 488 24.91 15.24 9.26
N LEU C 489 25.97 15.70 9.89
CA LEU C 489 25.97 15.93 11.34
C LEU C 489 26.33 17.38 11.62
N KCX C 490 25.89 17.85 12.79
CA KCX C 490 26.07 19.23 13.19
CB KCX C 490 24.71 19.94 13.23
CG KCX C 490 24.71 21.38 13.70
CD KCX C 490 25.52 22.29 12.80
CE KCX C 490 25.52 23.72 13.30
NZ KCX C 490 24.14 24.27 13.34
C KCX C 490 26.74 19.31 14.55
O KCX C 490 26.22 18.82 15.54
CX KCX C 490 23.95 25.58 13.45
OQ1 KCX C 490 22.79 26.03 13.47
OQ2 KCX C 490 24.91 26.36 13.54
N LEU C 491 27.91 19.94 14.59
CA LEU C 491 28.57 20.29 15.85
C LEU C 491 28.13 21.70 16.25
N HIS C 492 27.62 21.84 17.47
CA HIS C 492 27.07 23.10 17.93
C HIS C 492 27.60 23.42 19.31
N GLU C 493 27.75 24.72 19.58
CA GLU C 493 28.24 25.18 20.87
C GLU C 493 27.31 24.78 22.01
N ASP C 494 26.02 24.61 21.73
CA ASP C 494 25.03 24.35 22.77
C ASP C 494 25.01 22.89 23.21
N TRP C 495 25.54 21.99 22.40
CA TRP C 495 25.69 20.58 22.77
C TRP C 495 27.12 20.21 23.14
N GLY C 496 28.09 21.07 22.85
CA GLY C 496 29.49 20.76 23.06
C GLY C 496 30.24 20.62 21.75
N SER C 497 30.96 21.66 21.37
CA SER C 497 31.72 21.73 20.12
C SER C 497 33.22 21.68 20.40
N THR C 498 33.62 20.85 21.34
CA THR C 498 34.99 20.77 21.80
C THR C 498 35.84 19.99 20.80
N PRO C 499 37.17 20.05 20.94
CA PRO C 499 38.03 19.29 20.00
C PRO C 499 37.77 17.80 19.96
N ALA C 500 37.43 17.19 21.10
CA ALA C 500 37.13 15.75 21.11
C ALA C 500 35.90 15.45 20.25
N ALA C 501 34.85 16.25 20.40
CA ALA C 501 33.66 16.07 19.58
C ALA C 501 33.97 16.30 18.12
N ILE C 502 34.82 17.28 17.81
CA ILE C 502 35.17 17.54 16.41
C ILE C 502 35.88 16.34 15.82
N ASP C 503 36.86 15.79 16.54
CA ASP C 503 37.59 14.63 16.04
C ASP C 503 36.67 13.45 15.82
N ASN C 504 35.79 13.17 16.79
CA ASN C 504 34.87 12.04 16.67
C ASN C 504 33.93 12.22 15.48
N CYS C 505 33.33 13.40 15.36
CA CYS C 505 32.40 13.66 14.27
C CYS C 505 33.10 13.56 12.92
N LEU C 506 34.36 14.01 12.84
CA LEU C 506 35.04 13.99 11.55
C LEU C 506 35.46 12.58 11.16
N THR C 507 35.90 11.76 12.12
CA THR C 507 36.19 10.37 11.75
C THR C 507 34.92 9.62 11.35
N ILE C 508 33.80 9.93 12.01
CA ILE C 508 32.53 9.34 11.58
C ILE C 508 32.17 9.79 10.18
N ALA C 509 32.41 11.06 9.87
CA ALA C 509 32.12 11.57 8.53
C ALA C 509 32.96 10.86 7.48
N GLU C 510 34.25 10.66 7.76
CA GLU C 510 35.10 9.95 6.84
C GLU C 510 34.62 8.51 6.66
N HIS C 511 34.09 7.91 7.73
CA HIS C 511 33.51 6.58 7.62
C HIS C 511 32.30 6.57 6.69
N HIS C 512 31.41 7.55 6.84
CA HIS C 512 30.08 7.49 6.23
C HIS C 512 29.93 8.34 4.98
N ASP C 513 30.89 9.19 4.64
CA ASP C 513 30.81 10.03 3.44
C ASP C 513 29.64 11.00 3.53
N ILE C 514 29.52 11.67 4.67
CA ILE C 514 28.56 12.74 4.87
C ILE C 514 29.35 14.01 5.21
N GLN C 515 28.66 15.14 5.14
CA GLN C 515 29.26 16.43 5.45
C GLN C 515 29.06 16.78 6.92
N ILE C 516 30.05 17.47 7.48
CA ILE C 516 30.03 17.93 8.87
C ILE C 516 29.87 19.43 8.86
N ASN C 517 28.80 19.90 9.50
CA ASN C 517 28.56 21.31 9.73
C ASN C 517 28.96 21.61 11.17
N ILE C 518 29.64 22.74 11.38
CA ILE C 518 30.15 23.09 12.70
C ILE C 518 29.79 24.52 13.04
N HIS C 519 29.32 24.70 14.25
CA HIS C 519 29.21 25.99 14.93
C HIS C 519 30.16 25.88 16.12
N THR C 520 31.26 26.62 16.07
CA THR C 520 32.37 26.41 16.99
C THR C 520 32.10 27.10 18.33
N ASP C 521 33.06 26.95 19.25
CA ASP C 521 32.91 27.40 20.62
C ASP C 521 33.17 28.91 20.71
N THR C 522 32.11 29.69 20.91
CA THR C 522 32.28 31.13 21.06
C THR C 522 32.95 31.48 22.38
N LEU C 523 32.72 30.70 23.42
CA LEU C 523 33.30 30.98 24.73
C LEU C 523 34.81 30.72 24.78
N ASN C 524 35.38 30.06 23.77
CA ASN C 524 36.78 29.65 23.79
C ASN C 524 37.07 28.81 25.04
N GLU C 525 36.12 27.93 25.37
CA GLU C 525 36.14 27.20 26.63
C GLU C 525 37.15 26.06 26.60
N ALA C 526 37.25 25.35 25.49
CA ALA C 526 38.24 24.29 25.30
C ALA C 526 39.49 24.76 24.58
N GLY C 527 39.37 25.79 23.75
CA GLY C 527 40.52 26.33 23.05
C GLY C 527 40.09 27.47 22.16
N PHE C 528 41.08 28.11 21.55
CA PHE C 528 40.84 29.17 20.58
C PHE C 528 40.64 28.55 19.20
N VAL C 529 40.55 29.39 18.17
CA VAL C 529 40.22 28.91 16.84
C VAL C 529 41.34 28.04 16.27
N GLU C 530 42.59 28.30 16.65
CA GLU C 530 43.68 27.47 16.18
C GLU C 530 43.55 26.04 16.67
N HIS C 531 42.99 25.84 17.86
CA HIS C 531 42.81 24.50 18.39
C HIS C 531 41.67 23.76 17.69
N SER C 532 40.61 24.46 17.32
CA SER C 532 39.58 23.85 16.48
C SER C 532 40.15 23.45 15.12
N ILE C 533 40.95 24.33 14.51
CA ILE C 533 41.55 24.01 13.22
C ILE C 533 42.49 22.82 13.36
N ALA C 534 43.21 22.74 14.48
CA ALA C 534 44.04 21.56 14.74
C ALA C 534 43.18 20.31 14.87
N ALA C 535 42.02 20.43 15.52
CA ALA C 535 41.12 19.29 15.65
C ALA C 535 40.57 18.85 14.30
N PHE C 536 40.50 19.77 13.32
CA PHE C 536 40.05 19.37 11.99
C PHE C 536 41.02 18.37 11.37
N LYS C 537 42.32 18.53 11.64
CA LYS C 537 43.35 17.63 11.13
C LYS C 537 43.35 17.57 9.61
N GLY C 538 43.06 18.69 8.97
CA GLY C 538 43.08 18.75 7.51
C GLY C 538 41.92 18.07 6.83
N ARG C 539 40.89 17.67 7.57
CA ARG C 539 39.74 17.00 7.00
C ARG C 539 38.68 18.01 6.58
N THR C 540 37.90 17.63 5.57
CA THR C 540 36.87 18.53 5.05
C THR C 540 35.82 18.81 6.12
N ILE C 541 35.43 20.08 6.22
CA ILE C 541 34.39 20.49 7.14
C ILE C 541 33.74 21.75 6.61
N HIS C 542 32.42 21.81 6.73
CA HIS C 542 31.64 22.99 6.37
C HIS C 542 31.44 23.82 7.64
N THR C 543 31.76 25.11 7.57
CA THR C 543 31.60 26.02 8.69
C THR C 543 30.42 26.94 8.41
N TYR C 544 29.36 26.82 9.21
CA TYR C 544 28.25 27.74 9.17
C TYR C 544 28.64 29.07 9.80
N HIS C 545 28.14 30.16 9.21
CA HIS C 545 28.37 31.54 9.67
C HIS C 545 29.81 31.77 10.12
N SER C 546 30.71 31.63 9.15
CA SER C 546 32.15 31.68 9.41
C SER C 546 32.59 33.02 9.96
N GLU C 547 31.84 34.10 9.72
CA GLU C 547 32.18 35.39 10.29
C GLU C 547 32.19 35.35 11.81
N GLY C 548 31.14 34.79 12.40
CA GLY C 548 30.97 34.72 13.84
C GLY C 548 29.82 35.53 14.39
N ALA C 549 29.11 36.29 13.57
CA ALA C 549 27.89 36.94 14.06
C ALA C 549 26.85 35.89 14.46
N GLY C 550 26.64 34.89 13.60
CA GLY C 550 25.83 33.76 14.00
C GLY C 550 26.42 33.00 15.16
N GLY C 551 27.74 32.97 15.23
CA GLY C 551 28.44 32.37 16.36
C GLY C 551 29.74 31.75 15.91
N GLY C 552 30.58 31.44 16.89
CA GLY C 552 31.87 30.86 16.64
C GLY C 552 32.93 31.54 17.48
N HIS C 553 34.17 31.05 17.40
CA HIS C 553 35.27 31.52 18.24
C HIS C 553 35.42 33.03 18.18
N ALA C 554 35.18 33.68 19.31
CA ALA C 554 35.28 35.12 19.37
C ALA C 554 36.75 35.53 19.52
N PRO C 555 37.27 36.45 18.67
CA PRO C 555 36.74 37.17 17.50
C PRO C 555 37.20 36.64 16.15
N ASP C 556 37.92 35.52 16.15
CA ASP C 556 38.74 35.12 15.00
C ASP C 556 38.28 33.80 14.38
N ILE C 557 36.98 33.51 14.39
CA ILE C 557 36.49 32.37 13.63
C ILE C 557 36.68 32.59 12.14
N ILE C 558 36.63 33.85 11.70
CA ILE C 558 36.71 34.20 10.28
C ILE C 558 38.01 33.73 9.64
N LYS C 559 39.03 33.41 10.45
CA LYS C 559 40.28 32.86 9.92
C LYS C 559 40.05 31.60 9.12
N VAL C 560 38.97 30.86 9.40
CA VAL C 560 38.68 29.64 8.66
C VAL C 560 38.46 29.91 7.17
N CYS C 561 38.20 31.15 6.78
CA CYS C 561 38.08 31.46 5.35
C CYS C 561 39.40 31.27 4.60
N GLY C 562 40.53 31.19 5.30
CA GLY C 562 41.81 30.98 4.67
C GLY C 562 42.26 29.53 4.62
N ILE C 563 41.58 28.66 5.36
CA ILE C 563 41.95 27.25 5.44
C ILE C 563 41.48 26.53 4.18
N LYS C 564 42.32 25.63 3.66
CA LYS C 564 42.03 24.98 2.39
C LYS C 564 40.90 23.97 2.51
N ASN C 565 40.93 23.15 3.57
CA ASN C 565 39.94 22.09 3.72
C ASN C 565 38.61 22.57 4.26
N VAL C 566 38.51 23.80 4.73
CA VAL C 566 37.27 24.33 5.28
C VAL C 566 36.45 24.95 4.16
N LEU C 567 35.18 24.53 4.06
CA LEU C 567 34.23 25.16 3.16
C LEU C 567 33.45 26.20 3.96
N PRO C 568 33.66 27.50 3.74
CA PRO C 568 32.96 28.49 4.56
C PRO C 568 31.63 28.91 3.96
N SER C 569 30.74 29.35 4.84
CA SER C 569 29.46 29.89 4.43
C SER C 569 29.12 31.08 5.32
N SER C 570 28.17 31.87 4.84
CA SER C 570 27.63 33.00 5.55
C SER C 570 26.12 32.85 5.67
N THR C 571 25.56 33.47 6.70
CA THR C 571 24.13 33.56 6.88
C THR C 571 23.65 34.92 6.41
N ASN C 572 22.38 34.98 6.06
CA ASN C 572 21.86 36.18 5.40
C ASN C 572 21.68 37.43 6.28
N PRO C 573 21.41 37.37 7.60
CA PRO C 573 20.96 38.61 8.27
C PRO C 573 22.03 39.69 8.33
N THR C 574 23.30 39.34 8.11
CA THR C 574 24.38 40.32 8.01
C THR C 574 24.71 40.72 6.58
N ARG C 575 23.98 40.19 5.58
CA ARG C 575 24.33 40.40 4.18
C ARG C 575 23.44 41.47 3.59
N PRO C 576 23.93 42.67 3.26
CA PRO C 576 25.22 43.32 3.48
C PRO C 576 25.27 44.08 4.81
N LEU C 577 26.44 44.56 5.19
CA LEU C 577 26.52 45.45 6.34
C LEU C 577 25.79 46.76 6.02
N THR C 578 24.90 47.17 6.92
CA THR C 578 24.14 48.41 6.76
C THR C 578 24.16 49.16 8.08
N SER C 579 23.52 50.33 8.08
CA SER C 579 23.56 51.18 9.26
C SER C 579 22.84 50.55 10.45
N ASN C 580 21.78 49.79 10.20
CA ASN C 580 20.97 49.21 11.26
C ASN C 580 21.41 47.81 11.66
N THR C 581 22.49 47.28 11.08
CA THR C 581 22.83 45.88 11.32
C THR C 581 23.30 45.64 12.74
N ILE C 582 24.16 46.50 13.28
CA ILE C 582 24.80 46.20 14.55
C ILE C 582 23.79 46.29 15.70
N ASP C 583 22.92 47.30 15.70
CA ASP C 583 21.95 47.42 16.77
C ASP C 583 20.98 46.24 16.77
N GLU C 584 20.45 45.92 15.58
CA GLU C 584 19.63 44.72 15.40
C GLU C 584 20.31 43.49 15.97
N HIS C 585 21.53 43.23 15.51
CA HIS C 585 22.17 41.96 15.83
C HIS C 585 22.55 41.89 17.30
N LEU C 586 23.03 43.00 17.86
CA LEU C 586 23.37 43.03 19.28
C LEU C 586 22.15 42.73 20.13
N ASP C 587 21.05 43.47 19.92
CA ASP C 587 19.94 43.30 20.85
C ASP C 587 19.19 42.00 20.55
N MET C 588 19.24 41.52 19.31
CA MET C 588 18.72 40.19 18.99
C MET C 588 19.51 39.11 19.71
N LEU C 589 20.83 39.25 19.78
CA LEU C 589 21.65 38.31 20.54
C LEU C 589 21.28 38.35 22.01
N MET C 590 21.06 39.56 22.54
CA MET C 590 20.65 39.69 23.93
C MET C 590 19.32 38.99 24.18
N VAL C 591 18.37 39.12 23.24
CA VAL C 591 17.08 38.44 23.38
C VAL C 591 17.27 36.93 23.32
N CYS C 592 18.04 36.45 22.34
CA CYS C 592 18.20 35.02 22.16
C CYS C 592 18.84 34.36 23.37
N HIS C 593 19.89 34.97 23.90
CA HIS C 593 20.64 34.37 25.00
C HIS C 593 20.14 34.82 26.37
N HIS C 594 19.04 35.56 26.43
CA HIS C 594 18.44 36.00 27.70
C HIS C 594 19.45 36.79 28.52
N LEU C 595 20.18 37.66 27.84
CA LEU C 595 21.22 38.47 28.46
C LEU C 595 20.64 39.80 28.93
N ASP C 596 21.30 40.37 29.93
CA ASP C 596 20.89 41.65 30.51
C ASP C 596 21.97 42.68 30.19
N ARG C 597 21.56 43.81 29.60
CA ARG C 597 22.52 44.86 29.26
C ARG C 597 23.19 45.47 30.49
N GLU C 598 22.58 45.33 31.66
CA GLU C 598 23.08 45.98 32.87
C GLU C 598 24.14 45.17 33.60
N ILE C 599 24.35 43.91 33.24
CA ILE C 599 25.41 43.07 33.82
C ILE C 599 26.62 43.17 32.91
N PRO C 600 27.80 43.58 33.42
CA PRO C 600 28.95 43.79 32.51
C PRO C 600 29.39 42.55 31.73
N GLU C 601 29.34 41.36 32.34
CA GLU C 601 29.82 40.17 31.64
C GLU C 601 28.96 39.85 30.43
N ASP C 602 27.65 39.99 30.55
CA ASP C 602 26.74 39.68 29.46
C ASP C 602 26.96 40.63 28.28
N LEU C 603 27.05 41.93 28.56
CA LEU C 603 27.30 42.89 27.51
C LEU C 603 28.68 42.72 26.91
N ALA C 604 29.66 42.31 27.73
CA ALA C 604 30.99 42.04 27.20
C ALA C 604 30.97 40.88 26.21
N PHE C 605 30.26 39.80 26.55
CA PHE C 605 30.10 38.69 25.62
C PHE C 605 29.42 39.16 24.34
N ALA C 606 28.34 39.92 24.48
CA ALA C 606 27.59 40.38 23.30
C ALA C 606 28.46 41.24 22.39
N HIS C 607 29.24 42.15 22.97
CA HIS C 607 30.07 43.02 22.15
C HIS C 607 31.24 42.26 21.55
N SER C 608 31.78 41.26 22.26
CA SER C 608 32.84 40.44 21.68
C SER C 608 32.33 39.58 20.54
N ARG C 609 31.04 39.25 20.51
CA ARG C 609 30.51 38.37 19.48
C ARG C 609 29.93 39.11 18.28
N ILE C 610 29.40 40.32 18.46
CA ILE C 610 28.87 41.13 17.37
C ILE C 610 29.88 42.25 17.10
N ARG C 611 30.54 42.18 15.95
CA ARG C 611 31.67 43.04 15.63
C ARG C 611 31.47 43.66 14.26
N LYS C 612 31.62 44.98 14.17
CA LYS C 612 31.45 45.67 12.89
C LYS C 612 32.59 45.35 11.93
N LYS C 613 33.82 45.34 12.43
CA LYS C 613 34.97 45.16 11.54
C LYS C 613 34.94 43.80 10.86
N THR C 614 34.57 42.76 11.60
CA THR C 614 34.63 41.42 11.07
C THR C 614 33.50 41.18 10.08
N ILE C 615 32.34 41.80 10.30
CA ILE C 615 31.25 41.75 9.32
C ILE C 615 31.63 42.51 8.05
N ALA C 616 32.25 43.69 8.20
CA ALA C 616 32.70 44.43 7.04
C ALA C 616 33.73 43.62 6.25
N ALA C 617 34.59 42.89 6.95
CA ALA C 617 35.48 41.95 6.28
C ALA C 617 34.72 40.84 5.59
N GLU C 618 33.62 40.37 6.21
CA GLU C 618 32.82 39.32 5.59
C GLU C 618 32.31 39.75 4.24
N ASP C 619 31.94 41.04 4.11
CA ASP C 619 31.46 41.53 2.82
C ASP C 619 32.54 41.41 1.73
N VAL C 620 33.77 41.81 2.05
CA VAL C 620 34.85 41.71 1.07
C VAL C 620 35.15 40.26 0.76
N LEU C 621 35.14 39.40 1.79
CA LEU C 621 35.46 37.99 1.57
C LEU C 621 34.39 37.32 0.72
N ASN C 622 33.13 37.74 0.85
CA ASN C 622 32.11 37.29 -0.09
C ASN C 622 32.41 37.77 -1.50
N ASP C 623 32.86 39.02 -1.64
CA ASP C 623 33.10 39.55 -2.98
C ASP C 623 34.25 38.84 -3.68
N ILE C 624 35.38 38.67 -3.01
CA ILE C 624 36.56 38.09 -3.66
C ILE C 624 36.48 36.59 -3.84
N GLY C 625 35.47 35.94 -3.27
CA GLY C 625 35.32 34.50 -3.37
C GLY C 625 35.91 33.71 -2.23
N ALA C 626 36.28 34.37 -1.12
CA ALA C 626 36.79 33.64 0.02
C ALA C 626 35.68 32.92 0.79
N ILE C 627 34.46 33.45 0.74
CA ILE C 627 33.28 32.81 1.31
C ILE C 627 32.44 32.30 0.14
N SER C 628 32.09 31.02 0.18
CA SER C 628 31.56 30.33 -0.99
C SER C 628 30.05 30.13 -0.98
N ILE C 629 29.40 30.18 0.18
CA ILE C 629 27.99 29.84 0.32
C ILE C 629 27.31 30.93 1.15
N ILE C 630 26.08 31.25 0.79
CA ILE C 630 25.21 32.12 1.58
C ILE C 630 23.97 31.31 1.94
N SER C 631 23.72 31.17 3.23
CA SER C 631 22.64 30.35 3.77
C SER C 631 21.67 31.25 4.55
N SER C 632 20.72 30.62 5.25
CA SER C 632 19.66 31.33 5.94
C SER C 632 19.87 31.38 7.45
N ASP C 633 19.96 30.23 8.12
CA ASP C 633 19.88 30.13 9.59
C ASP C 633 18.47 30.46 10.07
N SER C 634 17.47 29.91 9.37
CA SER C 634 16.09 30.36 9.46
C SER C 634 15.55 30.35 10.88
N GLN C 635 15.02 31.48 11.32
CA GLN C 635 14.42 31.67 12.64
C GLN C 635 15.40 31.36 13.78
N ALA C 636 16.70 31.40 13.49
CA ALA C 636 17.76 31.24 14.47
C ALA C 636 18.82 32.30 14.19
N MET C 637 18.38 33.56 14.09
CA MET C 637 19.11 34.65 13.45
C MET C 637 19.22 34.39 11.95
N GLY C 638 18.08 34.27 11.29
CA GLY C 638 18.07 34.08 9.86
C GLY C 638 16.68 34.12 9.24
N ARG C 639 16.60 34.55 7.98
CA ARG C 639 15.34 34.74 7.28
C ARG C 639 15.34 33.84 6.04
N VAL C 640 14.47 32.83 6.03
CA VAL C 640 14.50 31.82 4.98
C VAL C 640 14.14 32.42 3.62
N GLY C 641 13.33 33.48 3.60
CA GLY C 641 12.84 34.04 2.36
C GLY C 641 13.72 35.14 1.79
N GLU C 642 14.97 35.25 2.28
CA GLU C 642 15.88 36.32 1.86
C GLU C 642 17.27 35.79 1.57
N VAL C 643 17.44 34.49 1.34
CA VAL C 643 18.74 33.98 0.92
C VAL C 643 19.12 34.56 -0.43
N ILE C 644 18.16 34.63 -1.35
CA ILE C 644 18.44 35.09 -2.70
C ILE C 644 18.64 36.60 -2.72
N SER C 645 17.61 37.34 -2.26
CA SER C 645 17.64 38.79 -2.37
C SER C 645 18.85 39.40 -1.67
N ARG C 646 19.08 38.98 -0.42
CA ARG C 646 20.24 39.48 0.33
C ARG C 646 21.53 39.24 -0.44
N THR C 647 21.67 38.06 -1.06
CA THR C 647 22.86 37.77 -1.85
C THR C 647 23.06 38.84 -2.92
N TRP C 648 22.01 39.11 -3.69
CA TRP C 648 22.16 40.09 -4.76
C TRP C 648 22.38 41.48 -4.19
N GLN C 649 21.79 41.76 -3.01
CA GLN C 649 22.06 43.04 -2.39
C GLN C 649 23.54 43.21 -2.12
N THR C 650 24.17 42.15 -1.59
CA THR C 650 25.62 42.18 -1.37
C THR C 650 26.35 42.49 -2.66
N ALA C 651 25.96 41.81 -3.75
CA ALA C 651 26.63 42.03 -5.03
C ALA C 651 26.50 43.49 -5.44
N ASP C 652 25.29 44.05 -5.29
CA ASP C 652 25.07 45.43 -5.66
C ASP C 652 25.98 46.33 -4.87
N LYS C 653 26.08 46.09 -3.56
CA LYS C 653 26.92 46.93 -2.71
C LYS C 653 28.36 46.85 -3.17
N MET C 654 28.82 45.66 -3.54
CA MET C 654 30.22 45.52 -3.91
C MET C 654 30.51 46.09 -5.29
N LYS C 655 29.48 46.28 -6.12
CA LYS C 655 29.70 47.05 -7.34
C LYS C 655 29.67 48.54 -7.06
N ALA C 656 28.98 48.95 -6.00
CA ALA C 656 28.88 50.38 -5.70
C ALA C 656 30.18 50.91 -5.11
N GLN C 657 30.83 50.12 -4.24
CA GLN C 657 31.94 50.59 -3.43
C GLN C 657 33.27 49.94 -3.76
N THR C 658 33.33 49.11 -4.80
CA THR C 658 34.59 48.57 -5.29
C THR C 658 34.72 48.58 -6.81
N GLY C 659 33.66 48.89 -7.55
CA GLY C 659 33.72 48.89 -8.99
C GLY C 659 33.64 47.48 -9.54
N PRO C 660 33.82 47.33 -10.86
CA PRO C 660 33.82 45.99 -11.44
C PRO C 660 34.98 45.16 -10.94
N LEU C 661 34.77 43.85 -10.88
CA LEU C 661 35.85 42.94 -10.54
C LEU C 661 36.92 42.97 -11.63
N LYS C 662 38.05 42.33 -11.35
CA LYS C 662 39.14 42.29 -12.32
C LYS C 662 38.71 41.61 -13.60
N CYS C 663 38.01 40.47 -13.49
CA CYS C 663 37.55 39.75 -14.66
C CYS C 663 36.41 40.48 -15.38
N ASP C 664 35.71 41.37 -14.70
CA ASP C 664 34.64 42.13 -15.32
C ASP C 664 35.21 43.35 -16.05
N SER C 665 34.33 44.04 -16.78
CA SER C 665 34.66 45.27 -17.48
C SER C 665 33.55 46.29 -17.20
N SER C 666 33.67 47.46 -17.82
CA SER C 666 32.61 48.45 -17.72
C SER C 666 31.37 48.09 -18.52
N ASP C 667 31.43 47.04 -19.34
CA ASP C 667 30.30 46.66 -20.18
C ASP C 667 29.24 45.89 -19.38
N ASN C 668 29.64 44.78 -18.77
CA ASN C 668 28.72 43.90 -18.07
C ASN C 668 29.31 43.49 -16.73
N ASP C 669 28.51 42.78 -15.94
CA ASP C 669 28.88 42.25 -14.64
C ASP C 669 28.71 40.75 -14.62
N ASN C 670 29.04 40.09 -15.74
CA ASN C 670 28.73 38.67 -15.89
C ASN C 670 29.51 37.83 -14.89
N PHE C 671 30.80 38.12 -14.69
CA PHE C 671 31.58 37.31 -13.77
C PHE C 671 31.09 37.46 -12.33
N ARG C 672 30.76 38.69 -11.92
CA ARG C 672 30.22 38.89 -10.58
C ARG C 672 28.87 38.21 -10.42
N ILE C 673 28.03 38.27 -11.45
CA ILE C 673 26.72 37.62 -11.40
C ILE C 673 26.89 36.12 -11.24
N ARG C 674 27.83 35.53 -12.01
CA ARG C 674 28.08 34.10 -11.89
C ARG C 674 28.61 33.73 -10.52
N ARG C 675 29.56 34.52 -10.01
CA ARG C 675 30.16 34.24 -8.71
C ARG C 675 29.10 34.27 -7.62
N TYR C 676 28.18 35.23 -7.68
CA TYR C 676 27.19 35.36 -6.63
C TYR C 676 26.04 34.36 -6.79
N ILE C 677 25.63 34.04 -8.02
CA ILE C 677 24.60 33.02 -8.18
C ILE C 677 25.12 31.64 -7.84
N ALA C 678 26.44 31.43 -7.92
CA ALA C 678 26.99 30.17 -7.44
C ALA C 678 26.88 29.99 -5.94
N LYS C 679 26.69 31.09 -5.19
CA LYS C 679 26.73 31.01 -3.74
C LYS C 679 25.49 30.38 -3.13
N TYR C 680 24.38 30.32 -3.86
CA TYR C 680 23.15 29.71 -3.34
C TYR C 680 22.55 28.68 -4.28
N THR C 681 23.21 28.33 -5.39
CA THR C 681 22.73 27.31 -6.30
C THR C 681 23.63 26.08 -6.32
N ILE C 682 24.90 26.24 -6.67
CA ILE C 682 25.78 25.10 -6.95
C ILE C 682 26.72 24.83 -5.79
N ASN C 683 27.21 25.87 -5.11
CA ASN C 683 28.15 25.65 -4.01
C ASN C 683 27.52 24.89 -2.86
N PRO C 684 26.31 25.23 -2.39
CA PRO C 684 25.68 24.37 -1.37
C PRO C 684 25.49 22.93 -1.83
N ALA C 685 25.17 22.72 -3.11
CA ALA C 685 24.99 21.38 -3.63
C ALA C 685 26.29 20.60 -3.60
N ILE C 686 27.39 21.22 -4.00
CA ILE C 686 28.69 20.55 -3.95
C ILE C 686 29.09 20.28 -2.50
N ALA C 687 28.85 21.25 -1.62
CA ALA C 687 29.26 21.11 -0.23
C ALA C 687 28.51 19.97 0.45
N ASN C 688 27.22 19.83 0.18
CA ASN C 688 26.42 18.84 0.88
C ASN C 688 26.39 17.49 0.18
N GLY C 689 26.70 17.43 -1.11
CA GLY C 689 26.94 16.16 -1.78
C GLY C 689 25.83 15.69 -2.69
N PHE C 690 25.03 16.60 -3.22
CA PHE C 690 23.99 16.27 -4.21
C PHE C 690 24.08 17.21 -5.39
N SER C 691 25.31 17.50 -5.83
CA SER C 691 25.52 18.39 -6.96
C SER C 691 25.09 17.78 -8.28
N GLN C 692 24.98 16.45 -8.36
CA GLN C 692 24.61 15.80 -9.61
C GLN C 692 23.13 15.91 -9.93
N TYR C 693 22.30 16.20 -8.93
CA TYR C 693 20.85 16.26 -9.10
C TYR C 693 20.32 17.68 -9.22
N VAL C 694 20.81 18.61 -8.40
CA VAL C 694 20.29 19.97 -8.33
C VAL C 694 21.46 20.95 -8.34
N GLY C 695 21.13 22.23 -8.48
CA GLY C 695 22.08 23.31 -8.29
C GLY C 695 22.46 24.07 -9.54
N SER C 696 21.98 23.69 -10.71
CA SER C 696 22.31 24.43 -11.93
C SER C 696 21.30 24.08 -13.01
N VAL C 697 21.23 24.95 -14.01
CA VAL C 697 20.43 24.68 -15.21
C VAL C 697 21.35 23.93 -16.17
N GLU C 698 21.43 22.62 -15.96
CA GLU C 698 22.29 21.73 -16.74
C GLU C 698 21.49 20.51 -17.16
N VAL C 699 21.85 19.97 -18.32
CA VAL C 699 21.15 18.81 -18.85
C VAL C 699 21.38 17.62 -17.93
N GLY C 700 20.31 16.87 -17.69
CA GLY C 700 20.36 15.70 -16.83
C GLY C 700 20.05 15.97 -15.38
N LYS C 701 19.96 17.23 -14.96
CA LYS C 701 19.66 17.57 -13.59
C LYS C 701 18.14 17.73 -13.42
N LEU C 702 17.71 17.73 -12.16
CA LEU C 702 16.30 17.90 -11.86
C LEU C 702 15.85 19.29 -12.29
N ALA C 703 14.63 19.37 -12.81
CA ALA C 703 14.10 20.61 -13.37
C ALA C 703 13.49 21.49 -12.29
N ASP C 704 14.32 21.84 -11.31
CA ASP C 704 13.93 22.78 -10.25
C ASP C 704 14.28 24.18 -10.73
N LEU C 705 13.34 24.80 -11.44
CA LEU C 705 13.55 26.06 -12.11
C LEU C 705 12.71 27.15 -11.46
N VAL C 706 13.14 28.39 -11.64
CA VAL C 706 12.46 29.55 -11.11
C VAL C 706 12.41 30.58 -12.24
N MET C 707 11.20 31.02 -12.58
CA MET C 707 11.02 32.09 -13.56
C MET C 707 10.99 33.43 -12.83
N TRP C 708 11.58 34.43 -13.44
CA TRP C 708 11.64 35.78 -12.89
C TRP C 708 11.28 36.76 -13.98
N LYS C 709 10.56 37.81 -13.62
CA LYS C 709 10.61 38.99 -14.45
C LYS C 709 11.94 39.72 -14.18
N PRO C 710 12.63 40.21 -15.21
CA PRO C 710 13.88 40.95 -14.94
C PRO C 710 13.66 42.17 -14.05
N SER C 711 12.49 42.78 -14.12
CA SER C 711 12.16 43.88 -13.23
C SER C 711 11.94 43.43 -11.79
N PHE C 712 11.66 42.14 -11.58
CA PHE C 712 11.43 41.59 -10.24
C PHE C 712 12.47 40.55 -9.85
N PHE C 713 13.58 40.46 -10.58
CA PHE C 713 14.59 39.44 -10.29
C PHE C 713 15.16 39.65 -8.89
N GLY C 714 15.25 38.55 -8.14
CA GLY C 714 15.83 38.56 -6.81
C GLY C 714 14.87 38.81 -5.68
N THR C 715 13.62 39.19 -5.97
CA THR C 715 12.63 39.48 -4.94
C THR C 715 11.45 38.52 -4.97
N LYS C 716 10.74 38.43 -6.10
CA LYS C 716 9.47 37.72 -6.20
C LYS C 716 9.41 36.99 -7.54
N PRO C 717 9.49 35.66 -7.58
CA PRO C 717 9.45 34.97 -8.87
C PRO C 717 8.04 34.87 -9.43
N GLU C 718 7.98 34.66 -10.75
CA GLU C 718 6.69 34.44 -11.40
C GLU C 718 6.17 33.04 -11.09
N MET C 719 7.01 32.04 -11.16
CA MET C 719 6.61 30.68 -10.78
C MET C 719 7.85 29.89 -10.43
N VAL C 720 7.62 28.89 -9.58
CA VAL C 720 8.62 27.92 -9.15
C VAL C 720 8.17 26.57 -9.70
N ILE C 721 8.97 26.03 -10.62
CA ILE C 721 8.74 24.72 -11.23
C ILE C 721 9.58 23.70 -10.47
N LYS C 722 8.93 22.63 -10.04
CA LYS C 722 9.58 21.55 -9.29
C LYS C 722 9.40 20.27 -10.09
N GLY C 723 10.52 19.71 -10.55
CA GLY C 723 10.47 18.44 -11.27
C GLY C 723 9.64 18.49 -12.53
N GLY C 724 9.67 19.59 -13.25
CA GLY C 724 8.97 19.73 -14.50
C GLY C 724 7.52 20.17 -14.40
N MET C 725 6.99 20.36 -13.20
CA MET C 725 5.63 20.83 -12.99
C MET C 725 5.66 22.09 -12.12
N VAL C 726 4.73 23.00 -12.39
CA VAL C 726 4.69 24.28 -11.68
C VAL C 726 4.26 23.98 -10.24
N ALA C 727 5.19 24.15 -9.30
CA ALA C 727 4.88 23.93 -7.89
C ALA C 727 4.16 25.14 -7.28
N TRP C 728 4.65 26.35 -7.56
CA TRP C 728 4.04 27.57 -7.02
C TRP C 728 4.00 28.61 -8.12
N ALA C 729 3.04 29.55 -8.03
CA ALA C 729 2.96 30.56 -9.07
C ALA C 729 2.15 31.76 -8.59
N ASP C 730 2.40 32.91 -9.23
CA ASP C 730 1.58 34.11 -9.03
C ASP C 730 0.28 33.95 -9.79
N ILE C 731 -0.83 33.89 -9.06
CA ILE C 731 -2.15 33.75 -9.67
C ILE C 731 -3.12 34.69 -8.96
N GLY C 732 -4.11 35.14 -9.71
CA GLY C 732 -5.09 36.10 -9.25
C GLY C 732 -6.34 35.45 -8.71
N ASP C 733 -7.47 36.12 -8.91
CA ASP C 733 -8.73 35.66 -8.36
C ASP C 733 -9.13 34.34 -9.01
N PRO C 734 -9.49 33.30 -8.24
CA PRO C 734 -9.92 32.04 -8.89
C PRO C 734 -11.18 32.18 -9.72
N ASN C 735 -12.06 33.12 -9.38
CA ASN C 735 -13.27 33.37 -10.14
C ASN C 735 -13.10 34.47 -11.18
N ALA C 736 -11.86 34.76 -11.58
CA ALA C 736 -11.63 35.75 -12.61
C ALA C 736 -11.81 35.13 -13.99
N SER C 737 -12.09 35.99 -14.97
CA SER C 737 -12.16 35.55 -16.35
C SER C 737 -10.80 35.20 -16.91
N ILE C 738 -9.72 35.70 -16.32
CA ILE C 738 -8.36 35.40 -16.74
C ILE C 738 -7.50 35.30 -15.48
N PRO C 739 -6.26 34.80 -15.53
CA PRO C 739 -5.52 34.56 -14.28
C PRO C 739 -4.98 35.80 -13.58
N THR C 740 -4.82 36.90 -14.30
CA THR C 740 -4.16 38.11 -13.83
C THR C 740 -4.87 38.99 -12.79
N PRO C 741 -6.20 39.07 -12.70
CA PRO C 741 -6.82 40.11 -11.85
C PRO C 741 -6.47 39.98 -10.39
N GLU C 742 -6.43 41.13 -9.71
CA GLU C 742 -6.05 41.17 -8.32
C GLU C 742 -7.11 40.47 -7.46
N PRO C 743 -6.73 39.95 -6.27
CA PRO C 743 -5.40 39.92 -5.66
C PRO C 743 -4.50 38.84 -6.26
N VAL C 744 -3.36 39.26 -6.81
CA VAL C 744 -2.38 38.34 -7.34
C VAL C 744 -1.46 37.93 -6.19
N LYS C 745 -1.52 36.65 -5.81
CA LYS C 745 -0.72 36.11 -4.73
C LYS C 745 0.10 34.94 -5.23
N MET C 746 1.22 34.71 -4.56
CA MET C 746 2.07 33.56 -4.81
C MET C 746 1.39 32.37 -4.15
N ARG C 747 0.64 31.60 -4.94
CA ARG C 747 -0.20 30.53 -4.46
C ARG C 747 0.41 29.16 -4.79
N PRO C 748 0.05 28.12 -4.04
CA PRO C 748 0.48 26.77 -4.41
C PRO C 748 -0.37 26.19 -5.52
N MET C 749 0.29 25.49 -6.44
CA MET C 749 -0.34 24.95 -7.64
C MET C 749 -0.59 23.46 -7.45
N TYR C 750 -0.97 22.78 -8.54
CA TYR C 750 -1.27 21.36 -8.48
C TYR C 750 -0.08 20.50 -8.09
N GLY C 751 1.14 21.05 -8.15
CA GLY C 751 2.31 20.34 -7.66
C GLY C 751 2.36 20.18 -6.15
N THR C 752 1.42 20.79 -5.41
CA THR C 752 1.41 20.74 -3.96
C THR C 752 0.32 19.84 -3.40
N LEU C 753 -0.52 19.24 -4.24
CA LEU C 753 -1.70 18.53 -3.79
C LEU C 753 -1.53 17.02 -3.96
N GLY C 754 -2.17 16.27 -3.07
CA GLY C 754 -2.18 14.82 -3.15
C GLY C 754 -0.79 14.25 -3.03
N LYS C 755 -0.57 13.13 -3.72
CA LYS C 755 0.73 12.49 -3.81
C LYS C 755 1.54 13.01 -4.99
N ALA C 756 1.24 14.20 -5.49
CA ALA C 756 1.99 14.76 -6.61
C ALA C 756 3.24 15.48 -6.14
N GLY C 757 3.16 16.19 -5.02
CA GLY C 757 4.33 16.93 -4.54
C GLY C 757 5.49 16.04 -4.19
N GLY C 758 5.23 14.80 -3.79
CA GLY C 758 6.30 13.85 -3.57
C GLY C 758 6.88 13.26 -4.83
N ALA C 759 6.10 13.22 -5.90
CA ALA C 759 6.57 12.68 -7.17
C ALA C 759 7.55 13.59 -7.89
N LEU C 760 7.73 14.83 -7.42
CA LEU C 760 8.52 15.84 -8.12
C LEU C 760 9.82 16.19 -7.43
N SER C 761 10.18 15.53 -6.33
CA SER C 761 11.24 15.98 -5.47
C SER C 761 12.01 14.80 -4.90
N ILE C 762 13.12 15.11 -4.21
CA ILE C 762 14.08 14.12 -3.74
C ILE C 762 14.31 14.34 -2.25
N ALA C 763 14.37 13.24 -1.50
CA ALA C 763 14.75 13.27 -0.09
C ALA C 763 16.19 12.78 0.02
N PHE C 764 17.10 13.69 0.35
CA PHE C 764 18.51 13.36 0.40
C PHE C 764 18.84 12.75 1.76
N VAL C 765 19.40 11.54 1.74
CA VAL C 765 19.77 10.81 2.94
C VAL C 765 21.21 10.33 2.77
N SER C 766 21.70 9.62 3.78
CA SER C 766 23.03 9.04 3.72
C SER C 766 23.02 7.75 2.90
N LYS C 767 24.23 7.27 2.59
CA LYS C 767 24.34 5.99 1.90
C LYS C 767 23.88 4.85 2.81
N ALA C 768 24.17 4.95 4.10
CA ALA C 768 23.75 3.92 5.05
C ALA C 768 22.24 3.80 5.10
N ALA C 769 21.54 4.93 5.10
CA ALA C 769 20.08 4.89 5.16
C ALA C 769 19.48 4.34 3.88
N LEU C 770 20.07 4.68 2.72
CA LEU C 770 19.57 4.14 1.47
C LEU C 770 19.84 2.65 1.35
N ASP C 771 20.97 2.18 1.88
CA ASP C 771 21.22 0.74 1.93
C ASP C 771 20.20 0.04 2.80
N GLN C 772 19.72 0.72 3.85
CA GLN C 772 18.67 0.20 4.70
C GLN C 772 17.28 0.34 4.07
N ARG C 773 17.16 1.05 2.96
CA ARG C 773 15.87 1.31 2.30
C ARG C 773 14.88 1.97 3.26
N VAL C 774 15.31 3.13 3.80
CA VAL C 774 14.44 3.90 4.67
C VAL C 774 13.25 4.48 3.92
N ASN C 775 13.34 4.60 2.59
CA ASN C 775 12.18 5.03 1.82
C ASN C 775 11.08 3.98 1.83
N VAL C 776 11.44 2.70 2.03
CA VAL C 776 10.47 1.64 2.17
C VAL C 776 10.05 1.46 3.61
N LEU C 777 10.98 1.58 4.55
CA LEU C 777 10.66 1.43 5.97
C LEU C 777 9.68 2.49 6.42
N TYR C 778 9.93 3.74 6.03
CA TYR C 778 9.10 4.86 6.45
C TYR C 778 7.90 5.09 5.53
N GLY C 779 7.79 4.34 4.44
CA GLY C 779 6.69 4.54 3.52
C GLY C 779 6.71 5.88 2.82
N LEU C 780 7.88 6.31 2.36
CA LEU C 780 8.00 7.61 1.70
C LEU C 780 7.63 7.49 0.23
N ASN C 781 6.74 8.38 -0.22
CA ASN C 781 6.41 8.46 -1.64
C ASN C 781 7.47 9.21 -2.43
N LYS C 782 8.32 9.99 -1.78
CA LYS C 782 9.32 10.78 -2.48
C LYS C 782 10.47 9.91 -2.96
N ARG C 783 11.15 10.42 -3.99
CA ARG C 783 12.40 9.83 -4.42
C ARG C 783 13.46 10.07 -3.34
N VAL C 784 14.35 9.10 -3.18
CA VAL C 784 15.39 9.15 -2.16
C VAL C 784 16.73 8.85 -2.83
N GLU C 785 17.71 9.72 -2.62
CA GLU C 785 19.04 9.57 -3.16
C GLU C 785 20.06 9.75 -2.06
N ALA C 786 21.23 9.16 -2.24
CA ALA C 786 22.31 9.25 -1.27
C ALA C 786 23.25 10.38 -1.62
N VAL C 787 23.66 11.14 -0.60
CA VAL C 787 24.67 12.17 -0.78
C VAL C 787 26.04 11.52 -0.81
N SER C 788 26.96 12.12 -1.57
CA SER C 788 28.27 11.53 -1.79
C SER C 788 29.24 12.60 -2.24
N ASN C 789 30.53 12.25 -2.20
CA ASN C 789 31.61 13.11 -2.68
C ASN C 789 31.68 14.41 -1.88
N VAL C 790 31.92 14.28 -0.57
CA VAL C 790 32.00 15.43 0.32
C VAL C 790 33.23 15.38 1.23
N ARG C 791 33.98 14.27 1.20
CA ARG C 791 35.13 14.12 2.10
C ARG C 791 36.46 14.49 1.45
N LYS C 792 36.55 14.44 0.13
CA LYS C 792 37.74 14.87 -0.59
C LYS C 792 37.65 16.32 -1.06
N LEU C 793 36.65 17.06 -0.62
CA LEU C 793 36.45 18.43 -1.07
C LEU C 793 37.39 19.37 -0.35
N THR C 794 37.93 20.32 -1.11
CA THR C 794 38.72 21.44 -0.60
C THR C 794 38.04 22.73 -1.02
N LYS C 795 38.66 23.85 -0.65
CA LYS C 795 38.13 25.15 -1.06
C LYS C 795 38.12 25.31 -2.57
N LEU C 796 39.02 24.62 -3.27
CA LEU C 796 39.14 24.77 -4.71
C LEU C 796 37.98 24.13 -5.47
N ASP C 797 37.12 23.37 -4.81
CA ASP C 797 35.98 22.75 -5.46
C ASP C 797 34.75 23.63 -5.48
N MET C 798 34.71 24.67 -4.66
CA MET C 798 33.64 25.65 -4.72
C MET C 798 33.77 26.45 -6.01
N LYS C 799 32.71 26.44 -6.82
CA LYS C 799 32.79 27.07 -8.14
C LYS C 799 32.82 28.59 -8.00
N LEU C 800 33.85 29.21 -8.59
CA LEU C 800 34.03 30.65 -8.66
C LEU C 800 34.26 31.30 -7.30
N ASN C 801 34.42 30.52 -6.24
CA ASN C 801 34.61 31.03 -4.88
C ASN C 801 35.71 30.26 -4.18
N ASP C 802 36.85 30.12 -4.85
CA ASP C 802 37.94 29.25 -4.41
C ASP C 802 39.12 30.03 -3.84
N ALA C 803 38.95 31.32 -3.56
CA ALA C 803 40.04 32.12 -3.02
C ALA C 803 40.42 31.66 -1.62
N LEU C 804 41.70 31.75 -1.30
CA LEU C 804 42.26 31.32 -0.02
C LEU C 804 43.18 32.40 0.54
N PRO C 805 42.62 33.53 0.97
CA PRO C 805 43.45 34.57 1.59
C PRO C 805 44.01 34.12 2.93
N GLU C 806 45.13 34.73 3.31
CA GLU C 806 45.71 34.55 4.64
C GLU C 806 45.08 35.58 5.56
N ILE C 807 44.17 35.14 6.41
CA ILE C 807 43.38 36.03 7.25
C ILE C 807 44.10 36.19 8.59
N THR C 808 44.07 37.42 9.10
CA THR C 808 44.64 37.75 10.41
C THR C 808 43.72 38.73 11.11
N VAL C 809 43.26 38.37 12.30
CA VAL C 809 42.35 39.20 13.09
C VAL C 809 43.11 39.69 14.31
N ASP C 810 43.01 40.97 14.59
CA ASP C 810 43.65 41.53 15.77
C ASP C 810 42.87 41.12 17.02
N PRO C 811 43.51 40.56 18.05
CA PRO C 811 42.72 40.16 19.24
C PRO C 811 42.05 41.32 19.95
N GLU C 812 42.59 42.53 19.85
CA GLU C 812 42.08 43.68 20.60
C GLU C 812 41.12 44.53 19.79
N SER C 813 41.56 45.03 18.63
CA SER C 813 40.74 45.91 17.81
C SER C 813 39.88 45.19 16.78
N TYR C 814 40.05 43.87 16.62
CA TYR C 814 39.28 43.06 15.68
C TYR C 814 39.51 43.47 14.23
N THR C 815 40.63 44.12 13.92
CA THR C 815 40.92 44.48 12.54
C THR C 815 41.32 43.24 11.75
N VAL C 816 40.75 43.10 10.55
CA VAL C 816 40.93 41.92 9.72
C VAL C 816 41.78 42.29 8.52
N LYS C 817 42.85 41.52 8.30
CA LYS C 817 43.75 41.69 7.16
C LYS C 817 43.79 40.40 6.36
N ALA C 818 43.71 40.53 5.04
CA ALA C 818 43.80 39.40 4.12
C ALA C 818 45.07 39.58 3.28
N ASP C 819 46.03 38.68 3.47
CA ASP C 819 47.35 38.77 2.83
C ASP C 819 48.05 40.09 3.20
N GLY C 820 47.82 40.57 4.42
CA GLY C 820 48.45 41.78 4.90
C GLY C 820 47.72 43.07 4.57
N LYS C 821 46.63 43.00 3.82
CA LYS C 821 45.87 44.18 3.39
C LYS C 821 44.59 44.26 4.21
N LEU C 822 44.33 45.42 4.81
CA LEU C 822 43.15 45.60 5.62
C LEU C 822 41.89 45.47 4.78
N LEU C 823 40.89 44.80 5.35
CA LEU C 823 39.57 44.63 4.73
C LEU C 823 38.58 45.54 5.46
N CYS C 824 38.01 46.48 4.73
CA CYS C 824 37.08 47.44 5.33
C CYS C 824 36.18 47.99 4.24
N VAL C 825 34.88 48.08 4.56
CA VAL C 825 33.89 48.62 3.65
C VAL C 825 32.95 49.51 4.45
N SER C 826 32.44 50.55 3.80
CA SER C 826 31.51 51.45 4.45
C SER C 826 30.15 50.78 4.64
N GLU C 827 29.43 51.25 5.66
CA GLU C 827 28.05 50.83 5.85
C GLU C 827 27.18 51.35 4.71
N ALA C 828 26.27 50.50 4.24
CA ALA C 828 25.34 50.88 3.18
C ALA C 828 24.06 51.41 3.82
N THR C 829 23.71 52.65 3.49
CA THR C 829 22.52 53.27 4.08
C THR C 829 21.23 52.79 3.43
N THR C 830 21.30 52.23 2.22
CA THR C 830 20.15 51.66 1.55
C THR C 830 20.58 50.39 0.82
N VAL C 831 19.58 49.60 0.45
CA VAL C 831 19.81 48.41 -0.39
C VAL C 831 18.73 48.35 -1.46
N PRO C 832 19.02 47.69 -2.58
CA PRO C 832 17.98 47.44 -3.57
C PRO C 832 17.15 46.23 -3.17
N LEU C 833 16.16 45.91 -3.98
CA LEU C 833 15.39 44.68 -3.87
C LEU C 833 14.58 44.59 -2.57
N SER C 834 14.40 45.71 -1.87
CA SER C 834 13.71 45.71 -0.57
C SER C 834 12.47 46.58 -0.58
N ARG C 835 12.57 47.86 -0.93
CA ARG C 835 11.52 48.82 -0.66
C ARG C 835 10.59 49.07 -1.83
N ASN C 836 11.02 48.80 -3.05
CA ASN C 836 10.16 48.96 -4.22
C ASN C 836 9.15 47.84 -4.37
N TYR C 837 9.23 46.78 -3.56
CA TYR C 837 8.58 45.52 -3.85
C TYR C 837 7.66 45.00 -2.76
N PHE C 838 7.94 45.26 -1.50
CA PHE C 838 7.27 44.59 -0.39
C PHE C 838 6.32 45.54 0.32
N LEU C 839 5.11 45.05 0.58
CA LEU C 839 4.08 45.85 1.23
C LEU C 839 4.50 46.28 2.63
N PHE C 840 5.09 45.35 3.40
CA PHE C 840 5.50 45.61 4.77
C PHE C 840 6.99 45.45 4.94
N MET D 1 -4.34 -42.74 3.68
CA MET D 1 -2.90 -42.80 4.03
C MET D 1 -2.55 -41.76 5.08
N LYS D 2 -3.10 -40.55 4.93
CA LYS D 2 -2.79 -39.43 5.81
C LYS D 2 -1.29 -39.15 5.83
N LEU D 3 -0.69 -39.14 4.64
CA LEU D 3 0.76 -38.99 4.52
C LEU D 3 1.18 -37.60 4.96
N SER D 4 2.08 -37.54 5.95
CA SER D 4 2.72 -36.30 6.32
C SER D 4 3.82 -35.96 5.32
N PRO D 5 4.30 -34.72 5.29
CA PRO D 5 5.32 -34.36 4.29
C PRO D 5 6.59 -35.17 4.39
N ARG D 6 7.01 -35.57 5.59
CA ARG D 6 8.25 -36.33 5.70
C ARG D 6 8.09 -37.71 5.11
N GLU D 7 6.89 -38.30 5.21
CA GLU D 7 6.66 -39.57 4.55
C GLU D 7 6.78 -39.44 3.04
N VAL D 8 6.32 -38.33 2.47
CA VAL D 8 6.44 -38.11 1.03
C VAL D 8 7.90 -37.98 0.62
N GLU D 9 8.68 -37.22 1.38
CA GLU D 9 10.08 -37.05 1.01
C GLU D 9 10.86 -38.35 1.21
N LYS D 10 10.53 -39.12 2.25
CA LYS D 10 11.17 -40.41 2.47
C LYS D 10 10.77 -41.40 1.38
N LEU D 11 9.55 -41.30 0.85
CA LEU D 11 9.18 -42.14 -0.28
C LEU D 11 9.99 -41.77 -1.52
N GLY D 12 10.23 -40.48 -1.73
CA GLY D 12 11.13 -40.09 -2.81
C GLY D 12 12.53 -40.64 -2.62
N LEU D 13 13.03 -40.59 -1.39
CA LEU D 13 14.33 -41.18 -1.10
C LEU D 13 14.33 -42.68 -1.40
N HIS D 14 13.26 -43.36 -1.04
CA HIS D 14 13.17 -44.80 -1.31
C HIS D 14 13.15 -45.08 -2.80
N ASN D 15 12.46 -44.25 -3.58
CA ASN D 15 12.44 -44.42 -5.02
C ASN D 15 13.85 -44.24 -5.61
N ALA D 16 14.57 -43.23 -5.14
CA ALA D 16 15.94 -43.04 -5.59
C ALA D 16 16.82 -44.22 -5.21
N GLY D 17 16.64 -44.75 -4.00
CA GLY D 17 17.42 -45.91 -3.58
C GLY D 17 17.09 -47.15 -4.40
N TYR D 18 15.83 -47.31 -4.79
CA TYR D 18 15.45 -48.45 -5.61
C TYR D 18 16.01 -48.33 -7.02
N LEU D 19 16.06 -47.11 -7.57
CA LEU D 19 16.75 -46.91 -8.83
C LEU D 19 18.22 -47.28 -8.72
N ALA D 20 18.87 -46.84 -7.64
CA ALA D 20 20.26 -47.20 -7.41
C ALA D 20 20.42 -48.71 -7.27
N GLN D 21 19.44 -49.37 -6.64
CA GLN D 21 19.49 -50.82 -6.47
C GLN D 21 19.39 -51.54 -7.81
N LYS D 22 18.49 -51.09 -8.69
CA LYS D 22 18.39 -51.70 -10.01
C LYS D 22 19.69 -51.52 -10.80
N ARG D 23 20.24 -50.31 -10.75
CA ARG D 23 21.51 -50.07 -11.44
C ARG D 23 22.63 -50.94 -10.89
N LEU D 24 22.70 -51.07 -9.56
CA LEU D 24 23.70 -51.94 -8.95
C LEU D 24 23.47 -53.39 -9.33
N ALA D 25 22.21 -53.80 -9.44
CA ALA D 25 21.89 -55.18 -9.76
C ALA D 25 22.28 -55.54 -11.18
N ARG D 26 22.17 -54.61 -12.12
CA ARG D 26 22.64 -54.86 -13.48
C ARG D 26 24.13 -54.62 -13.64
N GLY D 27 24.83 -54.20 -12.58
CA GLY D 27 26.29 -54.25 -12.57
C GLY D 27 27.01 -53.01 -13.03
N VAL D 28 26.47 -51.82 -12.79
CA VAL D 28 27.16 -50.56 -13.06
C VAL D 28 27.72 -50.05 -11.75
N ARG D 29 28.81 -49.30 -11.84
CA ARG D 29 29.43 -48.72 -10.65
C ARG D 29 28.72 -47.43 -10.29
N LEU D 30 28.16 -47.37 -9.09
CA LEU D 30 27.34 -46.25 -8.68
C LEU D 30 28.19 -45.01 -8.45
N ASN D 31 27.56 -43.84 -8.59
CA ASN D 31 28.18 -42.56 -8.31
C ASN D 31 27.81 -42.13 -6.88
N TYR D 32 28.13 -40.89 -6.54
CA TYR D 32 27.90 -40.40 -5.19
C TYR D 32 26.42 -40.42 -4.82
N THR D 33 25.58 -39.86 -5.69
CA THR D 33 24.16 -39.75 -5.40
C THR D 33 23.52 -41.12 -5.26
N GLU D 34 23.83 -42.04 -6.18
CA GLU D 34 23.25 -43.37 -6.14
C GLU D 34 23.70 -44.13 -4.90
N ALA D 35 24.97 -44.02 -4.53
CA ALA D 35 25.46 -44.69 -3.33
C ALA D 35 24.78 -44.17 -2.08
N VAL D 36 24.64 -42.84 -1.97
CA VAL D 36 23.98 -42.27 -0.80
C VAL D 36 22.53 -42.72 -0.74
N ALA D 37 21.84 -42.70 -1.88
CA ALA D 37 20.44 -43.13 -1.91
C ALA D 37 20.29 -44.58 -1.49
N LEU D 38 21.15 -45.45 -2.01
CA LEU D 38 21.07 -46.88 -1.69
C LEU D 38 21.30 -47.11 -0.21
N ILE D 39 22.36 -46.50 0.35
CA ILE D 39 22.68 -46.74 1.75
C ILE D 39 21.56 -46.22 2.65
N ALA D 40 21.07 -45.02 2.37
CA ALA D 40 20.00 -44.46 3.18
C ALA D 40 18.75 -45.33 3.13
N SER D 41 18.33 -45.73 1.93
CA SER D 41 17.11 -46.52 1.80
C SER D 41 17.25 -47.88 2.47
N GLN D 42 18.41 -48.52 2.36
CA GLN D 42 18.58 -49.81 2.99
C GLN D 42 18.59 -49.69 4.50
N ILE D 43 19.16 -48.62 5.04
CA ILE D 43 19.07 -48.40 6.47
C ILE D 43 17.62 -48.22 6.91
N MET D 44 16.83 -47.48 6.12
CA MET D 44 15.41 -47.34 6.45
C MET D 44 14.69 -48.68 6.44
N GLU D 45 14.99 -49.53 5.46
CA GLU D 45 14.28 -50.81 5.38
C GLU D 45 14.68 -51.73 6.53
N TYR D 46 15.97 -51.76 6.86
CA TYR D 46 16.40 -52.57 8.00
C TYR D 46 15.81 -52.05 9.30
N ALA D 47 15.59 -50.75 9.41
CA ALA D 47 14.87 -50.23 10.56
C ALA D 47 13.40 -50.62 10.53
N ARG D 48 12.80 -50.67 9.34
CA ARG D 48 11.41 -51.07 9.22
C ARG D 48 11.19 -52.52 9.64
N ASP D 49 12.19 -53.38 9.42
CA ASP D 49 12.07 -54.76 9.91
C ASP D 49 11.93 -54.80 11.43
N GLY D 50 12.63 -53.91 12.14
CA GLY D 50 12.56 -53.87 13.58
C GLY D 50 13.38 -54.92 14.28
N GLU D 51 14.27 -55.61 13.56
CA GLU D 51 15.11 -56.66 14.13
C GLU D 51 16.54 -56.17 14.42
N LYS D 52 16.79 -54.86 14.31
CA LYS D 52 18.12 -54.30 14.46
C LYS D 52 18.07 -53.12 15.42
N THR D 53 19.18 -52.87 16.09
CA THR D 53 19.38 -51.68 16.89
C THR D 53 20.14 -50.63 16.08
N VAL D 54 20.22 -49.42 16.63
CA VAL D 54 20.89 -48.34 15.92
C VAL D 54 22.35 -48.66 15.72
N ALA D 55 23.01 -49.21 16.73
CA ALA D 55 24.43 -49.57 16.60
C ALA D 55 24.62 -50.66 15.56
N GLN D 56 23.70 -51.63 15.50
CA GLN D 56 23.81 -52.69 14.52
C GLN D 56 23.73 -52.14 13.10
N LEU D 57 22.88 -51.13 12.88
CA LEU D 57 22.81 -50.51 11.56
C LEU D 57 23.97 -49.58 11.30
N MET D 58 24.56 -49.00 12.35
CA MET D 58 25.78 -48.22 12.18
C MET D 58 26.90 -49.11 11.66
N CYS D 59 26.99 -50.33 12.19
CA CYS D 59 28.00 -51.27 11.70
C CYS D 59 27.62 -51.85 10.34
N LEU D 60 26.32 -52.11 10.13
CA LEU D 60 25.87 -52.74 8.88
C LEU D 60 25.99 -51.80 7.69
N GLY D 61 25.79 -50.50 7.90
CA GLY D 61 25.85 -49.56 6.79
C GLY D 61 27.22 -49.44 6.16
N GLN D 62 28.27 -49.85 6.87
CA GLN D 62 29.63 -49.80 6.34
C GLN D 62 29.95 -51.01 5.45
N HIS D 63 29.03 -51.97 5.31
CA HIS D 63 29.28 -53.20 4.59
C HIS D 63 28.48 -53.34 3.31
N LEU D 64 27.55 -52.41 3.04
CA LEU D 64 26.67 -52.58 1.89
C LEU D 64 27.42 -52.46 0.57
N LEU D 65 28.25 -51.42 0.44
CA LEU D 65 28.95 -51.12 -0.80
C LEU D 65 30.46 -51.12 -0.56
N GLY D 66 31.20 -51.65 -1.53
CA GLY D 66 32.64 -51.62 -1.52
C GLY D 66 33.19 -50.65 -2.55
N ARG D 67 34.52 -50.63 -2.65
CA ARG D 67 35.16 -49.76 -3.62
C ARG D 67 34.94 -50.20 -5.05
N ARG D 68 34.63 -51.49 -5.27
CA ARG D 68 34.43 -52.01 -6.62
C ARG D 68 33.01 -51.82 -7.13
N GLN D 69 32.06 -51.44 -6.28
CA GLN D 69 30.69 -51.18 -6.68
C GLN D 69 30.41 -49.71 -6.91
N VAL D 70 31.40 -48.84 -6.74
CA VAL D 70 31.24 -47.40 -6.87
C VAL D 70 32.38 -46.87 -7.72
N LEU D 71 32.16 -45.69 -8.29
CA LEU D 71 33.19 -45.05 -9.10
C LEU D 71 34.37 -44.67 -8.21
N PRO D 72 35.58 -44.54 -8.78
CA PRO D 72 36.76 -44.31 -7.93
C PRO D 72 36.72 -43.00 -7.13
N ALA D 73 35.90 -42.03 -7.52
CA ALA D 73 35.78 -40.79 -6.77
C ALA D 73 34.89 -40.93 -5.55
N VAL D 74 33.98 -41.90 -5.54
CA VAL D 74 32.98 -41.98 -4.47
C VAL D 74 33.60 -42.19 -3.09
N PRO D 75 34.64 -43.01 -2.91
CA PRO D 75 35.23 -43.15 -1.57
C PRO D 75 35.74 -41.86 -0.98
N HIS D 76 36.11 -40.87 -1.80
CA HIS D 76 36.54 -39.58 -1.30
C HIS D 76 35.40 -38.59 -1.15
N LEU D 77 34.40 -38.65 -2.04
CA LEU D 77 33.27 -37.74 -1.93
C LEU D 77 32.37 -38.09 -0.75
N LEU D 78 32.31 -39.37 -0.38
CA LEU D 78 31.32 -39.88 0.56
C LEU D 78 31.99 -40.19 1.89
N ASN D 79 31.82 -39.28 2.86
CA ASN D 79 32.40 -39.45 4.19
C ASN D 79 31.42 -40.10 5.17
N ALA D 80 30.14 -39.76 5.08
CA ALA D 80 29.15 -40.32 5.99
C ALA D 80 27.78 -40.24 5.35
N VAL D 81 26.84 -41.00 5.94
CA VAL D 81 25.44 -41.02 5.50
C VAL D 81 24.56 -41.00 6.73
N GLN D 82 23.90 -39.87 6.97
CA GLN D 82 22.90 -39.75 8.02
C GLN D 82 21.52 -40.09 7.47
N VAL D 83 20.70 -40.77 8.27
CA VAL D 83 19.32 -41.02 7.90
C VAL D 83 18.49 -41.24 9.16
N GLU D 84 17.26 -40.75 9.13
CA GLU D 84 16.28 -41.01 10.18
C GLU D 84 15.45 -42.23 9.81
N ALA D 85 15.06 -43.01 10.81
CA ALA D 85 14.26 -44.20 10.54
C ALA D 85 13.43 -44.54 11.77
N THR D 86 12.24 -45.09 11.52
CA THR D 86 11.32 -45.46 12.58
C THR D 86 11.62 -46.88 13.04
N PHE D 87 12.27 -47.00 14.18
CA PHE D 87 12.45 -48.26 14.88
C PHE D 87 11.22 -48.53 15.74
N PRO D 88 11.14 -49.71 16.36
CA PRO D 88 10.07 -49.91 17.35
C PRO D 88 10.13 -48.93 18.50
N ASP D 89 11.30 -48.37 18.80
CA ASP D 89 11.45 -47.34 19.82
C ASP D 89 10.97 -45.97 19.36
N GLY D 90 10.64 -45.80 18.08
CA GLY D 90 10.30 -44.50 17.51
C GLY D 90 11.36 -44.07 16.50
N THR D 91 11.29 -42.80 16.13
CA THR D 91 12.21 -42.27 15.13
C THR D 91 13.58 -42.06 15.74
N LYS D 92 14.61 -42.57 15.07
CA LYS D 92 15.99 -42.50 15.52
C LYS D 92 16.88 -42.10 14.36
N LEU D 93 17.85 -41.24 14.64
CA LEU D 93 18.91 -40.96 13.69
C LEU D 93 19.89 -42.13 13.67
N VAL D 94 20.52 -42.34 12.53
CA VAL D 94 21.60 -43.31 12.43
C VAL D 94 22.53 -42.84 11.32
N THR D 95 23.82 -42.76 11.64
CA THR D 95 24.83 -42.22 10.76
C THR D 95 25.87 -43.29 10.49
N VAL D 96 26.08 -43.58 9.21
CA VAL D 96 27.13 -44.48 8.76
C VAL D 96 28.38 -43.63 8.54
N HIS D 97 29.52 -44.10 9.06
CA HIS D 97 30.79 -43.40 8.96
C HIS D 97 31.71 -44.17 8.02
N ASP D 98 32.21 -43.50 6.99
CA ASP D 98 33.04 -44.11 5.97
C ASP D 98 32.36 -45.35 5.39
N PRO D 99 31.20 -45.17 4.75
CA PRO D 99 30.42 -46.34 4.30
C PRO D 99 31.14 -47.19 3.26
N ILE D 100 32.07 -46.62 2.49
CA ILE D 100 32.85 -47.35 1.51
C ILE D 100 34.20 -47.63 2.18
N SER D 101 34.34 -48.83 2.76
CA SER D 101 35.53 -49.20 3.51
C SER D 101 36.02 -50.61 3.18
N ARG D 102 35.51 -51.24 2.12
CA ARG D 102 35.93 -52.57 1.71
C ARG D 102 36.10 -52.59 0.20
N GLU D 103 36.89 -53.55 -0.27
CA GLU D 103 37.01 -53.77 -1.71
C GLU D 103 35.66 -54.15 -2.30
N ASN D 104 34.92 -55.01 -1.63
CA ASN D 104 33.60 -55.47 -2.06
C ASN D 104 32.64 -55.40 -0.89
N GLY D 105 31.42 -54.93 -1.15
CA GLY D 105 30.38 -54.90 -0.16
C GLY D 105 29.55 -56.17 -0.17
N GLU D 106 28.64 -56.24 0.80
CA GLU D 106 27.70 -57.36 0.91
C GLU D 106 26.50 -57.03 0.03
N LEU D 107 26.46 -57.61 -1.17
CA LEU D 107 25.43 -57.23 -2.13
C LEU D 107 24.06 -57.75 -1.75
N GLN D 108 23.98 -58.86 -1.01
CA GLN D 108 22.69 -59.29 -0.49
C GLN D 108 22.16 -58.28 0.52
N GLU D 109 23.04 -57.68 1.32
CA GLU D 109 22.62 -56.61 2.21
C GLU D 109 22.20 -55.36 1.44
N ALA D 110 22.95 -55.04 0.37
CA ALA D 110 22.66 -53.83 -0.39
C ALA D 110 21.33 -53.92 -1.12
N LEU D 111 20.99 -55.10 -1.64
CA LEU D 111 19.75 -55.31 -2.37
C LEU D 111 18.67 -55.97 -1.53
N PHE D 112 18.82 -55.96 -0.20
CA PHE D 112 17.81 -56.54 0.67
C PHE D 112 16.50 -55.78 0.56
N GLY D 113 15.40 -56.52 0.47
CA GLY D 113 14.08 -55.93 0.39
C GLY D 113 13.62 -55.61 -1.02
N SER D 114 14.54 -55.47 -1.96
CA SER D 114 14.17 -55.15 -3.34
C SER D 114 13.65 -56.36 -4.10
N LEU D 115 13.96 -57.57 -3.64
CA LEU D 115 13.58 -58.81 -4.35
C LEU D 115 14.18 -58.83 -5.75
N LEU D 116 15.42 -58.36 -5.87
CA LEU D 116 16.19 -58.37 -7.11
C LEU D 116 17.30 -59.41 -7.03
N PRO D 117 17.76 -59.97 -8.15
CA PRO D 117 18.83 -60.97 -8.08
C PRO D 117 20.16 -60.33 -7.75
N VAL D 118 20.84 -60.88 -6.75
CA VAL D 118 22.12 -60.35 -6.30
C VAL D 118 23.16 -60.60 -7.40
N PRO D 119 23.85 -59.58 -7.92
CA PRO D 119 24.84 -59.85 -8.98
C PRO D 119 26.15 -60.36 -8.42
N SER D 120 26.82 -61.18 -9.21
CA SER D 120 28.14 -61.66 -8.83
C SER D 120 29.14 -60.51 -8.87
N LEU D 121 30.20 -60.64 -8.07
CA LEU D 121 31.21 -59.59 -7.99
C LEU D 121 32.00 -59.43 -9.28
N ASP D 122 31.89 -60.37 -10.22
CA ASP D 122 32.59 -60.24 -11.49
C ASP D 122 31.97 -59.18 -12.38
N LYS D 123 30.70 -58.83 -12.17
CA LYS D 123 30.01 -57.94 -13.10
C LYS D 123 30.49 -56.50 -13.05
N PHE D 124 31.29 -56.13 -12.05
CA PHE D 124 31.74 -54.75 -11.88
C PHE D 124 33.09 -54.58 -12.54
N ALA D 125 33.17 -53.67 -13.50
CA ALA D 125 34.37 -53.50 -14.32
C ALA D 125 35.49 -52.86 -13.51
N GLU D 126 36.62 -52.66 -14.18
CA GLU D 126 37.82 -52.06 -13.60
C GLU D 126 38.35 -51.00 -14.55
N THR D 127 39.23 -50.15 -14.02
CA THR D 127 39.90 -49.12 -14.81
C THR D 127 41.37 -49.03 -14.42
N ASN D 131 41.44 -42.34 -9.74
CA ASN D 131 42.84 -42.01 -9.56
C ASN D 131 43.00 -40.72 -8.77
N ARG D 132 42.32 -39.67 -9.23
CA ARG D 132 42.41 -38.35 -8.60
C ARG D 132 41.38 -38.20 -7.50
N ILE D 133 41.70 -37.35 -6.53
CA ILE D 133 40.83 -37.07 -5.40
C ILE D 133 40.12 -35.74 -5.69
N PRO D 134 38.78 -35.72 -5.81
CA PRO D 134 38.11 -34.43 -6.02
C PRO D 134 38.24 -33.53 -4.80
N GLY D 135 38.61 -32.27 -5.04
CA GLY D 135 38.64 -31.30 -3.96
C GLY D 135 39.79 -31.43 -3.00
N GLU D 136 40.84 -32.15 -3.36
CA GLU D 136 41.94 -32.37 -2.42
C GLU D 136 42.74 -31.08 -2.21
N ILE D 137 43.36 -31.00 -1.03
CA ILE D 137 44.22 -29.89 -0.65
C ILE D 137 45.65 -30.41 -0.69
N LEU D 138 46.45 -29.89 -1.63
CA LEU D 138 47.86 -30.25 -1.74
C LEU D 138 48.66 -29.25 -0.92
N CYS D 139 49.25 -29.72 0.17
CA CYS D 139 49.99 -28.89 1.11
C CYS D 139 51.46 -29.27 1.11
N GLU D 140 52.28 -28.34 1.58
CA GLU D 140 53.69 -28.61 1.80
C GLU D 140 53.88 -29.39 3.09
N ASP D 141 55.07 -29.97 3.24
CA ASP D 141 55.42 -30.73 4.44
C ASP D 141 56.15 -29.81 5.41
N GLU D 142 55.42 -28.81 5.90
CA GLU D 142 55.94 -27.79 6.79
C GLU D 142 55.00 -27.62 7.98
N CYS D 143 55.58 -27.27 9.12
CA CYS D 143 54.83 -27.00 10.34
C CYS D 143 54.76 -25.49 10.55
N LEU D 144 53.56 -24.94 10.48
CA LEU D 144 53.35 -23.54 10.82
C LEU D 144 53.45 -23.37 12.33
N THR D 145 53.75 -22.15 12.75
CA THR D 145 53.94 -21.81 14.16
C THR D 145 53.01 -20.67 14.54
N LEU D 146 52.34 -20.81 15.67
CA LEU D 146 51.23 -19.95 16.08
C LEU D 146 51.69 -18.92 17.10
N ASN D 147 51.03 -17.76 17.07
CA ASN D 147 51.17 -16.73 18.09
C ASN D 147 52.61 -16.27 18.24
N ILE D 148 53.12 -15.66 17.16
CA ILE D 148 54.51 -15.22 17.09
C ILE D 148 54.61 -13.78 17.60
N GLY D 149 55.74 -13.48 18.24
CA GLY D 149 55.99 -12.16 18.79
C GLY D 149 55.12 -11.82 19.97
N ARG D 150 54.89 -12.78 20.86
CA ARG D 150 54.03 -12.60 22.03
C ARG D 150 54.80 -12.99 23.29
N LYS D 151 54.47 -12.32 24.38
CA LYS D 151 54.98 -12.70 25.69
C LYS D 151 54.34 -14.02 26.13
N ALA D 152 55.16 -14.95 26.61
CA ALA D 152 54.72 -16.32 26.90
C ALA D 152 55.14 -16.72 28.31
N VAL D 153 54.27 -17.48 28.98
CA VAL D 153 54.54 -18.01 30.31
C VAL D 153 54.04 -19.45 30.36
N ILE D 154 54.84 -20.33 30.97
CA ILE D 154 54.47 -21.71 31.22
C ILE D 154 54.08 -21.83 32.68
N LEU D 155 52.80 -22.09 32.93
CA LEU D 155 52.24 -22.19 34.28
C LEU D 155 51.83 -23.62 34.57
N LYS D 156 51.58 -23.87 35.86
CA LYS D 156 51.33 -25.21 36.39
C LYS D 156 49.95 -25.18 37.03
N VAL D 157 48.96 -25.75 36.34
CA VAL D 157 47.56 -25.64 36.73
C VAL D 157 47.12 -26.98 37.32
N THR D 158 46.30 -26.92 38.37
CA THR D 158 45.73 -28.10 39.00
C THR D 158 44.25 -27.87 39.26
N SER D 159 43.45 -28.92 39.09
CA SER D 159 42.01 -28.84 39.29
C SER D 159 41.66 -29.34 40.69
N LYS D 160 40.94 -28.51 41.44
CA LYS D 160 40.39 -28.87 42.73
C LYS D 160 38.89 -29.14 42.67
N GLY D 161 38.30 -29.19 41.47
CA GLY D 161 36.89 -29.51 41.33
C GLY D 161 36.66 -31.00 41.18
N ASP D 162 35.40 -31.40 41.34
CA ASP D 162 34.98 -32.79 41.23
C ASP D 162 34.27 -33.09 39.91
N ARG D 163 34.22 -32.15 38.98
CA ARG D 163 33.65 -32.28 37.66
C ARG D 163 34.66 -31.79 36.62
N PRO D 164 34.61 -32.29 35.39
CA PRO D 164 35.61 -31.87 34.39
C PRO D 164 35.43 -30.42 33.98
N ILE D 165 36.55 -29.80 33.61
CA ILE D 165 36.59 -28.38 33.22
C ILE D 165 37.43 -28.28 31.95
N GLN D 166 36.79 -28.18 30.79
CA GLN D 166 37.51 -27.74 29.60
C GLN D 166 37.59 -26.22 29.52
N VAL D 167 38.69 -25.74 28.95
CA VAL D 167 38.93 -24.33 28.73
C VAL D 167 39.39 -24.13 27.29
N GLY D 168 38.85 -23.10 26.64
CA GLY D 168 39.12 -22.87 25.24
C GLY D 168 40.44 -22.15 24.97
N SER D 169 40.75 -22.02 23.69
CA SER D 169 42.02 -21.43 23.28
C SER D 169 42.07 -19.94 23.54
N HIS D 170 40.93 -19.25 23.40
CA HIS D 170 40.88 -17.79 23.50
C HIS D 170 40.15 -17.29 24.74
N TYR D 171 39.72 -18.19 25.62
CA TYR D 171 39.17 -17.76 26.90
C TYR D 171 40.26 -17.11 27.75
N HIS D 172 39.91 -15.99 28.39
CA HIS D 172 40.84 -15.30 29.27
C HIS D 172 41.15 -16.18 30.48
N PHE D 173 42.41 -16.56 30.63
CA PHE D 173 42.74 -17.62 31.57
C PHE D 173 42.61 -17.19 33.03
N ILE D 174 42.72 -15.90 33.33
CA ILE D 174 42.52 -15.45 34.71
C ILE D 174 41.08 -15.58 35.17
N GLU D 175 40.14 -15.77 34.24
CA GLU D 175 38.71 -15.84 34.54
C GLU D 175 38.16 -17.26 34.49
N VAL D 176 39.03 -18.26 34.53
CA VAL D 176 38.61 -19.66 34.45
C VAL D 176 37.88 -20.04 35.73
N ASN D 177 37.31 -21.25 35.75
CA ASN D 177 36.58 -21.86 36.86
C ASN D 177 37.31 -21.60 38.19
N PRO D 178 36.62 -21.21 39.27
CA PRO D 178 37.34 -20.91 40.51
C PRO D 178 38.07 -22.09 41.12
N TYR D 179 37.70 -23.33 40.77
CA TYR D 179 38.34 -24.51 41.32
C TYR D 179 39.53 -24.96 40.49
N LEU D 180 40.15 -24.06 39.73
CA LEU D 180 41.46 -24.27 39.12
C LEU D 180 42.45 -23.39 39.85
N THR D 181 43.50 -24.01 40.39
CA THR D 181 44.53 -23.31 41.16
C THR D 181 45.77 -23.16 40.31
N PHE D 182 46.27 -21.93 40.22
CA PHE D 182 47.44 -21.60 39.42
C PHE D 182 47.79 -20.15 39.72
N ASP D 183 48.93 -19.71 39.20
CA ASP D 183 49.34 -18.33 39.41
C ASP D 183 48.45 -17.40 38.61
N ARG D 184 47.38 -16.89 39.22
CA ARG D 184 46.45 -16.02 38.51
C ARG D 184 47.05 -14.65 38.21
N ARG D 185 48.14 -14.27 38.87
CA ARG D 185 48.81 -13.02 38.53
C ARG D 185 49.53 -13.12 37.19
N LYS D 186 50.13 -14.28 36.92
CA LYS D 186 50.85 -14.49 35.67
C LYS D 186 49.96 -14.89 34.52
N ALA D 187 48.68 -15.18 34.77
CA ALA D 187 47.70 -15.44 33.72
C ALA D 187 46.94 -14.20 33.28
N TYR D 188 47.30 -13.02 33.81
CA TYR D 188 46.58 -11.80 33.47
C TYR D 188 46.87 -11.40 32.03
N GLY D 189 45.79 -11.19 31.26
CA GLY D 189 45.95 -10.83 29.86
C GLY D 189 46.62 -11.89 29.03
N MET D 190 46.35 -13.16 29.32
CA MET D 190 46.94 -14.29 28.62
C MET D 190 45.84 -15.25 28.19
N ARG D 191 46.14 -16.05 27.17
CA ARG D 191 45.25 -17.09 26.68
C ARG D 191 46.11 -18.29 26.30
N LEU D 192 45.50 -19.46 26.28
CA LEU D 192 46.23 -20.68 26.02
C LEU D 192 46.89 -20.65 24.64
N ASN D 193 48.18 -21.02 24.60
CA ASN D 193 48.94 -21.04 23.35
C ASN D 193 48.74 -22.38 22.65
N ILE D 194 47.54 -22.53 22.09
CA ILE D 194 47.13 -23.76 21.41
C ILE D 194 46.41 -23.36 20.12
N ALA D 195 46.15 -24.37 19.29
CA ALA D 195 45.45 -24.13 18.03
C ALA D 195 44.07 -23.55 18.29
N ALA D 196 43.69 -22.56 17.49
CA ALA D 196 42.43 -21.86 17.69
C ALA D 196 41.26 -22.81 17.52
N GLY D 197 40.29 -22.70 18.43
CA GLY D 197 39.13 -23.56 18.43
C GLY D 197 39.29 -24.84 19.21
N THR D 198 40.50 -25.15 19.69
CA THR D 198 40.75 -26.34 20.48
C THR D 198 40.56 -26.00 21.95
N ALA D 199 40.87 -26.95 22.84
CA ALA D 199 40.67 -26.75 24.27
C ALA D 199 41.63 -27.63 25.05
N VAL D 200 41.75 -27.34 26.34
CA VAL D 200 42.47 -28.17 27.30
C VAL D 200 41.48 -28.61 28.37
N ARG D 201 41.45 -29.91 28.63
CA ARG D 201 40.50 -30.51 29.56
C ARG D 201 41.20 -30.83 30.88
N PHE D 202 40.59 -30.42 31.98
CA PHE D 202 41.05 -30.71 33.34
C PHE D 202 40.02 -31.64 33.98
N GLU D 203 40.33 -32.94 33.96
CA GLU D 203 39.52 -33.88 34.70
C GLU D 203 39.67 -33.61 36.19
N PRO D 204 38.70 -34.01 37.02
CA PRO D 204 38.75 -33.62 38.44
C PRO D 204 39.97 -34.18 39.14
N GLY D 205 40.73 -33.29 39.77
CA GLY D 205 42.00 -33.62 40.36
C GLY D 205 43.16 -33.62 39.39
N ASP D 206 42.90 -33.55 38.10
CA ASP D 206 43.96 -33.63 37.10
C ASP D 206 44.83 -32.39 37.16
N CYS D 207 46.13 -32.59 36.95
CA CYS D 207 47.15 -31.56 37.08
C CYS D 207 47.98 -31.53 35.80
N LYS D 208 48.08 -30.34 35.19
CA LYS D 208 48.77 -30.16 33.92
C LYS D 208 49.71 -28.97 34.01
N SER D 209 50.56 -28.84 32.99
CA SER D 209 51.39 -27.66 32.77
C SER D 209 51.01 -27.09 31.42
N VAL D 210 50.58 -25.83 31.40
CA VAL D 210 50.07 -25.18 30.20
C VAL D 210 50.98 -24.03 29.83
N THR D 211 50.88 -23.60 28.58
CA THR D 211 51.58 -22.45 28.05
C THR D 211 50.57 -21.40 27.62
N LEU D 212 50.72 -20.18 28.11
CA LEU D 212 49.85 -19.06 27.78
C LEU D 212 50.66 -17.99 27.08
N VAL D 213 50.04 -17.34 26.10
CA VAL D 213 50.62 -16.21 25.37
C VAL D 213 49.71 -15.01 25.56
N SER D 214 50.29 -13.83 25.48
CA SER D 214 49.54 -12.61 25.70
C SER D 214 48.51 -12.40 24.61
N ILE D 215 47.39 -11.78 24.99
CA ILE D 215 46.46 -11.28 24.00
C ILE D 215 47.05 -10.03 23.34
N GLU D 216 46.58 -9.74 22.14
CA GLU D 216 47.07 -8.63 21.33
C GLU D 216 45.92 -7.71 20.99
N GLY D 217 46.18 -6.72 20.14
CA GLY D 217 45.19 -5.71 19.82
C GLY D 217 45.18 -4.62 20.85
N ASN D 218 43.98 -4.21 21.28
CA ASN D 218 43.86 -3.24 22.37
C ASN D 218 44.16 -3.86 23.72
N LYS D 219 44.16 -5.19 23.84
CA LYS D 219 44.40 -5.89 25.09
C LYS D 219 43.38 -5.47 26.16
N VAL D 220 42.12 -5.80 25.87
CA VAL D 220 40.99 -5.50 26.74
C VAL D 220 40.29 -6.81 27.07
N ILE D 221 40.06 -7.05 28.36
CA ILE D 221 39.43 -8.27 28.86
C ILE D 221 37.96 -7.97 29.14
N ARG D 222 37.08 -8.79 28.57
CA ARG D 222 35.64 -8.65 28.76
C ARG D 222 35.03 -10.02 29.01
N GLY D 223 33.91 -10.02 29.72
CA GLY D 223 33.13 -11.23 29.92
C GLY D 223 33.77 -12.20 30.91
N GLY D 224 33.36 -13.45 30.78
CA GLY D 224 33.82 -14.48 31.71
C GLY D 224 33.18 -14.32 33.06
N ASN D 225 33.99 -14.30 34.10
CA ASN D 225 33.53 -14.10 35.47
C ASN D 225 33.56 -12.64 35.90
N ALA D 226 33.97 -11.72 35.01
CA ALA D 226 34.11 -10.31 35.35
C ALA D 226 35.13 -10.08 36.46
N ILE D 227 36.15 -10.93 36.52
CA ILE D 227 37.23 -10.72 37.48
C ILE D 227 38.08 -9.53 37.06
N ALA D 228 38.39 -9.43 35.78
CA ALA D 228 39.39 -8.50 35.24
C ALA D 228 38.82 -7.68 34.10
N ASP D 229 37.61 -7.15 34.30
CA ASP D 229 36.94 -6.38 33.25
C ASP D 229 37.67 -5.06 33.03
N GLY D 230 38.40 -4.95 31.92
CA GLY D 230 39.04 -3.71 31.53
C GLY D 230 40.30 -3.91 30.73
N PRO D 231 40.97 -2.81 30.38
CA PRO D 231 42.24 -2.92 29.65
C PRO D 231 43.33 -3.54 30.50
N VAL D 232 44.31 -4.13 29.81
CA VAL D 232 45.43 -4.80 30.47
C VAL D 232 46.43 -3.74 30.90
N ASN D 233 46.60 -3.57 32.21
CA ASN D 233 47.58 -2.67 32.78
C ASN D 233 47.86 -3.11 34.20
N GLU D 234 48.57 -2.29 34.97
CA GLU D 234 48.93 -2.67 36.33
C GLU D 234 47.78 -2.41 37.31
N THR D 235 47.06 -1.30 37.14
CA THR D 235 45.94 -1.00 38.02
C THR D 235 44.87 -2.08 37.92
N ASN D 236 44.52 -2.47 36.69
CA ASN D 236 43.51 -3.51 36.53
C ASN D 236 44.05 -4.87 36.94
N LEU D 237 45.37 -5.08 36.86
CA LEU D 237 45.94 -6.30 37.41
C LEU D 237 45.73 -6.38 38.92
N GLU D 238 46.00 -5.28 39.63
CA GLU D 238 45.81 -5.30 41.07
C GLU D 238 44.33 -5.43 41.43
N ALA D 239 43.45 -4.76 40.68
CA ALA D 239 42.02 -4.93 40.92
C ALA D 239 41.58 -6.37 40.68
N ALA D 240 42.10 -7.00 39.63
CA ALA D 240 41.76 -8.38 39.34
C ALA D 240 42.27 -9.32 40.42
N MET D 241 43.47 -9.06 40.95
CA MET D 241 43.98 -9.92 42.00
C MET D 241 43.18 -9.75 43.29
N HIS D 242 42.75 -8.52 43.58
CA HIS D 242 41.87 -8.31 44.73
C HIS D 242 40.56 -9.06 44.53
N ALA D 243 40.00 -9.04 43.32
CA ALA D 243 38.78 -9.78 43.05
C ALA D 243 39.00 -11.28 43.19
N VAL D 244 40.17 -11.76 42.75
CA VAL D 244 40.49 -13.18 42.87
C VAL D 244 40.51 -13.59 44.33
N ARG D 245 41.17 -12.80 45.17
CA ARG D 245 41.26 -13.14 46.59
C ARG D 245 39.90 -13.02 47.27
N SER D 246 39.13 -11.99 46.94
CA SER D 246 37.85 -11.77 47.61
C SER D 246 36.83 -12.82 47.22
N LYS D 247 36.68 -13.10 45.92
CA LYS D 247 35.67 -14.02 45.46
C LYS D 247 36.06 -15.49 45.60
N GLY D 248 37.30 -15.77 46.00
CA GLY D 248 37.70 -17.13 46.28
C GLY D 248 38.00 -17.92 45.02
N PHE D 249 38.83 -17.38 44.16
CA PHE D 249 39.30 -18.07 42.96
C PHE D 249 40.68 -18.66 43.25
N GLY D 250 40.88 -19.92 42.87
CA GLY D 250 42.09 -20.63 43.21
C GLY D 250 43.34 -19.95 42.71
N HIS D 251 44.24 -19.62 43.64
CA HIS D 251 45.45 -18.87 43.33
C HIS D 251 46.58 -19.36 44.21
N GLU D 252 47.69 -19.74 43.59
CA GLU D 252 48.90 -20.13 44.30
C GLU D 252 50.09 -19.63 43.50
N GLU D 253 50.89 -18.76 44.11
CA GLU D 253 52.00 -18.14 43.40
C GLU D 253 53.03 -19.19 43.00
N GLU D 254 53.49 -19.11 41.74
CA GLU D 254 54.56 -19.94 41.21
C GLU D 254 55.70 -18.99 40.86
N LYS D 255 56.59 -18.78 41.82
CA LYS D 255 57.63 -17.75 41.66
C LYS D 255 58.60 -18.11 40.55
N ASP D 256 58.89 -19.39 40.37
CA ASP D 256 59.90 -19.86 39.42
C ASP D 256 59.29 -20.31 38.09
N ALA D 257 58.18 -19.70 37.67
CA ALA D 257 57.58 -20.03 36.40
C ALA D 257 58.50 -19.60 35.25
N SER D 258 58.37 -20.30 34.13
CA SER D 258 59.18 -20.01 32.95
C SER D 258 58.51 -18.93 32.12
N GLU D 259 59.27 -17.91 31.75
CA GLU D 259 58.78 -16.77 30.98
C GLU D 259 59.72 -16.51 29.81
N GLY D 260 59.12 -16.03 28.71
CA GLY D 260 59.90 -15.70 27.53
C GLY D 260 59.03 -15.13 26.42
N PHE D 261 59.45 -15.33 25.17
CA PHE D 261 58.72 -14.84 24.01
C PHE D 261 58.64 -15.94 22.95
N THR D 262 57.51 -15.98 22.25
CA THR D 262 57.36 -16.88 21.11
C THR D 262 58.16 -16.36 19.93
N LYS D 263 58.96 -17.24 19.33
CA LYS D 263 59.89 -16.87 18.28
C LYS D 263 59.68 -17.77 17.07
N GLU D 264 60.24 -17.36 15.94
CA GLU D 264 60.22 -18.16 14.73
C GLU D 264 61.42 -19.11 14.69
N ASP D 265 61.45 -19.99 15.70
CA ASP D 265 62.52 -20.96 15.89
C ASP D 265 61.90 -22.30 16.27
N PRO D 266 62.39 -23.42 15.72
CA PRO D 266 61.83 -24.71 16.16
C PRO D 266 62.09 -25.03 17.63
N ASN D 267 63.22 -24.58 18.19
CA ASN D 267 63.67 -25.00 19.50
C ASN D 267 63.31 -24.01 20.60
N CYS D 268 62.22 -23.26 20.44
CA CYS D 268 61.72 -22.36 21.47
C CYS D 268 60.70 -23.09 22.34
N PRO D 269 60.86 -23.14 23.67
CA PRO D 269 59.93 -23.95 24.48
C PRO D 269 58.53 -23.39 24.56
N PHE D 270 58.29 -22.16 24.13
CA PHE D 270 56.98 -21.53 24.25
C PHE D 270 56.13 -21.64 22.99
N ASN D 271 56.63 -22.27 21.93
CA ASN D 271 55.95 -22.28 20.64
C ASN D 271 55.05 -23.49 20.52
N THR D 272 53.89 -23.29 19.88
CA THR D 272 52.99 -24.35 19.49
C THR D 272 52.99 -24.44 17.97
N PHE D 273 53.28 -25.62 17.45
CA PHE D 273 53.34 -25.87 16.02
C PHE D 273 52.13 -26.68 15.57
N ILE D 274 51.81 -26.54 14.28
CA ILE D 274 50.71 -27.26 13.67
C ILE D 274 51.09 -27.58 12.23
N HIS D 275 50.92 -28.82 11.81
CA HIS D 275 51.25 -29.20 10.45
C HIS D 275 50.31 -28.51 9.47
N ARG D 276 50.80 -28.32 8.24
CA ARG D 276 50.00 -27.67 7.23
C ARG D 276 48.77 -28.49 6.84
N LYS D 277 48.90 -29.82 6.83
CA LYS D 277 47.73 -30.66 6.56
C LYS D 277 46.68 -30.52 7.66
N GLU D 278 47.12 -30.55 8.92
CA GLU D 278 46.20 -30.35 10.03
C GLU D 278 45.59 -28.96 9.98
N TYR D 279 46.39 -27.95 9.64
CA TYR D 279 45.87 -26.59 9.50
C TYR D 279 44.82 -26.51 8.41
N ALA D 280 45.08 -27.12 7.26
CA ALA D 280 44.12 -27.06 6.17
C ALA D 280 42.85 -27.81 6.51
N ASN D 281 42.97 -28.93 7.22
CA ASN D 281 41.79 -29.65 7.66
C ASN D 281 40.97 -28.83 8.65
N LYS D 282 41.65 -28.10 9.53
CA LYS D 282 40.95 -27.42 10.61
C LYS D 282 40.33 -26.09 10.17
N TYR D 283 41.06 -25.31 9.35
CA TYR D 283 40.64 -23.96 8.96
C TYR D 283 40.61 -23.73 7.45
N GLY D 284 40.93 -24.73 6.63
CA GLY D 284 41.01 -24.56 5.20
C GLY D 284 42.41 -24.13 4.79
N PRO D 285 42.71 -24.23 3.50
CA PRO D 285 44.10 -24.00 3.05
C PRO D 285 44.54 -22.56 3.26
N THR D 286 45.85 -22.40 3.37
CA THR D 286 46.50 -21.11 3.59
C THR D 286 47.41 -20.82 2.39
N THR D 287 48.21 -19.76 2.52
CA THR D 287 49.05 -19.31 1.40
C THR D 287 50.00 -20.40 0.94
N GLY D 288 50.04 -20.61 -0.38
CA GLY D 288 50.92 -21.59 -0.97
C GLY D 288 50.30 -22.95 -1.19
N ASP D 289 49.18 -23.25 -0.55
CA ASP D 289 48.50 -24.51 -0.79
C ASP D 289 47.82 -24.49 -2.15
N LYS D 290 47.28 -25.64 -2.54
CA LYS D 290 46.59 -25.79 -3.81
C LYS D 290 45.32 -26.60 -3.60
N ILE D 291 44.29 -26.30 -4.38
CA ILE D 291 42.99 -26.91 -4.28
C ILE D 291 42.60 -27.42 -5.67
N ARG D 292 42.20 -28.68 -5.75
CA ARG D 292 41.64 -29.20 -6.99
C ARG D 292 40.19 -28.78 -7.10
N LEU D 293 39.81 -28.23 -8.25
CA LEU D 293 38.46 -27.72 -8.46
C LEU D 293 37.58 -28.86 -8.94
N GLY D 294 36.80 -29.45 -8.04
CA GLY D 294 35.99 -30.59 -8.39
C GLY D 294 36.87 -31.75 -8.82
N ASP D 295 36.36 -32.54 -9.77
CA ASP D 295 37.12 -33.61 -10.39
C ASP D 295 37.85 -33.17 -11.65
N THR D 296 38.16 -31.87 -11.77
CA THR D 296 38.90 -31.35 -12.90
C THR D 296 40.40 -31.52 -12.65
N ASN D 297 41.20 -31.09 -13.62
CA ASN D 297 42.66 -31.08 -13.51
C ASN D 297 43.21 -29.70 -13.17
N LEU D 298 42.36 -28.75 -12.80
CA LEU D 298 42.77 -27.38 -12.50
C LEU D 298 43.10 -27.25 -11.02
N LEU D 299 44.23 -26.63 -10.72
CA LEU D 299 44.68 -26.41 -9.34
C LEU D 299 44.70 -24.91 -9.05
N ALA D 300 43.85 -24.50 -8.12
CA ALA D 300 43.81 -23.11 -7.65
C ALA D 300 44.76 -22.98 -6.47
N GLU D 301 45.80 -22.16 -6.62
CA GLU D 301 46.74 -21.91 -5.53
C GLU D 301 46.33 -20.64 -4.79
N ILE D 302 46.41 -20.69 -3.47
CA ILE D 302 46.04 -19.55 -2.64
C ILE D 302 47.14 -18.49 -2.79
N GLU D 303 46.80 -17.39 -3.46
CA GLU D 303 47.80 -16.35 -3.70
C GLU D 303 48.23 -15.68 -2.40
N LYS D 304 47.30 -15.46 -1.48
CA LYS D 304 47.65 -14.86 -0.19
C LYS D 304 46.54 -15.14 0.81
N ASP D 305 46.84 -14.89 2.07
CA ASP D 305 45.97 -15.22 3.19
C ASP D 305 46.03 -14.08 4.20
N TYR D 306 44.87 -13.57 4.60
CA TYR D 306 44.80 -12.46 5.54
C TYR D 306 44.92 -12.90 7.00
N ALA D 307 44.91 -14.20 7.27
CA ALA D 307 44.87 -14.68 8.64
C ALA D 307 46.25 -14.67 9.28
N LEU D 308 46.31 -14.21 10.52
CA LEU D 308 47.47 -14.41 11.38
C LEU D 308 47.29 -15.74 12.11
N TYR D 309 48.28 -16.62 12.00
CA TYR D 309 48.14 -17.98 12.49
C TYR D 309 48.00 -17.99 14.01
N GLY D 310 46.90 -18.55 14.49
CA GLY D 310 46.57 -18.62 15.90
C GLY D 310 45.29 -17.90 16.29
N ASP D 311 44.79 -17.00 15.43
CA ASP D 311 43.64 -16.15 15.73
C ASP D 311 42.50 -16.38 14.74
N GLU D 312 42.40 -17.59 14.18
CA GLU D 312 41.36 -17.86 13.21
C GLU D 312 39.99 -17.81 13.87
N CYS D 313 39.04 -17.15 13.20
CA CYS D 313 37.68 -17.05 13.71
C CYS D 313 36.95 -18.36 13.42
N VAL D 314 36.81 -19.18 14.45
CA VAL D 314 36.13 -20.47 14.38
C VAL D 314 34.94 -20.41 15.34
N PHE D 315 33.76 -20.76 14.84
CA PHE D 315 32.54 -20.76 15.63
C PHE D 315 32.19 -22.18 16.04
N GLY D 316 31.68 -22.32 17.25
CA GLY D 316 31.26 -23.61 17.75
C GLY D 316 31.20 -23.58 19.26
N GLY D 317 31.08 -24.78 19.84
CA GLY D 317 31.08 -24.91 21.29
C GLY D 317 32.47 -24.78 21.86
N GLY D 318 32.69 -23.75 22.67
CA GLY D 318 34.01 -23.52 23.23
C GLY D 318 35.06 -23.15 22.21
N LYS D 319 34.74 -22.26 21.28
CA LYS D 319 35.62 -21.86 20.20
C LYS D 319 35.81 -20.33 20.22
N VAL D 320 36.45 -19.80 19.18
CA VAL D 320 36.96 -18.44 19.22
C VAL D 320 35.82 -17.42 19.27
N ILE D 321 34.81 -17.59 18.40
CA ILE D 321 33.80 -16.55 18.26
C ILE D 321 32.84 -16.68 19.43
N ARG D 322 33.20 -16.02 20.54
CA ARG D 322 32.42 -16.03 21.76
C ARG D 322 32.57 -14.67 22.41
N ASP D 323 31.68 -14.38 23.36
CA ASP D 323 31.63 -13.05 23.97
C ASP D 323 32.96 -12.70 24.62
N GLY D 324 33.58 -11.62 24.14
CA GLY D 324 34.80 -11.11 24.71
C GLY D 324 36.08 -11.78 24.25
N MET D 325 36.00 -12.79 23.37
CA MET D 325 37.19 -13.51 22.90
C MET D 325 37.38 -13.31 21.39
N GLY D 326 36.39 -13.65 20.59
CA GLY D 326 36.39 -13.40 19.15
C GLY D 326 35.17 -12.65 18.69
N GLN D 327 34.20 -12.46 19.59
CA GLN D 327 33.04 -11.62 19.37
C GLN D 327 33.27 -10.33 20.16
N SER D 328 33.36 -9.21 19.48
CA SER D 328 33.67 -7.96 20.15
C SER D 328 32.52 -7.53 21.04
N CYS D 329 32.86 -6.73 22.04
CA CYS D 329 31.96 -6.34 23.10
C CYS D 329 31.89 -4.84 23.32
N GLY D 330 33.00 -4.13 23.15
CA GLY D 330 33.09 -2.71 23.47
C GLY D 330 33.15 -1.80 22.27
N HIS D 331 32.32 -2.05 21.27
CA HIS D 331 32.25 -1.26 20.04
C HIS D 331 30.81 -0.81 19.81
N PRO D 332 30.60 0.19 18.97
CA PRO D 332 29.22 0.61 18.66
C PRO D 332 28.44 -0.54 18.02
N PRO D 333 27.14 -0.68 18.33
CA PRO D 333 26.37 -1.74 17.68
C PRO D 333 26.27 -1.62 16.17
N ALA D 334 26.43 -0.41 15.64
CA ALA D 334 26.12 -0.14 14.24
C ALA D 334 27.32 -0.32 13.30
N ILE D 335 28.51 -0.64 13.81
CA ILE D 335 29.62 -1.06 12.97
C ILE D 335 29.80 -2.58 12.98
N SER D 336 28.94 -3.32 13.67
CA SER D 336 29.01 -4.77 13.64
C SER D 336 28.55 -5.28 12.28
N LEU D 337 29.21 -6.33 11.81
CA LEU D 337 28.78 -6.97 10.58
C LEU D 337 27.41 -7.61 10.78
N ASP D 338 26.58 -7.57 9.73
CA ASP D 338 25.34 -8.33 9.76
C ASP D 338 25.62 -9.82 9.69
N THR D 339 26.56 -10.21 8.83
CA THR D 339 26.98 -11.60 8.70
C THR D 339 28.47 -11.63 8.44
N VAL D 340 29.11 -12.75 8.78
CA VAL D 340 30.51 -12.97 8.47
C VAL D 340 30.68 -14.39 7.97
N ILE D 341 31.28 -14.55 6.80
CA ILE D 341 31.72 -15.84 6.29
C ILE D 341 33.19 -15.99 6.67
N THR D 342 33.49 -17.01 7.47
CA THR D 342 34.80 -17.14 8.09
C THR D 342 35.67 -18.15 7.35
N ASN D 343 36.95 -17.82 7.20
CA ASN D 343 37.98 -18.74 6.71
C ASN D 343 37.66 -19.26 5.31
N ALA D 344 37.18 -18.37 4.45
CA ALA D 344 36.70 -18.75 3.12
C ALA D 344 37.80 -18.57 2.08
N VAL D 345 37.87 -19.53 1.16
CA VAL D 345 38.71 -19.41 -0.03
C VAL D 345 37.88 -18.73 -1.11
N ILE D 346 38.32 -17.55 -1.52
CA ILE D 346 37.59 -16.74 -2.48
C ILE D 346 38.28 -16.89 -3.82
N ILE D 347 37.57 -17.47 -4.79
CA ILE D 347 38.00 -17.53 -6.18
C ILE D 347 37.25 -16.45 -6.92
N ASP D 348 37.99 -15.49 -7.49
CA ASP D 348 37.42 -14.40 -8.26
C ASP D 348 38.33 -14.15 -9.45
N TYR D 349 37.86 -13.34 -10.38
CA TYR D 349 38.72 -12.96 -11.50
C TYR D 349 39.88 -12.09 -11.06
N THR D 350 39.78 -11.44 -9.89
CA THR D 350 40.87 -10.63 -9.39
C THR D 350 41.99 -11.49 -8.80
N GLY D 351 41.64 -12.56 -8.10
CA GLY D 351 42.63 -13.39 -7.48
C GLY D 351 41.97 -14.53 -6.74
N ILE D 352 42.81 -15.45 -6.27
CA ILE D 352 42.40 -16.59 -5.47
C ILE D 352 43.04 -16.41 -4.10
N ILE D 353 42.24 -16.05 -3.10
CA ILE D 353 42.74 -15.63 -1.80
C ILE D 353 42.03 -16.41 -0.70
N LYS D 354 42.49 -16.20 0.53
CA LYS D 354 41.91 -16.77 1.74
C LYS D 354 41.58 -15.61 2.67
N ALA D 355 40.31 -15.46 3.01
CA ALA D 355 39.89 -14.30 3.78
C ALA D 355 38.53 -14.57 4.42
N ASP D 356 38.14 -13.66 5.30
CA ASP D 356 36.80 -13.58 5.86
C ASP D 356 36.04 -12.48 5.15
N ILE D 357 34.77 -12.76 4.82
CA ILE D 357 33.91 -11.85 4.09
C ILE D 357 32.86 -11.33 5.05
N GLY D 358 32.93 -10.04 5.36
CA GLY D 358 31.93 -9.39 6.19
C GLY D 358 30.85 -8.76 5.32
N ILE D 359 29.60 -9.05 5.65
CA ILE D 359 28.42 -8.63 4.90
C ILE D 359 27.60 -7.73 5.80
N LYS D 360 27.20 -6.57 5.27
CA LYS D 360 26.40 -5.61 6.03
C LYS D 360 25.41 -4.93 5.10
N ASP D 361 24.13 -4.97 5.48
CA ASP D 361 23.04 -4.38 4.70
C ASP D 361 22.94 -4.99 3.31
N GLY D 362 23.27 -6.28 3.19
CA GLY D 362 23.15 -6.97 1.93
C GLY D 362 24.29 -6.77 0.96
N LEU D 363 25.29 -5.99 1.32
CA LEU D 363 26.46 -5.73 0.49
C LEU D 363 27.68 -6.36 1.11
N ILE D 364 28.69 -6.64 0.28
CA ILE D 364 29.94 -7.15 0.79
C ILE D 364 30.61 -6.00 1.52
N ALA D 365 30.52 -6.00 2.84
CA ALA D 365 31.00 -4.87 3.62
C ALA D 365 32.53 -4.81 3.60
N SER D 366 33.18 -5.96 3.64
CA SER D 366 34.64 -5.95 3.67
C SER D 366 35.15 -7.36 3.43
N ILE D 367 36.40 -7.45 3.01
CA ILE D 367 37.11 -8.72 2.85
C ILE D 367 38.45 -8.57 3.55
N GLY D 368 38.77 -9.51 4.44
CA GLY D 368 40.01 -9.42 5.18
C GLY D 368 40.10 -10.36 6.35
N LYS D 369 40.46 -9.84 7.52
CA LYS D 369 40.48 -10.60 8.75
C LYS D 369 39.41 -10.05 9.68
N ALA D 370 38.52 -10.92 10.13
CA ALA D 370 37.49 -10.57 11.09
C ALA D 370 37.91 -11.02 12.48
N GLY D 371 37.21 -10.52 13.48
CA GLY D 371 37.42 -10.96 14.83
C GLY D 371 37.17 -9.82 15.82
N ASN D 372 37.97 -9.83 16.89
CA ASN D 372 37.87 -8.86 17.98
C ASN D 372 39.11 -7.99 18.00
N PRO D 373 39.05 -6.68 17.74
CA PRO D 373 40.26 -5.86 17.86
C PRO D 373 40.78 -5.74 19.27
N ASP D 374 39.99 -6.09 20.28
CA ASP D 374 40.47 -6.10 21.65
C ASP D 374 41.44 -7.24 21.91
N ILE D 375 41.31 -8.34 21.15
CA ILE D 375 42.07 -9.55 21.40
C ILE D 375 43.01 -9.91 20.27
N MET D 376 42.80 -9.37 19.06
CA MET D 376 43.48 -9.83 17.86
C MET D 376 44.15 -8.64 17.17
N ASN D 377 45.26 -8.93 16.50
CA ASN D 377 45.92 -7.96 15.65
C ASN D 377 45.37 -8.07 14.23
N GLY D 378 45.35 -6.93 13.53
CA GLY D 378 44.97 -6.93 12.14
C GLY D 378 43.49 -6.93 11.87
N VAL D 379 42.68 -6.48 12.82
CA VAL D 379 41.23 -6.38 12.66
C VAL D 379 40.88 -4.91 12.51
N PHE D 380 40.28 -4.55 11.37
CA PHE D 380 39.85 -3.20 11.10
C PHE D 380 38.40 -3.02 11.52
N SER D 381 37.99 -1.75 11.62
CA SER D 381 36.67 -1.42 12.16
C SER D 381 35.52 -1.85 11.25
N ASN D 382 35.80 -2.24 10.00
CA ASN D 382 34.78 -2.77 9.10
C ASN D 382 34.75 -4.29 9.09
N MET D 383 35.37 -4.94 10.08
CA MET D 383 35.46 -6.39 10.16
C MET D 383 35.24 -6.89 11.58
N ILE D 384 34.50 -6.13 12.39
CA ILE D 384 34.29 -6.48 13.79
C ILE D 384 33.11 -7.43 13.88
N ILE D 385 33.32 -8.59 14.49
CA ILE D 385 32.24 -9.52 14.80
C ILE D 385 31.65 -9.13 16.15
N GLY D 386 30.42 -8.63 16.14
CA GLY D 386 29.72 -8.24 17.35
C GLY D 386 28.68 -9.26 17.77
N ALA D 387 27.88 -8.87 18.74
CA ALA D 387 26.81 -9.73 19.23
C ALA D 387 25.61 -9.77 18.29
N ASN D 388 25.56 -8.92 17.28
CA ASN D 388 24.50 -8.91 16.28
C ASN D 388 24.97 -9.49 14.94
N THR D 389 26.03 -10.29 14.96
CA THR D 389 26.66 -10.82 13.75
C THR D 389 26.36 -12.30 13.63
N GLU D 390 25.72 -12.68 12.53
CA GLU D 390 25.57 -14.09 12.18
C GLU D 390 26.88 -14.62 11.60
N VAL D 391 27.09 -15.93 11.75
CA VAL D 391 28.31 -16.59 11.33
C VAL D 391 27.96 -17.65 10.31
N ILE D 392 28.69 -17.67 9.19
CA ILE D 392 28.69 -18.75 8.22
C ILE D 392 30.09 -19.32 8.19
N ALA D 393 30.18 -20.65 8.26
CA ALA D 393 31.46 -21.34 8.33
C ALA D 393 31.96 -21.63 6.93
N GLY D 394 33.08 -20.98 6.56
CA GLY D 394 33.69 -21.19 5.26
C GLY D 394 34.95 -22.03 5.33
N GLU D 395 35.13 -22.77 6.42
CA GLU D 395 36.32 -23.60 6.58
C GLU D 395 36.28 -24.73 5.56
N GLY D 396 37.19 -24.71 4.61
CA GLY D 396 37.23 -25.74 3.60
C GLY D 396 36.19 -25.62 2.51
N LEU D 397 35.57 -24.45 2.37
CA LEU D 397 34.63 -24.17 1.29
C LEU D 397 35.16 -23.03 0.45
N ILE D 398 34.68 -22.98 -0.80
CA ILE D 398 35.06 -21.95 -1.77
C ILE D 398 33.90 -21.00 -1.94
N VAL D 399 34.17 -19.70 -1.83
CA VAL D 399 33.19 -18.65 -2.08
C VAL D 399 33.41 -18.12 -3.48
N THR D 400 32.33 -18.03 -4.25
CA THR D 400 32.38 -17.49 -5.60
C THR D 400 31.22 -16.53 -5.77
N ALA D 401 31.39 -15.56 -6.66
CA ALA D 401 30.28 -14.67 -6.99
C ALA D 401 29.21 -15.43 -7.73
N GLY D 402 27.95 -15.06 -7.49
CA GLY D 402 26.86 -15.68 -8.22
C GLY D 402 26.99 -15.44 -9.70
N ALA D 403 26.79 -16.51 -10.48
CA ALA D 403 26.93 -16.42 -11.93
C ALA D 403 25.87 -15.53 -12.52
N ILE D 404 26.19 -14.93 -13.66
CA ILE D 404 25.30 -14.06 -14.42
C ILE D 404 25.03 -14.73 -15.76
N ASP D 405 23.76 -15.03 -16.02
CA ASP D 405 23.33 -15.69 -17.25
C ASP D 405 22.65 -14.65 -18.13
N CYS D 406 23.30 -14.29 -19.23
CA CYS D 406 22.89 -13.15 -20.03
C CYS D 406 22.09 -13.54 -21.27
N HIS D 407 21.72 -14.80 -21.43
CA HIS D 407 20.98 -15.28 -22.60
C HIS D 407 19.87 -16.23 -22.15
N VAL D 408 19.08 -15.80 -21.19
CA VAL D 408 17.94 -16.57 -20.70
C VAL D 408 16.72 -16.29 -21.58
N HIS D 409 16.01 -17.34 -21.95
CA HIS D 409 14.67 -17.23 -22.50
C HIS D 409 13.69 -17.55 -21.38
N TYR D 410 12.86 -16.57 -21.02
CA TYR D 410 11.88 -16.76 -19.95
C TYR D 410 10.69 -17.55 -20.51
N ILE D 411 10.94 -18.84 -20.70
CA ILE D 411 9.93 -19.75 -21.24
C ILE D 411 9.08 -20.36 -20.13
N CYS D 412 9.63 -20.50 -18.94
CA CYS D 412 8.87 -20.99 -17.79
C CYS D 412 9.52 -20.46 -16.53
N PRO D 413 8.80 -20.44 -15.41
CA PRO D 413 9.43 -20.04 -14.14
C PRO D 413 10.24 -21.14 -13.48
N GLN D 414 10.18 -22.38 -13.98
CA GLN D 414 10.95 -23.46 -13.38
C GLN D 414 12.43 -23.38 -13.73
N LEU D 415 12.78 -22.76 -14.85
CA LEU D 415 14.18 -22.53 -15.15
C LEU D 415 14.81 -21.55 -14.18
N VAL D 416 14.01 -20.68 -13.56
CA VAL D 416 14.54 -19.80 -12.52
C VAL D 416 15.01 -20.62 -11.32
N TYR D 417 14.18 -21.58 -10.90
CA TYR D 417 14.58 -22.45 -9.78
C TYR D 417 15.78 -23.29 -10.17
N GLU D 418 15.79 -23.81 -11.40
CA GLU D 418 16.92 -24.61 -11.86
C GLU D 418 18.21 -23.79 -11.89
N ALA D 419 18.11 -22.52 -12.28
CA ALA D 419 19.28 -21.66 -12.35
C ALA D 419 19.81 -21.32 -10.96
N ILE D 420 18.92 -20.88 -10.06
CA ILE D 420 19.38 -20.49 -8.74
C ILE D 420 19.88 -21.69 -7.95
N SER D 421 19.35 -22.89 -8.22
CA SER D 421 19.87 -24.09 -7.55
C SER D 421 21.30 -24.40 -7.98
N SER D 422 21.75 -23.92 -9.13
CA SER D 422 23.08 -24.17 -9.64
C SER D 422 24.06 -23.02 -9.39
N GLY D 423 23.64 -21.95 -8.74
CA GLY D 423 24.51 -20.85 -8.41
C GLY D 423 24.43 -19.63 -9.31
N ILE D 424 23.41 -19.52 -10.14
CA ILE D 424 23.18 -18.33 -10.96
C ILE D 424 22.26 -17.41 -10.19
N THR D 425 22.74 -16.19 -9.91
CA THR D 425 22.00 -15.22 -9.13
C THR D 425 21.38 -14.10 -9.95
N THR D 426 21.77 -13.97 -11.23
CA THR D 426 21.26 -12.91 -12.09
C THR D 426 20.94 -13.51 -13.46
N LEU D 427 19.73 -13.21 -13.95
CA LEU D 427 19.29 -13.58 -15.29
C LEU D 427 19.03 -12.32 -16.08
N VAL D 428 19.58 -12.25 -17.28
CA VAL D 428 19.28 -11.20 -18.24
C VAL D 428 18.81 -11.87 -19.52
N GLY D 429 17.73 -11.35 -20.10
CA GLY D 429 17.15 -11.99 -21.27
C GLY D 429 15.83 -11.36 -21.63
N GLY D 430 14.93 -12.20 -22.15
CA GLY D 430 13.62 -11.72 -22.52
C GLY D 430 12.66 -12.88 -22.71
N GLY D 431 11.39 -12.57 -22.62
CA GLY D 431 10.36 -13.57 -22.81
C GLY D 431 9.09 -13.20 -22.08
N THR D 432 8.05 -14.00 -22.32
CA THR D 432 6.75 -13.82 -21.70
C THR D 432 6.10 -15.14 -21.29
N GLY D 433 6.79 -16.27 -21.44
CA GLY D 433 6.19 -17.57 -21.27
C GLY D 433 6.49 -18.45 -22.47
N PRO D 434 5.76 -19.56 -22.61
CA PRO D 434 6.04 -20.49 -23.71
C PRO D 434 5.40 -20.09 -25.04
N ALA D 435 5.03 -18.82 -25.20
CA ALA D 435 4.59 -18.33 -26.50
C ALA D 435 5.66 -18.60 -27.55
N ALA D 436 5.21 -18.78 -28.79
CA ALA D 436 6.13 -19.16 -29.86
C ALA D 436 7.19 -18.09 -30.12
N GLY D 437 6.86 -16.83 -29.85
CA GLY D 437 7.82 -15.76 -30.09
C GLY D 437 8.99 -15.78 -29.15
N THR D 438 8.82 -16.31 -27.95
CA THR D 438 9.85 -16.32 -26.92
C THR D 438 10.56 -17.66 -26.81
N ARG D 439 10.00 -18.72 -27.40
CA ARG D 439 10.73 -19.98 -27.50
C ARG D 439 11.90 -19.87 -28.47
N ALA D 440 11.91 -18.86 -29.34
CA ALA D 440 12.97 -18.65 -30.31
C ALA D 440 13.80 -17.40 -30.07
N THR D 441 13.30 -16.43 -29.29
CA THR D 441 13.91 -15.13 -29.16
C THR D 441 13.90 -14.68 -27.70
N THR D 442 14.90 -13.89 -27.33
CA THR D 442 14.94 -13.25 -26.01
C THR D 442 14.34 -11.85 -26.07
N CYS D 443 13.13 -11.76 -26.59
CA CYS D 443 12.42 -10.49 -26.78
C CYS D 443 11.17 -10.48 -25.91
N THR D 444 10.98 -9.39 -25.18
CA THR D 444 9.76 -9.11 -24.42
C THR D 444 9.05 -7.98 -25.16
N PRO D 445 8.22 -8.27 -26.18
CA PRO D 445 7.79 -7.20 -27.08
C PRO D 445 6.87 -6.16 -26.46
N SER D 446 5.81 -6.60 -25.79
CA SER D 446 4.77 -5.66 -25.39
C SER D 446 5.17 -4.93 -24.10
N PRO D 447 4.87 -3.63 -23.96
CA PRO D 447 5.05 -3.00 -22.65
C PRO D 447 4.18 -3.59 -21.57
N THR D 448 2.97 -4.05 -21.91
CA THR D 448 2.13 -4.70 -20.91
C THR D 448 2.78 -5.99 -20.43
N GLN D 449 3.38 -6.74 -21.35
CA GLN D 449 4.12 -7.93 -20.96
C GLN D 449 5.35 -7.59 -20.15
N MET D 450 6.00 -6.45 -20.43
CA MET D 450 7.11 -6.00 -19.59
C MET D 450 6.65 -5.77 -18.16
N ARG D 451 5.52 -5.08 -18.00
CA ARG D 451 4.96 -4.85 -16.67
C ARG D 451 4.63 -6.18 -16.00
N LEU D 452 3.98 -7.08 -16.73
CA LEU D 452 3.55 -8.35 -16.15
C LEU D 452 4.75 -9.19 -15.71
N MET D 453 5.83 -9.20 -16.50
CA MET D 453 6.99 -9.99 -16.13
C MET D 453 7.78 -9.35 -15.00
N LEU D 454 7.83 -8.02 -14.93
CA LEU D 454 8.45 -7.41 -13.77
C LEU D 454 7.64 -7.66 -12.51
N GLN D 455 6.32 -7.77 -12.63
CA GLN D 455 5.47 -8.03 -11.47
C GLN D 455 5.52 -9.50 -11.05
N SER D 456 5.64 -10.42 -12.01
CA SER D 456 5.61 -11.83 -11.67
C SER D 456 6.93 -12.28 -11.03
N THR D 457 8.05 -11.72 -11.50
CA THR D 457 9.36 -12.05 -10.95
C THR D 457 9.74 -11.18 -9.76
N ASP D 458 8.77 -10.48 -9.17
CA ASP D 458 9.08 -9.51 -8.12
C ASP D 458 9.47 -10.19 -6.82
N ASP D 459 8.90 -11.36 -6.54
CA ASP D 459 9.17 -12.08 -5.30
C ASP D 459 10.33 -13.07 -5.41
N LEU D 460 10.84 -13.31 -6.61
CA LEU D 460 11.90 -14.30 -6.75
C LEU D 460 13.23 -13.72 -6.27
N PRO D 461 14.09 -14.50 -5.56
CA PRO D 461 15.35 -13.97 -5.04
C PRO D 461 16.49 -14.03 -6.05
N LEU D 462 16.26 -13.46 -7.23
CA LEU D 462 17.27 -13.32 -8.26
C LEU D 462 17.24 -11.90 -8.78
N ASN D 463 18.34 -11.49 -9.40
CA ASN D 463 18.37 -10.25 -10.16
C ASN D 463 17.88 -10.53 -11.56
N PHE D 464 17.08 -9.62 -12.11
CA PHE D 464 16.40 -9.82 -13.38
C PHE D 464 16.63 -8.62 -14.30
N GLY D 465 16.83 -8.93 -15.58
CA GLY D 465 16.88 -7.91 -16.61
C GLY D 465 16.14 -8.40 -17.85
N PHE D 466 15.24 -7.58 -18.38
CA PHE D 466 14.39 -7.93 -19.51
C PHE D 466 14.76 -7.09 -20.72
N THR D 467 14.83 -7.72 -21.88
CA THR D 467 15.13 -7.05 -23.14
C THR D 467 13.91 -7.06 -24.05
N GLY D 468 13.83 -6.05 -24.92
CA GLY D 468 12.74 -5.92 -25.86
C GLY D 468 13.14 -6.33 -27.27
N LYS D 469 12.17 -6.21 -28.17
CA LYS D 469 12.35 -6.57 -29.57
C LYS D 469 12.87 -5.34 -30.33
N GLY D 470 14.14 -5.35 -30.68
CA GLY D 470 14.75 -4.28 -31.43
C GLY D 470 14.71 -4.44 -32.93
N SER D 471 14.04 -5.46 -33.44
CA SER D 471 14.04 -5.76 -34.87
C SER D 471 12.96 -4.92 -35.54
N SER D 472 13.29 -3.64 -35.75
CA SER D 472 12.41 -2.71 -36.43
C SER D 472 13.26 -1.67 -37.14
N SER D 473 12.80 -1.24 -38.31
CA SER D 473 13.52 -0.25 -39.09
C SER D 473 13.17 1.19 -38.73
N LYS D 474 12.18 1.41 -37.85
CA LYS D 474 11.86 2.72 -37.33
C LYS D 474 11.91 2.70 -35.80
N PRO D 475 12.18 3.83 -35.15
CA PRO D 475 12.53 3.82 -33.73
C PRO D 475 11.37 3.90 -32.75
N ASP D 476 10.13 3.90 -33.21
CA ASP D 476 9.01 4.28 -32.35
C ASP D 476 8.77 3.25 -31.25
N GLU D 477 8.49 2.02 -31.65
CA GLU D 477 8.18 0.96 -30.71
C GLU D 477 9.38 0.60 -29.86
N LEU D 478 10.59 0.79 -30.38
CA LEU D 478 11.79 0.58 -29.57
C LEU D 478 11.85 1.57 -28.42
N HIS D 479 11.53 2.84 -28.69
CA HIS D 479 11.44 3.83 -27.62
C HIS D 479 10.38 3.42 -26.61
N GLU D 480 9.22 2.95 -27.10
CA GLU D 480 8.14 2.59 -26.18
C GLU D 480 8.55 1.44 -25.26
N ILE D 481 9.22 0.42 -25.80
CA ILE D 481 9.57 -0.73 -24.97
C ILE D 481 10.77 -0.44 -24.07
N ILE D 482 11.67 0.47 -24.47
CA ILE D 482 12.74 0.86 -23.56
C ILE D 482 12.19 1.68 -22.41
N LYS D 483 11.21 2.55 -22.69
CA LYS D 483 10.60 3.35 -21.63
C LYS D 483 9.88 2.49 -20.61
N ALA D 484 9.40 1.31 -21.01
CA ALA D 484 8.58 0.47 -20.15
C ALA D 484 9.39 -0.36 -19.16
N GLY D 485 10.70 -0.49 -19.35
CA GLY D 485 11.53 -1.27 -18.45
C GLY D 485 12.64 -2.05 -19.11
N ALA D 486 12.65 -2.14 -20.44
CA ALA D 486 13.63 -2.97 -21.13
C ALA D 486 15.03 -2.39 -20.95
N MET D 487 15.94 -3.21 -20.45
CA MET D 487 17.33 -2.83 -20.27
C MET D 487 18.21 -3.18 -21.46
N GLY D 488 17.63 -3.69 -22.54
CA GLY D 488 18.37 -3.94 -23.76
C GLY D 488 17.41 -4.31 -24.86
N LEU D 489 17.93 -4.37 -26.08
CA LEU D 489 17.15 -4.82 -27.23
C LEU D 489 17.83 -5.98 -27.91
N KCX D 490 17.04 -6.81 -28.57
CA KCX D 490 17.51 -8.01 -29.23
CB KCX D 490 16.91 -9.25 -28.54
CG KCX D 490 17.23 -10.60 -29.17
CD KCX D 490 18.71 -10.93 -29.09
CE KCX D 490 18.99 -12.29 -29.70
NZ KCX D 490 18.30 -13.40 -28.98
C KCX D 490 17.14 -7.98 -30.70
O KCX D 490 15.96 -7.91 -31.05
CX KCX D 490 18.68 -14.66 -29.14
OQ1 KCX D 490 19.63 -14.93 -29.89
OQ2 KCX D 490 18.10 -15.57 -28.53
N LEU D 491 18.15 -8.03 -31.57
CA LEU D 491 17.94 -8.25 -32.99
C LEU D 491 18.01 -9.74 -33.26
N HIS D 492 16.97 -10.28 -33.90
CA HIS D 492 16.88 -11.72 -34.13
C HIS D 492 16.51 -11.98 -35.59
N GLU D 493 17.04 -13.10 -36.10
CA GLU D 493 16.76 -13.50 -37.48
C GLU D 493 15.28 -13.74 -37.72
N ASP D 494 14.54 -14.14 -36.67
CA ASP D 494 13.14 -14.49 -36.83
C ASP D 494 12.23 -13.27 -36.92
N TRP D 495 12.69 -12.10 -36.48
CA TRP D 495 11.96 -10.85 -36.62
C TRP D 495 12.52 -9.96 -37.73
N GLY D 496 13.71 -10.25 -38.24
CA GLY D 496 14.38 -9.42 -39.22
C GLY D 496 15.61 -8.76 -38.64
N SER D 497 16.78 -9.32 -38.94
CA SER D 497 18.07 -8.85 -38.44
C SER D 497 18.88 -8.21 -39.57
N THR D 498 18.20 -7.44 -40.41
CA THR D 498 18.80 -6.86 -41.60
C THR D 498 19.65 -5.64 -41.22
N PRO D 499 20.47 -5.13 -42.16
CA PRO D 499 21.29 -3.94 -41.83
C PRO D 499 20.49 -2.72 -41.41
N ALA D 500 19.31 -2.51 -41.98
CA ALA D 500 18.49 -1.36 -41.57
C ALA D 500 18.07 -1.49 -40.12
N ALA D 501 17.62 -2.67 -39.72
CA ALA D 501 17.25 -2.90 -38.32
C ALA D 501 18.45 -2.74 -37.40
N ILE D 502 19.62 -3.20 -37.84
CA ILE D 502 20.83 -3.06 -37.02
C ILE D 502 21.16 -1.59 -36.81
N ASP D 503 21.12 -0.80 -37.87
CA ASP D 503 21.42 0.62 -37.76
C ASP D 503 20.42 1.33 -36.84
N ASN D 504 19.13 1.04 -37.00
CA ASN D 504 18.11 1.67 -36.17
C ASN D 504 18.29 1.30 -34.70
N CYS D 505 18.47 0.01 -34.42
CA CYS D 505 18.64 -0.45 -33.05
C CYS D 505 19.89 0.15 -32.42
N LEU D 506 20.95 0.30 -33.20
CA LEU D 506 22.19 0.82 -32.63
C LEU D 506 22.10 2.31 -32.34
N THR D 507 21.45 3.08 -33.23
CA THR D 507 21.29 4.50 -32.91
C THR D 507 20.37 4.68 -31.70
N ILE D 508 19.35 3.83 -31.56
CA ILE D 508 18.52 3.87 -30.36
C ILE D 508 19.35 3.53 -29.12
N ALA D 509 20.26 2.55 -29.25
CA ALA D 509 21.10 2.18 -28.13
C ALA D 509 22.00 3.33 -27.69
N GLU D 510 22.60 4.02 -28.65
CA GLU D 510 23.40 5.20 -28.32
C GLU D 510 22.54 6.28 -27.68
N HIS D 511 21.28 6.40 -28.10
CA HIS D 511 20.38 7.36 -27.47
C HIS D 511 20.14 7.00 -25.99
N HIS D 512 19.89 5.71 -25.71
CA HIS D 512 19.36 5.29 -24.42
C HIS D 512 20.39 4.67 -23.49
N ASP D 513 21.61 4.38 -23.96
CA ASP D 513 22.65 3.79 -23.12
C ASP D 513 22.24 2.41 -22.62
N ILE D 514 21.75 1.58 -23.54
CA ILE D 514 21.45 0.19 -23.29
C ILE D 514 22.31 -0.66 -24.22
N GLN D 515 22.37 -1.95 -23.92
CA GLN D 515 23.15 -2.88 -24.73
C GLN D 515 22.26 -3.52 -25.80
N ILE D 516 22.89 -3.83 -26.95
CA ILE D 516 22.22 -4.46 -28.07
C ILE D 516 22.80 -5.86 -28.23
N ASN D 517 21.94 -6.87 -28.10
CA ASN D 517 22.28 -8.24 -28.42
C ASN D 517 21.73 -8.55 -29.80
N ILE D 518 22.48 -9.33 -30.58
CA ILE D 518 22.13 -9.61 -31.97
C ILE D 518 22.28 -11.10 -32.25
N HIS D 519 21.32 -11.64 -32.99
CA HIS D 519 21.36 -12.97 -33.57
C HIS D 519 21.29 -12.71 -35.07
N THR D 520 22.44 -12.75 -35.75
CA THR D 520 22.53 -12.24 -37.11
C THR D 520 21.81 -13.18 -38.09
N ASP D 521 21.81 -12.80 -39.36
CA ASP D 521 21.03 -13.47 -40.38
C ASP D 521 21.77 -14.70 -40.89
N THR D 522 21.27 -15.89 -40.55
CA THR D 522 21.92 -17.11 -41.00
C THR D 522 21.70 -17.34 -42.49
N LEU D 523 20.56 -16.93 -43.03
CA LEU D 523 20.26 -17.13 -44.44
C LEU D 523 21.10 -16.25 -45.36
N ASN D 524 21.82 -15.26 -44.83
CA ASN D 524 22.55 -14.30 -45.65
C ASN D 524 21.60 -13.62 -46.64
N GLU D 525 20.40 -13.30 -46.16
CA GLU D 525 19.33 -12.81 -47.02
C GLU D 525 19.59 -11.38 -47.49
N ALA D 526 20.02 -10.52 -46.58
CA ALA D 526 20.34 -9.13 -46.89
C ALA D 526 21.82 -8.90 -47.15
N GLY D 527 22.69 -9.74 -46.60
CA GLY D 527 24.10 -9.61 -46.83
C GLY D 527 24.85 -10.68 -46.06
N PHE D 528 26.16 -10.71 -46.28
CA PHE D 528 27.04 -11.61 -45.56
C PHE D 528 27.49 -10.93 -44.27
N VAL D 529 28.43 -11.55 -43.55
CA VAL D 529 28.83 -11.05 -42.24
C VAL D 529 29.54 -9.70 -42.35
N GLU D 530 30.25 -9.46 -43.44
CA GLU D 530 30.91 -8.17 -43.63
C GLU D 530 29.90 -7.04 -43.70
N HIS D 531 28.72 -7.29 -44.25
CA HIS D 531 27.69 -6.26 -44.34
C HIS D 531 27.04 -5.99 -42.98
N SER D 532 26.86 -7.02 -42.15
CA SER D 532 26.43 -6.77 -40.77
C SER D 532 27.47 -5.96 -40.01
N ILE D 533 28.75 -6.30 -40.16
CA ILE D 533 29.80 -5.55 -39.48
C ILE D 533 29.83 -4.11 -39.97
N ALA D 534 29.58 -3.90 -41.27
CA ALA D 534 29.47 -2.55 -41.79
C ALA D 534 28.28 -1.82 -41.17
N ALA D 535 27.17 -2.53 -40.99
CA ALA D 535 26.00 -1.92 -40.35
C ALA D 535 26.28 -1.57 -38.90
N PHE D 536 27.22 -2.25 -38.24
CA PHE D 536 27.57 -1.87 -36.88
C PHE D 536 28.16 -0.47 -36.83
N LYS D 537 28.92 -0.10 -37.86
CA LYS D 537 29.54 1.23 -37.96
C LYS D 537 30.44 1.52 -36.75
N GLY D 538 31.12 0.50 -36.26
CA GLY D 538 32.05 0.68 -35.17
C GLY D 538 31.41 0.90 -33.82
N ARG D 539 30.10 0.69 -33.69
CA ARG D 539 29.39 0.89 -32.44
C ARG D 539 29.38 -0.40 -31.63
N THR D 540 29.32 -0.24 -30.31
CA THR D 540 29.34 -1.39 -29.42
C THR D 540 28.12 -2.27 -29.65
N ILE D 541 28.35 -3.59 -29.67
CA ILE D 541 27.27 -4.54 -29.82
C ILE D 541 27.71 -5.87 -29.21
N HIS D 542 26.81 -6.48 -28.46
CA HIS D 542 26.99 -7.83 -27.93
C HIS D 542 26.48 -8.80 -28.98
N THR D 543 27.28 -9.81 -29.30
CA THR D 543 26.89 -10.85 -30.25
C THR D 543 26.67 -12.15 -29.46
N TYR D 544 25.43 -12.65 -29.50
CA TYR D 544 25.10 -13.92 -28.87
C TYR D 544 25.56 -15.06 -29.76
N HIS D 545 26.12 -16.11 -29.13
CA HIS D 545 26.61 -17.33 -29.78
C HIS D 545 27.38 -17.01 -31.05
N SER D 546 28.53 -16.35 -30.89
CA SER D 546 29.27 -15.82 -32.03
C SER D 546 29.76 -16.90 -32.98
N GLU D 547 29.96 -18.13 -32.48
CA GLU D 547 30.32 -19.23 -33.36
C GLU D 547 29.26 -19.49 -34.42
N GLY D 548 27.99 -19.45 -34.04
CA GLY D 548 26.90 -19.60 -34.97
C GLY D 548 26.21 -20.94 -34.95
N ALA D 549 26.56 -21.84 -34.03
CA ALA D 549 25.74 -23.02 -33.84
C ALA D 549 24.34 -22.64 -33.38
N GLY D 550 24.25 -21.71 -32.43
CA GLY D 550 22.96 -21.17 -32.06
C GLY D 550 22.31 -20.38 -33.18
N GLY D 551 23.12 -19.80 -34.05
CA GLY D 551 22.65 -19.13 -35.24
C GLY D 551 23.52 -17.93 -35.55
N GLY D 552 23.43 -17.47 -36.80
CA GLY D 552 24.23 -16.36 -37.28
C GLY D 552 24.72 -16.65 -38.69
N HIS D 553 25.37 -15.66 -39.31
CA HIS D 553 25.79 -15.75 -40.71
C HIS D 553 26.57 -17.01 -41.01
N ALA D 554 26.02 -17.86 -41.85
CA ALA D 554 26.68 -19.11 -42.20
C ALA D 554 27.75 -18.86 -43.25
N PRO D 555 29.00 -19.32 -43.06
CA PRO D 555 29.66 -20.00 -41.94
C PRO D 555 30.57 -19.11 -41.10
N ASP D 556 30.56 -17.80 -41.35
CA ASP D 556 31.64 -16.92 -40.90
C ASP D 556 31.15 -15.84 -39.93
N ILE D 557 30.16 -16.15 -39.09
CA ILE D 557 29.80 -15.22 -38.03
C ILE D 557 30.94 -15.11 -37.01
N ILE D 558 31.72 -16.19 -36.85
CA ILE D 558 32.80 -16.23 -35.86
C ILE D 558 33.84 -15.14 -36.08
N LYS D 559 33.89 -14.56 -37.29
CA LYS D 559 34.79 -13.44 -37.56
C LYS D 559 34.59 -12.29 -36.59
N VAL D 560 33.37 -12.13 -36.04
CA VAL D 560 33.11 -11.05 -35.10
C VAL D 560 33.98 -11.14 -33.85
N CYS D 561 34.58 -12.31 -33.57
CA CYS D 561 35.51 -12.40 -32.44
C CYS D 561 36.76 -11.56 -32.63
N GLY D 562 37.06 -11.12 -33.85
CA GLY D 562 38.21 -10.28 -34.10
C GLY D 562 37.91 -8.79 -34.12
N ILE D 563 36.63 -8.42 -34.15
CA ILE D 563 36.23 -7.03 -34.21
C ILE D 563 36.37 -6.39 -32.83
N LYS D 564 36.86 -5.15 -32.80
CA LYS D 564 37.17 -4.49 -31.53
C LYS D 564 35.91 -4.09 -30.78
N ASN D 565 34.93 -3.53 -31.49
CA ASN D 565 33.73 -3.03 -30.83
C ASN D 565 32.71 -4.12 -30.51
N VAL D 566 32.90 -5.33 -31.00
CA VAL D 566 31.97 -6.42 -30.75
C VAL D 566 32.37 -7.15 -29.48
N LEU D 567 31.42 -7.32 -28.57
CA LEU D 567 31.60 -8.14 -27.38
C LEU D 567 31.05 -9.53 -27.69
N PRO D 568 31.86 -10.57 -27.85
CA PRO D 568 31.32 -11.88 -28.22
C PRO D 568 30.99 -12.73 -27.01
N SER D 569 30.05 -13.66 -27.25
CA SER D 569 29.70 -14.66 -26.26
C SER D 569 29.42 -15.97 -26.97
N SER D 570 29.54 -17.05 -26.20
CA SER D 570 29.21 -18.39 -26.65
C SER D 570 28.14 -18.96 -25.71
N THR D 571 27.34 -19.86 -26.23
CA THR D 571 26.34 -20.55 -25.45
C THR D 571 26.89 -21.91 -25.00
N ASN D 572 26.30 -22.45 -23.95
CA ASN D 572 26.88 -23.64 -23.32
C ASN D 572 26.72 -24.97 -24.08
N PRO D 573 25.69 -25.24 -24.89
CA PRO D 573 25.52 -26.63 -25.36
C PRO D 573 26.65 -27.11 -26.27
N THR D 574 27.43 -26.21 -26.85
CA THR D 574 28.62 -26.56 -27.61
C THR D 574 29.89 -26.55 -26.77
N ARG D 575 29.80 -26.28 -25.47
CA ARG D 575 30.97 -26.05 -24.62
C ARG D 575 31.21 -27.26 -23.73
N PRO D 576 32.26 -28.07 -23.94
CA PRO D 576 33.26 -28.15 -25.01
C PRO D 576 32.81 -29.05 -26.16
N LEU D 577 33.54 -29.04 -27.26
CA LEU D 577 33.28 -29.99 -28.34
C LEU D 577 33.55 -31.40 -27.84
N THR D 578 32.60 -32.30 -28.07
CA THR D 578 32.71 -33.69 -27.66
C THR D 578 32.25 -34.57 -28.81
N SER D 579 32.35 -35.88 -28.61
CA SER D 579 32.03 -36.82 -29.68
C SER D 579 30.55 -36.77 -30.07
N ASN D 580 29.66 -36.53 -29.11
CA ASN D 580 28.23 -36.54 -29.34
C ASN D 580 27.67 -35.18 -29.73
N THR D 581 28.52 -34.15 -29.85
CA THR D 581 28.01 -32.80 -30.02
C THR D 581 27.34 -32.60 -31.38
N ILE D 582 27.96 -33.08 -32.46
CA ILE D 582 27.49 -32.72 -33.79
C ILE D 582 26.16 -33.39 -34.11
N ASP D 583 26.01 -34.68 -33.79
CA ASP D 583 24.76 -35.38 -34.08
C ASP D 583 23.62 -34.77 -33.27
N GLU D 584 23.85 -34.56 -31.97
CA GLU D 584 22.85 -33.95 -31.11
C GLU D 584 22.44 -32.58 -31.62
N HIS D 585 23.43 -31.74 -31.92
CA HIS D 585 23.13 -30.37 -32.34
C HIS D 585 22.44 -30.34 -33.69
N LEU D 586 22.88 -31.18 -34.63
CA LEU D 586 22.28 -31.19 -35.95
C LEU D 586 20.82 -31.60 -35.88
N ASP D 587 20.53 -32.70 -35.19
CA ASP D 587 19.15 -33.16 -35.20
C ASP D 587 18.27 -32.30 -34.30
N MET D 588 18.86 -31.65 -33.28
CA MET D 588 18.10 -30.68 -32.50
C MET D 588 17.77 -29.46 -33.33
N LEU D 589 18.69 -29.04 -34.21
CA LEU D 589 18.35 -27.97 -35.15
C LEU D 589 17.22 -28.40 -36.07
N MET D 590 17.26 -29.66 -36.53
CA MET D 590 16.21 -30.15 -37.41
C MET D 590 14.84 -30.12 -36.72
N VAL D 591 14.76 -30.57 -35.47
CA VAL D 591 13.46 -30.56 -34.80
C VAL D 591 13.04 -29.13 -34.46
N CYS D 592 14.00 -28.27 -34.11
CA CYS D 592 13.67 -26.88 -33.82
C CYS D 592 13.04 -26.19 -35.02
N HIS D 593 13.66 -26.34 -36.19
CA HIS D 593 13.22 -25.65 -37.39
C HIS D 593 12.25 -26.47 -38.24
N HIS D 594 11.79 -27.63 -37.73
CA HIS D 594 10.81 -28.45 -38.44
C HIS D 594 11.33 -28.85 -39.82
N LEU D 595 12.60 -29.19 -39.88
CA LEU D 595 13.28 -29.55 -41.10
C LEU D 595 13.17 -31.05 -41.35
N ASP D 596 13.19 -31.43 -42.62
CA ASP D 596 13.09 -32.82 -43.05
C ASP D 596 14.41 -33.25 -43.67
N ARG D 597 14.99 -34.34 -43.15
CA ARG D 597 16.27 -34.82 -43.65
C ARG D 597 16.20 -35.24 -45.11
N GLU D 598 15.03 -35.62 -45.60
CA GLU D 598 14.90 -36.09 -46.98
C GLU D 598 14.99 -34.98 -48.01
N ILE D 599 14.65 -33.75 -47.64
CA ILE D 599 14.67 -32.63 -48.57
C ILE D 599 16.10 -32.10 -48.63
N PRO D 600 16.74 -32.04 -49.81
CA PRO D 600 18.14 -31.60 -49.85
C PRO D 600 18.39 -30.19 -49.33
N GLU D 601 17.47 -29.25 -49.56
CA GLU D 601 17.69 -27.88 -49.12
C GLU D 601 17.73 -27.78 -47.60
N ASP D 602 16.82 -28.48 -46.92
CA ASP D 602 16.78 -28.43 -45.46
C ASP D 602 18.05 -28.99 -44.85
N LEU D 603 18.49 -30.15 -45.32
CA LEU D 603 19.72 -30.73 -44.81
C LEU D 603 20.93 -29.88 -45.18
N ALA D 604 20.92 -29.23 -46.34
CA ALA D 604 22.00 -28.34 -46.70
C ALA D 604 22.09 -27.16 -45.75
N PHE D 605 20.94 -26.57 -45.41
CA PHE D 605 20.93 -25.49 -44.42
C PHE D 605 21.46 -25.98 -43.08
N ALA D 606 21.00 -27.15 -42.63
CA ALA D 606 21.42 -27.69 -41.34
C ALA D 606 22.92 -27.93 -41.32
N HIS D 607 23.48 -28.51 -42.38
CA HIS D 607 24.91 -28.78 -42.42
C HIS D 607 25.72 -27.51 -42.53
N SER D 608 25.22 -26.49 -43.25
CA SER D 608 25.92 -25.22 -43.31
C SER D 608 25.92 -24.51 -41.98
N ARG D 609 24.93 -24.77 -41.11
CA ARG D 609 24.82 -24.06 -39.85
C ARG D 609 25.49 -24.79 -38.68
N ILE D 610 25.51 -26.11 -38.68
CA ILE D 610 26.17 -26.90 -37.64
C ILE D 610 27.48 -27.42 -38.22
N ARG D 611 28.59 -26.84 -37.78
CA ARG D 611 29.91 -27.07 -38.36
C ARG D 611 30.88 -27.47 -37.25
N LYS D 612 31.62 -28.55 -37.49
CA LYS D 612 32.59 -29.02 -36.50
C LYS D 612 33.76 -28.05 -36.38
N LYS D 613 34.21 -27.47 -37.49
CA LYS D 613 35.43 -26.67 -37.47
C LYS D 613 35.26 -25.40 -36.65
N THR D 614 34.14 -24.70 -36.84
CA THR D 614 33.92 -23.48 -36.07
C THR D 614 33.64 -23.77 -34.60
N ILE D 615 32.95 -24.88 -34.30
CA ILE D 615 32.74 -25.26 -32.91
C ILE D 615 34.07 -25.57 -32.24
N ALA D 616 34.96 -26.27 -32.95
CA ALA D 616 36.28 -26.55 -32.41
C ALA D 616 37.09 -25.28 -32.23
N ALA D 617 36.98 -24.34 -33.18
CA ALA D 617 37.65 -23.06 -33.03
C ALA D 617 37.13 -22.29 -31.83
N GLU D 618 35.85 -22.50 -31.47
CA GLU D 618 35.30 -21.83 -30.31
C GLU D 618 36.04 -22.19 -29.03
N ASP D 619 36.53 -23.43 -28.93
CA ASP D 619 37.31 -23.81 -27.75
C ASP D 619 38.61 -23.01 -27.66
N VAL D 620 39.33 -22.88 -28.77
CA VAL D 620 40.57 -22.12 -28.77
C VAL D 620 40.29 -20.66 -28.46
N LEU D 621 39.23 -20.11 -29.06
CA LEU D 621 38.93 -18.70 -28.87
C LEU D 621 38.47 -18.41 -27.44
N ASN D 622 37.77 -19.36 -26.81
CA ASN D 622 37.49 -19.23 -25.39
C ASN D 622 38.76 -19.27 -24.57
N ASP D 623 39.70 -20.14 -24.94
CA ASP D 623 40.92 -20.30 -24.15
C ASP D 623 41.80 -19.08 -24.22
N ILE D 624 42.05 -18.55 -25.42
CA ILE D 624 42.97 -17.41 -25.55
C ILE D 624 42.34 -16.09 -25.13
N GLY D 625 41.03 -16.07 -24.86
CA GLY D 625 40.35 -14.87 -24.48
C GLY D 625 39.67 -14.12 -25.60
N ALA D 626 39.55 -14.72 -26.78
CA ALA D 626 38.86 -14.05 -27.87
C ALA D 626 37.35 -14.02 -27.66
N ILE D 627 36.80 -15.00 -26.96
CA ILE D 627 35.40 -15.03 -26.56
C ILE D 627 35.34 -14.76 -25.07
N SER D 628 34.53 -13.77 -24.68
CA SER D 628 34.60 -13.20 -23.34
C SER D 628 33.51 -13.67 -22.40
N ILE D 629 32.39 -14.17 -22.91
CA ILE D 629 31.21 -14.50 -22.10
C ILE D 629 30.74 -15.89 -22.49
N ILE D 630 30.28 -16.66 -21.51
CA ILE D 630 29.60 -17.94 -21.73
C ILE D 630 28.21 -17.83 -21.12
N SER D 631 27.19 -18.00 -21.95
CA SER D 631 25.80 -17.82 -21.57
C SER D 631 25.06 -19.15 -21.71
N SER D 632 23.73 -19.12 -21.57
CA SER D 632 22.90 -20.32 -21.56
C SER D 632 22.14 -20.53 -22.85
N ASP D 633 21.29 -19.57 -23.26
CA ASP D 633 20.30 -19.77 -24.33
C ASP D 633 19.22 -20.76 -23.88
N SER D 634 18.72 -20.55 -22.66
CA SER D 634 17.94 -21.55 -21.94
C SER D 634 16.70 -21.99 -22.70
N GLN D 635 16.58 -23.30 -22.90
CA GLN D 635 15.45 -23.93 -23.59
C GLN D 635 15.25 -23.41 -25.01
N ALA D 636 16.29 -22.81 -25.59
CA ALA D 636 16.30 -22.32 -26.96
C ALA D 636 17.62 -22.72 -27.59
N MET D 637 17.94 -24.02 -27.51
CA MET D 637 19.29 -24.59 -27.69
C MET D 637 20.20 -24.13 -26.56
N GLY D 638 19.84 -24.44 -25.33
CA GLY D 638 20.69 -24.11 -24.20
C GLY D 638 20.10 -24.59 -22.90
N ARG D 639 20.99 -24.79 -21.93
CA ARG D 639 20.65 -25.37 -20.63
C ARG D 639 21.04 -24.38 -19.53
N VAL D 640 20.04 -23.90 -18.79
CA VAL D 640 20.27 -22.84 -17.82
C VAL D 640 21.13 -23.32 -16.66
N GLY D 641 21.04 -24.60 -16.30
CA GLY D 641 21.72 -25.11 -15.12
C GLY D 641 23.13 -25.61 -15.39
N GLU D 642 23.71 -25.26 -16.54
CA GLU D 642 25.03 -25.74 -16.93
C GLU D 642 25.91 -24.62 -17.47
N VAL D 643 25.60 -23.37 -17.17
CA VAL D 643 26.50 -22.28 -17.56
C VAL D 643 27.83 -22.43 -16.84
N ILE D 644 27.78 -22.75 -15.56
CA ILE D 644 29.00 -22.83 -14.75
C ILE D 644 29.79 -24.08 -15.11
N SER D 645 29.15 -25.25 -14.95
CA SER D 645 29.86 -26.52 -15.11
C SER D 645 30.49 -26.64 -16.49
N ARG D 646 29.71 -26.35 -17.54
CA ARG D 646 30.23 -26.42 -18.90
C ARG D 646 31.45 -25.53 -19.06
N THR D 647 31.41 -24.32 -18.48
CA THR D 647 32.56 -23.43 -18.54
C THR D 647 33.80 -24.12 -18.01
N TRP D 648 33.71 -24.70 -16.81
CA TRP D 648 34.86 -25.34 -16.23
C TRP D 648 35.26 -26.57 -17.03
N GLN D 649 34.28 -27.26 -17.62
CA GLN D 649 34.60 -28.38 -18.48
C GLN D 649 35.49 -27.93 -19.62
N THR D 650 35.14 -26.80 -20.25
CA THR D 650 35.97 -26.24 -21.31
C THR D 650 37.38 -26.01 -20.80
N ALA D 651 37.50 -25.39 -19.63
CA ALA D 651 38.83 -25.10 -19.09
C ALA D 651 39.61 -26.40 -18.91
N ASP D 652 38.95 -27.42 -18.36
CA ASP D 652 39.60 -28.70 -18.15
C ASP D 652 40.11 -29.24 -19.46
N LYS D 653 39.27 -29.20 -20.50
CA LYS D 653 39.66 -29.74 -21.78
C LYS D 653 40.87 -29.00 -22.32
N MET D 654 40.89 -27.68 -22.16
CA MET D 654 41.96 -26.92 -22.75
C MET D 654 43.24 -26.99 -21.93
N LYS D 655 43.16 -27.48 -20.68
CA LYS D 655 44.39 -27.84 -19.99
C LYS D 655 44.88 -29.21 -20.41
N ALA D 656 43.97 -30.09 -20.85
CA ALA D 656 44.37 -31.43 -21.23
C ALA D 656 45.09 -31.44 -22.57
N GLN D 657 44.62 -30.62 -23.52
CA GLN D 657 45.06 -30.69 -24.90
C GLN D 657 45.88 -29.48 -25.35
N THR D 658 46.19 -28.55 -24.44
CA THR D 658 47.10 -27.45 -24.76
C THR D 658 48.12 -27.17 -23.66
N GLY D 659 48.00 -27.77 -22.47
CA GLY D 659 48.91 -27.52 -21.39
C GLY D 659 48.60 -26.21 -20.70
N PRO D 660 49.45 -25.78 -19.78
CA PRO D 660 49.23 -24.49 -19.11
C PRO D 660 49.34 -23.34 -20.08
N LEU D 661 48.59 -22.28 -19.80
CA LEU D 661 48.71 -21.06 -20.58
C LEU D 661 50.10 -20.46 -20.39
N LYS D 662 50.40 -19.45 -21.20
CA LYS D 662 51.70 -18.79 -21.11
C LYS D 662 51.91 -18.16 -19.74
N CYS D 663 50.89 -17.47 -19.23
CA CYS D 663 50.99 -16.85 -17.92
C CYS D 663 50.99 -17.86 -16.78
N ASP D 664 50.49 -19.07 -17.02
CA ASP D 664 50.49 -20.11 -16.01
C ASP D 664 51.83 -20.83 -15.99
N SER D 665 52.00 -21.70 -14.99
CA SER D 665 53.17 -22.55 -14.85
C SER D 665 52.71 -23.97 -14.55
N SER D 666 53.68 -24.85 -14.31
CA SER D 666 53.35 -26.22 -13.91
C SER D 666 52.84 -26.30 -12.48
N ASP D 667 52.93 -25.21 -11.71
CA ASP D 667 52.53 -25.23 -10.31
C ASP D 667 51.01 -25.14 -10.16
N ASN D 668 50.41 -24.07 -10.68
CA ASN D 668 48.99 -23.79 -10.53
C ASN D 668 48.40 -23.39 -11.87
N ASP D 669 47.07 -23.23 -11.87
CA ASP D 669 46.29 -22.80 -13.03
C ASP D 669 45.53 -21.54 -12.70
N ASN D 670 46.15 -20.64 -11.93
CA ASN D 670 45.43 -19.49 -11.40
C ASN D 670 44.98 -18.55 -12.52
N PHE D 671 45.83 -18.30 -13.51
CA PHE D 671 45.43 -17.39 -14.57
C PHE D 671 44.30 -17.97 -15.41
N ARG D 672 44.35 -19.26 -15.72
CA ARG D 672 43.26 -19.88 -16.47
C ARG D 672 41.97 -19.88 -15.66
N ILE D 673 42.07 -20.14 -14.35
CA ILE D 673 40.89 -20.13 -13.49
C ILE D 673 40.27 -18.75 -13.46
N ARG D 674 41.10 -17.70 -13.36
CA ARG D 674 40.58 -16.34 -13.36
C ARG D 674 39.94 -16.00 -14.71
N ARG D 675 40.59 -16.38 -15.81
CA ARG D 675 40.07 -16.07 -17.13
C ARG D 675 38.71 -16.73 -17.33
N TYR D 676 38.56 -17.97 -16.88
CA TYR D 676 37.31 -18.67 -17.10
C TYR D 676 36.22 -18.27 -16.12
N ILE D 677 36.57 -17.96 -14.87
CA ILE D 677 35.54 -17.48 -13.94
C ILE D 677 35.08 -16.08 -14.31
N ALA D 678 35.90 -15.30 -15.02
CA ALA D 678 35.45 -14.02 -15.52
C ALA D 678 34.38 -14.16 -16.60
N LYS D 679 34.27 -15.32 -17.24
CA LYS D 679 33.37 -15.47 -18.38
C LYS D 679 31.90 -15.54 -17.99
N TYR D 680 31.57 -15.84 -16.73
CA TYR D 680 30.19 -15.92 -16.29
C TYR D 680 29.92 -15.11 -15.02
N THR D 681 30.88 -14.34 -14.52
CA THR D 681 30.68 -13.49 -13.35
C THR D 681 30.76 -12.01 -13.70
N ILE D 682 31.89 -11.55 -14.22
CA ILE D 682 32.15 -10.12 -14.36
C ILE D 682 31.95 -9.65 -15.79
N ASN D 683 32.31 -10.48 -16.77
CA ASN D 683 32.18 -10.04 -18.17
C ASN D 683 30.72 -9.82 -18.56
N PRO D 684 29.78 -10.71 -18.24
CA PRO D 684 28.37 -10.38 -18.51
C PRO D 684 27.91 -9.11 -17.81
N ALA D 685 28.38 -8.87 -16.59
CA ALA D 685 28.00 -7.66 -15.87
C ALA D 685 28.50 -6.41 -16.57
N ILE D 686 29.75 -6.43 -17.03
CA ILE D 686 30.30 -5.29 -17.76
C ILE D 686 29.56 -5.11 -19.08
N ALA D 687 29.27 -6.22 -19.77
CA ALA D 687 28.63 -6.13 -21.08
C ALA D 687 27.24 -5.54 -20.98
N ASN D 688 26.48 -5.94 -19.95
CA ASN D 688 25.08 -5.52 -19.84
C ASN D 688 24.91 -4.20 -19.08
N GLY D 689 25.88 -3.81 -18.28
CA GLY D 689 25.92 -2.50 -17.68
C GLY D 689 25.53 -2.41 -16.22
N PHE D 690 25.72 -3.48 -15.45
CA PHE D 690 25.49 -3.47 -14.02
C PHE D 690 26.68 -4.08 -13.29
N SER D 691 27.89 -3.74 -13.74
CA SER D 691 29.10 -4.26 -13.14
C SER D 691 29.36 -3.69 -11.76
N GLN D 692 28.77 -2.54 -11.42
CA GLN D 692 29.01 -1.93 -10.12
C GLN D 692 28.27 -2.62 -8.99
N TYR D 693 27.23 -3.39 -9.29
CA TYR D 693 26.40 -4.04 -8.29
C TYR D 693 26.74 -5.51 -8.09
N VAL D 694 26.96 -6.25 -9.18
CA VAL D 694 27.16 -7.70 -9.13
C VAL D 694 28.35 -8.06 -10.00
N GLY D 695 28.78 -9.31 -9.89
CA GLY D 695 29.75 -9.89 -10.79
C GLY D 695 31.10 -10.22 -10.17
N SER D 696 31.33 -9.91 -8.91
CA SER D 696 32.60 -10.23 -8.28
C SER D 696 32.45 -10.17 -6.78
N VAL D 697 33.40 -10.82 -6.09
CA VAL D 697 33.48 -10.73 -4.62
C VAL D 697 34.36 -9.52 -4.34
N GLU D 698 33.72 -8.34 -4.33
CA GLU D 698 34.39 -7.07 -4.11
C GLU D 698 33.59 -6.26 -3.11
N VAL D 699 34.31 -5.44 -2.33
CA VAL D 699 33.66 -4.63 -1.31
C VAL D 699 32.73 -3.62 -1.98
N GLY D 700 31.55 -3.44 -1.40
CA GLY D 700 30.57 -2.52 -1.91
C GLY D 700 29.58 -3.13 -2.89
N LYS D 701 29.81 -4.35 -3.36
CA LYS D 701 28.91 -5.01 -4.29
C LYS D 701 27.88 -5.84 -3.53
N LEU D 702 26.82 -6.21 -4.23
CA LEU D 702 25.78 -7.02 -3.63
C LEU D 702 26.34 -8.38 -3.23
N ALA D 703 25.88 -8.89 -2.10
CA ALA D 703 26.41 -10.13 -1.54
C ALA D 703 25.72 -11.35 -2.14
N ASP D 704 25.83 -11.47 -3.47
CA ASP D 704 25.32 -12.63 -4.20
C ASP D 704 26.45 -13.64 -4.26
N LEU D 705 26.52 -14.49 -3.24
CA LEU D 705 27.62 -15.41 -3.04
C LEU D 705 27.14 -16.84 -3.20
N VAL D 706 28.07 -17.73 -3.53
CA VAL D 706 27.79 -19.14 -3.69
C VAL D 706 28.88 -19.90 -2.96
N MET D 707 28.50 -20.74 -2.02
CA MET D 707 29.43 -21.60 -1.31
C MET D 707 29.53 -22.94 -2.02
N TRP D 708 30.74 -23.47 -2.10
CA TRP D 708 31.01 -24.72 -2.78
C TRP D 708 31.86 -25.58 -1.87
N LYS D 709 31.62 -26.88 -1.91
CA LYS D 709 32.68 -27.77 -1.47
C LYS D 709 33.72 -27.89 -2.57
N PRO D 710 35.02 -27.89 -2.25
CA PRO D 710 36.01 -28.08 -3.33
C PRO D 710 35.81 -29.35 -4.12
N SER D 711 35.35 -30.41 -3.47
CA SER D 711 35.06 -31.67 -4.15
C SER D 711 33.84 -31.57 -5.06
N PHE D 712 32.97 -30.60 -4.85
CA PHE D 712 31.75 -30.42 -5.65
C PHE D 712 31.76 -29.11 -6.42
N PHE D 713 32.89 -28.42 -6.53
CA PHE D 713 32.95 -27.14 -7.20
C PHE D 713 32.57 -27.29 -8.67
N GLY D 714 31.69 -26.40 -9.13
CA GLY D 714 31.27 -26.38 -10.51
C GLY D 714 30.04 -27.19 -10.85
N THR D 715 29.55 -28.02 -9.91
CA THR D 715 28.38 -28.87 -10.16
C THR D 715 27.22 -28.51 -9.26
N LYS D 716 27.40 -28.56 -7.93
CA LYS D 716 26.32 -28.46 -6.96
C LYS D 716 26.78 -27.62 -5.77
N PRO D 717 26.28 -26.41 -5.57
CA PRO D 717 26.75 -25.61 -4.43
C PRO D 717 26.11 -26.04 -3.12
N GLU D 718 26.78 -25.66 -2.02
CA GLU D 718 26.24 -25.90 -0.70
C GLU D 718 25.09 -24.94 -0.39
N MET D 719 25.28 -23.66 -0.70
CA MET D 719 24.20 -22.69 -0.54
C MET D 719 24.46 -21.52 -1.46
N VAL D 720 23.36 -20.87 -1.84
CA VAL D 720 23.34 -19.65 -2.62
C VAL D 720 22.80 -18.57 -1.71
N ILE D 721 23.65 -17.58 -1.40
CA ILE D 721 23.32 -16.44 -0.57
C ILE D 721 22.97 -15.28 -1.50
N LYS D 722 21.81 -14.67 -1.27
CA LYS D 722 21.32 -13.56 -2.08
C LYS D 722 21.13 -12.37 -1.15
N GLY D 723 21.92 -11.32 -1.36
CA GLY D 723 21.78 -10.11 -0.58
C GLY D 723 21.99 -10.28 0.90
N GLY D 724 22.92 -11.17 1.29
CA GLY D 724 23.26 -11.37 2.67
C GLY D 724 22.48 -12.45 3.39
N MET D 725 21.43 -13.00 2.78
CA MET D 725 20.66 -14.10 3.36
C MET D 725 20.74 -15.32 2.45
N VAL D 726 20.70 -16.49 3.07
CA VAL D 726 20.75 -17.75 2.32
C VAL D 726 19.45 -17.87 1.52
N ALA D 727 19.55 -17.77 0.20
CA ALA D 727 18.39 -17.93 -0.65
C ALA D 727 18.05 -19.39 -0.88
N TRP D 728 19.06 -20.22 -1.17
CA TRP D 728 18.85 -21.65 -1.40
C TRP D 728 19.95 -22.43 -0.70
N ALA D 729 19.65 -23.68 -0.32
CA ALA D 729 20.67 -24.45 0.39
C ALA D 729 20.36 -25.94 0.31
N ASP D 730 21.41 -26.75 0.48
CA ASP D 730 21.25 -28.20 0.62
C ASP D 730 20.78 -28.50 2.04
N ILE D 731 19.57 -29.04 2.16
CA ILE D 731 19.00 -29.38 3.46
C ILE D 731 18.35 -30.75 3.35
N GLY D 732 18.34 -31.46 4.47
CA GLY D 732 17.81 -32.80 4.58
C GLY D 732 16.37 -32.85 5.01
N ASP D 733 16.04 -33.90 5.74
CA ASP D 733 14.66 -34.12 6.15
C ASP D 733 14.22 -33.02 7.12
N PRO D 734 13.06 -32.36 6.91
CA PRO D 734 12.65 -31.33 7.87
C PRO D 734 12.38 -31.87 9.26
N ASN D 735 11.98 -33.14 9.38
CA ASN D 735 11.76 -33.76 10.69
C ASN D 735 12.99 -34.49 11.19
N ALA D 736 14.17 -34.15 10.71
CA ALA D 736 15.39 -34.76 11.21
C ALA D 736 15.84 -34.08 12.50
N SER D 737 16.63 -34.82 13.27
CA SER D 737 17.22 -34.25 14.47
C SER D 737 18.32 -33.24 14.13
N ILE D 738 18.90 -33.33 12.94
CA ILE D 738 19.94 -32.41 12.49
C ILE D 738 19.70 -32.16 11.00
N PRO D 739 20.34 -31.16 10.36
CA PRO D 739 19.96 -30.83 8.97
C PRO D 739 20.43 -31.82 7.92
N THR D 740 21.45 -32.62 8.21
CA THR D 740 22.13 -33.48 7.25
C THR D 740 21.41 -34.73 6.72
N PRO D 741 20.48 -35.38 7.44
CA PRO D 741 20.01 -36.70 6.98
C PRO D 741 19.32 -36.67 5.62
N GLU D 742 19.44 -37.77 4.90
CA GLU D 742 18.83 -37.88 3.59
C GLU D 742 17.31 -37.85 3.71
N PRO D 743 16.59 -37.41 2.66
CA PRO D 743 17.06 -36.90 1.37
C PRO D 743 17.56 -35.46 1.44
N VAL D 744 18.83 -35.26 1.11
CA VAL D 744 19.42 -33.93 1.07
C VAL D 744 19.14 -33.35 -0.32
N LYS D 745 18.32 -32.32 -0.38
CA LYS D 745 17.96 -31.66 -1.62
C LYS D 745 18.31 -30.18 -1.54
N MET D 746 18.54 -29.61 -2.71
CA MET D 746 18.77 -28.17 -2.86
C MET D 746 17.40 -27.51 -2.76
N ARG D 747 17.05 -27.03 -1.58
CA ARG D 747 15.74 -26.51 -1.26
C ARG D 747 15.76 -24.98 -1.15
N PRO D 748 14.61 -24.33 -1.36
CA PRO D 748 14.54 -22.88 -1.12
C PRO D 748 14.40 -22.56 0.35
N MET D 749 15.12 -21.53 0.79
CA MET D 749 15.19 -21.14 2.19
C MET D 749 14.28 -19.94 2.43
N TYR D 750 14.40 -19.33 3.61
CA TYR D 750 13.54 -18.21 3.97
C TYR D 750 13.74 -16.99 3.08
N GLY D 751 14.83 -16.94 2.30
CA GLY D 751 15.00 -15.88 1.33
C GLY D 751 14.03 -15.95 0.16
N THR D 752 13.23 -17.00 0.04
CA THR D 752 12.31 -17.19 -1.07
C THR D 752 10.85 -16.95 -0.70
N LEU D 753 10.55 -16.66 0.55
CA LEU D 753 9.18 -16.60 1.04
C LEU D 753 8.74 -15.15 1.30
N GLY D 754 7.45 -14.92 1.14
CA GLY D 754 6.86 -13.63 1.44
C GLY D 754 7.46 -12.53 0.57
N LYS D 755 7.54 -11.34 1.16
CA LYS D 755 8.18 -10.20 0.52
C LYS D 755 9.66 -10.11 0.86
N ALA D 756 10.28 -11.22 1.25
CA ALA D 756 11.70 -11.21 1.57
C ALA D 756 12.56 -11.37 0.32
N GLY D 757 12.14 -12.22 -0.61
CA GLY D 757 12.93 -12.47 -1.80
C GLY D 757 13.11 -11.23 -2.66
N GLY D 758 12.15 -10.30 -2.62
CA GLY D 758 12.32 -9.03 -3.29
C GLY D 758 13.22 -8.06 -2.57
N ALA D 759 13.36 -8.20 -1.25
CA ALA D 759 14.22 -7.31 -0.48
C ALA D 759 15.71 -7.58 -0.68
N LEU D 760 16.07 -8.67 -1.35
CA LEU D 760 17.45 -9.12 -1.45
C LEU D 760 18.05 -8.95 -2.83
N SER D 761 17.31 -8.42 -3.79
CA SER D 761 17.69 -8.50 -5.20
C SER D 761 17.34 -7.19 -5.92
N ILE D 762 17.79 -7.10 -7.17
CA ILE D 762 17.72 -5.89 -7.97
C ILE D 762 17.04 -6.22 -9.30
N ALA D 763 16.15 -5.35 -9.74
CA ALA D 763 15.54 -5.43 -11.06
C ALA D 763 16.22 -4.40 -11.96
N PHE D 764 17.03 -4.87 -12.91
CA PHE D 764 17.78 -3.96 -13.77
C PHE D 764 16.91 -3.50 -14.92
N VAL D 765 16.77 -2.19 -15.05
CA VAL D 765 15.96 -1.56 -16.09
C VAL D 765 16.82 -0.49 -16.77
N SER D 766 16.22 0.20 -17.73
CA SER D 766 16.90 1.29 -18.41
C SER D 766 16.84 2.56 -17.57
N LYS D 767 17.62 3.56 -17.98
CA LYS D 767 17.56 4.85 -17.32
C LYS D 767 16.21 5.52 -17.56
N ALA D 768 15.65 5.35 -18.76
CA ALA D 768 14.35 5.94 -19.07
C ALA D 768 13.26 5.39 -18.16
N ALA D 769 13.29 4.08 -17.92
CA ALA D 769 12.27 3.48 -17.07
C ALA D 769 12.42 3.91 -15.62
N LEU D 770 13.66 4.04 -15.13
CA LEU D 770 13.87 4.51 -13.77
C LEU D 770 13.48 5.97 -13.61
N ASP D 771 13.70 6.79 -14.64
CA ASP D 771 13.22 8.16 -14.60
C ASP D 771 11.70 8.21 -14.55
N GLN D 772 11.04 7.23 -15.16
CA GLN D 772 9.59 7.11 -15.09
C GLN D 772 9.12 6.49 -13.79
N ARG D 773 10.03 5.98 -12.95
CA ARG D 773 9.69 5.30 -11.71
C ARG D 773 8.72 4.14 -11.95
N VAL D 774 9.17 3.21 -12.81
CA VAL D 774 8.40 2.01 -13.08
C VAL D 774 8.32 1.10 -11.86
N ASN D 775 9.24 1.24 -10.90
CA ASN D 775 9.13 0.48 -9.67
C ASN D 775 7.94 0.95 -8.84
N VAL D 776 7.51 2.20 -9.00
CA VAL D 776 6.32 2.71 -8.35
C VAL D 776 5.08 2.46 -9.18
N LEU D 777 5.18 2.61 -10.50
CA LEU D 777 4.03 2.37 -11.37
C LEU D 777 3.56 0.94 -11.29
N TYR D 778 4.50 -0.01 -11.34
CA TYR D 778 4.18 -1.42 -11.34
C TYR D 778 4.05 -2.00 -9.93
N GLY D 779 4.32 -1.21 -8.90
CA GLY D 779 4.23 -1.72 -7.54
C GLY D 779 5.26 -2.79 -7.22
N LEU D 780 6.50 -2.60 -7.65
CA LEU D 780 7.54 -3.59 -7.42
C LEU D 780 8.14 -3.40 -6.04
N ASN D 781 8.21 -4.50 -5.28
CA ASN D 781 8.90 -4.50 -4.00
C ASN D 781 10.41 -4.59 -4.15
N LYS D 782 10.91 -5.02 -5.30
CA LYS D 782 12.34 -5.18 -5.49
C LYS D 782 13.03 -3.84 -5.68
N ARG D 783 14.32 -3.83 -5.38
CA ARG D 783 15.17 -2.70 -5.73
C ARG D 783 15.31 -2.63 -7.24
N VAL D 784 15.38 -1.41 -7.76
CA VAL D 784 15.47 -1.17 -9.20
C VAL D 784 16.64 -0.22 -9.45
N GLU D 785 17.53 -0.60 -10.35
CA GLU D 785 18.69 0.20 -10.72
C GLU D 785 18.76 0.29 -12.23
N ALA D 786 19.40 1.35 -12.72
CA ALA D 786 19.56 1.58 -14.14
C ALA D 786 20.89 1.04 -14.62
N VAL D 787 20.86 0.39 -15.78
CA VAL D 787 22.08 -0.08 -16.42
C VAL D 787 22.74 1.10 -17.13
N SER D 788 24.07 1.08 -17.20
CA SER D 788 24.81 2.21 -17.73
C SER D 788 26.19 1.74 -18.17
N ASN D 789 26.87 2.60 -18.92
CA ASN D 789 28.25 2.38 -19.36
C ASN D 789 28.37 1.12 -20.22
N VAL D 790 27.67 1.13 -21.36
CA VAL D 790 27.68 0.01 -22.28
C VAL D 790 27.91 0.44 -23.73
N ARG D 791 27.94 1.74 -24.01
CA ARG D 791 28.09 2.24 -25.37
C ARG D 791 29.53 2.58 -25.73
N LYS D 792 30.38 2.87 -24.76
CA LYS D 792 31.79 3.12 -25.00
C LYS D 792 32.65 1.87 -24.81
N LEU D 793 32.02 0.71 -24.65
CA LEU D 793 32.77 -0.52 -24.39
C LEU D 793 33.36 -1.07 -25.68
N THR D 794 34.59 -1.56 -25.58
CA THR D 794 35.28 -2.29 -26.64
C THR D 794 35.65 -3.67 -26.10
N LYS D 795 36.31 -4.46 -26.94
CA LYS D 795 36.76 -5.79 -26.50
C LYS D 795 37.75 -5.68 -25.35
N LEU D 796 38.48 -4.57 -25.26
CA LEU D 796 39.51 -4.42 -24.23
C LEU D 796 38.93 -4.23 -22.84
N ASP D 797 37.63 -4.02 -22.70
CA ASP D 797 37.01 -3.85 -21.40
C ASP D 797 36.58 -5.17 -20.77
N MET D 798 36.50 -6.25 -21.55
CA MET D 798 36.24 -7.57 -21.00
C MET D 798 37.46 -8.02 -20.21
N LYS D 799 37.26 -8.34 -18.94
CA LYS D 799 38.38 -8.66 -18.06
C LYS D 799 38.98 -10.01 -18.43
N LEU D 800 40.28 -10.02 -18.69
CA LEU D 800 41.07 -11.22 -18.97
C LEU D 800 40.67 -11.92 -20.27
N ASN D 801 39.79 -11.32 -21.08
CA ASN D 801 39.31 -11.91 -22.31
C ASN D 801 39.27 -10.86 -23.41
N ASP D 802 40.39 -10.13 -23.56
CA ASP D 802 40.47 -8.97 -24.44
C ASP D 802 41.23 -9.24 -25.73
N ALA D 803 41.50 -10.51 -26.05
CA ALA D 803 42.24 -10.83 -27.26
C ALA D 803 41.42 -10.48 -28.50
N LEU D 804 42.13 -10.06 -29.55
CA LEU D 804 41.52 -9.65 -30.82
C LEU D 804 42.26 -10.31 -31.98
N PRO D 805 42.10 -11.62 -32.16
CA PRO D 805 42.73 -12.27 -33.31
C PRO D 805 42.09 -11.85 -34.61
N GLU D 806 42.85 -11.98 -35.69
CA GLU D 806 42.35 -11.76 -37.05
C GLU D 806 41.81 -13.09 -37.55
N ILE D 807 40.49 -13.24 -37.56
CA ILE D 807 39.83 -14.49 -37.88
C ILE D 807 39.55 -14.55 -39.37
N THR D 808 39.74 -15.73 -39.95
CA THR D 808 39.46 -15.97 -41.37
C THR D 808 38.85 -17.36 -41.49
N VAL D 809 37.67 -17.43 -42.10
CA VAL D 809 36.95 -18.69 -42.29
C VAL D 809 36.91 -18.99 -43.77
N ASP D 810 37.23 -20.22 -44.13
CA ASP D 810 37.17 -20.63 -45.53
C ASP D 810 35.71 -20.79 -45.95
N PRO D 811 35.26 -20.18 -47.05
CA PRO D 811 33.85 -20.34 -47.43
C PRO D 811 33.46 -21.77 -47.74
N GLU D 812 34.39 -22.60 -48.21
CA GLU D 812 34.09 -23.96 -48.67
C GLU D 812 34.32 -25.01 -47.58
N SER D 813 35.53 -25.07 -47.04
CA SER D 813 35.89 -26.08 -46.05
C SER D 813 35.64 -25.65 -44.61
N TYR D 814 35.29 -24.39 -44.37
CA TYR D 814 34.99 -23.85 -43.04
C TYR D 814 36.21 -23.89 -42.12
N THR D 815 37.42 -23.94 -42.66
CA THR D 815 38.61 -23.91 -41.82
C THR D 815 38.82 -22.51 -41.26
N VAL D 816 39.13 -22.45 -39.96
CA VAL D 816 39.24 -21.19 -39.23
C VAL D 816 40.70 -20.96 -38.88
N LYS D 817 41.21 -19.78 -39.23
CA LYS D 817 42.57 -19.35 -38.92
C LYS D 817 42.53 -18.06 -38.14
N ALA D 818 43.33 -17.99 -37.08
CA ALA D 818 43.49 -16.78 -36.26
C ALA D 818 44.92 -16.28 -36.41
N ASP D 819 45.08 -15.10 -36.99
CA ASP D 819 46.38 -14.53 -37.31
C ASP D 819 47.18 -15.46 -38.22
N GLY D 820 46.49 -16.16 -39.12
CA GLY D 820 47.13 -17.04 -40.07
C GLY D 820 47.39 -18.45 -39.58
N LYS D 821 47.11 -18.75 -38.30
CA LYS D 821 47.36 -20.06 -37.72
C LYS D 821 46.06 -20.81 -37.57
N LEU D 822 46.02 -22.04 -38.06
CA LEU D 822 44.80 -22.84 -38.00
C LEU D 822 44.43 -23.14 -36.56
N LEU D 823 43.14 -23.02 -36.26
CA LEU D 823 42.58 -23.36 -34.96
C LEU D 823 41.86 -24.69 -35.07
N CYS D 824 42.34 -25.68 -34.32
CA CYS D 824 41.77 -27.03 -34.38
C CYS D 824 41.97 -27.70 -33.03
N VAL D 825 40.92 -28.31 -32.51
CA VAL D 825 40.97 -29.03 -31.25
C VAL D 825 40.34 -30.40 -31.47
N SER D 826 40.84 -31.38 -30.74
CA SER D 826 40.30 -32.73 -30.82
C SER D 826 38.98 -32.83 -30.05
N GLU D 827 38.12 -33.73 -30.48
CA GLU D 827 36.90 -34.01 -29.75
C GLU D 827 37.24 -34.68 -28.41
N ALA D 828 36.57 -34.23 -27.35
CA ALA D 828 36.75 -34.80 -26.03
C ALA D 828 35.75 -35.93 -25.83
N THR D 829 36.24 -37.14 -25.57
CA THR D 829 35.37 -38.29 -25.38
C THR D 829 34.70 -38.30 -24.01
N THR D 830 35.25 -37.59 -23.03
CA THR D 830 34.65 -37.47 -21.72
C THR D 830 34.84 -36.05 -21.22
N VAL D 831 34.07 -35.71 -20.19
CA VAL D 831 34.21 -34.42 -19.50
C VAL D 831 34.12 -34.66 -18.00
N PRO D 832 34.71 -33.80 -17.20
CA PRO D 832 34.52 -33.87 -15.75
C PRO D 832 33.19 -33.21 -15.37
N LEU D 833 32.90 -33.23 -14.08
CA LEU D 833 31.79 -32.47 -13.50
C LEU D 833 30.43 -32.95 -14.00
N SER D 834 30.35 -34.13 -14.60
CA SER D 834 29.11 -34.64 -15.19
C SER D 834 28.66 -35.95 -14.56
N ARG D 835 29.50 -36.98 -14.56
CA ARG D 835 29.05 -38.33 -14.28
C ARG D 835 29.25 -38.76 -12.83
N ASN D 836 30.18 -38.15 -12.11
CA ASN D 836 30.39 -38.47 -10.71
C ASN D 836 29.33 -37.89 -9.79
N TYR D 837 28.44 -37.04 -10.31
CA TYR D 837 27.65 -36.14 -9.48
C TYR D 837 26.15 -36.24 -9.68
N PHE D 838 25.66 -36.57 -10.87
CA PHE D 838 24.25 -36.44 -11.21
C PHE D 838 23.59 -37.80 -11.33
N LEU D 839 22.42 -37.93 -10.71
CA LEU D 839 21.69 -39.18 -10.71
C LEU D 839 21.29 -39.60 -12.13
N PHE D 840 20.81 -38.65 -12.93
CA PHE D 840 20.35 -38.92 -14.29
C PHE D 840 21.17 -38.15 -15.30
N MET E 1 4.52 -36.52 -22.37
CA MET E 1 3.59 -37.23 -21.45
C MET E 1 2.35 -36.40 -21.21
N LYS E 2 2.54 -35.08 -21.08
CA LYS E 2 1.45 -34.14 -20.81
C LYS E 2 0.72 -34.53 -19.52
N LEU E 3 1.50 -34.83 -18.48
CA LEU E 3 0.92 -35.30 -17.23
C LEU E 3 0.13 -34.18 -16.55
N SER E 4 -1.13 -34.44 -16.28
CA SER E 4 -1.95 -33.53 -15.50
C SER E 4 -1.59 -33.64 -14.03
N PRO E 5 -1.99 -32.66 -13.20
CA PRO E 5 -1.61 -32.73 -11.78
C PRO E 5 -2.12 -33.96 -11.05
N ARG E 6 -3.24 -34.55 -11.47
CA ARG E 6 -3.76 -35.71 -10.76
C ARG E 6 -2.98 -36.97 -11.10
N GLU E 7 -2.45 -37.08 -12.32
CA GLU E 7 -1.65 -38.23 -12.67
C GLU E 7 -0.38 -38.31 -11.84
N VAL E 8 0.21 -37.16 -11.50
CA VAL E 8 1.40 -37.16 -10.66
C VAL E 8 1.09 -37.69 -9.26
N GLU E 9 -0.04 -37.27 -8.70
CA GLU E 9 -0.42 -37.75 -7.37
C GLU E 9 -0.75 -39.23 -7.41
N LYS E 10 -1.41 -39.69 -8.47
CA LYS E 10 -1.71 -41.12 -8.59
C LYS E 10 -0.43 -41.93 -8.79
N LEU E 11 0.57 -41.36 -9.44
CA LEU E 11 1.86 -42.03 -9.54
C LEU E 11 2.54 -42.14 -8.19
N GLY E 12 2.45 -41.09 -7.37
CA GLY E 12 2.95 -41.20 -6.00
C GLY E 12 2.22 -42.26 -5.20
N LEU E 13 0.90 -42.34 -5.37
CA LEU E 13 0.13 -43.39 -4.71
C LEU E 13 0.59 -44.76 -5.17
N HIS E 14 0.86 -44.91 -6.48
CA HIS E 14 1.33 -46.19 -6.98
C HIS E 14 2.71 -46.53 -6.41
N ASN E 15 3.58 -45.55 -6.26
CA ASN E 15 4.89 -45.81 -5.68
C ASN E 15 4.76 -46.27 -4.24
N ALA E 16 3.87 -45.63 -3.46
CA ALA E 16 3.64 -46.07 -2.09
C ALA E 16 3.06 -47.48 -2.07
N GLY E 17 2.14 -47.77 -2.98
CA GLY E 17 1.58 -49.11 -3.05
C GLY E 17 2.61 -50.16 -3.42
N TYR E 18 3.55 -49.81 -4.28
CA TYR E 18 4.60 -50.76 -4.66
C TYR E 18 5.58 -50.98 -3.53
N LEU E 19 5.86 -49.93 -2.74
CA LEU E 19 6.65 -50.13 -1.53
C LEU E 19 5.94 -51.08 -0.57
N ALA E 20 4.64 -50.88 -0.38
CA ALA E 20 3.86 -51.79 0.46
C ALA E 20 3.88 -53.21 -0.10
N GLN E 21 3.84 -53.33 -1.42
CA GLN E 21 3.88 -54.66 -2.05
C GLN E 21 5.21 -55.35 -1.81
N LYS E 22 6.32 -54.62 -1.93
CA LYS E 22 7.62 -55.23 -1.65
C LYS E 22 7.73 -55.67 -0.21
N ARG E 23 7.27 -54.82 0.72
CA ARG E 23 7.29 -55.19 2.13
C ARG E 23 6.43 -56.41 2.40
N LEU E 24 5.22 -56.46 1.82
CA LEU E 24 4.37 -57.64 1.98
C LEU E 24 5.02 -58.87 1.37
N ALA E 25 5.72 -58.70 0.26
CA ALA E 25 6.35 -59.83 -0.42
C ALA E 25 7.49 -60.41 0.40
N ARG E 26 8.20 -59.59 1.16
CA ARG E 26 9.22 -60.10 2.05
C ARG E 26 8.67 -60.50 3.42
N GLY E 27 7.36 -60.36 3.64
CA GLY E 27 6.72 -61.01 4.76
C GLY E 27 6.61 -60.23 6.05
N VAL E 28 6.58 -58.90 6.01
CA VAL E 28 6.32 -58.08 7.20
C VAL E 28 4.84 -57.75 7.20
N ARG E 29 4.29 -57.54 8.39
CA ARG E 29 2.88 -57.20 8.56
C ARG E 29 2.71 -55.70 8.35
N LEU E 30 1.86 -55.33 7.41
CA LEU E 30 1.71 -53.93 7.03
C LEU E 30 0.96 -53.16 8.11
N ASN E 31 1.22 -51.85 8.15
CA ASN E 31 0.50 -50.93 9.02
C ASN E 31 -0.63 -50.28 8.24
N TYR E 32 -1.26 -49.26 8.84
CA TYR E 32 -2.43 -48.63 8.22
C TYR E 32 -2.07 -47.98 6.88
N THR E 33 -1.00 -47.20 6.86
CA THR E 33 -0.62 -46.48 5.65
C THR E 33 -0.27 -47.44 4.52
N GLU E 34 0.52 -48.46 4.82
CA GLU E 34 0.92 -49.42 3.80
C GLU E 34 -0.27 -50.20 3.27
N ALA E 35 -1.18 -50.61 4.16
CA ALA E 35 -2.36 -51.35 3.71
C ALA E 35 -3.24 -50.49 2.81
N VAL E 36 -3.45 -49.22 3.18
CA VAL E 36 -4.28 -48.35 2.36
C VAL E 36 -3.61 -48.14 1.00
N ALA E 37 -2.30 -47.92 0.99
CA ALA E 37 -1.59 -47.73 -0.27
C ALA E 37 -1.70 -48.95 -1.17
N LEU E 38 -1.51 -50.14 -0.60
CA LEU E 38 -1.57 -51.36 -1.38
C LEU E 38 -2.96 -51.56 -1.97
N ILE E 39 -4.00 -51.42 -1.15
CA ILE E 39 -5.36 -51.68 -1.62
C ILE E 39 -5.74 -50.68 -2.71
N ALA E 40 -5.43 -49.39 -2.49
CA ALA E 40 -5.77 -48.39 -3.49
C ALA E 40 -5.04 -48.64 -4.80
N SER E 41 -3.72 -48.89 -4.73
CA SER E 41 -2.95 -49.08 -5.95
C SER E 41 -3.40 -50.32 -6.72
N GLN E 42 -3.72 -51.40 -6.00
CA GLN E 42 -4.17 -52.60 -6.68
C GLN E 42 -5.53 -52.41 -7.33
N ILE E 43 -6.41 -51.64 -6.68
CA ILE E 43 -7.68 -51.33 -7.32
C ILE E 43 -7.46 -50.53 -8.59
N MET E 44 -6.52 -49.58 -8.56
CA MET E 44 -6.21 -48.82 -9.78
C MET E 44 -5.69 -49.73 -10.89
N GLU E 45 -4.82 -50.68 -10.55
CA GLU E 45 -4.28 -51.56 -11.58
C GLU E 45 -5.35 -52.48 -12.17
N TYR E 46 -6.21 -53.03 -11.32
CA TYR E 46 -7.31 -53.84 -11.83
C TYR E 46 -8.25 -53.02 -12.71
N ALA E 47 -8.45 -51.75 -12.37
CA ALA E 47 -9.22 -50.87 -13.25
C ALA E 47 -8.49 -50.65 -14.57
N ARG E 48 -7.16 -50.50 -14.52
CA ARG E 48 -6.38 -50.31 -15.74
C ARG E 48 -6.47 -51.52 -16.65
N ASP E 49 -6.65 -52.71 -16.09
CA ASP E 49 -6.82 -53.89 -16.94
C ASP E 49 -8.07 -53.77 -17.81
N GLY E 50 -9.15 -53.23 -17.25
CA GLY E 50 -10.38 -53.06 -17.99
C GLY E 50 -11.24 -54.28 -18.10
N GLU E 51 -10.93 -55.35 -17.36
CA GLU E 51 -11.70 -56.59 -17.38
C GLU E 51 -12.60 -56.74 -16.15
N LYS E 52 -12.81 -55.66 -15.38
CA LYS E 52 -13.59 -55.69 -14.16
C LYS E 52 -14.58 -54.54 -14.15
N THR E 53 -15.70 -54.75 -13.47
CA THR E 53 -16.67 -53.71 -13.20
C THR E 53 -16.41 -53.12 -11.83
N VAL E 54 -17.08 -52.01 -11.53
CA VAL E 54 -16.89 -51.34 -10.24
C VAL E 54 -17.35 -52.25 -9.11
N ALA E 55 -18.45 -52.96 -9.30
CA ALA E 55 -18.92 -53.89 -8.27
C ALA E 55 -17.94 -55.03 -8.06
N GLN E 56 -17.34 -55.53 -9.14
CA GLN E 56 -16.36 -56.61 -9.02
C GLN E 56 -15.15 -56.16 -8.20
N LEU E 57 -14.73 -54.90 -8.37
CA LEU E 57 -13.62 -54.39 -7.58
C LEU E 57 -14.04 -54.03 -6.17
N MET E 58 -15.31 -53.69 -5.95
CA MET E 58 -15.80 -53.53 -4.59
C MET E 58 -15.71 -54.84 -3.83
N CYS E 59 -16.06 -55.94 -4.49
CA CYS E 59 -15.97 -57.24 -3.84
C CYS E 59 -14.52 -57.71 -3.73
N LEU E 60 -13.70 -57.40 -4.74
CA LEU E 60 -12.32 -57.90 -4.77
C LEU E 60 -11.47 -57.23 -3.70
N GLY E 61 -11.68 -55.94 -3.46
CA GLY E 61 -10.84 -55.22 -2.53
C GLY E 61 -10.93 -55.73 -1.10
N GLN E 62 -11.98 -56.47 -0.77
CA GLN E 62 -12.13 -57.04 0.56
C GLN E 62 -11.32 -58.32 0.76
N HIS E 63 -10.67 -58.84 -0.28
CA HIS E 63 -9.96 -60.10 -0.23
C HIS E 63 -8.46 -59.96 -0.42
N LEU E 64 -7.94 -58.74 -0.64
CA LEU E 64 -6.52 -58.58 -0.92
C LEU E 64 -5.68 -58.89 0.31
N LEU E 65 -6.05 -58.32 1.46
CA LEU E 65 -5.31 -58.43 2.69
C LEU E 65 -6.18 -59.05 3.78
N GLY E 66 -5.56 -59.88 4.61
CA GLY E 66 -6.22 -60.48 5.75
C GLY E 66 -5.68 -59.92 7.06
N ARG E 67 -6.23 -60.44 8.15
CA ARG E 67 -5.80 -60.01 9.48
C ARG E 67 -4.36 -60.43 9.78
N ARG E 68 -3.87 -61.49 9.15
CA ARG E 68 -2.53 -61.99 9.40
C ARG E 68 -1.46 -61.27 8.59
N GLN E 69 -1.84 -60.46 7.61
CA GLN E 69 -0.90 -59.68 6.80
C GLN E 69 -0.75 -58.25 7.27
N VAL E 70 -1.46 -57.85 8.32
CA VAL E 70 -1.46 -56.49 8.82
C VAL E 70 -1.29 -56.54 10.33
N LEU E 71 -0.86 -55.41 10.90
CA LEU E 71 -0.70 -55.33 12.33
C LEU E 71 -2.06 -55.41 13.02
N PRO E 72 -2.10 -55.85 14.28
CA PRO E 72 -3.41 -56.07 14.92
C PRO E 72 -4.28 -54.83 15.03
N ALA E 73 -3.71 -53.63 14.97
CA ALA E 73 -4.50 -52.41 15.03
C ALA E 73 -5.16 -52.05 13.70
N VAL E 74 -4.62 -52.55 12.58
CA VAL E 74 -5.11 -52.12 11.27
C VAL E 74 -6.57 -52.47 11.05
N PRO E 75 -7.09 -53.64 11.46
CA PRO E 75 -8.53 -53.91 11.24
C PRO E 75 -9.46 -52.90 11.89
N HIS E 76 -9.02 -52.24 12.96
CA HIS E 76 -9.82 -51.20 13.61
C HIS E 76 -9.57 -49.82 13.04
N LEU E 77 -8.32 -49.52 12.66
CA LEU E 77 -8.03 -48.22 12.07
C LEU E 77 -8.63 -48.08 10.68
N LEU E 78 -8.74 -49.18 9.94
CA LEU E 78 -9.07 -49.16 8.52
C LEU E 78 -10.50 -49.62 8.32
N ASN E 79 -11.40 -48.66 8.10
CA ASN E 79 -12.82 -48.95 7.88
C ASN E 79 -13.16 -49.06 6.40
N ALA E 80 -12.56 -48.23 5.56
CA ALA E 80 -12.85 -48.26 4.13
C ALA E 80 -11.68 -47.68 3.36
N VAL E 81 -11.68 -47.94 2.05
CA VAL E 81 -10.67 -47.40 1.14
C VAL E 81 -11.35 -46.91 -0.13
N GLN E 82 -11.51 -45.60 -0.25
CA GLN E 82 -11.99 -44.98 -1.48
C GLN E 82 -10.83 -44.78 -2.45
N VAL E 83 -11.09 -44.99 -3.75
CA VAL E 83 -10.09 -44.70 -4.76
C VAL E 83 -10.79 -44.44 -6.09
N GLU E 84 -10.21 -43.53 -6.86
CA GLU E 84 -10.73 -43.11 -8.16
C GLU E 84 -9.87 -43.74 -9.24
N ALA E 85 -10.50 -44.40 -10.21
CA ALA E 85 -9.74 -45.14 -11.22
C ALA E 85 -10.41 -45.01 -12.59
N THR E 86 -9.60 -45.10 -13.64
CA THR E 86 -10.07 -44.97 -15.02
C THR E 86 -10.42 -46.35 -15.55
N PHE E 87 -11.71 -46.63 -15.62
CA PHE E 87 -12.24 -47.80 -16.29
C PHE E 87 -12.40 -47.51 -17.78
N PRO E 88 -12.64 -48.53 -18.60
CA PRO E 88 -12.83 -48.26 -20.05
C PRO E 88 -13.96 -47.30 -20.35
N ASP E 89 -14.94 -47.19 -19.46
CA ASP E 89 -16.04 -46.22 -19.59
C ASP E 89 -15.83 -45.00 -18.71
N GLY E 90 -14.59 -44.54 -18.55
CA GLY E 90 -14.31 -43.29 -17.89
C GLY E 90 -13.87 -43.48 -16.45
N THR E 91 -13.70 -42.35 -15.77
CA THR E 91 -13.24 -42.37 -14.39
C THR E 91 -14.40 -42.63 -13.44
N LYS E 92 -14.21 -43.58 -12.52
CA LYS E 92 -15.22 -43.99 -11.57
C LYS E 92 -14.60 -44.10 -10.19
N LEU E 93 -15.40 -43.79 -9.16
CA LEU E 93 -15.02 -44.01 -7.78
C LEU E 93 -15.42 -45.42 -7.39
N VAL E 94 -14.48 -46.15 -6.79
CA VAL E 94 -14.76 -47.45 -6.21
C VAL E 94 -14.21 -47.44 -4.78
N THR E 95 -15.03 -47.88 -3.84
CA THR E 95 -14.70 -47.85 -2.43
C THR E 95 -14.88 -49.24 -1.83
N VAL E 96 -13.84 -49.69 -1.13
CA VAL E 96 -13.86 -50.97 -0.43
C VAL E 96 -14.34 -50.72 0.98
N HIS E 97 -15.31 -51.52 1.43
CA HIS E 97 -15.86 -51.45 2.77
C HIS E 97 -15.35 -52.61 3.60
N ASP E 98 -14.75 -52.31 4.75
CA ASP E 98 -14.14 -53.30 5.63
C ASP E 98 -13.14 -54.16 4.84
N PRO E 99 -12.06 -53.57 4.33
CA PRO E 99 -11.15 -54.33 3.47
C PRO E 99 -10.43 -55.47 4.17
N ILE E 100 -10.30 -55.43 5.49
CA ILE E 100 -9.66 -56.50 6.25
C ILE E 100 -10.80 -57.28 6.90
N SER E 101 -11.24 -58.34 6.23
CA SER E 101 -12.38 -59.14 6.66
C SER E 101 -12.11 -60.64 6.64
N ARG E 102 -10.87 -61.06 6.44
CA ARG E 102 -10.49 -62.47 6.44
C ARG E 102 -9.23 -62.66 7.27
N GLU E 103 -9.03 -63.89 7.71
CA GLU E 103 -7.78 -64.24 8.40
C GLU E 103 -6.60 -64.07 7.47
N ASN E 104 -6.73 -64.51 6.22
CA ASN E 104 -5.70 -64.41 5.20
C ASN E 104 -6.31 -63.85 3.93
N GLY E 105 -5.57 -62.96 3.26
CA GLY E 105 -5.99 -62.40 1.99
C GLY E 105 -5.43 -63.19 0.82
N GLU E 106 -5.92 -62.84 -0.36
CA GLU E 106 -5.45 -63.44 -1.60
C GLU E 106 -4.18 -62.71 -2.02
N LEU E 107 -3.02 -63.31 -1.73
CA LEU E 107 -1.77 -62.60 -1.94
C LEU E 107 -1.41 -62.48 -3.42
N GLN E 108 -1.89 -63.39 -4.25
CA GLN E 108 -1.68 -63.23 -5.69
C GLN E 108 -2.44 -62.03 -6.22
N GLU E 109 -3.61 -61.75 -5.65
CA GLU E 109 -4.36 -60.55 -6.02
C GLU E 109 -3.72 -59.30 -5.42
N ALA E 110 -3.20 -59.40 -4.20
CA ALA E 110 -2.56 -58.25 -3.57
C ALA E 110 -1.30 -57.82 -4.31
N LEU E 111 -0.52 -58.80 -4.80
CA LEU E 111 0.72 -58.52 -5.52
C LEU E 111 0.54 -58.58 -7.03
N PHE E 112 -0.70 -58.51 -7.52
CA PHE E 112 -0.92 -58.57 -8.95
C PHE E 112 -0.35 -57.35 -9.63
N GLY E 113 0.31 -57.56 -10.78
CA GLY E 113 0.89 -56.50 -11.55
C GLY E 113 2.30 -56.12 -11.16
N SER E 114 2.73 -56.44 -9.93
CA SER E 114 4.06 -56.10 -9.47
C SER E 114 5.14 -57.04 -10.00
N LEU E 115 4.75 -58.24 -10.46
CA LEU E 115 5.71 -59.24 -10.92
C LEU E 115 6.68 -59.62 -9.82
N LEU E 116 6.16 -59.73 -8.59
CA LEU E 116 6.91 -60.16 -7.42
C LEU E 116 6.48 -61.55 -6.99
N PRO E 117 7.34 -62.33 -6.33
CA PRO E 117 6.92 -63.67 -5.90
C PRO E 117 5.94 -63.61 -4.75
N VAL E 118 4.84 -64.35 -4.88
CA VAL E 118 3.81 -64.36 -3.85
C VAL E 118 4.36 -65.11 -2.62
N PRO E 119 4.41 -64.51 -1.43
CA PRO E 119 4.93 -65.24 -0.28
C PRO E 119 3.90 -66.21 0.29
N SER E 120 4.40 -67.30 0.86
CA SER E 120 3.54 -68.25 1.53
C SER E 120 2.97 -67.63 2.80
N LEU E 121 1.81 -68.13 3.22
CA LEU E 121 1.15 -67.58 4.40
C LEU E 121 1.93 -67.84 5.69
N ASP E 122 2.93 -68.73 5.67
CA ASP E 122 3.73 -68.99 6.85
C ASP E 122 4.69 -67.84 7.17
N LYS E 123 5.03 -67.01 6.19
CA LYS E 123 6.06 -66.00 6.41
C LYS E 123 5.59 -64.88 7.34
N PHE E 124 4.29 -64.74 7.57
CA PHE E 124 3.76 -63.66 8.39
C PHE E 124 3.72 -64.11 9.85
N ALA E 125 4.51 -63.44 10.69
CA ALA E 125 4.67 -63.83 12.07
C ALA E 125 3.36 -63.62 12.83
N GLU E 126 3.37 -64.03 14.10
CA GLU E 126 2.23 -63.90 14.99
C GLU E 126 2.71 -63.48 16.37
N THR E 127 1.80 -62.89 17.14
CA THR E 127 2.10 -62.41 18.47
C THR E 127 1.00 -62.83 19.45
N ASN E 131 -3.85 -56.19 20.48
CA ASN E 131 -4.85 -56.58 21.48
C ASN E 131 -5.86 -55.45 21.72
N ARG E 132 -5.36 -54.24 21.91
CA ARG E 132 -6.23 -53.10 22.17
C ARG E 132 -6.74 -52.50 20.88
N ILE E 133 -7.80 -51.70 21.00
CA ILE E 133 -8.44 -51.01 19.89
C ILE E 133 -8.02 -49.54 19.97
N PRO E 134 -7.35 -48.97 18.97
CA PRO E 134 -7.04 -47.54 19.04
C PRO E 134 -8.31 -46.69 18.98
N GLY E 135 -8.40 -45.71 19.88
CA GLY E 135 -9.49 -44.77 19.82
C GLY E 135 -10.85 -45.30 20.22
N GLU E 136 -10.90 -46.40 20.94
CA GLU E 136 -12.19 -47.00 21.29
C GLU E 136 -12.92 -46.16 22.33
N ILE E 137 -14.24 -46.27 22.32
CA ILE E 137 -15.11 -45.60 23.28
C ILE E 137 -15.64 -46.67 24.22
N LEU E 138 -15.25 -46.60 25.50
CA LEU E 138 -15.72 -47.53 26.51
C LEU E 138 -16.93 -46.92 27.20
N CYS E 139 -18.12 -47.45 26.87
CA CYS E 139 -19.39 -46.94 27.37
C CYS E 139 -19.96 -47.90 28.40
N GLU E 140 -20.89 -47.37 29.20
CA GLU E 140 -21.64 -48.19 30.12
C GLU E 140 -22.79 -48.89 29.40
N ASP E 141 -23.35 -49.90 30.06
CA ASP E 141 -24.47 -50.66 29.50
C ASP E 141 -25.78 -50.07 30.02
N GLU E 142 -26.03 -48.83 29.57
CA GLU E 142 -27.20 -48.07 29.97
C GLU E 142 -27.86 -47.45 28.76
N CYS E 143 -29.17 -47.21 28.87
CA CYS E 143 -29.96 -46.56 27.84
C CYS E 143 -30.31 -45.16 28.31
N LEU E 144 -29.90 -44.16 27.54
CA LEU E 144 -30.26 -42.78 27.82
C LEU E 144 -31.65 -42.50 27.28
N THR E 145 -32.32 -41.53 27.89
CA THR E 145 -33.70 -41.16 27.55
C THR E 145 -33.70 -39.75 26.99
N LEU E 146 -34.38 -39.57 25.86
CA LEU E 146 -34.38 -38.32 25.12
C LEU E 146 -35.62 -37.49 25.45
N ASN E 147 -35.44 -36.17 25.45
CA ASN E 147 -36.54 -35.21 25.54
C ASN E 147 -37.34 -35.39 26.84
N ILE E 148 -36.67 -35.15 27.96
CA ILE E 148 -37.27 -35.29 29.28
C ILE E 148 -38.10 -34.05 29.62
N GLY E 149 -39.23 -34.27 30.26
CA GLY E 149 -40.05 -33.18 30.75
C GLY E 149 -40.72 -32.37 29.67
N ARG E 150 -41.19 -33.02 28.61
CA ARG E 150 -41.87 -32.38 27.51
C ARG E 150 -43.27 -32.96 27.38
N LYS E 151 -44.20 -32.14 26.88
CA LYS E 151 -45.56 -32.60 26.69
C LYS E 151 -45.64 -33.32 25.35
N ALA E 152 -46.18 -34.54 25.37
CA ALA E 152 -46.03 -35.51 24.30
C ALA E 152 -47.39 -36.04 23.86
N VAL E 153 -47.48 -36.36 22.58
CA VAL E 153 -48.71 -36.89 21.97
C VAL E 153 -48.34 -37.98 20.99
N ILE E 154 -49.09 -39.08 21.01
CA ILE E 154 -48.94 -40.17 20.05
C ILE E 154 -50.06 -40.02 19.02
N LEU E 155 -49.68 -39.71 17.79
CA LEU E 155 -50.63 -39.48 16.70
C LEU E 155 -50.51 -40.57 15.65
N LYS E 156 -51.52 -40.62 14.79
CA LYS E 156 -51.65 -41.64 13.75
C LYS E 156 -51.59 -40.91 12.41
N VAL E 157 -50.50 -41.10 11.67
CA VAL E 157 -50.26 -40.41 10.41
C VAL E 157 -50.42 -41.40 9.27
N THR E 158 -50.89 -40.91 8.13
CA THR E 158 -51.03 -41.72 6.93
C THR E 158 -50.71 -40.88 5.71
N SER E 159 -50.01 -41.48 4.75
CA SER E 159 -49.59 -40.79 3.55
C SER E 159 -50.60 -41.01 2.43
N LYS E 160 -51.07 -39.91 1.84
CA LYS E 160 -51.92 -39.94 0.66
C LYS E 160 -51.17 -39.53 -0.60
N GLY E 161 -49.84 -39.46 -0.54
CA GLY E 161 -49.05 -39.15 -1.72
C GLY E 161 -48.66 -40.39 -2.49
N ASP E 162 -48.27 -40.16 -3.74
CA ASP E 162 -47.85 -41.24 -4.63
C ASP E 162 -46.35 -41.46 -4.65
N ARG E 163 -45.58 -40.66 -3.89
CA ARG E 163 -44.16 -40.84 -3.75
C ARG E 163 -43.66 -40.45 -2.35
N PRO E 164 -42.55 -41.05 -1.90
CA PRO E 164 -42.28 -41.11 -0.45
C PRO E 164 -41.97 -39.75 0.18
N ILE E 165 -42.30 -39.64 1.47
CA ILE E 165 -42.09 -38.43 2.25
C ILE E 165 -41.33 -38.82 3.51
N GLN E 166 -40.08 -38.37 3.62
CA GLN E 166 -39.27 -38.59 4.83
C GLN E 166 -39.23 -37.31 5.63
N VAL E 167 -39.34 -37.43 6.96
CA VAL E 167 -39.43 -36.29 7.86
C VAL E 167 -38.37 -36.43 8.94
N GLY E 168 -37.62 -35.35 9.18
CA GLY E 168 -36.56 -35.36 10.15
C GLY E 168 -37.04 -35.21 11.59
N SER E 169 -36.11 -35.34 12.51
CA SER E 169 -36.44 -35.37 13.93
C SER E 169 -36.89 -34.01 14.45
N HIS E 170 -36.37 -32.92 13.88
CA HIS E 170 -36.62 -31.58 14.40
C HIS E 170 -37.53 -30.73 13.51
N TYR E 171 -37.90 -31.22 12.33
CA TYR E 171 -38.85 -30.51 11.49
C TYR E 171 -40.18 -30.32 12.22
N HIS E 172 -40.73 -29.12 12.15
CA HIS E 172 -42.03 -28.83 12.74
C HIS E 172 -43.09 -29.68 12.06
N PHE E 173 -43.77 -30.52 12.84
CA PHE E 173 -44.61 -31.55 12.24
C PHE E 173 -45.88 -30.99 11.62
N ILE E 174 -46.36 -29.83 12.07
CA ILE E 174 -47.51 -29.21 11.42
C ILE E 174 -47.17 -28.64 10.05
N GLU E 175 -45.88 -28.52 9.73
CA GLU E 175 -45.42 -27.97 8.45
C GLU E 175 -45.16 -29.03 7.40
N VAL E 176 -45.44 -30.30 7.69
CA VAL E 176 -45.03 -31.39 6.81
C VAL E 176 -45.82 -31.34 5.52
N ASN E 177 -45.42 -32.17 4.54
CA ASN E 177 -46.01 -32.31 3.22
C ASN E 177 -47.54 -32.32 3.31
N PRO E 178 -48.27 -31.59 2.45
CA PRO E 178 -49.73 -31.59 2.57
C PRO E 178 -50.37 -32.95 2.35
N TYR E 179 -49.67 -33.89 1.71
CA TYR E 179 -50.23 -35.20 1.42
C TYR E 179 -50.12 -36.16 2.61
N LEU E 180 -49.68 -35.69 3.77
CA LEU E 180 -49.71 -36.46 5.01
C LEU E 180 -50.95 -36.04 5.79
N THR E 181 -51.80 -37.01 6.12
CA THR E 181 -53.04 -36.75 6.85
C THR E 181 -52.88 -37.20 8.30
N PHE E 182 -53.20 -36.30 9.21
CA PHE E 182 -53.07 -36.54 10.65
C PHE E 182 -53.70 -35.35 11.35
N ASP E 183 -53.88 -35.49 12.66
CA ASP E 183 -54.46 -34.40 13.45
C ASP E 183 -53.45 -33.27 13.54
N ARG E 184 -53.61 -32.26 12.69
CA ARG E 184 -52.67 -31.15 12.65
C ARG E 184 -52.82 -30.21 13.84
N ARG E 185 -53.92 -30.30 14.59
CA ARG E 185 -54.08 -29.45 15.76
C ARG E 185 -53.19 -29.92 16.91
N LYS E 186 -53.07 -31.24 17.09
CA LYS E 186 -52.24 -31.79 18.16
C LYS E 186 -50.76 -31.82 17.80
N ALA E 187 -50.40 -31.57 16.54
CA ALA E 187 -49.01 -31.49 16.12
C ALA E 187 -48.47 -30.07 16.18
N TYR E 188 -49.26 -29.11 16.65
CA TYR E 188 -48.79 -27.73 16.73
C TYR E 188 -47.71 -27.60 17.79
N GLY E 189 -46.60 -26.97 17.44
CA GLY E 189 -45.49 -26.85 18.36
C GLY E 189 -44.91 -28.18 18.79
N MET E 190 -44.81 -29.13 17.84
CA MET E 190 -44.35 -30.48 18.10
C MET E 190 -43.28 -30.87 17.09
N ARG E 191 -42.44 -31.82 17.51
CA ARG E 191 -41.46 -32.44 16.64
C ARG E 191 -41.36 -33.91 17.00
N LEU E 192 -40.90 -34.72 16.04
CA LEU E 192 -40.85 -36.15 16.24
C LEU E 192 -39.95 -36.51 17.41
N ASN E 193 -40.44 -37.37 18.30
CA ASN E 193 -39.70 -37.80 19.48
C ASN E 193 -38.80 -38.98 19.13
N ILE E 194 -37.74 -38.66 18.39
CA ILE E 194 -36.78 -39.65 17.91
C ILE E 194 -35.38 -39.09 18.09
N ALA E 195 -34.38 -39.95 17.86
CA ALA E 195 -32.99 -39.53 17.98
C ALA E 195 -32.68 -38.41 17.00
N ALA E 196 -31.91 -37.43 17.47
CA ALA E 196 -31.61 -36.26 16.66
C ALA E 196 -30.83 -36.64 15.41
N GLY E 197 -31.23 -36.06 14.28
CA GLY E 197 -30.60 -36.35 13.01
C GLY E 197 -31.18 -37.54 12.27
N THR E 198 -32.09 -38.29 12.91
CA THR E 198 -32.74 -39.43 12.27
C THR E 198 -34.01 -38.95 11.59
N ALA E 199 -34.81 -39.88 11.07
CA ALA E 199 -36.01 -39.51 10.33
C ALA E 199 -37.01 -40.67 10.37
N VAL E 200 -38.24 -40.34 10.00
CA VAL E 200 -39.32 -41.31 9.79
C VAL E 200 -39.76 -41.21 8.34
N ARG E 201 -39.85 -42.35 7.66
CA ARG E 201 -40.15 -42.42 6.24
C ARG E 201 -41.58 -42.91 6.05
N PHE E 202 -42.34 -42.21 5.21
CA PHE E 202 -43.69 -42.58 4.82
C PHE E 202 -43.65 -42.93 3.34
N GLU E 203 -43.61 -44.23 3.05
CA GLU E 203 -43.75 -44.68 1.68
C GLU E 203 -45.18 -44.37 1.21
N PRO E 204 -45.41 -44.26 -0.10
CA PRO E 204 -46.74 -43.84 -0.56
C PRO E 204 -47.83 -44.82 -0.15
N GLY E 205 -48.79 -44.30 0.60
CA GLY E 205 -49.83 -45.11 1.20
C GLY E 205 -49.48 -45.64 2.57
N ASP E 206 -48.25 -45.48 3.02
CA ASP E 206 -47.85 -45.99 4.32
C ASP E 206 -48.62 -45.30 5.43
N CYS E 207 -48.94 -46.05 6.48
CA CYS E 207 -49.78 -45.60 7.57
C CYS E 207 -49.11 -45.97 8.88
N LYS E 208 -48.54 -44.98 9.56
CA LYS E 208 -47.69 -45.17 10.72
C LYS E 208 -48.32 -44.50 11.94
N SER E 209 -47.78 -44.83 13.11
CA SER E 209 -48.11 -44.17 14.36
C SER E 209 -46.83 -43.59 14.94
N VAL E 210 -46.83 -42.27 15.16
CA VAL E 210 -45.63 -41.55 15.58
C VAL E 210 -45.89 -40.94 16.95
N THR E 211 -44.79 -40.61 17.63
CA THR E 211 -44.82 -39.90 18.90
C THR E 211 -44.10 -38.57 18.72
N LEU E 212 -44.75 -37.49 19.12
CA LEU E 212 -44.20 -36.15 19.02
C LEU E 212 -44.10 -35.55 20.42
N VAL E 213 -43.06 -34.75 20.63
CA VAL E 213 -42.83 -34.01 21.86
C VAL E 213 -42.77 -32.53 21.53
N SER E 214 -43.13 -31.70 22.51
CA SER E 214 -43.14 -30.26 22.29
C SER E 214 -41.74 -29.73 22.05
N ILE E 215 -41.66 -28.67 21.25
CA ILE E 215 -40.43 -27.90 21.18
C ILE E 215 -40.28 -27.07 22.46
N GLU E 216 -39.04 -26.66 22.73
CA GLU E 216 -38.72 -25.92 23.94
C GLU E 216 -38.02 -24.61 23.60
N GLY E 217 -37.53 -23.90 24.60
CA GLY E 217 -36.94 -22.60 24.38
C GLY E 217 -38.01 -21.53 24.31
N ASN E 218 -37.89 -20.62 23.34
CA ASN E 218 -38.93 -19.62 23.14
C ASN E 218 -40.18 -20.21 22.51
N LYS E 219 -40.09 -21.42 21.92
CA LYS E 219 -41.21 -22.07 21.25
C LYS E 219 -41.76 -21.18 20.13
N VAL E 220 -40.90 -20.96 19.13
CA VAL E 220 -41.23 -20.17 17.96
C VAL E 220 -41.02 -21.03 16.73
N ILE E 221 -42.04 -21.09 15.87
CA ILE E 221 -42.01 -21.88 14.64
C ILE E 221 -41.62 -20.96 13.49
N ARG E 222 -40.59 -21.38 12.73
CA ARG E 222 -40.12 -20.64 11.58
C ARG E 222 -39.89 -21.58 10.42
N GLY E 223 -40.10 -21.08 9.21
CA GLY E 223 -39.80 -21.84 8.02
C GLY E 223 -40.80 -22.94 7.73
N GLY E 224 -40.38 -23.86 6.88
CA GLY E 224 -41.26 -24.93 6.44
C GLY E 224 -42.14 -24.46 5.32
N ASN E 225 -43.44 -24.68 5.47
CA ASN E 225 -44.44 -24.19 4.53
C ASN E 225 -45.00 -22.82 4.90
N ALA E 226 -44.52 -22.22 5.99
CA ALA E 226 -45.04 -20.96 6.50
C ALA E 226 -46.51 -21.10 6.88
N ILE E 227 -46.92 -22.29 7.33
CA ILE E 227 -48.28 -22.49 7.80
C ILE E 227 -48.48 -21.78 9.13
N ALA E 228 -47.49 -21.85 10.02
CA ALA E 228 -47.66 -21.49 11.42
C ALA E 228 -46.47 -20.68 11.93
N ASP E 229 -46.04 -19.68 11.16
CA ASP E 229 -44.94 -18.84 11.59
C ASP E 229 -45.35 -18.01 12.81
N GLY E 230 -44.53 -18.08 13.86
CA GLY E 230 -44.72 -17.27 15.05
C GLY E 230 -44.60 -18.08 16.33
N PRO E 231 -44.75 -17.42 17.47
CA PRO E 231 -44.69 -18.14 18.75
C PRO E 231 -45.84 -19.12 18.92
N VAL E 232 -45.61 -20.13 19.75
CA VAL E 232 -46.58 -21.16 20.02
C VAL E 232 -47.57 -20.63 21.06
N ASN E 233 -48.81 -20.36 20.63
CA ASN E 233 -49.87 -19.93 21.53
C ASN E 233 -51.20 -20.32 20.91
N GLU E 234 -52.30 -19.89 21.53
CA GLU E 234 -53.63 -20.26 21.04
C GLU E 234 -54.01 -19.51 19.76
N THR E 235 -53.73 -18.20 19.72
CA THR E 235 -54.10 -17.42 18.54
C THR E 235 -53.34 -17.90 17.30
N ASN E 236 -52.06 -18.21 17.45
CA ASN E 236 -51.30 -18.73 16.31
C ASN E 236 -51.72 -20.15 15.97
N LEU E 237 -52.20 -20.92 16.95
CA LEU E 237 -52.76 -22.22 16.65
C LEU E 237 -54.00 -22.08 15.76
N GLU E 238 -54.89 -21.15 16.10
CA GLU E 238 -56.08 -20.96 15.28
C GLU E 238 -55.72 -20.45 13.89
N ALA E 239 -54.74 -19.53 13.81
CA ALA E 239 -54.29 -19.06 12.50
C ALA E 239 -53.70 -20.20 11.69
N ALA E 240 -52.92 -21.08 12.34
CA ALA E 240 -52.33 -22.21 11.64
C ALA E 240 -53.39 -23.18 11.14
N MET E 241 -54.42 -23.43 11.95
CA MET E 241 -55.48 -24.32 11.50
C MET E 241 -56.28 -23.72 10.35
N HIS E 242 -56.51 -22.41 10.39
CA HIS E 242 -57.15 -21.76 9.25
C HIS E 242 -56.30 -21.90 7.99
N ALA E 243 -54.98 -21.72 8.13
CA ALA E 243 -54.09 -21.89 6.98
C ALA E 243 -54.10 -23.34 6.49
N VAL E 244 -54.18 -24.30 7.41
CA VAL E 244 -54.23 -25.71 7.03
C VAL E 244 -55.47 -25.98 6.20
N ARG E 245 -56.62 -25.48 6.67
CA ARG E 245 -57.86 -25.70 5.92
C ARG E 245 -57.83 -24.99 4.57
N SER E 246 -57.34 -23.75 4.54
CA SER E 246 -57.38 -22.96 3.32
C SER E 246 -56.43 -23.52 2.27
N LYS E 247 -55.17 -23.79 2.65
CA LYS E 247 -54.18 -24.25 1.70
C LYS E 247 -54.31 -25.72 1.35
N GLY E 248 -55.18 -26.46 2.03
CA GLY E 248 -55.44 -27.84 1.68
C GLY E 248 -54.36 -28.79 2.16
N PHE E 249 -54.08 -28.75 3.45
CA PHE E 249 -53.14 -29.68 4.09
C PHE E 249 -53.92 -30.77 4.80
N GLY E 250 -53.46 -32.00 4.66
CA GLY E 250 -54.17 -33.15 5.19
C GLY E 250 -54.41 -33.08 6.68
N HIS E 251 -55.69 -33.02 7.07
CA HIS E 251 -56.08 -32.87 8.47
C HIS E 251 -57.27 -33.75 8.74
N GLU E 252 -57.17 -34.59 9.77
CA GLU E 252 -58.28 -35.42 10.23
C GLU E 252 -58.19 -35.53 11.75
N GLU E 253 -59.23 -35.09 12.43
CA GLU E 253 -59.22 -35.06 13.90
C GLU E 253 -59.14 -36.46 14.47
N GLU E 254 -58.32 -36.62 15.50
CA GLU E 254 -58.18 -37.86 16.26
C GLU E 254 -58.47 -37.50 17.71
N LYS E 255 -59.73 -37.66 18.11
CA LYS E 255 -60.19 -37.13 19.39
C LYS E 255 -59.53 -37.84 20.57
N ASP E 256 -59.34 -39.16 20.47
CA ASP E 256 -58.81 -39.97 21.55
C ASP E 256 -57.32 -40.26 21.38
N ALA E 257 -56.56 -39.31 20.82
CA ALA E 257 -55.12 -39.48 20.73
C ALA E 257 -54.51 -39.49 22.13
N SER E 258 -53.49 -40.33 22.32
CA SER E 258 -52.87 -40.47 23.62
C SER E 258 -51.95 -39.28 23.90
N GLU E 259 -52.09 -38.70 25.10
CA GLU E 259 -51.33 -37.53 25.50
C GLU E 259 -50.75 -37.74 26.89
N GLY E 260 -49.59 -37.13 27.13
CA GLY E 260 -48.93 -37.22 28.41
C GLY E 260 -47.64 -36.44 28.47
N PHE E 261 -46.69 -36.89 29.29
CA PHE E 261 -45.40 -36.24 29.46
C PHE E 261 -44.29 -37.28 29.42
N THR E 262 -43.16 -36.90 28.85
CA THR E 262 -41.96 -37.75 28.88
C THR E 262 -41.35 -37.70 30.26
N LYS E 263 -41.05 -38.87 30.81
CA LYS E 263 -40.63 -39.04 32.19
C LYS E 263 -39.28 -39.74 32.25
N GLU E 264 -38.62 -39.62 33.40
CA GLU E 264 -37.45 -40.43 33.72
C GLU E 264 -37.93 -41.76 34.29
N ASP E 265 -38.56 -42.54 33.41
CA ASP E 265 -39.24 -43.79 33.77
C ASP E 265 -39.08 -44.77 32.61
N PRO E 266 -38.51 -45.96 32.81
CA PRO E 266 -38.32 -46.87 31.65
C PRO E 266 -39.61 -47.27 30.96
N ASN E 267 -40.71 -47.41 31.71
CA ASN E 267 -41.96 -47.98 31.20
C ASN E 267 -43.01 -46.91 30.95
N CYS E 268 -42.59 -45.73 30.45
CA CYS E 268 -43.49 -44.66 30.04
C CYS E 268 -43.72 -44.74 28.53
N PRO E 269 -44.96 -44.70 28.02
CA PRO E 269 -45.16 -44.97 26.59
C PRO E 269 -44.68 -43.87 25.66
N PHE E 270 -44.39 -42.67 26.16
CA PHE E 270 -43.98 -41.55 25.32
C PHE E 270 -42.46 -41.39 25.20
N ASN E 271 -41.68 -42.24 25.86
CA ASN E 271 -40.24 -42.06 25.92
C ASN E 271 -39.55 -42.80 24.77
N THR E 272 -38.50 -42.18 24.25
CA THR E 272 -37.61 -42.78 23.26
C THR E 272 -36.24 -42.97 23.92
N PHE E 273 -35.75 -44.20 23.90
CA PHE E 273 -34.48 -44.55 24.51
C PHE E 273 -33.43 -44.82 23.43
N ILE E 274 -32.18 -44.53 23.75
CA ILE E 274 -31.04 -44.80 22.87
C ILE E 274 -29.92 -45.37 23.72
N HIS E 275 -29.30 -46.44 23.24
CA HIS E 275 -28.20 -47.03 23.98
C HIS E 275 -26.99 -46.10 23.98
N ARG E 276 -26.15 -46.25 24.99
CA ARG E 276 -24.97 -45.41 25.10
C ARG E 276 -23.97 -45.69 23.99
N LYS E 277 -23.85 -46.94 23.54
CA LYS E 277 -22.98 -47.23 22.40
C LYS E 277 -23.51 -46.58 21.13
N GLU E 278 -24.81 -46.68 20.87
CA GLU E 278 -25.39 -46.02 19.72
C GLU E 278 -25.25 -44.51 19.82
N TYR E 279 -25.45 -43.97 21.03
CA TYR E 279 -25.27 -42.53 21.23
C TYR E 279 -23.85 -42.11 20.94
N ALA E 280 -22.86 -42.87 21.43
CA ALA E 280 -21.48 -42.51 21.22
C ALA E 280 -21.09 -42.62 19.76
N ASN E 281 -21.64 -43.62 19.06
CA ASN E 281 -21.37 -43.75 17.63
C ASN E 281 -21.99 -42.59 16.85
N LYS E 282 -23.17 -42.14 17.26
CA LYS E 282 -23.91 -41.14 16.49
C LYS E 282 -23.41 -39.73 16.76
N TYR E 283 -23.20 -39.37 18.03
CA TYR E 283 -22.85 -38.01 18.44
C TYR E 283 -21.53 -37.91 19.19
N GLY E 284 -20.84 -39.01 19.44
CA GLY E 284 -19.63 -39.00 20.23
C GLY E 284 -19.92 -39.23 21.70
N PRO E 285 -18.89 -39.55 22.49
CA PRO E 285 -19.13 -39.94 23.88
C PRO E 285 -19.70 -38.80 24.72
N THR E 286 -20.42 -39.19 25.76
CA THR E 286 -21.06 -38.28 26.71
C THR E 286 -20.45 -38.50 28.09
N THR E 287 -21.05 -37.87 29.10
CA THR E 287 -20.50 -37.89 30.45
C THR E 287 -20.38 -39.32 30.97
N GLY E 288 -19.22 -39.65 31.52
CA GLY E 288 -18.95 -40.95 32.08
C GLY E 288 -18.29 -41.92 31.14
N ASP E 289 -18.33 -41.67 29.83
CA ASP E 289 -17.64 -42.53 28.88
C ASP E 289 -16.14 -42.29 28.95
N LYS E 290 -15.39 -43.17 28.30
CA LYS E 290 -13.94 -43.10 28.26
C LYS E 290 -13.46 -43.31 26.84
N ILE E 291 -12.35 -42.65 26.50
CA ILE E 291 -11.77 -42.66 25.17
C ILE E 291 -10.31 -43.05 25.30
N ARG E 292 -9.87 -44.02 24.51
CA ARG E 292 -8.45 -44.34 24.44
C ARG E 292 -7.76 -43.36 23.51
N LEU E 293 -6.66 -42.79 23.96
CA LEU E 293 -5.93 -41.77 23.20
C LEU E 293 -4.95 -42.49 22.27
N GLY E 294 -5.33 -42.62 21.01
CA GLY E 294 -4.50 -43.36 20.07
C GLY E 294 -4.36 -44.80 20.50
N ASP E 295 -3.19 -45.37 20.23
CA ASP E 295 -2.84 -46.72 20.68
C ASP E 295 -2.08 -46.70 22.00
N THR E 296 -2.25 -45.66 22.81
CA THR E 296 -1.64 -45.58 24.12
C THR E 296 -2.50 -46.33 25.14
N ASN E 297 -2.06 -46.32 26.39
CA ASN E 297 -2.78 -46.94 27.50
C ASN E 297 -3.52 -45.91 28.35
N LEU E 298 -3.69 -44.69 27.85
CA LEU E 298 -4.31 -43.59 28.59
C LEU E 298 -5.78 -43.50 28.21
N LEU E 299 -6.65 -43.36 29.22
CA LEU E 299 -8.09 -43.26 29.04
C LEU E 299 -8.55 -41.90 29.52
N ALA E 300 -9.09 -41.10 28.59
CA ALA E 300 -9.67 -39.81 28.92
C ALA E 300 -11.15 -39.99 29.17
N GLU E 301 -11.60 -39.70 30.39
CA GLU E 301 -13.01 -39.78 30.74
C GLU E 301 -13.66 -38.41 30.60
N ILE E 302 -14.85 -38.38 30.00
CA ILE E 302 -15.57 -37.12 29.79
C ILE E 302 -16.05 -36.63 31.15
N GLU E 303 -15.50 -35.53 31.63
CA GLU E 303 -15.85 -35.02 32.95
C GLU E 303 -17.28 -34.48 32.96
N LYS E 304 -17.71 -33.81 31.90
CA LYS E 304 -19.08 -33.32 31.82
C LYS E 304 -19.44 -33.06 30.37
N ASP E 305 -20.74 -32.88 30.13
CA ASP E 305 -21.30 -32.73 28.80
C ASP E 305 -22.33 -31.62 28.84
N TYR E 306 -22.23 -30.67 27.91
CA TYR E 306 -23.16 -29.55 27.85
C TYR E 306 -24.43 -29.87 27.07
N ALA E 307 -24.54 -31.06 26.49
CA ALA E 307 -25.66 -31.38 25.61
C ALA E 307 -26.83 -31.93 26.41
N LEU E 308 -28.03 -31.43 26.10
CA LEU E 308 -29.26 -32.05 26.55
C LEU E 308 -29.64 -33.12 25.54
N TYR E 309 -29.87 -34.34 26.02
CA TYR E 309 -30.07 -35.48 25.14
C TYR E 309 -31.35 -35.31 24.34
N GLY E 310 -31.22 -35.23 23.01
CA GLY E 310 -32.34 -35.05 22.11
C GLY E 310 -32.17 -33.90 21.16
N ASP E 311 -31.39 -32.90 21.55
CA ASP E 311 -31.21 -31.66 20.78
C ASP E 311 -29.76 -31.48 20.34
N GLU E 312 -29.10 -32.58 19.98
CA GLU E 312 -27.74 -32.47 19.49
C GLU E 312 -27.71 -31.79 18.13
N CYS E 313 -26.74 -30.90 17.93
CA CYS E 313 -26.59 -30.19 16.66
C CYS E 313 -25.84 -31.08 15.68
N VAL E 314 -26.57 -31.66 14.74
CA VAL E 314 -26.03 -32.55 13.73
C VAL E 314 -26.37 -31.95 12.36
N PHE E 315 -25.39 -31.88 11.48
CA PHE E 315 -25.54 -31.30 10.16
C PHE E 315 -25.59 -32.40 9.10
N GLY E 316 -26.43 -32.21 8.09
CA GLY E 316 -26.53 -33.18 7.01
C GLY E 316 -27.88 -33.03 6.32
N GLY E 317 -28.26 -34.10 5.63
CA GLY E 317 -29.54 -34.14 4.95
C GLY E 317 -30.67 -34.57 5.86
N GLY E 318 -31.63 -33.68 6.07
CA GLY E 318 -32.74 -33.96 6.97
C GLY E 318 -32.32 -34.08 8.43
N LYS E 319 -31.38 -33.24 8.86
CA LYS E 319 -30.81 -33.29 10.21
C LYS E 319 -31.11 -31.97 10.92
N VAL E 320 -30.54 -31.81 12.11
CA VAL E 320 -31.00 -30.77 13.03
C VAL E 320 -30.67 -29.38 12.50
N ILE E 321 -29.45 -29.17 12.04
CA ILE E 321 -29.00 -27.81 11.74
C ILE E 321 -29.58 -27.43 10.39
N ARG E 322 -30.80 -26.89 10.41
CA ARG E 322 -31.53 -26.51 9.23
C ARG E 322 -32.36 -25.28 9.58
N ASP E 323 -32.82 -24.58 8.54
CA ASP E 323 -33.52 -23.32 8.74
C ASP E 323 -34.77 -23.52 9.60
N GLY E 324 -34.78 -22.85 10.76
CA GLY E 324 -35.91 -22.87 11.65
C GLY E 324 -35.99 -24.04 12.60
N MET E 325 -35.05 -24.98 12.52
CA MET E 325 -35.03 -26.15 13.40
C MET E 325 -33.82 -26.15 14.33
N GLY E 326 -32.61 -26.10 13.76
CA GLY E 326 -31.38 -26.01 14.53
C GLY E 326 -30.52 -24.82 14.08
N GLN E 327 -30.96 -24.12 13.04
CA GLN E 327 -30.35 -22.88 12.59
C GLN E 327 -31.31 -21.76 12.94
N SER E 328 -30.88 -20.86 13.81
CA SER E 328 -31.76 -19.80 14.27
C SER E 328 -32.08 -18.85 13.11
N CYS E 329 -33.23 -18.20 13.22
CA CYS E 329 -33.80 -17.43 12.13
C CYS E 329 -34.20 -16.02 12.56
N GLY E 330 -34.59 -15.86 13.82
CA GLY E 330 -35.14 -14.60 14.32
C GLY E 330 -34.23 -13.86 15.27
N HIS E 331 -32.93 -13.79 14.96
CA HIS E 331 -31.92 -13.14 15.77
C HIS E 331 -31.15 -12.16 14.91
N PRO E 332 -30.42 -11.21 15.51
CA PRO E 332 -29.59 -10.30 14.72
C PRO E 332 -28.52 -11.05 13.94
N PRO E 333 -28.18 -10.61 12.73
CA PRO E 333 -27.10 -11.30 12.00
C PRO E 333 -25.76 -11.26 12.71
N ALA E 334 -25.52 -10.25 13.55
CA ALA E 334 -24.18 -10.04 14.08
C ALA E 334 -23.83 -11.07 15.15
N ILE E 335 -24.78 -11.42 16.02
CA ILE E 335 -24.49 -12.35 17.10
C ILE E 335 -24.39 -13.78 16.59
N SER E 336 -24.67 -14.01 15.31
CA SER E 336 -24.48 -15.31 14.72
C SER E 336 -23.00 -15.69 14.72
N LEU E 337 -22.72 -16.95 15.04
CA LEU E 337 -21.35 -17.43 15.02
C LEU E 337 -20.80 -17.43 13.60
N ASP E 338 -19.50 -17.18 13.47
CA ASP E 338 -18.85 -17.35 12.18
C ASP E 338 -18.77 -18.83 11.82
N THR E 339 -18.40 -19.67 12.78
CA THR E 339 -18.41 -21.11 12.56
C THR E 339 -18.60 -21.81 13.89
N VAL E 340 -19.01 -23.07 13.83
CA VAL E 340 -19.28 -23.87 15.02
C VAL E 340 -18.76 -25.27 14.81
N ILE E 341 -17.95 -25.75 15.77
CA ILE E 341 -17.56 -27.15 15.84
C ILE E 341 -18.56 -27.84 16.76
N THR E 342 -19.26 -28.84 16.23
CA THR E 342 -20.38 -29.46 16.94
C THR E 342 -19.97 -30.79 17.54
N ASN E 343 -20.47 -31.06 18.76
CA ASN E 343 -20.35 -32.36 19.41
C ASN E 343 -18.89 -32.77 19.60
N ALA E 344 -18.06 -31.81 19.97
CA ALA E 344 -16.62 -32.03 20.08
C ALA E 344 -16.23 -32.46 21.48
N VAL E 345 -15.28 -33.39 21.56
CA VAL E 345 -14.63 -33.75 22.82
C VAL E 345 -13.39 -32.87 22.95
N ILE E 346 -13.37 -32.02 23.96
CA ILE E 346 -12.31 -31.04 24.15
C ILE E 346 -11.42 -31.56 25.28
N ILE E 347 -10.18 -31.87 24.93
CA ILE E 347 -9.12 -32.20 25.89
C ILE E 347 -8.30 -30.94 26.09
N ASP E 348 -8.18 -30.50 27.33
CA ASP E 348 -7.42 -29.32 27.67
C ASP E 348 -6.91 -29.49 29.09
N TYR E 349 -5.88 -28.70 29.44
CA TYR E 349 -5.35 -28.75 30.79
C TYR E 349 -6.40 -28.36 31.83
N THR E 350 -7.45 -27.63 31.42
CA THR E 350 -8.54 -27.33 32.34
C THR E 350 -9.42 -28.54 32.57
N GLY E 351 -9.63 -29.38 31.57
CA GLY E 351 -10.51 -30.51 31.72
C GLY E 351 -10.73 -31.23 30.41
N ILE E 352 -11.48 -32.32 30.51
CA ILE E 352 -11.85 -33.16 29.38
C ILE E 352 -13.37 -33.16 29.33
N ILE E 353 -13.94 -32.41 28.38
CA ILE E 353 -15.38 -32.15 28.36
C ILE E 353 -15.92 -32.47 26.98
N LYS E 354 -17.25 -32.41 26.87
CA LYS E 354 -17.98 -32.56 25.62
C LYS E 354 -18.81 -31.31 25.41
N ALA E 355 -18.58 -30.61 24.30
CA ALA E 355 -19.23 -29.34 24.08
C ALA E 355 -19.13 -28.96 22.61
N ASP E 356 -19.85 -27.91 22.25
CA ASP E 356 -19.75 -27.24 20.96
C ASP E 356 -18.91 -25.98 21.13
N ILE E 357 -18.02 -25.74 20.17
CA ILE E 357 -17.10 -24.60 20.19
C ILE E 357 -17.57 -23.63 19.12
N GLY E 358 -18.05 -22.46 19.55
CA GLY E 358 -18.42 -21.41 18.62
C GLY E 358 -17.27 -20.45 18.43
N ILE E 359 -16.92 -20.19 17.18
CA ILE E 359 -15.82 -19.33 16.77
C ILE E 359 -16.41 -18.13 16.06
N LYS E 360 -15.96 -16.94 16.43
CA LYS E 360 -16.43 -15.70 15.84
C LYS E 360 -15.27 -14.71 15.76
N ASP E 361 -15.03 -14.17 14.57
CA ASP E 361 -13.94 -13.23 14.31
C ASP E 361 -12.57 -13.85 14.62
N GLY E 362 -12.46 -15.16 14.43
CA GLY E 362 -11.18 -15.83 14.61
C GLY E 362 -10.84 -16.19 16.04
N LEU E 363 -11.69 -15.88 17.00
CA LEU E 363 -11.48 -16.20 18.40
C LEU E 363 -12.49 -17.25 18.84
N ILE E 364 -12.17 -17.96 19.92
CA ILE E 364 -13.10 -18.92 20.48
C ILE E 364 -14.20 -18.11 21.13
N ALA E 365 -15.31 -17.94 20.41
CA ALA E 365 -16.38 -17.07 20.91
C ALA E 365 -17.03 -17.67 22.16
N SER E 366 -17.24 -18.97 22.17
CA SER E 366 -17.89 -19.58 23.32
C SER E 366 -17.71 -21.09 23.27
N ILE E 367 -17.90 -21.73 24.42
CA ILE E 367 -17.92 -23.19 24.55
C ILE E 367 -19.15 -23.55 25.34
N GLY E 368 -19.96 -24.47 24.80
CA GLY E 368 -21.18 -24.85 25.48
C GLY E 368 -22.12 -25.67 24.62
N LYS E 369 -23.39 -25.27 24.57
CA LYS E 369 -24.39 -25.89 23.72
C LYS E 369 -24.81 -24.89 22.65
N ALA E 370 -24.63 -25.25 21.39
CA ALA E 370 -25.05 -24.44 20.28
C ALA E 370 -26.43 -24.87 19.80
N GLY E 371 -27.05 -24.04 18.98
CA GLY E 371 -28.27 -24.39 18.31
C GLY E 371 -29.19 -23.20 18.18
N ASN E 372 -30.48 -23.46 18.39
CA ASN E 372 -31.55 -22.49 18.17
C ASN E 372 -32.28 -22.24 19.49
N PRO E 373 -32.22 -21.05 20.09
CA PRO E 373 -32.99 -20.83 21.32
C PRO E 373 -34.51 -20.83 21.11
N ASP E 374 -34.98 -20.78 19.87
CA ASP E 374 -36.41 -20.88 19.61
C ASP E 374 -36.91 -22.31 19.78
N ILE E 375 -36.04 -23.30 19.62
CA ILE E 375 -36.44 -24.70 19.60
C ILE E 375 -35.83 -25.50 20.73
N MET E 376 -34.72 -25.04 21.32
CA MET E 376 -33.92 -25.84 22.25
C MET E 376 -33.73 -25.06 23.54
N ASN E 377 -33.51 -25.81 24.63
CA ASN E 377 -33.19 -25.24 25.93
C ASN E 377 -31.67 -25.24 26.13
N GLY E 378 -31.19 -24.23 26.85
CA GLY E 378 -29.79 -24.17 27.20
C GLY E 378 -28.90 -23.56 26.15
N VAL E 379 -29.44 -22.74 25.26
CA VAL E 379 -28.67 -22.05 24.23
C VAL E 379 -28.59 -20.58 24.61
N PHE E 380 -27.37 -20.09 24.80
CA PHE E 380 -27.13 -18.69 25.12
C PHE E 380 -26.85 -17.89 23.85
N SER E 381 -26.95 -16.57 23.97
CA SER E 381 -26.86 -15.69 22.81
C SER E 381 -25.50 -15.70 22.14
N ASN E 382 -24.46 -16.21 22.79
CA ASN E 382 -23.14 -16.36 22.19
C ASN E 382 -22.93 -17.73 21.55
N MET E 383 -24.00 -18.50 21.37
CA MET E 383 -23.93 -19.86 20.83
C MET E 383 -25.05 -20.10 19.82
N ILE E 384 -25.50 -19.07 19.12
CA ILE E 384 -26.59 -19.19 18.17
C ILE E 384 -26.02 -19.54 16.80
N ILE E 385 -26.52 -20.63 16.22
CA ILE E 385 -26.19 -21.02 14.86
C ILE E 385 -27.18 -20.31 13.93
N GLY E 386 -26.69 -19.35 13.15
CA GLY E 386 -27.51 -18.62 12.21
C GLY E 386 -27.27 -19.06 10.79
N ALA E 387 -27.86 -18.30 9.86
CA ALA E 387 -27.70 -18.58 8.44
C ALA E 387 -26.32 -18.20 7.89
N ASN E 388 -25.51 -17.49 8.68
CA ASN E 388 -24.15 -17.12 8.29
C ASN E 388 -23.11 -17.92 9.05
N THR E 389 -23.47 -19.10 9.52
CA THR E 389 -22.62 -19.94 10.36
C THR E 389 -22.19 -21.16 9.57
N GLU E 390 -20.87 -21.35 9.47
CA GLU E 390 -20.32 -22.59 8.94
C GLU E 390 -20.31 -23.66 10.03
N VAL E 391 -20.38 -24.92 9.61
CA VAL E 391 -20.45 -26.05 10.51
C VAL E 391 -19.23 -26.93 10.26
N ILE E 392 -18.59 -27.33 11.35
CA ILE E 392 -17.56 -28.37 11.36
C ILE E 392 -18.07 -29.47 12.28
N ALA E 393 -18.00 -30.71 11.79
CA ALA E 393 -18.55 -31.85 12.53
C ALA E 393 -17.47 -32.41 13.44
N GLY E 394 -17.67 -32.28 14.74
CA GLY E 394 -16.78 -32.85 15.73
C GLY E 394 -17.29 -34.13 16.32
N GLU E 395 -18.25 -34.78 15.64
CA GLU E 395 -18.84 -36.01 16.15
C GLU E 395 -17.79 -37.11 16.17
N GLY E 396 -17.40 -37.54 17.35
CA GLY E 396 -16.41 -38.59 17.48
C GLY E 396 -14.98 -38.16 17.27
N LEU E 397 -14.71 -36.85 17.22
CA LEU E 397 -13.36 -36.31 17.08
C LEU E 397 -12.98 -35.55 18.35
N ILE E 398 -11.68 -35.44 18.57
CA ILE E 398 -11.12 -34.72 19.73
C ILE E 398 -10.58 -33.39 19.25
N VAL E 399 -10.88 -32.32 19.98
CA VAL E 399 -10.42 -30.98 19.68
C VAL E 399 -9.41 -30.58 20.74
N THR E 400 -8.24 -30.14 20.31
CA THR E 400 -7.14 -29.79 21.20
C THR E 400 -6.57 -28.44 20.74
N ALA E 401 -6.05 -27.69 21.69
CA ALA E 401 -5.40 -26.43 21.33
C ALA E 401 -4.13 -26.72 20.51
N GLY E 402 -3.84 -25.84 19.58
CA GLY E 402 -2.62 -25.98 18.79
C GLY E 402 -1.39 -25.96 19.68
N ALA E 403 -0.45 -26.84 19.39
CA ALA E 403 0.76 -26.94 20.21
C ALA E 403 1.66 -25.73 19.99
N ILE E 404 2.48 -25.46 20.98
CA ILE E 404 3.44 -24.36 20.97
C ILE E 404 4.82 -24.97 21.10
N ASP E 405 5.68 -24.71 20.12
CA ASP E 405 7.04 -25.22 20.08
C ASP E 405 7.98 -24.06 20.37
N CYS E 406 8.60 -24.07 21.53
CA CYS E 406 9.36 -22.92 22.04
C CYS E 406 10.86 -23.04 21.82
N HIS E 407 11.32 -24.04 21.07
CA HIS E 407 12.74 -24.25 20.81
C HIS E 407 12.96 -24.60 19.35
N VAL E 408 12.39 -23.79 18.46
CA VAL E 408 12.55 -24.00 17.02
C VAL E 408 13.81 -23.27 16.55
N HIS E 409 14.67 -23.99 15.84
CA HIS E 409 15.74 -23.37 15.06
C HIS E 409 15.22 -23.17 13.65
N TYR E 410 15.11 -21.91 13.23
CA TYR E 410 14.62 -21.60 11.89
C TYR E 410 15.74 -21.87 10.90
N ILE E 411 15.94 -23.16 10.62
CA ILE E 411 16.99 -23.59 9.71
C ILE E 411 16.49 -23.70 8.28
N CYS E 412 15.21 -24.01 8.10
CA CYS E 412 14.61 -24.07 6.76
C CYS E 412 13.14 -23.73 6.91
N PRO E 413 12.47 -23.33 5.83
CA PRO E 413 11.01 -23.13 5.90
C PRO E 413 10.20 -24.41 5.80
N GLN E 414 10.82 -25.55 5.49
CA GLN E 414 10.09 -26.80 5.41
C GLN E 414 9.73 -27.36 6.76
N LEU E 415 10.49 -27.02 7.81
CA LEU E 415 10.09 -27.43 9.15
C LEU E 415 8.82 -26.72 9.59
N VAL E 416 8.50 -25.56 9.01
CA VAL E 416 7.23 -24.91 9.30
C VAL E 416 6.07 -25.77 8.79
N TYR E 417 6.19 -26.27 7.56
CA TYR E 417 5.16 -27.15 7.03
C TYR E 417 5.08 -28.44 7.82
N GLU E 418 6.24 -28.99 8.19
CA GLU E 418 6.26 -30.21 8.99
C GLU E 418 5.59 -30.00 10.34
N ALA E 419 5.81 -28.84 10.96
CA ALA E 419 5.21 -28.56 12.26
C ALA E 419 3.71 -28.37 12.16
N ILE E 420 3.26 -27.55 11.20
CA ILE E 420 1.82 -27.29 11.12
C ILE E 420 1.06 -28.53 10.68
N SER E 421 1.69 -29.41 9.89
CA SER E 421 1.03 -30.64 9.52
C SER E 421 0.85 -31.61 10.69
N SER E 422 1.57 -31.40 11.80
CA SER E 422 1.48 -32.25 12.99
C SER E 422 0.68 -31.62 14.11
N GLY E 423 0.17 -30.40 13.95
CA GLY E 423 -0.66 -29.76 14.95
C GLY E 423 0.00 -28.67 15.76
N ILE E 424 1.18 -28.20 15.37
CA ILE E 424 1.84 -27.09 16.05
C ILE E 424 1.43 -25.80 15.34
N THR E 425 0.83 -24.88 16.08
CA THR E 425 0.33 -23.63 15.51
C THR E 425 1.19 -22.42 15.87
N THR E 426 2.06 -22.52 16.87
CA THR E 426 2.92 -21.43 17.30
C THR E 426 4.35 -21.93 17.41
N LEU E 427 5.29 -21.21 16.79
CA LEU E 427 6.71 -21.47 16.89
C LEU E 427 7.38 -20.27 17.53
N VAL E 428 8.20 -20.52 18.56
CA VAL E 428 9.05 -19.52 19.17
C VAL E 428 10.47 -20.03 19.10
N GLY E 429 11.40 -19.15 18.77
CA GLY E 429 12.78 -19.55 18.62
C GLY E 429 13.62 -18.49 17.95
N GLY E 430 14.57 -18.91 17.13
CA GLY E 430 15.41 -17.95 16.43
C GLY E 430 16.15 -18.62 15.30
N GLY E 431 16.64 -17.79 14.39
CA GLY E 431 17.42 -18.27 13.27
C GLY E 431 17.25 -17.36 12.07
N THR E 432 18.03 -17.66 11.03
CA THR E 432 18.00 -16.92 9.78
C THR E 432 18.10 -17.83 8.56
N GLY E 433 18.14 -19.14 8.72
CA GLY E 433 18.43 -20.06 7.65
C GLY E 433 19.49 -21.07 8.07
N PRO E 434 20.08 -21.77 7.11
CA PRO E 434 21.07 -22.80 7.45
C PRO E 434 22.47 -22.27 7.72
N ALA E 435 22.60 -20.98 8.01
CA ALA E 435 23.88 -20.45 8.47
C ALA E 435 24.37 -21.21 9.68
N ALA E 436 25.70 -21.27 9.84
CA ALA E 436 26.28 -22.07 10.91
C ALA E 436 25.88 -21.57 12.29
N GLY E 437 25.61 -20.27 12.42
CA GLY E 437 25.25 -19.72 13.72
C GLY E 437 23.89 -20.18 14.21
N THR E 438 22.99 -20.49 13.29
CA THR E 438 21.62 -20.85 13.64
C THR E 438 21.38 -22.35 13.63
N ARG E 439 22.28 -23.12 13.02
CA ARG E 439 22.23 -24.57 13.17
C ARG E 439 22.61 -25.01 14.59
N ALA E 440 23.25 -24.13 15.36
CA ALA E 440 23.64 -24.41 16.73
C ALA E 440 22.79 -23.71 17.78
N THR E 441 22.29 -22.51 17.49
CA THR E 441 21.62 -21.66 18.47
C THR E 441 20.31 -21.12 17.91
N THR E 442 19.39 -20.81 18.80
CA THR E 442 18.13 -20.14 18.45
C THR E 442 18.26 -18.63 18.55
N CYS E 443 19.26 -18.08 17.88
CA CYS E 443 19.57 -16.66 17.90
C CYS E 443 19.34 -16.06 16.52
N THR E 444 18.61 -14.95 16.48
CA THR E 444 18.44 -14.13 15.29
C THR E 444 19.25 -12.86 15.51
N PRO E 445 20.57 -12.85 15.21
CA PRO E 445 21.42 -11.78 15.74
C PRO E 445 21.16 -10.40 15.15
N SER E 446 21.08 -10.30 13.84
CA SER E 446 21.07 -8.98 13.22
C SER E 446 19.66 -8.39 13.23
N PRO E 447 19.51 -7.07 13.42
CA PRO E 447 18.18 -6.47 13.21
C PRO E 447 17.69 -6.58 11.79
N THR E 448 18.58 -6.51 10.80
CA THR E 448 18.14 -6.67 9.42
C THR E 448 17.62 -8.08 9.18
N GLN E 449 18.27 -9.07 9.79
CA GLN E 449 17.77 -10.43 9.71
C GLN E 449 16.44 -10.58 10.45
N MET E 450 16.24 -9.86 11.55
CA MET E 450 14.96 -9.87 12.22
C MET E 450 13.86 -9.34 11.30
N ARG E 451 14.13 -8.21 10.63
CA ARG E 451 13.18 -7.66 9.68
C ARG E 451 12.88 -8.67 8.56
N LEU E 452 13.93 -9.27 8.00
CA LEU E 452 13.76 -10.17 6.88
C LEU E 452 13.00 -11.43 7.28
N MET E 453 13.22 -11.94 8.49
CA MET E 453 12.51 -13.12 8.94
C MET E 453 11.07 -12.81 9.29
N LEU E 454 10.79 -11.63 9.84
CA LEU E 454 9.39 -11.26 10.03
C LEU E 454 8.68 -11.07 8.70
N GLN E 455 9.39 -10.60 7.68
CA GLN E 455 8.78 -10.41 6.37
C GLN E 455 8.59 -11.72 5.62
N SER E 456 9.52 -12.66 5.78
CA SER E 456 9.42 -13.92 5.04
C SER E 456 8.32 -14.81 5.60
N THR E 457 8.12 -14.80 6.92
CA THR E 457 7.08 -15.59 7.55
C THR E 457 5.75 -14.84 7.66
N ASP E 458 5.59 -13.76 6.90
CA ASP E 458 4.39 -12.94 7.03
C ASP E 458 3.15 -13.63 6.48
N ASP E 459 3.31 -14.47 5.47
CA ASP E 459 2.18 -15.16 4.83
C ASP E 459 1.93 -16.55 5.40
N LEU E 460 2.80 -17.06 6.27
CA LEU E 460 2.60 -18.40 6.77
C LEU E 460 1.50 -18.40 7.84
N PRO E 461 0.62 -19.43 7.89
CA PRO E 461 -0.48 -19.42 8.87
C PRO E 461 -0.08 -20.04 10.21
N LEU E 462 0.97 -19.51 10.80
CA LEU E 462 1.42 -19.87 12.14
C LEU E 462 1.73 -18.61 12.92
N ASN E 463 1.69 -18.74 14.24
CA ASN E 463 2.19 -17.68 15.11
C ASN E 463 3.70 -17.83 15.26
N PHE E 464 4.41 -16.72 15.21
CA PHE E 464 5.86 -16.70 15.18
C PHE E 464 6.41 -15.79 16.27
N GLY E 465 7.47 -16.25 16.92
CA GLY E 465 8.24 -15.44 17.84
C GLY E 465 9.72 -15.65 17.64
N PHE E 466 10.47 -14.57 17.49
CA PHE E 466 11.90 -14.62 17.20
C PHE E 466 12.68 -14.10 18.39
N THR E 467 13.82 -14.74 18.68
CA THR E 467 14.69 -14.36 19.77
C THR E 467 16.05 -13.94 19.23
N GLY E 468 16.70 -13.03 19.95
CA GLY E 468 18.01 -12.54 19.58
C GLY E 468 19.12 -13.20 20.36
N LYS E 469 20.35 -12.75 20.07
CA LYS E 469 21.54 -13.27 20.72
C LYS E 469 21.83 -12.42 21.96
N GLY E 470 21.56 -12.99 23.14
CA GLY E 470 21.81 -12.33 24.39
C GLY E 470 23.18 -12.57 24.99
N SER E 471 24.06 -13.27 24.28
CA SER E 471 25.37 -13.64 24.81
C SER E 471 26.35 -12.49 24.62
N SER E 472 26.15 -11.44 25.43
CA SER E 472 27.01 -10.27 25.43
C SER E 472 27.14 -9.78 26.86
N SER E 473 28.33 -9.25 27.18
CA SER E 473 28.60 -8.71 28.51
C SER E 473 28.21 -7.26 28.66
N LYS E 474 27.91 -6.55 27.57
CA LYS E 474 27.40 -5.19 27.59
C LYS E 474 26.02 -5.14 26.94
N PRO E 475 25.15 -4.20 27.34
CA PRO E 475 23.75 -4.28 26.93
C PRO E 475 23.41 -3.67 25.58
N ASP E 476 24.39 -3.18 24.83
CA ASP E 476 24.12 -2.29 23.70
C ASP E 476 23.35 -3.02 22.60
N GLU E 477 23.99 -4.05 22.04
CA GLU E 477 23.39 -4.79 20.93
C GLU E 477 22.15 -5.56 21.38
N LEU E 478 22.07 -5.91 22.67
CA LEU E 478 20.85 -6.54 23.18
C LEU E 478 19.67 -5.59 23.09
N HIS E 479 19.87 -4.32 23.49
CA HIS E 479 18.83 -3.32 23.31
C HIS E 479 18.48 -3.18 21.83
N GLU E 480 19.49 -3.16 20.96
CA GLU E 480 19.24 -2.98 19.54
C GLU E 480 18.38 -4.11 18.97
N ILE E 481 18.67 -5.36 19.34
CA ILE E 481 17.93 -6.48 18.77
C ILE E 481 16.56 -6.64 19.42
N ILE E 482 16.40 -6.25 20.68
CA ILE E 482 15.07 -6.28 21.28
C ILE E 482 14.18 -5.22 20.62
N LYS E 483 14.75 -4.05 20.36
CA LYS E 483 14.00 -2.98 19.71
C LYS E 483 13.54 -3.34 18.31
N ALA E 484 14.23 -4.27 17.65
CA ALA E 484 13.96 -4.60 16.26
C ALA E 484 12.85 -5.63 16.09
N GLY E 485 12.42 -6.30 17.16
CA GLY E 485 11.36 -7.28 17.07
C GLY E 485 11.52 -8.50 17.96
N ALA E 486 12.71 -8.72 18.49
CA ALA E 486 12.98 -9.93 19.26
C ALA E 486 12.14 -9.95 20.53
N MET E 487 11.44 -11.05 20.75
CA MET E 487 10.60 -11.25 21.93
C MET E 487 11.31 -12.04 23.04
N GLY E 488 12.59 -12.34 22.86
CA GLY E 488 13.37 -13.00 23.90
C GLY E 488 14.82 -13.01 23.49
N LEU E 489 15.67 -13.39 24.44
CA LEU E 489 17.10 -13.54 24.18
C LEU E 489 17.55 -14.93 24.56
N KCX E 490 18.59 -15.39 23.87
CA KCX E 490 19.14 -16.72 24.06
CB KCX E 490 18.98 -17.54 22.76
CG KCX E 490 19.58 -18.94 22.76
CD KCX E 490 18.93 -19.85 23.78
CE KCX E 490 19.55 -21.23 23.76
NZ KCX E 490 19.38 -21.89 22.44
C KCX E 490 20.61 -16.65 24.47
O KCX E 490 21.42 -16.09 23.74
CX KCX E 490 19.43 -23.22 22.34
OQ1 KCX E 490 19.60 -23.92 23.35
OQ2 KCX E 490 19.30 -23.78 21.24
N LEU E 491 20.92 -17.19 25.64
CA LEU E 491 22.31 -17.38 26.05
C LEU E 491 22.74 -18.78 25.64
N HIS E 492 23.83 -18.89 24.89
CA HIS E 492 24.28 -20.16 24.35
C HIS E 492 25.76 -20.36 24.61
N GLU E 493 26.15 -21.61 24.84
CA GLU E 493 27.54 -21.96 25.08
C GLU E 493 28.43 -21.58 23.89
N ASP E 494 27.87 -21.58 22.69
CA ASP E 494 28.63 -21.32 21.48
C ASP E 494 28.97 -19.85 21.28
N TRP E 495 28.24 -18.95 21.96
CA TRP E 495 28.53 -17.52 21.95
C TRP E 495 29.12 -17.02 23.25
N GLY E 496 29.08 -17.82 24.32
CA GLY E 496 29.51 -17.40 25.64
C GLY E 496 28.35 -17.28 26.60
N SER E 497 28.21 -18.29 27.48
CA SER E 497 27.12 -18.35 28.44
C SER E 497 27.69 -18.22 29.85
N THR E 498 28.61 -17.29 30.03
CA THR E 498 29.32 -17.11 31.28
C THR E 498 28.45 -16.32 32.28
N PRO E 499 28.86 -16.26 33.56
CA PRO E 499 28.06 -15.50 34.53
C PRO E 499 27.88 -14.03 34.18
N ALA E 500 28.88 -13.38 33.59
CA ALA E 500 28.74 -11.98 33.21
C ALA E 500 27.65 -11.81 32.16
N ALA E 501 27.65 -12.67 31.14
CA ALA E 501 26.62 -12.62 30.11
C ALA E 501 25.24 -12.91 30.70
N ILE E 502 25.17 -13.85 31.65
CA ILE E 502 23.89 -14.17 32.28
C ILE E 502 23.35 -12.97 33.02
N ASP E 503 24.21 -12.31 33.82
CA ASP E 503 23.78 -11.14 34.58
C ASP E 503 23.31 -10.02 33.65
N ASN E 504 24.08 -9.75 32.59
CA ASN E 504 23.71 -8.69 31.66
C ASN E 504 22.39 -8.98 30.96
N CYS E 505 22.24 -10.21 30.46
CA CYS E 505 21.01 -10.58 29.76
C CYS E 505 19.81 -10.53 30.70
N LEU E 506 20.01 -10.90 31.97
CA LEU E 506 18.88 -10.92 32.88
C LEU E 506 18.46 -9.51 33.30
N THR E 507 19.41 -8.60 33.49
CA THR E 507 19.00 -7.23 33.79
C THR E 507 18.32 -6.60 32.57
N ILE E 508 18.80 -6.92 31.37
CA ILE E 508 18.11 -6.46 30.16
C ILE E 508 16.69 -7.01 30.10
N ALA E 509 16.51 -8.27 30.47
CA ALA E 509 15.18 -8.86 30.48
C ALA E 509 14.27 -8.17 31.48
N GLU E 510 14.79 -7.88 32.68
CA GLU E 510 13.98 -7.17 33.67
C GLU E 510 13.59 -5.78 33.15
N HIS E 511 14.47 -5.14 32.39
CA HIS E 511 14.10 -3.88 31.76
C HIS E 511 12.96 -4.09 30.75
N HIS E 512 13.12 -5.04 29.84
CA HIS E 512 12.27 -5.12 28.66
C HIS E 512 11.07 -6.05 28.80
N ASP E 513 10.97 -6.81 29.89
CA ASP E 513 9.84 -7.72 30.09
C ASP E 513 9.77 -8.78 28.99
N ILE E 514 10.93 -9.36 28.68
CA ILE E 514 11.03 -10.49 27.77
C ILE E 514 11.60 -11.67 28.55
N GLN E 515 11.51 -12.86 27.95
CA GLN E 515 12.02 -14.07 28.57
C GLN E 515 13.43 -14.34 28.11
N ILE E 516 14.24 -14.91 29.00
CA ILE E 516 15.61 -15.30 28.73
C ILE E 516 15.66 -16.82 28.67
N ASN E 517 16.11 -17.35 27.55
CA ASN E 517 16.37 -18.77 27.38
C ASN E 517 17.88 -18.97 27.46
N ILE E 518 18.30 -20.04 28.12
CA ILE E 518 19.71 -20.28 28.40
C ILE E 518 20.08 -21.71 28.03
N HIS E 519 21.23 -21.84 27.38
CA HIS E 519 21.91 -23.11 27.13
C HIS E 519 23.24 -22.96 27.88
N THR E 520 23.31 -23.53 29.08
CA THR E 520 24.41 -23.22 29.98
C THR E 520 25.72 -23.84 29.48
N ASP E 521 26.78 -23.63 30.23
CA ASP E 521 28.14 -23.96 29.81
C ASP E 521 28.43 -25.43 30.11
N THR E 522 28.45 -26.27 29.07
CA THR E 522 28.73 -27.68 29.26
C THR E 522 30.17 -27.92 29.71
N LEU E 523 31.09 -27.05 29.32
CA LEU E 523 32.50 -27.23 29.65
C LEU E 523 32.83 -26.86 31.08
N ASN E 524 31.93 -26.20 31.81
CA ASN E 524 32.24 -25.65 33.11
C ASN E 524 33.46 -24.73 33.04
N GLU E 525 33.54 -23.96 31.97
CA GLU E 525 34.73 -23.17 31.69
C GLU E 525 34.86 -21.98 32.64
N ALA E 526 33.75 -21.31 32.93
CA ALA E 526 33.73 -20.18 33.85
C ALA E 526 33.18 -20.52 35.23
N GLY E 527 32.50 -21.66 35.36
CA GLY E 527 31.87 -22.01 36.61
C GLY E 527 31.05 -23.29 36.48
N PHE E 528 30.68 -23.87 37.61
CA PHE E 528 29.76 -24.99 37.65
C PHE E 528 28.33 -24.48 37.74
N VAL E 529 27.37 -25.41 37.86
CA VAL E 529 25.96 -25.06 37.79
C VAL E 529 25.55 -24.17 38.97
N GLU E 530 26.20 -24.34 40.12
CA GLU E 530 25.92 -23.46 41.25
C GLU E 530 26.28 -22.01 40.93
N HIS E 531 27.34 -21.79 40.14
CA HIS E 531 27.73 -20.44 39.80
C HIS E 531 26.78 -19.82 38.78
N SER E 532 26.27 -20.62 37.85
CA SER E 532 25.22 -20.12 36.96
C SER E 532 23.96 -19.77 37.74
N ILE E 533 23.58 -20.61 38.70
CA ILE E 533 22.40 -20.32 39.52
C ILE E 533 22.63 -19.06 40.34
N ALA E 534 23.85 -18.86 40.82
CA ALA E 534 24.18 -17.62 41.52
C ALA E 534 24.06 -16.43 40.57
N ALA E 535 24.49 -16.60 39.32
CA ALA E 535 24.36 -15.53 38.34
C ALA E 535 22.90 -15.22 38.05
N PHE E 536 22.00 -16.19 38.20
CA PHE E 536 20.58 -15.90 38.01
C PHE E 536 20.08 -14.89 39.02
N LYS E 537 20.59 -14.96 40.26
CA LYS E 537 20.22 -14.04 41.33
C LYS E 537 18.71 -14.05 41.59
N GLY E 538 18.11 -15.24 41.53
CA GLY E 538 16.70 -15.37 41.80
C GLY E 538 15.78 -14.77 40.76
N ARG E 539 16.30 -14.44 39.58
CA ARG E 539 15.50 -13.85 38.51
C ARG E 539 14.96 -14.95 37.61
N THR E 540 13.79 -14.68 37.02
CA THR E 540 13.15 -15.67 36.15
C THR E 540 14.03 -15.98 34.95
N ILE E 541 14.11 -17.26 34.61
CA ILE E 541 14.85 -17.69 33.43
C ILE E 541 14.29 -19.01 32.94
N HIS E 542 14.09 -19.12 31.63
CA HIS E 542 13.70 -20.37 30.99
C HIS E 542 14.97 -21.14 30.66
N THR E 543 14.98 -22.42 31.00
CA THR E 543 16.14 -23.29 30.75
C THR E 543 15.76 -24.32 29.70
N TYR E 544 16.37 -24.22 28.52
CA TYR E 544 16.16 -25.23 27.49
C TYR E 544 16.91 -26.51 27.83
N HIS E 545 16.29 -27.66 27.50
CA HIS E 545 16.80 -29.01 27.73
C HIS E 545 17.47 -29.13 29.09
N SER E 546 16.68 -28.99 30.15
CA SER E 546 17.22 -28.89 31.50
C SER E 546 17.97 -30.15 31.93
N GLU E 547 17.79 -31.28 31.23
CA GLU E 547 18.59 -32.47 31.52
C GLU E 547 20.07 -32.17 31.35
N GLY E 548 20.45 -31.65 30.18
CA GLY E 548 21.82 -31.56 29.75
C GLY E 548 22.18 -32.41 28.55
N ALA E 549 21.26 -33.20 28.01
CA ALA E 549 21.55 -33.93 26.78
C ALA E 549 21.67 -32.96 25.61
N GLY E 550 20.71 -32.04 25.47
CA GLY E 550 20.87 -30.98 24.49
C GLY E 550 22.06 -30.10 24.79
N GLY E 551 22.37 -29.95 26.06
CA GLY E 551 23.57 -29.26 26.50
C GLY E 551 23.35 -28.61 27.86
N GLY E 552 24.45 -28.26 28.50
CA GLY E 552 24.40 -27.63 29.81
C GLY E 552 25.44 -28.23 30.72
N HIS E 553 25.59 -27.65 31.92
CA HIS E 553 26.67 -27.99 32.84
C HIS E 553 26.76 -29.49 33.08
N ALA E 554 27.87 -30.07 32.68
CA ALA E 554 28.05 -31.51 32.84
C ALA E 554 28.41 -31.81 34.29
N PRO E 555 27.69 -32.73 34.98
CA PRO E 555 26.52 -33.55 34.64
C PRO E 555 25.21 -33.08 35.27
N ASP E 556 25.22 -31.93 35.95
CA ASP E 556 24.18 -31.58 36.90
C ASP E 556 23.46 -30.28 36.56
N ILE E 557 23.22 -30.02 35.28
CA ILE E 557 22.33 -28.91 34.94
C ILE E 557 20.89 -29.24 35.38
N ILE E 558 20.57 -30.54 35.48
CA ILE E 558 19.24 -30.99 35.91
C ILE E 558 18.85 -30.46 37.28
N LYS E 559 19.82 -30.03 38.10
CA LYS E 559 19.51 -29.41 39.39
C LYS E 559 18.59 -28.21 39.25
N VAL E 560 18.60 -27.55 38.09
CA VAL E 560 17.74 -26.38 37.90
C VAL E 560 16.26 -26.75 37.97
N CYS E 561 15.91 -28.03 37.86
CA CYS E 561 14.53 -28.44 38.04
C CYS E 561 14.04 -28.23 39.47
N GLY E 562 14.93 -28.03 40.43
CA GLY E 562 14.53 -27.76 41.81
C GLY E 562 14.50 -26.29 42.18
N ILE E 563 15.00 -25.43 41.30
CA ILE E 563 15.07 -24.00 41.57
C ILE E 563 13.71 -23.38 41.30
N LYS E 564 13.30 -22.45 42.17
CA LYS E 564 11.95 -21.88 42.08
C LYS E 564 11.81 -20.95 40.90
N ASN E 565 12.78 -20.06 40.67
CA ASN E 565 12.66 -19.05 39.62
C ASN E 565 12.95 -19.61 38.23
N VAL E 566 13.53 -20.80 38.12
CA VAL E 566 13.86 -21.38 36.83
C VAL E 566 12.63 -22.11 36.30
N LEU E 567 12.25 -21.78 35.05
CA LEU E 567 11.23 -22.53 34.34
C LEU E 567 11.94 -23.56 33.47
N PRO E 568 11.93 -24.85 33.80
CA PRO E 568 12.68 -25.83 33.01
C PRO E 568 11.86 -26.40 31.88
N SER E 569 12.59 -26.85 30.85
CA SER E 569 11.97 -27.52 29.72
C SER E 569 12.87 -28.66 29.26
N SER E 570 12.27 -29.58 28.53
CA SER E 570 12.95 -30.70 27.91
C SER E 570 12.74 -30.65 26.41
N THR E 571 13.67 -31.24 25.69
CA THR E 571 13.57 -31.41 24.25
C THR E 571 13.11 -32.83 23.94
N ASN E 572 12.52 -33.00 22.78
CA ASN E 572 11.86 -34.25 22.46
C ASN E 572 12.77 -35.46 22.15
N PRO E 573 14.01 -35.35 21.64
CA PRO E 573 14.67 -36.56 21.16
C PRO E 573 15.01 -37.56 22.26
N THR E 574 15.02 -37.13 23.51
CA THR E 574 15.22 -38.02 24.66
C THR E 574 13.91 -38.50 25.26
N ARG E 575 12.75 -38.11 24.72
CA ARG E 575 11.47 -38.35 25.35
C ARG E 575 10.77 -39.51 24.64
N PRO E 576 10.62 -40.70 25.26
CA PRO E 576 11.11 -41.24 26.54
C PRO E 576 12.45 -41.95 26.37
N LEU E 577 13.05 -42.38 27.47
CA LEU E 577 14.26 -43.18 27.38
C LEU E 577 13.92 -44.53 26.78
N THR E 578 14.67 -44.93 25.77
CA THR E 578 14.48 -46.20 25.09
C THR E 578 15.82 -46.88 24.89
N SER E 579 15.76 -48.12 24.40
CA SER E 579 16.98 -48.93 24.28
C SER E 579 17.96 -48.33 23.29
N ASN E 580 17.47 -47.60 22.29
CA ASN E 580 18.29 -47.05 21.22
C ASN E 580 18.74 -45.62 21.47
N THR E 581 18.38 -45.03 22.62
CA THR E 581 18.57 -43.59 22.80
C THR E 581 20.05 -43.24 22.97
N ILE E 582 20.80 -44.03 23.72
CA ILE E 582 22.13 -43.60 24.14
C ILE E 582 23.11 -43.62 22.97
N ASP E 583 23.15 -44.71 22.20
CA ASP E 583 24.06 -44.77 21.06
C ASP E 583 23.68 -43.74 20.00
N GLU E 584 22.37 -43.59 19.78
CA GLU E 584 21.85 -42.62 18.83
C GLU E 584 22.29 -41.20 19.21
N HIS E 585 22.10 -40.82 20.47
CA HIS E 585 22.49 -39.49 20.92
C HIS E 585 24.00 -39.32 20.95
N LEU E 586 24.74 -40.37 21.30
CA LEU E 586 26.19 -40.25 21.37
C LEU E 586 26.78 -39.97 20.00
N ASP E 587 26.35 -40.73 18.99
CA ASP E 587 26.90 -40.47 17.65
C ASP E 587 26.33 -39.19 17.06
N MET E 588 25.10 -38.80 17.44
CA MET E 588 24.59 -37.49 17.06
C MET E 588 25.49 -36.38 17.57
N LEU E 589 25.85 -36.46 18.86
CA LEU E 589 26.73 -35.45 19.43
C LEU E 589 28.09 -35.47 18.77
N MET E 590 28.59 -36.67 18.45
CA MET E 590 29.90 -36.78 17.80
C MET E 590 29.90 -36.12 16.43
N VAL E 591 28.85 -36.34 15.63
CA VAL E 591 28.82 -35.70 14.31
C VAL E 591 28.58 -34.20 14.45
N CYS E 592 27.74 -33.79 15.41
CA CYS E 592 27.46 -32.37 15.58
C CYS E 592 28.71 -31.59 15.95
N HIS E 593 29.49 -32.11 16.89
CA HIS E 593 30.67 -31.42 17.39
C HIS E 593 31.95 -31.83 16.68
N HIS E 594 31.87 -32.65 15.63
CA HIS E 594 33.02 -33.03 14.84
C HIS E 594 34.10 -33.70 15.70
N LEU E 595 33.63 -34.53 16.64
CA LEU E 595 34.50 -35.21 17.57
C LEU E 595 34.92 -36.56 16.99
N ASP E 596 36.10 -37.01 17.40
CA ASP E 596 36.68 -38.28 16.95
C ASP E 596 36.63 -39.28 18.10
N ARG E 597 36.02 -40.44 17.84
CA ARG E 597 35.92 -41.47 18.88
C ARG E 597 37.28 -41.98 19.33
N GLU E 598 38.32 -41.84 18.51
CA GLU E 598 39.63 -42.37 18.84
C GLU E 598 40.44 -41.44 19.74
N ILE E 599 40.01 -40.20 19.94
CA ILE E 599 40.71 -39.26 20.80
C ILE E 599 40.09 -39.38 22.20
N PRO E 600 40.88 -39.65 23.26
CA PRO E 600 40.27 -39.83 24.59
C PRO E 600 39.48 -38.62 25.10
N GLU E 601 39.94 -37.40 24.81
CA GLU E 601 39.22 -36.22 25.29
C GLU E 601 37.83 -36.13 24.67
N ASP E 602 37.73 -36.50 23.39
CA ASP E 602 36.44 -36.46 22.70
C ASP E 602 35.46 -37.43 23.33
N LEU E 603 35.90 -38.67 23.58
CA LEU E 603 35.06 -39.64 24.27
C LEU E 603 34.69 -39.14 25.66
N ALA E 604 35.65 -38.53 26.36
CA ALA E 604 35.37 -38.04 27.71
C ALA E 604 34.26 -37.00 27.70
N PHE E 605 34.35 -36.02 26.80
CA PHE E 605 33.31 -35.01 26.69
C PHE E 605 31.97 -35.64 26.32
N ALA E 606 31.97 -36.51 25.31
CA ALA E 606 30.72 -37.10 24.83
C ALA E 606 30.06 -37.93 25.92
N HIS E 607 30.82 -38.71 26.67
CA HIS E 607 30.25 -39.55 27.71
C HIS E 607 29.85 -38.74 28.93
N SER E 608 30.55 -37.64 29.23
CA SER E 608 30.12 -36.77 30.31
C SER E 608 28.85 -36.02 29.98
N ARG E 609 28.55 -35.82 28.69
CA ARG E 609 27.37 -35.06 28.30
C ARG E 609 26.15 -35.91 27.96
N ILE E 610 26.33 -37.16 27.53
CA ILE E 610 25.22 -38.08 27.25
C ILE E 610 25.23 -39.14 28.35
N ARG E 611 24.22 -39.08 29.22
CA ARG E 611 24.18 -39.89 30.44
C ARG E 611 22.83 -40.57 30.55
N LYS E 612 22.85 -41.90 30.74
CA LYS E 612 21.60 -42.65 30.88
C LYS E 612 20.85 -42.27 32.15
N LYS E 613 21.58 -42.10 33.26
CA LYS E 613 20.93 -41.89 34.54
C LYS E 613 20.15 -40.58 34.56
N THR E 614 20.71 -39.53 33.97
CA THR E 614 20.04 -38.24 34.01
C THR E 614 18.82 -38.24 33.09
N ILE E 615 18.89 -38.96 31.97
CA ILE E 615 17.73 -39.08 31.09
C ILE E 615 16.61 -39.84 31.80
N ALA E 616 16.96 -40.94 32.48
CA ALA E 616 15.96 -41.68 33.21
C ALA E 616 15.35 -40.84 34.33
N ALA E 617 16.18 -40.05 35.02
CA ALA E 617 15.65 -39.11 36.00
C ALA E 617 14.73 -38.10 35.34
N GLU E 618 15.06 -37.68 34.12
CA GLU E 618 14.22 -36.73 33.40
C GLU E 618 12.83 -37.28 33.15
N ASP E 619 12.73 -38.59 32.90
CA ASP E 619 11.40 -39.18 32.73
C ASP E 619 10.55 -38.99 33.99
N VAL E 620 11.14 -39.26 35.16
CA VAL E 620 10.39 -39.10 36.42
C VAL E 620 10.07 -37.64 36.66
N LEU E 621 11.02 -36.75 36.35
CA LEU E 621 10.80 -35.32 36.59
C LEU E 621 9.68 -34.79 35.69
N ASN E 622 9.60 -35.29 34.45
CA ASN E 622 8.46 -34.96 33.61
C ASN E 622 7.16 -35.49 34.21
N ASP E 623 7.19 -36.71 34.76
CA ASP E 623 5.97 -37.31 35.29
C ASP E 623 5.44 -36.55 36.50
N ILE E 624 6.31 -36.26 37.48
CA ILE E 624 5.86 -35.63 38.72
C ILE E 624 5.59 -34.14 38.55
N GLY E 625 5.95 -33.54 37.42
CA GLY E 625 5.74 -32.14 37.18
C GLY E 625 6.93 -31.25 37.44
N ALA E 626 8.12 -31.82 37.67
CA ALA E 626 9.29 -30.98 37.89
C ALA E 626 9.76 -30.33 36.60
N ILE E 627 9.50 -30.95 35.45
CA ILE E 627 9.76 -30.37 34.14
C ILE E 627 8.43 -29.98 33.53
N SER E 628 8.29 -28.71 33.14
CA SER E 628 6.99 -28.15 32.81
C SER E 628 6.73 -27.98 31.32
N ILE E 629 7.75 -28.03 30.47
CA ILE E 629 7.62 -27.77 29.05
C ILE E 629 8.37 -28.86 28.29
N ILE E 630 7.81 -29.28 27.15
CA ILE E 630 8.48 -30.17 26.22
C ILE E 630 8.54 -29.46 24.88
N SER E 631 9.76 -29.27 24.36
CA SER E 631 10.03 -28.50 23.15
C SER E 631 10.65 -29.42 22.11
N SER E 632 11.10 -28.84 21.00
CA SER E 632 11.61 -29.59 19.86
C SER E 632 13.13 -29.56 19.75
N ASP E 633 13.72 -28.36 19.66
CA ASP E 633 15.13 -28.17 19.31
C ASP E 633 15.37 -28.55 17.85
N SER E 634 14.46 -28.11 16.97
CA SER E 634 14.31 -28.62 15.61
C SER E 634 15.60 -28.55 14.81
N GLN E 635 16.03 -29.70 14.29
CA GLN E 635 17.23 -29.84 13.46
C GLN E 635 18.50 -29.39 14.17
N ALA E 636 18.46 -29.30 15.50
CA ALA E 636 19.60 -28.96 16.33
C ALA E 636 19.63 -29.90 17.53
N MET E 637 19.61 -31.21 17.24
CA MET E 637 19.26 -32.29 18.15
C MET E 637 17.76 -32.23 18.49
N GLY E 638 16.90 -32.28 17.47
CA GLY E 638 15.47 -32.21 17.73
C GLY E 638 14.59 -32.33 16.50
N ARG E 639 13.38 -32.86 16.69
CA ARG E 639 12.44 -33.13 15.61
C ARG E 639 11.19 -32.29 15.82
N VAL E 640 10.90 -31.39 14.87
CA VAL E 640 9.80 -30.45 15.06
C VAL E 640 8.45 -31.16 15.02
N GLY E 641 8.33 -32.24 14.27
CA GLY E 641 7.05 -32.90 14.08
C GLY E 641 6.74 -33.98 15.10
N GLU E 642 7.46 -33.98 16.23
CA GLU E 642 7.29 -35.01 17.25
C GLU E 642 7.21 -34.42 18.65
N VAL E 643 6.93 -33.12 18.78
CA VAL E 643 6.72 -32.55 20.11
C VAL E 643 5.50 -33.17 20.77
N ILE E 644 4.43 -33.35 20.01
CA ILE E 644 3.19 -33.88 20.57
C ILE E 644 3.35 -35.38 20.84
N SER E 645 3.66 -36.15 19.81
CA SER E 645 3.67 -37.61 19.93
C SER E 645 4.62 -38.07 21.02
N ARG E 646 5.85 -37.57 21.01
CA ARG E 646 6.83 -37.94 22.02
C ARG E 646 6.31 -37.66 23.41
N THR E 647 5.65 -36.51 23.61
CA THR E 647 5.06 -36.19 24.90
C THR E 647 4.13 -37.30 25.36
N TRP E 648 3.19 -37.69 24.49
CA TRP E 648 2.26 -38.71 24.88
C TRP E 648 2.95 -40.04 25.07
N GLN E 649 4.00 -40.30 24.28
CA GLN E 649 4.77 -41.53 24.48
C GLN E 649 5.33 -41.56 25.90
N THR E 650 5.88 -40.44 26.34
CA THR E 650 6.39 -40.34 27.72
C THR E 650 5.28 -40.68 28.70
N ALA E 651 4.10 -40.09 28.51
CA ALA E 651 2.99 -40.36 29.42
C ALA E 651 2.65 -41.84 29.43
N ASP E 652 2.60 -42.44 28.24
CA ASP E 652 2.30 -43.87 28.15
C ASP E 652 3.31 -44.67 28.96
N LYS E 653 4.60 -44.35 28.77
CA LYS E 653 5.63 -45.10 29.47
C LYS E 653 5.46 -44.98 30.97
N MET E 654 5.12 -43.77 31.43
CA MET E 654 5.07 -43.55 32.85
C MET E 654 3.80 -44.11 33.46
N LYS E 655 2.78 -44.43 32.64
CA LYS E 655 1.67 -45.22 33.15
C LYS E 655 2.02 -46.70 33.17
N ALA E 656 2.91 -47.14 32.28
CA ALA E 656 3.27 -48.54 32.23
C ALA E 656 4.15 -48.93 33.41
N GLN E 657 5.06 -48.06 33.81
CA GLN E 657 6.12 -48.38 34.77
C GLN E 657 5.92 -47.73 36.14
N THR E 658 4.88 -46.93 36.33
CA THR E 658 4.58 -46.35 37.63
C THR E 658 3.11 -46.42 38.02
N GLY E 659 2.22 -46.84 37.12
CA GLY E 659 0.81 -46.90 37.43
C GLY E 659 0.17 -45.52 37.41
N PRO E 660 -1.08 -45.43 37.85
CA PRO E 660 -1.73 -44.11 37.90
C PRO E 660 -1.07 -43.19 38.89
N LEU E 661 -1.15 -41.90 38.61
CA LEU E 661 -0.65 -40.89 39.55
C LEU E 661 -1.50 -40.93 40.82
N LYS E 662 -1.04 -40.19 41.83
CA LYS E 662 -1.77 -40.12 43.10
C LYS E 662 -3.16 -39.54 42.89
N CYS E 663 -3.26 -38.46 42.12
CA CYS E 663 -4.55 -37.83 41.87
C CYS E 663 -5.43 -38.65 40.93
N ASP E 664 -4.85 -39.60 40.19
CA ASP E 664 -5.61 -40.44 39.28
C ASP E 664 -6.14 -41.67 40.02
N SER E 665 -6.99 -42.42 39.32
CA SER E 665 -7.50 -43.70 39.79
C SER E 665 -7.38 -44.71 38.65
N SER E 666 -7.81 -45.94 38.91
CA SER E 666 -7.84 -46.95 37.86
C SER E 666 -8.96 -46.70 36.86
N ASP E 667 -9.89 -45.78 37.15
CA ASP E 667 -10.98 -45.52 36.24
C ASP E 667 -10.52 -44.78 34.99
N ASN E 668 -9.72 -43.72 35.17
CA ASN E 668 -9.30 -42.87 34.07
C ASN E 668 -7.90 -42.32 34.37
N ASP E 669 -7.38 -41.56 33.42
CA ASP E 669 -6.06 -40.93 33.50
C ASP E 669 -6.18 -39.45 33.21
N ASN E 670 -7.24 -38.82 33.73
CA ASN E 670 -7.53 -37.44 33.37
C ASN E 670 -6.46 -36.49 33.88
N PHE E 671 -5.98 -36.69 35.11
CA PHE E 671 -4.99 -35.77 35.66
C PHE E 671 -3.67 -35.88 34.91
N ARG E 672 -3.25 -37.10 34.57
CA ARG E 672 -2.02 -37.27 33.81
C ARG E 672 -2.16 -36.66 32.41
N ILE E 673 -3.32 -36.84 31.79
CA ILE E 673 -3.56 -36.28 30.46
C ILE E 673 -3.49 -34.76 30.51
N ARG E 674 -4.10 -34.16 31.52
CA ARG E 674 -4.04 -32.71 31.67
C ARG E 674 -2.62 -32.23 31.91
N ARG E 675 -1.88 -32.92 32.80
CA ARG E 675 -0.51 -32.52 33.09
C ARG E 675 0.36 -32.58 31.85
N TYR E 676 0.15 -33.58 31.00
CA TYR E 676 1.01 -33.73 29.84
C TYR E 676 0.58 -32.84 28.67
N ILE E 677 -0.72 -32.56 28.52
CA ILE E 677 -1.12 -31.62 27.47
C ILE E 677 -0.70 -30.20 27.84
N ALA E 678 -0.65 -29.89 29.14
CA ALA E 678 -0.16 -28.58 29.56
C ALA E 678 1.30 -28.37 29.17
N LYS E 679 2.06 -29.47 29.03
CA LYS E 679 3.48 -29.34 28.76
C LYS E 679 3.78 -28.78 27.38
N TYR E 680 2.84 -28.86 26.43
CA TYR E 680 3.05 -28.30 25.10
C TYR E 680 1.96 -27.35 24.64
N THR E 681 0.88 -27.17 25.41
CA THR E 681 -0.15 -26.20 25.05
C THR E 681 0.00 -24.88 25.81
N ILE E 682 -0.09 -24.91 27.14
CA ILE E 682 -0.26 -23.70 27.93
C ILE E 682 1.04 -23.26 28.58
N ASN E 683 1.87 -24.20 29.02
CA ASN E 683 3.09 -23.84 29.75
C ASN E 683 4.07 -23.07 28.89
N PRO E 684 4.33 -23.48 27.63
CA PRO E 684 5.14 -22.61 26.77
C PRO E 684 4.55 -21.21 26.59
N ALA E 685 3.22 -21.11 26.51
CA ALA E 685 2.59 -19.81 26.34
C ALA E 685 2.80 -18.93 27.57
N ILE E 686 2.67 -19.52 28.77
CA ILE E 686 2.92 -18.75 29.99
C ILE E 686 4.38 -18.37 30.09
N ALA E 687 5.28 -19.30 29.76
CA ALA E 687 6.71 -19.04 29.89
C ALA E 687 7.16 -17.93 28.95
N ASN E 688 6.66 -17.91 27.73
CA ASN E 688 7.11 -16.94 26.74
C ASN E 688 6.33 -15.63 26.78
N GLY E 689 5.14 -15.62 27.35
CA GLY E 689 4.42 -14.40 27.62
C GLY E 689 3.28 -14.07 26.69
N PHE E 690 2.61 -15.07 26.11
CA PHE E 690 1.45 -14.83 25.26
C PHE E 690 0.36 -15.85 25.56
N SER E 691 0.18 -16.17 26.84
CA SER E 691 -0.85 -17.13 27.25
C SER E 691 -2.26 -16.55 27.16
N GLN E 692 -2.41 -15.24 27.02
CA GLN E 692 -3.72 -14.65 26.86
C GLN E 692 -4.30 -14.84 25.47
N TYR E 693 -3.46 -15.13 24.48
CA TYR E 693 -3.89 -15.29 23.09
C TYR E 693 -4.02 -16.74 22.67
N VAL E 694 -3.07 -17.60 23.05
CA VAL E 694 -3.02 -18.98 22.60
C VAL E 694 -2.71 -19.87 23.81
N GLY E 695 -2.82 -21.17 23.59
CA GLY E 695 -2.38 -22.17 24.56
C GLY E 695 -3.47 -22.99 25.20
N SER E 696 -4.73 -22.72 24.91
CA SER E 696 -5.80 -23.50 25.51
C SER E 696 -7.08 -23.28 24.72
N VAL E 697 -8.02 -24.20 24.88
CA VAL E 697 -9.37 -24.05 24.31
C VAL E 697 -10.19 -23.30 25.36
N GLU E 698 -10.06 -21.97 25.33
CA GLU E 698 -10.72 -21.09 26.27
C GLU E 698 -11.38 -19.95 25.52
N VAL E 699 -12.49 -19.45 26.07
CA VAL E 699 -13.22 -18.37 25.43
C VAL E 699 -12.36 -17.12 25.41
N GLY E 700 -12.33 -16.45 24.26
CA GLY E 700 -11.57 -15.23 24.08
C GLY E 700 -10.20 -15.42 23.47
N LYS E 701 -9.70 -16.65 23.44
CA LYS E 701 -8.39 -16.94 22.86
C LYS E 701 -8.51 -17.19 21.36
N LEU E 702 -7.37 -17.13 20.68
CA LEU E 702 -7.35 -17.37 19.25
C LEU E 702 -7.75 -18.82 18.97
N ALA E 703 -8.50 -19.01 17.88
CA ALA E 703 -9.06 -20.32 17.55
C ALA E 703 -8.06 -21.17 16.79
N ASP E 704 -6.91 -21.41 17.42
CA ASP E 704 -5.90 -22.31 16.89
C ASP E 704 -6.20 -23.71 17.40
N LEU E 705 -7.00 -24.44 16.64
CA LEU E 705 -7.54 -25.73 17.06
C LEU E 705 -6.97 -26.83 16.18
N VAL E 706 -6.94 -28.03 16.73
CA VAL E 706 -6.49 -29.22 16.03
C VAL E 706 -7.53 -30.30 16.28
N MET E 707 -8.12 -30.81 15.19
CA MET E 707 -9.10 -31.88 15.26
C MET E 707 -8.45 -33.20 14.90
N TRP E 708 -8.67 -34.18 15.77
CA TRP E 708 -8.02 -35.48 15.74
C TRP E 708 -9.07 -36.56 15.70
N LYS E 709 -8.76 -37.64 14.99
CA LYS E 709 -9.52 -38.86 15.22
C LYS E 709 -8.99 -39.54 16.48
N PRO E 710 -9.83 -40.02 17.41
CA PRO E 710 -9.28 -40.61 18.64
C PRO E 710 -8.37 -41.80 18.39
N SER E 711 -8.59 -42.54 17.30
CA SER E 711 -7.70 -43.61 16.93
C SER E 711 -6.36 -43.10 16.42
N PHE E 712 -6.29 -41.84 15.97
CA PHE E 712 -5.07 -41.23 15.46
C PHE E 712 -4.55 -40.10 16.34
N PHE E 713 -5.07 -39.98 17.57
CA PHE E 713 -4.66 -38.89 18.45
C PHE E 713 -3.17 -38.97 18.75
N GLY E 714 -2.50 -37.83 18.65
CA GLY E 714 -1.09 -37.72 18.96
C GLY E 714 -0.14 -37.95 17.81
N THR E 715 -0.62 -38.43 16.66
CA THR E 715 0.22 -38.71 15.50
C THR E 715 -0.13 -37.85 14.30
N LYS E 716 -1.37 -37.89 13.83
CA LYS E 716 -1.78 -37.29 12.57
C LYS E 716 -3.15 -36.64 12.72
N PRO E 717 -3.27 -35.32 12.78
CA PRO E 717 -4.59 -34.73 12.98
C PRO E 717 -5.45 -34.77 11.73
N GLU E 718 -6.76 -34.69 11.96
CA GLU E 718 -7.70 -34.59 10.84
C GLU E 718 -7.65 -33.21 10.21
N MET E 719 -7.57 -32.17 11.03
CA MET E 719 -7.33 -30.85 10.45
C MET E 719 -6.76 -29.90 11.47
N VAL E 720 -6.06 -28.87 10.98
CA VAL E 720 -5.52 -27.80 11.79
C VAL E 720 -6.20 -26.52 11.36
N ILE E 721 -6.97 -25.94 12.30
CA ILE E 721 -7.68 -24.68 12.12
C ILE E 721 -6.84 -23.58 12.72
N LYS E 722 -6.64 -22.50 11.97
CA LYS E 722 -5.85 -21.35 12.40
C LYS E 722 -6.76 -20.13 12.33
N GLY E 723 -7.07 -19.56 13.48
CA GLY E 723 -7.89 -18.35 13.52
C GLY E 723 -9.27 -18.52 12.92
N GLY E 724 -9.89 -19.66 13.16
CA GLY E 724 -11.23 -19.92 12.68
C GLY E 724 -11.33 -20.41 11.25
N MET E 725 -10.21 -20.58 10.56
CA MET E 725 -10.17 -21.05 9.17
C MET E 725 -9.28 -22.28 9.10
N VAL E 726 -9.70 -23.26 8.31
CA VAL E 726 -8.94 -24.51 8.19
C VAL E 726 -7.63 -24.20 7.48
N ALA E 727 -6.52 -24.28 8.22
CA ALA E 727 -5.21 -23.99 7.64
C ALA E 727 -4.65 -25.19 6.90
N TRP E 728 -4.72 -26.37 7.51
CA TRP E 728 -4.22 -27.60 6.88
C TRP E 728 -5.22 -28.71 7.11
N ALA E 729 -5.28 -29.66 6.17
CA ALA E 729 -6.26 -30.73 6.33
C ALA E 729 -5.87 -31.95 5.53
N ASP E 730 -6.35 -33.11 5.97
CA ASP E 730 -6.15 -34.37 5.26
C ASP E 730 -7.17 -34.46 4.13
N ILE E 731 -6.71 -34.39 2.89
CA ILE E 731 -7.58 -34.36 1.73
C ILE E 731 -7.01 -35.30 0.66
N GLY E 732 -7.92 -35.85 -0.14
CA GLY E 732 -7.59 -36.82 -1.16
C GLY E 732 -7.34 -36.20 -2.52
N ASP E 733 -7.68 -36.95 -3.56
CA ASP E 733 -7.39 -36.53 -4.93
C ASP E 733 -8.18 -35.26 -5.27
N PRO E 734 -7.54 -34.24 -5.87
CA PRO E 734 -8.32 -33.04 -6.24
C PRO E 734 -9.41 -33.32 -7.27
N ASN E 735 -9.22 -34.31 -8.14
CA ASN E 735 -10.21 -34.66 -9.15
C ASN E 735 -11.13 -35.77 -8.69
N ALA E 736 -11.10 -36.13 -7.41
CA ALA E 736 -12.00 -37.15 -6.92
C ALA E 736 -13.43 -36.62 -6.88
N SER E 737 -14.38 -37.55 -6.90
CA SER E 737 -15.79 -37.19 -6.77
C SER E 737 -16.12 -36.75 -5.35
N ILE E 738 -15.33 -37.13 -4.35
CA ILE E 738 -15.53 -36.74 -2.97
C ILE E 738 -14.15 -36.52 -2.36
N PRO E 739 -14.01 -35.95 -1.16
CA PRO E 739 -12.66 -35.57 -0.69
C PRO E 739 -11.80 -36.75 -0.23
N THR E 740 -12.41 -37.89 0.10
CA THR E 740 -11.74 -39.02 0.72
C THR E 740 -10.79 -39.89 -0.12
N PRO E 741 -10.95 -40.05 -1.44
CA PRO E 741 -10.17 -41.09 -2.14
C PRO E 741 -8.67 -40.84 -2.10
N GLU E 742 -7.92 -41.94 -2.14
CA GLU E 742 -6.47 -41.88 -2.04
C GLU E 742 -5.90 -41.20 -3.28
N PRO E 743 -4.70 -40.59 -3.18
CA PRO E 743 -3.83 -40.44 -2.01
C PRO E 743 -4.29 -39.35 -1.05
N VAL E 744 -4.64 -39.74 0.17
CA VAL E 744 -5.00 -38.78 1.21
C VAL E 744 -3.73 -38.27 1.84
N LYS E 745 -3.48 -36.96 1.70
CA LYS E 745 -2.30 -36.32 2.26
C LYS E 745 -2.74 -35.12 3.07
N MET E 746 -1.94 -34.77 4.06
CA MET E 746 -2.14 -33.52 4.77
C MET E 746 -1.65 -32.38 3.88
N ARG E 747 -2.59 -31.64 3.32
CA ARG E 747 -2.34 -30.60 2.35
C ARG E 747 -2.63 -29.22 2.93
N PRO E 748 -2.01 -28.17 2.41
CA PRO E 748 -2.38 -26.81 2.83
C PRO E 748 -3.67 -26.37 2.18
N MET E 749 -4.49 -25.68 2.95
CA MET E 749 -5.83 -25.25 2.56
C MET E 749 -5.79 -23.77 2.18
N TYR E 750 -6.97 -23.18 1.99
CA TYR E 750 -7.06 -21.79 1.59
C TYR E 750 -6.49 -20.83 2.63
N GLY E 751 -6.31 -21.29 3.88
CA GLY E 751 -5.66 -20.47 4.87
C GLY E 751 -4.20 -20.17 4.58
N THR E 752 -3.59 -20.92 3.66
CA THR E 752 -2.17 -20.79 3.35
C THR E 752 -1.89 -19.95 2.11
N LEU E 753 -2.92 -19.50 1.39
CA LEU E 753 -2.76 -18.83 0.11
C LEU E 753 -3.00 -17.33 0.24
N GLY E 754 -2.35 -16.56 -0.63
CA GLY E 754 -2.55 -15.13 -0.70
C GLY E 754 -2.17 -14.44 0.59
N LYS E 755 -2.91 -13.37 0.89
CA LYS E 755 -2.76 -12.64 2.14
C LYS E 755 -3.72 -13.13 3.22
N ALA E 756 -4.12 -14.40 3.16
CA ALA E 756 -5.01 -14.99 4.15
C ALA E 756 -4.24 -15.57 5.33
N GLY E 757 -3.07 -16.15 5.08
CA GLY E 757 -2.30 -16.74 6.17
C GLY E 757 -1.89 -15.72 7.22
N GLY E 758 -1.57 -14.51 6.78
CA GLY E 758 -1.26 -13.46 7.74
C GLY E 758 -2.48 -12.95 8.47
N ALA E 759 -3.65 -13.03 7.83
CA ALA E 759 -4.88 -12.56 8.45
C ALA E 759 -5.34 -13.42 9.62
N LEU E 760 -4.76 -14.62 9.80
CA LEU E 760 -5.21 -15.58 10.80
C LEU E 760 -4.21 -15.79 11.93
N SER E 761 -3.08 -15.08 11.92
CA SER E 761 -1.94 -15.39 12.80
C SER E 761 -1.54 -14.15 13.57
N ILE E 762 -0.62 -14.35 14.52
CA ILE E 762 -0.06 -13.30 15.34
C ILE E 762 1.47 -13.43 15.31
N ALA E 763 2.14 -12.30 15.11
CA ALA E 763 3.60 -12.24 15.22
C ALA E 763 3.94 -11.65 16.58
N PHE E 764 4.49 -12.47 17.47
CA PHE E 764 4.79 -12.03 18.82
C PHE E 764 6.13 -11.33 18.86
N VAL E 765 6.13 -10.08 19.32
CA VAL E 765 7.31 -9.24 19.41
C VAL E 765 7.40 -8.70 20.82
N SER E 766 8.42 -7.89 21.07
CA SER E 766 8.58 -7.24 22.36
C SER E 766 7.69 -6.00 22.42
N LYS E 767 7.58 -5.44 23.63
CA LYS E 767 6.86 -4.18 23.79
C LYS E 767 7.60 -3.04 23.12
N ALA E 768 8.94 -3.06 23.18
CA ALA E 768 9.73 -2.01 22.54
C ALA E 768 9.50 -1.99 21.04
N ALA E 769 9.34 -3.16 20.42
CA ALA E 769 9.11 -3.23 18.99
C ALA E 769 7.70 -2.81 18.62
N LEU E 770 6.71 -3.14 19.45
CA LEU E 770 5.35 -2.71 19.17
C LEU E 770 5.18 -1.21 19.36
N ASP E 771 5.90 -0.62 20.32
CA ASP E 771 5.88 0.82 20.48
C ASP E 771 6.48 1.51 19.27
N GLN E 772 7.51 0.90 18.67
CA GLN E 772 8.09 1.41 17.44
C GLN E 772 7.24 1.11 16.22
N ARG E 773 6.21 0.26 16.35
CA ARG E 773 5.33 -0.13 15.25
C ARG E 773 6.11 -0.78 14.12
N VAL E 774 6.78 -1.89 14.47
CA VAL E 774 7.52 -2.65 13.47
C VAL E 774 6.59 -3.35 12.48
N ASN E 775 5.31 -3.51 12.84
CA ASN E 775 4.35 -4.03 11.87
C ASN E 775 4.11 -3.05 10.73
N VAL E 776 4.32 -1.76 10.96
CA VAL E 776 4.18 -0.75 9.91
C VAL E 776 5.51 -0.53 9.21
N LEU E 777 6.62 -0.55 9.95
CA LEU E 777 7.94 -0.36 9.34
C LEU E 777 8.25 -1.47 8.35
N TYR E 778 8.01 -2.71 8.75
CA TYR E 778 8.35 -3.87 7.93
C TYR E 778 7.25 -4.23 6.95
N GLY E 779 6.10 -3.57 6.99
CA GLY E 779 5.02 -3.87 6.08
C GLY E 779 4.42 -5.26 6.29
N LEU E 780 4.18 -5.64 7.53
CA LEU E 780 3.64 -6.95 7.85
C LEU E 780 2.11 -6.91 7.82
N ASN E 781 1.52 -7.83 7.06
CA ASN E 781 0.08 -8.01 7.09
C ASN E 781 -0.38 -8.81 8.30
N LYS E 782 0.54 -9.51 8.97
CA LYS E 782 0.18 -10.30 10.13
C LYS E 782 -0.14 -9.40 11.32
N ARG E 783 -1.03 -9.89 12.17
CA ARG E 783 -1.28 -9.25 13.46
C ARG E 783 -0.03 -9.36 14.32
N VAL E 784 0.19 -8.34 15.14
CA VAL E 784 1.38 -8.25 15.98
C VAL E 784 0.94 -7.89 17.39
N GLU E 785 1.46 -8.63 18.37
CA GLU E 785 1.15 -8.43 19.78
C GLU E 785 2.44 -8.47 20.58
N ALA E 786 2.43 -7.80 21.72
CA ALA E 786 3.59 -7.75 22.61
C ALA E 786 3.49 -8.84 23.67
N VAL E 787 4.61 -9.49 23.93
CA VAL E 787 4.69 -10.47 25.01
C VAL E 787 4.88 -9.73 26.34
N SER E 788 4.35 -10.32 27.41
CA SER E 788 4.33 -9.65 28.71
C SER E 788 4.15 -10.69 29.79
N ASN E 789 4.39 -10.26 31.03
CA ASN E 789 4.20 -11.08 32.23
C ASN E 789 5.08 -12.33 32.20
N VAL E 790 6.40 -12.09 32.17
CA VAL E 790 7.39 -13.17 32.15
C VAL E 790 8.52 -12.97 33.14
N ARG E 791 8.53 -11.86 33.90
CA ARG E 791 9.60 -11.58 34.84
C ARG E 791 9.26 -11.92 36.28
N LYS E 792 7.98 -11.91 36.63
CA LYS E 792 7.53 -12.30 37.96
C LYS E 792 7.15 -13.78 38.04
N LEU E 793 7.41 -14.55 36.98
CA LEU E 793 7.03 -15.95 36.96
C LEU E 793 7.98 -16.78 37.80
N THR E 794 7.42 -17.76 38.50
CA THR E 794 8.14 -18.78 39.22
C THR E 794 7.66 -20.15 38.75
N LYS E 795 8.22 -21.20 39.34
CA LYS E 795 7.78 -22.55 38.99
C LYS E 795 6.31 -22.77 39.28
N LEU E 796 5.79 -22.08 40.31
CA LEU E 796 4.39 -22.27 40.71
C LEU E 796 3.40 -21.74 39.68
N ASP E 797 3.85 -20.98 38.69
CA ASP E 797 2.96 -20.45 37.66
C ASP E 797 2.77 -21.42 36.49
N MET E 798 3.66 -22.39 36.33
CA MET E 798 3.46 -23.43 35.34
C MET E 798 2.27 -24.31 35.78
N LYS E 799 1.32 -24.51 34.87
CA LYS E 799 0.08 -25.18 35.22
C LYS E 799 0.30 -26.68 35.31
N LEU E 800 -0.05 -27.27 36.44
CA LEU E 800 0.02 -28.71 36.71
C LEU E 800 1.43 -29.28 36.72
N ASN E 801 2.46 -28.43 36.62
CA ASN E 801 3.85 -28.87 36.58
C ASN E 801 4.67 -27.97 37.48
N ASP E 802 4.20 -27.77 38.71
CA ASP E 802 4.77 -26.81 39.64
C ASP E 802 5.61 -27.47 40.74
N ALA E 803 5.95 -28.74 40.61
CA ALA E 803 6.74 -29.42 41.63
C ALA E 803 8.15 -28.85 41.68
N LEU E 804 8.72 -28.85 42.89
CA LEU E 804 10.06 -28.32 43.15
C LEU E 804 10.85 -29.33 43.98
N PRO E 805 11.22 -30.46 43.40
CA PRO E 805 12.03 -31.43 44.15
C PRO E 805 13.43 -30.88 44.42
N GLU E 806 14.03 -31.39 45.49
CA GLU E 806 15.41 -31.05 45.84
C GLU E 806 16.32 -32.05 45.14
N ILE E 807 16.95 -31.60 44.06
CA ILE E 807 17.70 -32.48 43.17
C ILE E 807 19.15 -32.52 43.62
N THR E 808 19.74 -33.71 43.56
CA THR E 808 21.15 -33.92 43.87
C THR E 808 21.71 -34.93 42.88
N VAL E 809 22.79 -34.57 42.20
CA VAL E 809 23.44 -35.42 41.21
C VAL E 809 24.82 -35.79 41.73
N ASP E 810 25.17 -37.06 41.59
CA ASP E 810 26.48 -37.53 42.02
C ASP E 810 27.54 -37.09 41.01
N PRO E 811 28.66 -36.47 41.44
CA PRO E 811 29.66 -36.05 40.45
C PRO E 811 30.27 -37.20 39.66
N GLU E 812 30.41 -38.37 40.27
CA GLU E 812 31.13 -39.49 39.67
C GLU E 812 30.20 -40.47 38.95
N SER E 813 29.16 -40.97 39.63
CA SER E 813 28.27 -41.97 39.06
C SER E 813 27.06 -41.36 38.35
N TYR E 814 26.86 -40.04 38.43
CA TYR E 814 25.73 -39.37 37.78
C TYR E 814 24.39 -39.87 38.29
N THR E 815 24.33 -40.32 39.53
CA THR E 815 23.08 -40.78 40.12
C THR E 815 22.28 -39.59 40.63
N VAL E 816 20.98 -39.57 40.31
CA VAL E 816 20.10 -38.43 40.56
C VAL E 816 19.12 -38.81 41.65
N LYS E 817 19.01 -37.95 42.68
CA LYS E 817 18.07 -38.10 43.76
C LYS E 817 17.19 -36.86 43.85
N ALA E 818 15.89 -37.08 44.09
CA ALA E 818 14.93 -36.00 44.31
C ALA E 818 14.36 -36.16 45.70
N ASP E 819 14.61 -35.19 46.56
CA ASP E 819 14.22 -35.24 47.97
C ASP E 819 14.82 -36.46 48.67
N GLY E 820 16.02 -36.86 48.26
CA GLY E 820 16.73 -37.97 48.87
C GLY E 820 16.41 -39.34 48.30
N LYS E 821 15.49 -39.44 47.35
CA LYS E 821 15.06 -40.72 46.79
C LYS E 821 15.64 -40.89 45.40
N LEU E 822 16.25 -42.05 45.15
CA LEU E 822 16.79 -42.36 43.83
C LEU E 822 15.71 -42.29 42.76
N LEU E 823 16.03 -41.62 41.66
CA LEU E 823 15.17 -41.56 40.49
C LEU E 823 15.73 -42.50 39.42
N CYS E 824 14.94 -43.48 39.02
CA CYS E 824 15.40 -44.48 38.07
C CYS E 824 14.21 -45.02 37.29
N VAL E 825 14.38 -45.14 35.98
CA VAL E 825 13.37 -45.67 35.08
C VAL E 825 14.04 -46.68 34.16
N SER E 826 13.30 -47.73 33.84
CA SER E 826 13.79 -48.73 32.91
C SER E 826 13.69 -48.21 31.47
N GLU E 827 14.59 -48.69 30.62
CA GLU E 827 14.51 -48.40 29.21
C GLU E 827 13.26 -49.04 28.61
N ALA E 828 12.59 -48.31 27.72
CA ALA E 828 11.40 -48.79 27.05
C ALA E 828 11.81 -49.36 25.69
N THR E 829 11.51 -50.64 25.46
CA THR E 829 11.83 -51.28 24.20
C THR E 829 10.82 -50.98 23.11
N THR E 830 9.69 -50.36 23.43
CA THR E 830 8.66 -50.05 22.46
C THR E 830 7.98 -48.76 22.90
N VAL E 831 7.45 -48.02 21.94
CA VAL E 831 6.65 -46.83 22.21
C VAL E 831 5.38 -46.92 21.35
N PRO E 832 4.26 -46.34 21.77
CA PRO E 832 3.10 -46.26 20.88
C PRO E 832 3.25 -45.07 19.94
N LEU E 833 2.24 -44.86 19.12
CA LEU E 833 2.12 -43.67 18.27
C LEU E 833 3.24 -43.57 17.24
N SER E 834 3.95 -44.66 16.96
CA SER E 834 5.07 -44.66 16.02
C SER E 834 4.86 -45.61 14.86
N ARG E 835 4.60 -46.89 15.12
CA ARG E 835 4.72 -47.92 14.09
C ARG E 835 3.42 -48.24 13.39
N ASN E 836 2.28 -48.06 14.05
CA ASN E 836 1.00 -48.31 13.40
C ASN E 836 0.63 -47.24 12.38
N TYR E 837 1.37 -46.13 12.32
CA TYR E 837 0.90 -44.92 11.68
C TYR E 837 1.76 -44.40 10.55
N PHE E 838 3.09 -44.62 10.59
CA PHE E 838 4.02 -43.94 9.70
C PHE E 838 4.59 -44.92 8.69
N LEU E 839 4.61 -44.49 7.42
CA LEU E 839 5.09 -45.34 6.34
C LEU E 839 6.57 -45.65 6.50
N PHE E 840 7.37 -44.65 6.89
CA PHE E 840 8.82 -44.81 7.03
C PHE E 840 9.25 -44.53 8.46
N MET F 1 22.72 -36.59 -0.91
CA MET F 1 22.36 -36.75 -2.35
C MET F 1 22.59 -35.45 -3.10
N LYS F 2 22.22 -34.33 -2.48
CA LYS F 2 22.33 -33.01 -3.10
C LYS F 2 21.57 -32.96 -4.41
N LEU F 3 20.33 -33.46 -4.37
CA LEU F 3 19.52 -33.57 -5.59
C LEU F 3 19.09 -32.19 -6.07
N SER F 4 19.45 -31.86 -7.30
CA SER F 4 18.93 -30.66 -7.94
C SER F 4 17.50 -30.92 -8.42
N PRO F 5 16.74 -29.86 -8.73
CA PRO F 5 15.34 -30.08 -9.14
C PRO F 5 15.18 -30.96 -10.37
N ARG F 6 16.11 -30.87 -11.32
CA ARG F 6 15.97 -31.66 -12.54
C ARG F 6 16.16 -33.14 -12.24
N GLU F 7 17.02 -33.49 -11.28
CA GLU F 7 17.14 -34.89 -10.89
C GLU F 7 15.84 -35.39 -10.27
N VAL F 8 15.13 -34.55 -9.52
CA VAL F 8 13.86 -34.96 -8.95
C VAL F 8 12.83 -35.20 -10.04
N GLU F 9 12.75 -34.30 -11.02
CA GLU F 9 11.78 -34.50 -12.09
C GLU F 9 12.14 -35.70 -12.96
N LYS F 10 13.43 -35.93 -13.19
CA LYS F 10 13.85 -37.10 -13.95
C LYS F 10 13.59 -38.39 -13.18
N LEU F 11 13.66 -38.34 -11.85
CA LEU F 11 13.28 -39.50 -11.05
C LEU F 11 11.78 -39.77 -11.17
N GLY F 12 10.97 -38.72 -11.20
CA GLY F 12 9.55 -38.92 -11.48
C GLY F 12 9.31 -39.53 -12.84
N LEU F 13 10.06 -39.07 -13.84
CA LEU F 13 9.96 -39.66 -15.18
C LEU F 13 10.35 -41.14 -15.15
N HIS F 14 11.40 -41.48 -14.41
CA HIS F 14 11.81 -42.87 -14.31
C HIS F 14 10.75 -43.72 -13.62
N ASN F 15 10.10 -43.17 -12.59
CA ASN F 15 9.01 -43.90 -11.94
C ASN F 15 7.87 -44.16 -12.91
N ALA F 16 7.51 -43.16 -13.71
CA ALA F 16 6.46 -43.35 -14.70
C ALA F 16 6.88 -44.40 -15.74
N GLY F 17 8.13 -44.35 -16.17
CA GLY F 17 8.61 -45.33 -17.13
C GLY F 17 8.62 -46.74 -16.56
N TYR F 18 8.94 -46.87 -15.28
CA TYR F 18 8.93 -48.19 -14.64
C TYR F 18 7.51 -48.71 -14.47
N LEU F 19 6.56 -47.82 -14.19
CA LEU F 19 5.15 -48.23 -14.20
C LEU F 19 4.75 -48.73 -15.58
N ALA F 20 5.15 -48.01 -16.62
CA ALA F 20 4.85 -48.44 -17.98
C ALA F 20 5.51 -49.78 -18.28
N GLN F 21 6.72 -50.00 -17.78
CA GLN F 21 7.41 -51.27 -17.98
C GLN F 21 6.69 -52.41 -17.27
N LYS F 22 6.22 -52.18 -16.05
CA LYS F 22 5.48 -53.22 -15.34
C LYS F 22 4.19 -53.55 -16.06
N ARG F 23 3.50 -52.53 -16.58
CA ARG F 23 2.29 -52.79 -17.34
C ARG F 23 2.59 -53.55 -18.62
N LEU F 24 3.66 -53.17 -19.32
CA LEU F 24 4.03 -53.85 -20.56
C LEU F 24 4.42 -55.30 -20.31
N ALA F 25 5.06 -55.57 -19.17
CA ALA F 25 5.56 -56.91 -18.90
C ALA F 25 4.43 -57.91 -18.67
N ARG F 26 3.25 -57.44 -18.22
CA ARG F 26 2.08 -58.28 -18.06
C ARG F 26 1.16 -58.26 -19.27
N GLY F 27 1.57 -57.61 -20.36
CA GLY F 27 0.90 -57.79 -21.64
C GLY F 27 -0.31 -56.91 -21.89
N VAL F 28 -0.32 -55.68 -21.36
CA VAL F 28 -1.35 -54.71 -21.70
C VAL F 28 -0.78 -53.77 -22.75
N ARG F 29 -1.64 -53.27 -23.62
CA ARG F 29 -1.22 -52.35 -24.67
C ARG F 29 -1.14 -50.94 -24.11
N LEU F 30 0.03 -50.32 -24.22
CA LEU F 30 0.27 -49.03 -23.60
C LEU F 30 -0.43 -47.92 -24.37
N ASN F 31 -0.77 -46.86 -23.65
CA ASN F 31 -1.36 -45.67 -24.25
C ASN F 31 -0.25 -44.65 -24.54
N TYR F 32 -0.64 -43.42 -24.87
CA TYR F 32 0.34 -42.41 -25.25
C TYR F 32 1.28 -42.08 -24.10
N THR F 33 0.73 -41.83 -22.92
CA THR F 33 1.54 -41.43 -21.77
C THR F 33 2.52 -42.52 -21.38
N GLU F 34 2.03 -43.77 -21.32
CA GLU F 34 2.89 -44.88 -20.91
C GLU F 34 3.99 -45.12 -21.93
N ALA F 35 3.67 -45.04 -23.23
CA ALA F 35 4.69 -45.24 -24.25
C ALA F 35 5.76 -44.16 -24.18
N VAL F 36 5.34 -42.90 -24.01
CA VAL F 36 6.32 -41.81 -23.91
C VAL F 36 7.20 -42.01 -22.69
N ALA F 37 6.61 -42.36 -21.55
CA ALA F 37 7.37 -42.57 -20.33
C ALA F 37 8.38 -43.70 -20.50
N LEU F 38 7.95 -44.81 -21.09
CA LEU F 38 8.84 -45.95 -21.28
C LEU F 38 10.00 -45.60 -22.18
N ILE F 39 9.72 -44.95 -23.32
CA ILE F 39 10.78 -44.66 -24.28
C ILE F 39 11.78 -43.68 -23.66
N ALA F 40 11.29 -42.62 -23.01
CA ALA F 40 12.19 -41.66 -22.41
C ALA F 40 13.05 -42.29 -21.32
N SER F 41 12.43 -43.07 -20.43
CA SER F 41 13.17 -43.68 -19.33
C SER F 41 14.22 -44.67 -19.85
N GLN F 42 13.88 -45.45 -20.88
CA GLN F 42 14.84 -46.40 -21.40
C GLN F 42 15.99 -45.70 -22.11
N ILE F 43 15.73 -44.60 -22.79
CA ILE F 43 16.81 -43.83 -23.39
C ILE F 43 17.73 -43.29 -22.30
N MET F 44 17.15 -42.82 -21.18
CA MET F 44 17.98 -42.36 -20.07
C MET F 44 18.84 -43.48 -19.51
N GLU F 45 18.30 -44.69 -19.37
CA GLU F 45 19.09 -45.78 -18.81
C GLU F 45 20.20 -46.20 -19.76
N TYR F 46 19.91 -46.29 -21.06
CA TYR F 46 20.94 -46.61 -22.02
C TYR F 46 22.03 -45.55 -22.04
N ALA F 47 21.67 -44.29 -21.83
CA ALA F 47 22.69 -43.25 -21.70
C ALA F 47 23.48 -43.42 -20.41
N ARG F 48 22.83 -43.86 -19.33
CA ARG F 48 23.54 -44.08 -18.08
C ARG F 48 24.56 -45.19 -18.19
N ASP F 49 24.31 -46.19 -19.05
CA ASP F 49 25.32 -47.21 -19.25
C ASP F 49 26.61 -46.63 -19.81
N GLY F 50 26.50 -45.66 -20.71
CA GLY F 50 27.66 -45.04 -21.30
C GLY F 50 28.30 -45.82 -22.43
N GLU F 51 27.63 -46.87 -22.92
CA GLU F 51 28.14 -47.69 -24.02
C GLU F 51 27.55 -47.31 -25.37
N LYS F 52 26.79 -46.22 -25.44
CA LYS F 52 26.07 -45.82 -26.65
C LYS F 52 26.34 -44.35 -26.94
N THR F 53 26.26 -44.00 -28.22
CA THR F 53 26.32 -42.63 -28.67
C THR F 53 24.91 -42.09 -28.91
N VAL F 54 24.82 -40.78 -29.13
CA VAL F 54 23.52 -40.15 -29.32
C VAL F 54 22.83 -40.70 -30.57
N ALA F 55 23.59 -40.87 -31.65
CA ALA F 55 23.00 -41.43 -32.87
C ALA F 55 22.55 -42.87 -32.65
N GLN F 56 23.34 -43.64 -31.90
CA GLN F 56 22.96 -45.02 -31.62
C GLN F 56 21.65 -45.09 -30.85
N LEU F 57 21.46 -44.18 -29.88
CA LEU F 57 20.18 -44.16 -29.16
C LEU F 57 19.05 -43.61 -30.02
N MET F 58 19.35 -42.69 -30.94
CA MET F 58 18.34 -42.23 -31.88
C MET F 58 17.81 -43.38 -32.71
N CYS F 59 18.70 -44.29 -33.12
CA CYS F 59 18.26 -45.47 -33.86
C CYS F 59 17.57 -46.48 -32.94
N LEU F 60 18.08 -46.63 -31.71
CA LEU F 60 17.57 -47.66 -30.80
C LEU F 60 16.16 -47.33 -30.33
N GLY F 61 15.86 -46.05 -30.12
CA GLY F 61 14.57 -45.67 -29.59
C GLY F 61 13.41 -45.98 -30.52
N GLN F 62 13.69 -46.18 -31.81
CA GLN F 62 12.64 -46.52 -32.77
C GLN F 62 12.25 -47.99 -32.75
N HIS F 63 12.95 -48.82 -31.97
CA HIS F 63 12.74 -50.27 -31.95
C HIS F 63 12.21 -50.78 -30.63
N LEU F 64 12.01 -49.91 -29.63
CA LEU F 64 11.58 -50.38 -28.32
C LEU F 64 10.17 -50.93 -28.35
N LEU F 65 9.24 -50.17 -28.94
CA LEU F 65 7.82 -50.51 -28.97
C LEU F 65 7.34 -50.62 -30.41
N GLY F 66 6.43 -51.57 -30.64
CA GLY F 66 5.79 -51.75 -31.92
C GLY F 66 4.32 -51.37 -31.86
N ARG F 67 3.65 -51.55 -32.99
CA ARG F 67 2.23 -51.23 -33.07
C ARG F 67 1.39 -52.19 -32.22
N ARG F 68 1.89 -53.41 -32.00
CA ARG F 68 1.15 -54.41 -31.24
C ARG F 68 1.29 -54.24 -29.73
N GLN F 69 2.24 -53.43 -29.27
CA GLN F 69 2.43 -53.17 -27.85
C GLN F 69 1.74 -51.91 -27.38
N VAL F 70 1.05 -51.19 -28.26
CA VAL F 70 0.41 -49.93 -27.93
C VAL F 70 -0.99 -49.93 -28.52
N LEU F 71 -1.83 -49.04 -28.00
CA LEU F 71 -3.18 -48.92 -28.49
C LEU F 71 -3.15 -48.37 -29.92
N PRO F 72 -4.19 -48.65 -30.72
CA PRO F 72 -4.13 -48.25 -32.14
C PRO F 72 -4.00 -46.75 -32.39
N ALA F 73 -4.35 -45.91 -31.41
CA ALA F 73 -4.21 -44.47 -31.58
C ALA F 73 -2.79 -43.97 -31.35
N VAL F 74 -1.97 -44.73 -30.62
CA VAL F 74 -0.64 -44.24 -30.23
C VAL F 74 0.25 -43.97 -31.43
N PRO F 75 0.26 -44.78 -32.50
CA PRO F 75 1.12 -44.43 -33.65
C PRO F 75 0.81 -43.08 -34.27
N HIS F 76 -0.41 -42.59 -34.13
CA HIS F 76 -0.78 -41.26 -34.64
C HIS F 76 -0.59 -40.17 -33.61
N LEU F 77 -0.81 -40.46 -32.33
CA LEU F 77 -0.60 -39.46 -31.28
C LEU F 77 0.87 -39.17 -31.07
N LEU F 78 1.73 -40.18 -31.24
CA LEU F 78 3.13 -40.12 -30.84
C LEU F 78 4.00 -39.96 -32.09
N ASN F 79 4.51 -38.74 -32.29
CA ASN F 79 5.38 -38.42 -33.41
C ASN F 79 6.86 -38.47 -33.06
N ALA F 80 7.22 -38.03 -31.86
CA ALA F 80 8.62 -38.02 -31.46
C ALA F 80 8.70 -38.03 -29.94
N VAL F 81 9.90 -38.36 -29.44
CA VAL F 81 10.18 -38.37 -28.01
C VAL F 81 11.54 -37.73 -27.76
N GLN F 82 11.54 -36.50 -27.28
CA GLN F 82 12.76 -35.81 -26.85
C GLN F 82 13.10 -36.19 -25.41
N VAL F 83 14.38 -36.34 -25.10
CA VAL F 83 14.81 -36.54 -23.72
C VAL F 83 16.26 -36.13 -23.59
N GLU F 84 16.59 -35.51 -22.47
CA GLU F 84 17.97 -35.21 -22.10
C GLU F 84 18.54 -36.39 -21.32
N ALA F 85 19.85 -36.60 -21.46
CA ALA F 85 20.48 -37.67 -20.71
C ALA F 85 21.97 -37.37 -20.55
N THR F 86 22.53 -37.83 -19.43
CA THR F 86 23.93 -37.61 -19.10
C THR F 86 24.75 -38.75 -19.70
N PHE F 87 25.39 -38.47 -20.83
CA PHE F 87 26.36 -39.37 -21.41
C PHE F 87 27.71 -39.15 -20.73
N PRO F 88 28.70 -40.02 -20.99
CA PRO F 88 30.03 -39.80 -20.38
C PRO F 88 30.65 -38.46 -20.72
N ASP F 89 30.24 -37.85 -21.83
CA ASP F 89 30.71 -36.51 -22.24
C ASP F 89 29.64 -35.45 -21.97
N GLY F 90 28.90 -35.57 -20.87
CA GLY F 90 27.99 -34.52 -20.43
C GLY F 90 26.57 -34.76 -20.87
N THR F 91 25.71 -33.78 -20.59
CA THR F 91 24.30 -33.90 -20.91
C THR F 91 24.05 -33.60 -22.38
N LYS F 92 23.30 -34.48 -23.04
CA LYS F 92 22.98 -34.36 -24.46
C LYS F 92 21.49 -34.60 -24.65
N LEU F 93 20.91 -33.86 -25.58
CA LEU F 93 19.54 -34.14 -26.02
C LEU F 93 19.57 -35.26 -27.04
N VAL F 94 18.61 -36.17 -26.94
CA VAL F 94 18.41 -37.22 -27.92
C VAL F 94 16.92 -37.34 -28.16
N THR F 95 16.53 -37.34 -29.44
CA THR F 95 15.12 -37.34 -29.82
C THR F 95 14.86 -38.50 -30.76
N VAL F 96 13.89 -39.32 -30.40
CA VAL F 96 13.44 -40.43 -31.25
C VAL F 96 12.37 -39.89 -32.18
N HIS F 97 12.47 -40.24 -33.46
CA HIS F 97 11.54 -39.82 -34.49
C HIS F 97 10.72 -41.00 -34.95
N ASP F 98 9.40 -40.87 -34.88
CA ASP F 98 8.47 -41.96 -35.21
C ASP F 98 8.82 -43.21 -34.42
N PRO F 99 8.73 -43.16 -33.08
CA PRO F 99 9.20 -44.29 -32.27
C PRO F 99 8.43 -45.58 -32.50
N ILE F 100 7.19 -45.50 -32.95
CA ILE F 100 6.36 -46.66 -33.24
C ILE F 100 6.40 -46.83 -34.76
N SER F 101 7.30 -47.71 -35.23
CA SER F 101 7.48 -47.93 -36.66
C SER F 101 7.58 -49.40 -37.03
N ARG F 102 7.28 -50.31 -36.12
CA ARG F 102 7.33 -51.75 -36.37
C ARG F 102 6.06 -52.39 -35.84
N GLU F 103 5.74 -53.57 -36.38
CA GLU F 103 4.64 -54.35 -35.84
C GLU F 103 4.93 -54.76 -34.40
N ASN F 104 6.17 -55.17 -34.13
CA ASN F 104 6.61 -55.57 -32.80
C ASN F 104 7.93 -54.90 -32.48
N GLY F 105 8.08 -54.46 -31.24
CA GLY F 105 9.32 -53.88 -30.77
C GLY F 105 10.22 -54.89 -30.11
N GLU F 106 11.45 -54.45 -29.83
CA GLU F 106 12.42 -55.27 -29.11
C GLU F 106 12.10 -55.17 -27.63
N LEU F 107 11.41 -56.17 -27.09
CA LEU F 107 10.94 -56.10 -25.72
C LEU F 107 12.07 -56.24 -24.71
N GLN F 108 13.18 -56.89 -25.08
CA GLN F 108 14.33 -56.90 -24.20
C GLN F 108 14.95 -55.51 -24.10
N GLU F 109 14.92 -54.75 -25.19
CA GLU F 109 15.36 -53.36 -25.15
C GLU F 109 14.39 -52.51 -24.33
N ALA F 110 13.09 -52.74 -24.49
CA ALA F 110 12.09 -51.94 -23.81
C ALA F 110 12.13 -52.14 -22.31
N LEU F 111 12.35 -53.38 -21.86
CA LEU F 111 12.40 -53.71 -20.44
C LEU F 111 13.83 -53.81 -19.92
N PHE F 112 14.81 -53.29 -20.66
CA PHE F 112 16.19 -53.34 -20.21
C PHE F 112 16.38 -52.50 -18.95
N GLY F 113 17.12 -53.06 -17.99
CA GLY F 113 17.40 -52.39 -16.75
C GLY F 113 16.38 -52.60 -15.66
N SER F 114 15.15 -52.99 -16.01
CA SER F 114 14.10 -53.19 -15.01
C SER F 114 14.24 -54.53 -14.28
N LEU F 115 14.98 -55.48 -14.84
CA LEU F 115 15.10 -56.82 -14.27
C LEU F 115 13.73 -57.50 -14.17
N LEU F 116 12.89 -57.29 -15.20
CA LEU F 116 11.58 -57.90 -15.32
C LEU F 116 11.58 -58.94 -16.43
N PRO F 117 10.72 -59.96 -16.36
CA PRO F 117 10.72 -60.98 -17.43
C PRO F 117 10.14 -60.42 -18.72
N VAL F 118 10.82 -60.68 -19.83
CA VAL F 118 10.37 -60.18 -21.13
C VAL F 118 9.14 -60.96 -21.56
N PRO F 119 7.99 -60.33 -21.83
CA PRO F 119 6.82 -61.11 -22.23
C PRO F 119 6.90 -61.54 -23.69
N SER F 120 6.32 -62.70 -23.95
CA SER F 120 6.21 -63.18 -25.32
C SER F 120 5.26 -62.29 -26.11
N LEU F 121 5.45 -62.24 -27.43
CA LEU F 121 4.63 -61.39 -28.28
C LEU F 121 3.18 -61.86 -28.37
N ASP F 122 2.87 -63.08 -27.90
CA ASP F 122 1.50 -63.56 -27.92
C ASP F 122 0.62 -62.89 -26.88
N LYS F 123 1.21 -62.35 -25.81
CA LYS F 123 0.40 -61.83 -24.70
C LYS F 123 -0.35 -60.55 -25.04
N PHE F 124 -0.02 -59.89 -26.15
CA PHE F 124 -0.64 -58.62 -26.51
C PHE F 124 -1.88 -58.91 -27.36
N ALA F 125 -3.05 -58.58 -26.81
CA ALA F 125 -4.31 -58.88 -27.46
C ALA F 125 -4.45 -58.07 -28.74
N GLU F 126 -5.54 -58.34 -29.46
CA GLU F 126 -5.83 -57.69 -30.73
C GLU F 126 -7.31 -57.40 -30.82
N THR F 127 -7.66 -56.42 -31.65
CA THR F 127 -9.04 -55.99 -31.82
C THR F 127 -9.40 -55.88 -33.30
N ASN F 131 -8.08 -48.28 -38.35
CA ASN F 131 -8.68 -47.64 -37.17
C ASN F 131 -8.82 -46.14 -37.40
N ARG F 132 -9.27 -45.44 -36.37
CA ARG F 132 -9.64 -44.02 -36.47
C ARG F 132 -8.52 -43.15 -35.91
N ILE F 133 -8.19 -42.11 -36.65
CA ILE F 133 -7.03 -41.26 -36.35
C ILE F 133 -7.51 -40.10 -35.48
N PRO F 134 -7.00 -39.92 -34.26
CA PRO F 134 -7.40 -38.74 -33.48
C PRO F 134 -6.86 -37.45 -34.10
N GLY F 135 -7.73 -36.46 -34.21
CA GLY F 135 -7.30 -35.14 -34.64
C GLY F 135 -6.97 -35.04 -36.12
N GLU F 136 -7.45 -35.95 -36.94
CA GLU F 136 -7.10 -35.93 -38.36
C GLU F 136 -7.81 -34.80 -39.08
N ILE F 137 -7.17 -34.30 -40.14
CA ILE F 137 -7.71 -33.26 -41.00
C ILE F 137 -8.14 -33.93 -42.30
N LEU F 138 -9.45 -33.94 -42.55
CA LEU F 138 -10.01 -34.51 -43.77
C LEU F 138 -10.19 -33.37 -44.78
N CYS F 139 -9.42 -33.41 -45.87
CA CYS F 139 -9.40 -32.36 -46.88
C CYS F 139 -9.91 -32.92 -48.20
N GLU F 140 -10.37 -32.01 -49.06
CA GLU F 140 -10.68 -32.37 -50.43
C GLU F 140 -9.39 -32.58 -51.21
N ASP F 141 -9.51 -33.19 -52.40
CA ASP F 141 -8.38 -33.40 -53.28
C ASP F 141 -8.32 -32.28 -54.32
N GLU F 142 -7.97 -31.09 -53.82
CA GLU F 142 -7.91 -29.88 -54.62
C GLU F 142 -6.59 -29.15 -54.34
N CYS F 143 -6.13 -28.42 -55.35
CA CYS F 143 -4.93 -27.59 -55.25
C CYS F 143 -5.36 -26.13 -55.17
N LEU F 144 -5.11 -25.50 -54.04
CA LEU F 144 -5.37 -24.08 -53.89
C LEU F 144 -4.31 -23.27 -54.65
N THR F 145 -4.69 -22.07 -55.05
CA THR F 145 -3.85 -21.18 -55.85
C THR F 145 -3.51 -19.94 -55.04
N LEU F 146 -2.24 -19.58 -55.01
CA LEU F 146 -1.73 -18.51 -54.17
C LEU F 146 -1.61 -17.21 -54.96
N ASN F 147 -1.89 -16.09 -54.30
CA ASN F 147 -1.60 -14.76 -54.81
C ASN F 147 -2.35 -14.48 -56.12
N ILE F 148 -3.68 -14.49 -56.03
CA ILE F 148 -4.54 -14.24 -57.18
C ILE F 148 -4.66 -12.75 -57.44
N GLY F 149 -4.74 -12.38 -58.71
CA GLY F 149 -4.95 -11.00 -59.11
C GLY F 149 -3.77 -10.10 -58.83
N ARG F 150 -2.55 -10.58 -59.08
CA ARG F 150 -1.33 -9.81 -58.86
C ARG F 150 -0.51 -9.76 -60.14
N LYS F 151 0.21 -8.66 -60.32
CA LYS F 151 1.17 -8.54 -61.40
C LYS F 151 2.36 -9.46 -61.13
N ALA F 152 2.73 -10.26 -62.12
CA ALA F 152 3.73 -11.31 -61.97
C ALA F 152 4.83 -11.17 -63.02
N VAL F 153 6.05 -11.47 -62.62
CA VAL F 153 7.22 -11.45 -63.50
C VAL F 153 8.10 -12.65 -63.20
N ILE F 154 8.61 -13.29 -64.25
CA ILE F 154 9.56 -14.40 -64.13
C ILE F 154 10.93 -13.86 -64.50
N LEU F 155 11.89 -14.01 -63.59
CA LEU F 155 13.22 -13.45 -63.72
C LEU F 155 14.28 -14.53 -63.56
N LYS F 156 15.45 -14.25 -64.12
CA LYS F 156 16.64 -15.07 -63.94
C LYS F 156 17.48 -14.47 -62.84
N VAL F 157 17.89 -15.28 -61.87
CA VAL F 157 18.74 -14.86 -60.77
C VAL F 157 19.96 -15.77 -60.74
N THR F 158 21.12 -15.19 -60.42
CA THR F 158 22.36 -15.95 -60.32
C THR F 158 23.19 -15.40 -59.17
N SER F 159 23.78 -16.30 -58.40
CA SER F 159 24.57 -15.93 -57.23
C SER F 159 26.02 -15.77 -57.63
N LYS F 160 26.56 -14.56 -57.40
CA LYS F 160 27.98 -14.29 -57.53
C LYS F 160 28.72 -14.39 -56.21
N GLY F 161 28.04 -14.84 -55.14
CA GLY F 161 28.68 -14.97 -53.85
C GLY F 161 29.26 -16.36 -53.63
N ASP F 162 30.15 -16.44 -52.65
CA ASP F 162 30.84 -17.69 -52.31
C ASP F 162 30.24 -18.38 -51.09
N ARG F 163 29.07 -17.96 -50.63
CA ARG F 163 28.37 -18.57 -49.51
C ARG F 163 26.90 -18.66 -49.88
N PRO F 164 26.16 -19.60 -49.29
CA PRO F 164 24.77 -19.79 -49.70
C PRO F 164 23.87 -18.65 -49.24
N ILE F 165 22.78 -18.45 -49.98
CA ILE F 165 21.86 -17.34 -49.74
C ILE F 165 20.42 -17.84 -49.84
N GLN F 166 19.75 -18.00 -48.70
CA GLN F 166 18.32 -18.28 -48.69
C GLN F 166 17.54 -16.98 -48.61
N VAL F 167 16.43 -16.92 -49.34
CA VAL F 167 15.56 -15.76 -49.37
C VAL F 167 14.11 -16.20 -49.14
N GLY F 168 13.40 -15.46 -48.29
CA GLY F 168 12.06 -15.86 -47.89
C GLY F 168 11.00 -15.45 -48.89
N SER F 169 9.78 -15.91 -48.60
CA SER F 169 8.66 -15.69 -49.52
C SER F 169 8.20 -14.24 -49.55
N HIS F 170 8.35 -13.52 -48.44
CA HIS F 170 7.83 -12.16 -48.32
C HIS F 170 8.93 -11.10 -48.24
N TYR F 171 10.19 -11.49 -48.20
CA TYR F 171 11.28 -10.52 -48.27
C TYR F 171 11.23 -9.77 -49.59
N HIS F 172 11.37 -8.45 -49.54
CA HIS F 172 11.39 -7.64 -50.74
C HIS F 172 12.58 -8.01 -51.61
N PHE F 173 12.31 -8.40 -52.84
CA PHE F 173 13.36 -9.02 -53.65
C PHE F 173 14.41 -8.02 -54.12
N ILE F 174 14.05 -6.74 -54.23
CA ILE F 174 15.05 -5.74 -54.60
C ILE F 174 16.03 -5.44 -53.48
N GLU F 175 15.74 -5.88 -52.25
CA GLU F 175 16.58 -5.67 -51.09
C GLU F 175 17.51 -6.84 -50.80
N VAL F 176 17.59 -7.83 -51.69
CA VAL F 176 18.33 -9.05 -51.42
C VAL F 176 19.83 -8.77 -51.39
N ASN F 177 20.60 -9.77 -50.98
CA ASN F 177 22.04 -9.68 -50.85
C ASN F 177 22.66 -9.15 -52.15
N PRO F 178 23.60 -8.19 -52.09
CA PRO F 178 24.16 -7.64 -53.34
C PRO F 178 24.84 -8.66 -54.24
N TYR F 179 25.24 -9.82 -53.73
CA TYR F 179 25.89 -10.83 -54.54
C TYR F 179 24.91 -11.66 -55.37
N LEU F 180 23.64 -11.27 -55.43
CA LEU F 180 22.66 -11.86 -56.35
C LEU F 180 22.47 -10.91 -57.52
N THR F 181 22.63 -11.43 -58.73
CA THR F 181 22.50 -10.65 -59.96
C THR F 181 21.21 -11.01 -60.66
N PHE F 182 20.42 -10.00 -60.99
CA PHE F 182 19.13 -10.16 -61.64
C PHE F 182 18.62 -8.76 -61.99
N ASP F 183 17.52 -8.72 -62.74
CA ASP F 183 16.95 -7.43 -63.12
C ASP F 183 16.29 -6.79 -61.92
N ARG F 184 17.03 -5.91 -61.22
CA ARG F 184 16.50 -5.28 -60.02
C ARG F 184 15.39 -4.29 -60.31
N ARG F 185 15.25 -3.84 -61.56
CA ARG F 185 14.16 -2.92 -61.89
C ARG F 185 12.83 -3.65 -61.91
N LYS F 186 12.79 -4.85 -62.47
CA LYS F 186 11.56 -5.63 -62.54
C LYS F 186 11.22 -6.31 -61.22
N ALA F 187 12.14 -6.31 -60.25
CA ALA F 187 11.88 -6.85 -58.92
C ALA F 187 11.36 -5.79 -57.95
N TYR F 188 11.14 -4.57 -58.42
CA TYR F 188 10.71 -3.50 -57.52
C TYR F 188 9.27 -3.75 -57.08
N GLY F 189 9.04 -3.70 -55.77
CA GLY F 189 7.72 -3.95 -55.22
C GLY F 189 7.21 -5.35 -55.50
N MET F 190 8.09 -6.35 -55.48
CA MET F 190 7.74 -7.73 -55.77
C MET F 190 8.30 -8.61 -54.66
N ARG F 191 7.67 -9.79 -54.51
CA ARG F 191 8.10 -10.80 -53.57
C ARG F 191 7.94 -12.16 -54.23
N LEU F 192 8.69 -13.14 -53.76
CA LEU F 192 8.67 -14.46 -54.37
C LEU F 192 7.27 -15.07 -54.31
N ASN F 193 6.82 -15.60 -55.45
CA ASN F 193 5.50 -16.21 -55.56
C ASN F 193 5.61 -17.68 -55.16
N ILE F 194 5.72 -17.90 -53.85
CA ILE F 194 5.84 -19.24 -53.28
C ILE F 194 4.99 -19.31 -52.02
N ALA F 195 4.89 -20.52 -51.46
CA ALA F 195 4.11 -20.71 -50.24
C ALA F 195 4.67 -19.88 -49.11
N ALA F 196 3.78 -19.29 -48.32
CA ALA F 196 4.20 -18.41 -47.24
C ALA F 196 5.01 -19.16 -46.21
N GLY F 197 6.11 -18.55 -45.78
CA GLY F 197 7.01 -19.15 -44.83
C GLY F 197 8.08 -20.04 -45.43
N THR F 198 8.04 -20.29 -46.75
CA THR F 198 9.05 -21.07 -47.43
C THR F 198 10.15 -20.14 -47.94
N ALA F 199 11.13 -20.70 -48.64
CA ALA F 199 12.27 -19.93 -49.11
C ALA F 199 12.82 -20.56 -50.38
N VAL F 200 13.66 -19.77 -51.07
CA VAL F 200 14.44 -20.23 -52.21
C VAL F 200 15.90 -20.06 -51.85
N ARG F 201 16.69 -21.12 -52.07
CA ARG F 201 18.10 -21.17 -51.71
C ARG F 201 18.96 -21.05 -52.95
N PHE F 202 19.92 -20.13 -52.91
CA PHE F 202 20.91 -19.93 -53.95
C PHE F 202 22.25 -20.37 -53.40
N GLU F 203 22.66 -21.59 -53.75
CA GLU F 203 24.00 -22.04 -53.42
C GLU F 203 25.00 -21.21 -54.21
N PRO F 204 26.25 -21.10 -53.74
CA PRO F 204 27.21 -20.20 -54.41
C PRO F 204 27.43 -20.59 -55.87
N GLY F 205 27.13 -19.64 -56.76
CA GLY F 205 27.19 -19.87 -58.19
C GLY F 205 25.90 -20.37 -58.81
N ASP F 206 24.91 -20.74 -57.99
CA ASP F 206 23.69 -21.32 -58.52
C ASP F 206 22.89 -20.29 -59.30
N CYS F 207 22.35 -20.71 -60.44
CA CYS F 207 21.48 -19.90 -61.28
C CYS F 207 20.09 -20.52 -61.31
N LYS F 208 19.09 -19.72 -61.01
CA LYS F 208 17.70 -20.16 -60.89
C LYS F 208 16.79 -19.20 -61.66
N SER F 209 15.57 -19.65 -61.89
CA SER F 209 14.52 -18.85 -62.52
C SER F 209 13.37 -18.76 -61.54
N VAL F 210 13.15 -17.56 -61.00
CA VAL F 210 12.15 -17.33 -59.96
C VAL F 210 10.96 -16.59 -60.57
N THR F 211 9.83 -16.70 -59.88
CA THR F 211 8.62 -15.96 -60.20
C THR F 211 8.27 -15.07 -59.01
N LEU F 212 8.07 -13.79 -59.28
CA LEU F 212 7.72 -12.81 -58.26
C LEU F 212 6.36 -12.21 -58.58
N VAL F 213 5.60 -11.92 -57.53
CA VAL F 213 4.30 -11.25 -57.63
C VAL F 213 4.37 -9.97 -56.82
N SER F 214 3.59 -8.99 -57.24
CA SER F 214 3.62 -7.69 -56.60
C SER F 214 3.07 -7.78 -55.18
N ILE F 215 3.65 -6.97 -54.29
CA ILE F 215 3.05 -6.80 -52.97
C ILE F 215 1.74 -6.03 -53.12
N GLU F 216 0.89 -6.15 -52.10
CA GLU F 216 -0.44 -5.54 -52.10
C GLU F 216 -0.62 -4.68 -50.86
N GLY F 217 -1.83 -4.19 -50.64
CA GLY F 217 -2.08 -3.27 -49.54
C GLY F 217 -1.69 -1.85 -49.91
N ASN F 218 -1.00 -1.15 -49.01
CA ASN F 218 -0.50 0.17 -49.34
C ASN F 218 0.68 0.11 -50.30
N LYS F 219 1.32 -1.05 -50.45
CA LYS F 219 2.50 -1.22 -51.29
C LYS F 219 3.61 -0.27 -50.86
N VAL F 220 4.09 -0.51 -49.64
CA VAL F 220 5.17 0.25 -49.03
C VAL F 220 6.28 -0.70 -48.65
N ILE F 221 7.50 -0.38 -49.08
CA ILE F 221 8.68 -1.20 -48.82
C ILE F 221 9.42 -0.60 -47.63
N ARG F 222 9.66 -1.42 -46.61
CA ARG F 222 10.36 -1.01 -45.41
C ARG F 222 11.42 -2.05 -45.05
N GLY F 223 12.50 -1.59 -44.43
CA GLY F 223 13.52 -2.48 -43.96
C GLY F 223 14.34 -3.10 -45.09
N GLY F 224 15.08 -4.13 -44.72
CA GLY F 224 15.98 -4.79 -45.65
C GLY F 224 17.33 -4.11 -45.67
N ASN F 225 17.80 -3.77 -46.87
CA ASN F 225 19.01 -2.99 -47.05
C ASN F 225 18.75 -1.50 -47.14
N ALA F 226 17.50 -1.06 -47.02
CA ALA F 226 17.12 0.34 -47.20
C ALA F 226 17.44 0.84 -48.60
N ILE F 227 17.38 -0.07 -49.59
CA ILE F 227 17.56 0.33 -50.98
C ILE F 227 16.36 1.13 -51.46
N ALA F 228 15.15 0.67 -51.14
CA ALA F 228 13.91 1.16 -51.72
C ALA F 228 12.90 1.49 -50.64
N ASP F 229 13.34 2.20 -49.61
CA ASP F 229 12.49 2.48 -48.45
C ASP F 229 11.45 3.53 -48.82
N GLY F 230 10.22 3.09 -49.06
CA GLY F 230 9.12 3.99 -49.33
C GLY F 230 7.99 3.35 -50.12
N PRO F 231 6.96 4.13 -50.46
CA PRO F 231 5.85 3.60 -51.26
C PRO F 231 6.30 3.22 -52.66
N VAL F 232 5.55 2.30 -53.26
CA VAL F 232 5.85 1.79 -54.60
C VAL F 232 5.30 2.79 -55.62
N ASN F 233 6.20 3.50 -56.31
CA ASN F 233 5.84 4.41 -57.38
C ASN F 233 7.06 4.59 -58.28
N GLU F 234 6.95 5.48 -59.25
CA GLU F 234 8.05 5.65 -60.22
C GLU F 234 9.22 6.39 -59.61
N THR F 235 8.95 7.43 -58.81
CA THR F 235 10.02 8.21 -58.20
C THR F 235 10.89 7.34 -57.30
N ASN F 236 10.24 6.53 -56.46
CA ASN F 236 11.00 5.66 -55.58
C ASN F 236 11.66 4.52 -56.35
N LEU F 237 11.10 4.12 -57.49
CA LEU F 237 11.79 3.16 -58.35
C LEU F 237 13.10 3.73 -58.86
N GLU F 238 13.07 4.98 -59.33
CA GLU F 238 14.31 5.59 -59.82
C GLU F 238 15.31 5.80 -58.68
N ALA F 239 14.83 6.22 -57.51
CA ALA F 239 15.72 6.37 -56.37
C ALA F 239 16.34 5.03 -55.98
N ALA F 240 15.54 3.95 -55.99
CA ALA F 240 16.04 2.63 -55.65
C ALA F 240 17.06 2.16 -56.66
N MET F 241 16.83 2.44 -57.95
CA MET F 241 17.79 2.02 -58.97
C MET F 241 19.09 2.79 -58.85
N HIS F 242 19.01 4.08 -58.51
CA HIS F 242 20.22 4.84 -58.24
C HIS F 242 20.97 4.26 -57.04
N ALA F 243 20.25 3.88 -55.99
CA ALA F 243 20.89 3.26 -54.83
C ALA F 243 21.51 1.93 -55.20
N VAL F 244 20.85 1.16 -56.06
CA VAL F 244 21.39 -0.13 -56.51
C VAL F 244 22.71 0.09 -57.23
N ARG F 245 22.75 1.06 -58.14
CA ARG F 245 23.98 1.32 -58.88
C ARG F 245 25.08 1.86 -57.98
N SER F 246 24.74 2.76 -57.06
CA SER F 246 25.74 3.39 -56.22
C SER F 246 26.33 2.42 -55.22
N LYS F 247 25.47 1.68 -54.51
CA LYS F 247 25.94 0.79 -53.45
C LYS F 247 26.51 -0.51 -53.96
N GLY F 248 26.41 -0.79 -55.25
CA GLY F 248 27.02 -1.98 -55.82
C GLY F 248 26.21 -3.23 -55.59
N PHE F 249 24.94 -3.20 -55.99
CA PHE F 249 24.06 -4.35 -55.92
C PHE F 249 23.93 -4.97 -57.31
N GLY F 250 23.99 -6.30 -57.36
CA GLY F 250 23.98 -7.01 -58.63
C GLY F 250 22.76 -6.72 -59.47
N HIS F 251 22.98 -6.15 -60.65
CA HIS F 251 21.90 -5.74 -61.53
C HIS F 251 22.31 -6.01 -62.98
N GLU F 252 21.45 -6.73 -63.70
CA GLU F 252 21.66 -6.98 -65.12
C GLU F 252 20.29 -7.02 -65.78
N GLU F 253 20.05 -6.11 -66.73
CA GLU F 253 18.75 -6.01 -67.35
C GLU F 253 18.40 -7.26 -68.15
N GLU F 254 17.15 -7.70 -68.01
CA GLU F 254 16.60 -8.82 -68.76
C GLU F 254 15.40 -8.26 -69.53
N LYS F 255 15.65 -7.84 -70.78
CA LYS F 255 14.66 -7.07 -71.51
C LYS F 255 13.42 -7.90 -71.83
N ASP F 256 13.59 -9.17 -72.17
CA ASP F 256 12.49 -10.04 -72.60
C ASP F 256 12.01 -10.95 -71.47
N ALA F 257 12.03 -10.48 -70.23
CA ALA F 257 11.50 -11.24 -69.12
C ALA F 257 9.99 -11.41 -69.28
N SER F 258 9.50 -12.57 -68.84
CA SER F 258 8.07 -12.88 -68.97
C SER F 258 7.28 -12.12 -67.91
N GLU F 259 6.20 -11.46 -68.35
CA GLU F 259 5.35 -10.66 -67.49
C GLU F 259 3.88 -11.00 -67.74
N GLY F 260 3.08 -10.93 -66.69
CA GLY F 260 1.66 -11.20 -66.79
C GLY F 260 0.93 -11.03 -65.49
N PHE F 261 -0.16 -11.77 -65.30
CA PHE F 261 -0.96 -11.71 -64.09
C PHE F 261 -1.30 -13.12 -63.62
N THR F 262 -1.41 -13.28 -62.31
CA THR F 262 -1.81 -14.55 -61.72
C THR F 262 -3.33 -14.68 -61.81
N LYS F 263 -3.80 -15.75 -62.45
CA LYS F 263 -5.21 -15.98 -62.72
C LYS F 263 -5.71 -17.13 -61.87
N GLU F 264 -7.04 -17.31 -61.91
CA GLU F 264 -7.67 -18.54 -61.41
C GLU F 264 -7.78 -19.55 -62.56
N ASP F 265 -6.62 -19.89 -63.11
CA ASP F 265 -6.48 -20.72 -64.29
C ASP F 265 -5.35 -21.72 -64.07
N PRO F 266 -5.58 -23.03 -64.19
CA PRO F 266 -4.46 -23.98 -63.98
C PRO F 266 -3.30 -23.79 -64.95
N ASN F 267 -3.56 -23.37 -66.19
CA ASN F 267 -2.53 -23.29 -67.22
C ASN F 267 -1.85 -21.91 -67.28
N CYS F 268 -1.88 -21.14 -66.19
CA CYS F 268 -1.19 -19.86 -66.15
C CYS F 268 0.26 -20.07 -65.71
N PRO F 269 1.27 -19.59 -66.44
CA PRO F 269 2.65 -19.89 -66.05
C PRO F 269 3.12 -19.19 -64.79
N PHE F 270 2.39 -18.19 -64.30
CA PHE F 270 2.80 -17.41 -63.14
C PHE F 270 2.21 -17.91 -61.82
N ASN F 271 1.39 -18.95 -61.85
CA ASN F 271 0.66 -19.38 -60.66
C ASN F 271 1.46 -20.41 -59.87
N THR F 272 1.38 -20.32 -58.55
CA THR F 272 1.90 -21.31 -57.63
C THR F 272 0.74 -22.01 -56.96
N PHE F 273 0.75 -23.34 -57.02
CA PHE F 273 -0.31 -24.17 -56.45
C PHE F 273 0.20 -24.91 -55.23
N ILE F 274 -0.72 -25.23 -54.33
CA ILE F 274 -0.40 -26.00 -53.13
C ILE F 274 -1.59 -26.91 -52.82
N HIS F 275 -1.31 -28.18 -52.60
CA HIS F 275 -2.39 -29.11 -52.28
C HIS F 275 -2.99 -28.78 -50.92
N ARG F 276 -4.27 -29.14 -50.77
CA ARG F 276 -4.97 -28.84 -49.52
C ARG F 276 -4.37 -29.59 -48.34
N LYS F 277 -3.84 -30.79 -48.56
CA LYS F 277 -3.19 -31.52 -47.48
C LYS F 277 -1.90 -30.81 -47.04
N GLU F 278 -1.09 -30.39 -48.01
CA GLU F 278 0.11 -29.65 -47.68
C GLU F 278 -0.23 -28.32 -47.02
N TYR F 279 -1.29 -27.66 -47.50
CA TYR F 279 -1.72 -26.41 -46.88
C TYR F 279 -2.13 -26.63 -45.43
N ALA F 280 -2.93 -27.66 -45.17
CA ALA F 280 -3.41 -27.91 -43.82
C ALA F 280 -2.28 -28.31 -42.90
N ASN F 281 -1.31 -29.06 -43.42
CA ASN F 281 -0.13 -29.39 -42.62
C ASN F 281 0.67 -28.14 -42.30
N LYS F 282 0.78 -27.22 -43.26
CA LYS F 282 1.64 -26.06 -43.10
C LYS F 282 0.97 -24.98 -42.25
N TYR F 283 -0.31 -24.68 -42.52
CA TYR F 283 -1.01 -23.56 -41.89
C TYR F 283 -2.25 -23.96 -41.11
N GLY F 284 -2.68 -25.22 -41.17
CA GLY F 284 -3.91 -25.64 -40.54
C GLY F 284 -5.06 -25.62 -41.52
N PRO F 285 -6.17 -26.29 -41.19
CA PRO F 285 -7.26 -26.45 -42.16
C PRO F 285 -7.89 -25.12 -42.56
N THR F 286 -8.44 -25.10 -43.77
CA THR F 286 -9.11 -23.93 -44.34
C THR F 286 -10.57 -24.27 -44.59
N THR F 287 -11.27 -23.37 -45.28
CA THR F 287 -12.71 -23.51 -45.47
C THR F 287 -13.05 -24.82 -46.18
N GLY F 288 -14.02 -25.55 -45.64
CA GLY F 288 -14.49 -26.78 -46.21
C GLY F 288 -13.81 -28.03 -45.69
N ASP F 289 -12.69 -27.89 -44.98
CA ASP F 289 -12.04 -29.04 -44.37
C ASP F 289 -12.80 -29.48 -43.14
N LYS F 290 -12.37 -30.60 -42.55
CA LYS F 290 -12.98 -31.16 -41.36
C LYS F 290 -11.90 -31.62 -40.41
N ILE F 291 -12.20 -31.54 -39.12
CA ILE F 291 -11.28 -31.88 -38.04
C ILE F 291 -11.99 -32.83 -37.10
N ARG F 292 -11.36 -33.96 -36.79
CA ARG F 292 -11.89 -34.83 -35.76
C ARG F 292 -11.50 -34.29 -34.39
N LEU F 293 -12.48 -34.22 -33.50
CA LEU F 293 -12.26 -33.65 -32.16
C LEU F 293 -11.79 -34.76 -31.24
N GLY F 294 -10.49 -34.82 -31.00
CA GLY F 294 -9.94 -35.89 -30.19
C GLY F 294 -10.15 -37.22 -30.86
N ASP F 295 -10.34 -38.26 -30.04
CA ASP F 295 -10.73 -39.58 -30.50
C ASP F 295 -12.24 -39.78 -30.51
N THR F 296 -13.01 -38.70 -30.64
CA THR F 296 -14.45 -38.78 -30.75
C THR F 296 -14.85 -39.05 -32.19
N ASN F 297 -16.16 -39.15 -32.43
CA ASN F 297 -16.72 -39.32 -33.77
C ASN F 297 -17.30 -38.02 -34.32
N LEU F 298 -16.98 -36.88 -33.72
CA LEU F 298 -17.51 -35.59 -34.11
C LEU F 298 -16.53 -34.91 -35.06
N LEU F 299 -17.07 -34.37 -36.16
CA LEU F 299 -16.27 -33.68 -37.18
C LEU F 299 -16.67 -32.21 -37.21
N ALA F 300 -15.72 -31.34 -36.86
CA ALA F 300 -15.91 -29.90 -36.93
C ALA F 300 -15.44 -29.43 -38.30
N GLU F 301 -16.35 -28.88 -39.09
CA GLU F 301 -16.03 -28.35 -40.40
C GLU F 301 -15.82 -26.84 -40.32
N ILE F 302 -14.77 -26.37 -40.98
CA ILE F 302 -14.44 -24.94 -40.94
C ILE F 302 -15.48 -24.20 -41.77
N GLU F 303 -16.30 -23.39 -41.11
CA GLU F 303 -17.37 -22.69 -41.81
C GLU F 303 -16.81 -21.62 -42.74
N LYS F 304 -15.78 -20.90 -42.30
CA LYS F 304 -15.16 -19.90 -43.16
C LYS F 304 -13.77 -19.59 -42.65
N ASP F 305 -12.99 -18.94 -43.52
CA ASP F 305 -11.58 -18.66 -43.28
C ASP F 305 -11.29 -17.24 -43.71
N TYR F 306 -10.66 -16.46 -42.82
CA TYR F 306 -10.34 -15.08 -43.11
C TYR F 306 -9.06 -14.91 -43.91
N ALA F 307 -8.30 -15.98 -44.14
CA ALA F 307 -6.99 -15.86 -44.75
C ALA F 307 -7.09 -15.72 -46.26
N LEU F 308 -6.28 -14.83 -46.82
CA LEU F 308 -6.03 -14.76 -48.25
C LEU F 308 -4.87 -15.70 -48.55
N TYR F 309 -5.09 -16.66 -49.46
CA TYR F 309 -4.10 -17.70 -49.70
C TYR F 309 -2.82 -17.12 -50.28
N GLY F 310 -1.74 -17.25 -49.53
CA GLY F 310 -0.43 -16.71 -49.91
C GLY F 310 0.17 -15.76 -48.89
N ASP F 311 -0.65 -15.20 -47.99
CA ASP F 311 -0.23 -14.18 -47.04
C ASP F 311 -0.47 -14.64 -45.61
N GLU F 312 -0.32 -15.92 -45.33
CA GLU F 312 -0.51 -16.43 -43.98
C GLU F 312 0.59 -15.91 -43.07
N CYS F 313 0.21 -15.51 -41.87
CA CYS F 313 1.17 -15.02 -40.87
C CYS F 313 1.82 -16.21 -40.19
N VAL F 314 3.06 -16.49 -40.56
CA VAL F 314 3.84 -17.59 -40.02
C VAL F 314 5.11 -17.00 -39.42
N PHE F 315 5.40 -17.36 -38.18
CA PHE F 315 6.59 -16.89 -37.48
C PHE F 315 7.65 -17.96 -37.48
N GLY F 316 8.91 -17.54 -37.59
CA GLY F 316 10.02 -18.46 -37.60
C GLY F 316 11.23 -17.82 -38.24
N GLY F 317 12.19 -18.66 -38.62
CA GLY F 317 13.38 -18.19 -39.29
C GLY F 317 13.17 -18.03 -40.78
N GLY F 318 13.27 -16.80 -41.27
CA GLY F 318 13.02 -16.54 -42.67
C GLY F 318 11.57 -16.72 -43.08
N LYS F 319 10.64 -16.32 -42.22
CA LYS F 319 9.20 -16.49 -42.43
C LYS F 319 8.52 -15.13 -42.49
N VAL F 320 7.19 -15.15 -42.54
CA VAL F 320 6.43 -13.95 -42.92
C VAL F 320 6.54 -12.86 -41.87
N ILE F 321 6.42 -13.21 -40.59
CA ILE F 321 6.30 -12.19 -39.56
C ILE F 321 7.71 -11.69 -39.26
N ARG F 322 8.16 -10.74 -40.06
CA ARG F 322 9.48 -10.14 -39.93
C ARG F 322 9.34 -8.66 -40.24
N ASP F 323 10.36 -7.89 -39.85
CA ASP F 323 10.31 -6.44 -39.98
C ASP F 323 10.12 -6.04 -41.44
N GLY F 324 9.01 -5.35 -41.71
CA GLY F 324 8.72 -4.85 -43.04
C GLY F 324 8.08 -5.85 -43.98
N MET F 325 7.86 -7.10 -43.54
CA MET F 325 7.28 -8.15 -44.37
C MET F 325 5.91 -8.57 -43.87
N GLY F 326 5.83 -9.02 -42.62
CA GLY F 326 4.57 -9.33 -41.96
C GLY F 326 4.46 -8.68 -40.60
N GLN F 327 5.49 -7.95 -40.19
CA GLN F 327 5.49 -7.12 -38.99
C GLN F 327 5.50 -5.68 -39.47
N SER F 328 4.42 -4.95 -39.17
CA SER F 328 4.30 -3.60 -39.67
C SER F 328 5.34 -2.69 -39.01
N CYS F 329 5.66 -1.60 -39.71
CA CYS F 329 6.72 -0.69 -39.31
C CYS F 329 6.27 0.76 -39.26
N GLY F 330 5.33 1.13 -40.13
CA GLY F 330 4.93 2.51 -40.30
C GLY F 330 3.57 2.85 -39.73
N HIS F 331 3.28 2.37 -38.53
CA HIS F 331 2.02 2.59 -37.83
C HIS F 331 2.30 3.10 -36.43
N PRO F 332 1.31 3.70 -35.76
CA PRO F 332 1.52 4.12 -34.37
C PRO F 332 1.86 2.94 -33.46
N PRO F 333 2.74 3.12 -32.47
CA PRO F 333 3.01 2.01 -31.54
C PRO F 333 1.78 1.52 -30.80
N ALA F 334 0.80 2.38 -30.57
CA ALA F 334 -0.28 2.10 -29.63
C ALA F 334 -1.47 1.40 -30.26
N ILE F 335 -1.47 1.15 -31.57
CA ILE F 335 -2.46 0.27 -32.20
C ILE F 335 -1.91 -1.11 -32.48
N SER F 336 -0.65 -1.38 -32.14
CA SER F 336 -0.10 -2.71 -32.29
C SER F 336 -0.76 -3.67 -31.31
N LEU F 337 -0.98 -4.90 -31.75
CA LEU F 337 -1.50 -5.92 -30.85
C LEU F 337 -0.46 -6.24 -29.78
N ASP F 338 -0.96 -6.50 -28.57
CA ASP F 338 -0.07 -7.02 -27.54
C ASP F 338 0.36 -8.44 -27.86
N THR F 339 -0.58 -9.26 -28.33
CA THR F 339 -0.30 -10.64 -28.73
C THR F 339 -1.15 -10.97 -29.93
N VAL F 340 -0.69 -11.94 -30.72
CA VAL F 340 -1.46 -12.44 -31.85
C VAL F 340 -1.33 -13.96 -31.87
N ILE F 341 -2.47 -14.66 -31.86
CA ILE F 341 -2.53 -16.09 -32.13
C ILE F 341 -2.80 -16.24 -33.61
N THR F 342 -1.89 -16.89 -34.32
CA THR F 342 -1.92 -16.94 -35.78
C THR F 342 -2.48 -18.27 -36.26
N ASN F 343 -3.30 -18.20 -37.31
CA ASN F 343 -3.77 -19.39 -38.04
C ASN F 343 -4.54 -20.33 -37.13
N ALA F 344 -5.40 -19.76 -36.29
CA ALA F 344 -6.10 -20.50 -35.26
C ALA F 344 -7.45 -21.01 -35.77
N VAL F 345 -7.78 -22.25 -35.42
CA VAL F 345 -9.12 -22.78 -35.64
C VAL F 345 -9.92 -22.51 -34.37
N ILE F 346 -10.90 -21.61 -34.48
CA ILE F 346 -11.69 -21.18 -33.34
C ILE F 346 -13.00 -21.94 -33.37
N ILE F 347 -13.24 -22.75 -32.34
CA ILE F 347 -14.52 -23.41 -32.14
C ILE F 347 -15.25 -22.66 -31.04
N ASP F 348 -16.47 -22.23 -31.33
CA ASP F 348 -17.27 -21.47 -30.37
C ASP F 348 -18.72 -21.72 -30.69
N TYR F 349 -19.59 -21.42 -29.72
CA TYR F 349 -21.02 -21.57 -29.94
C TYR F 349 -21.52 -20.72 -31.10
N THR F 350 -20.80 -19.65 -31.44
CA THR F 350 -21.15 -18.84 -32.61
C THR F 350 -20.78 -19.53 -33.92
N GLY F 351 -19.71 -20.30 -33.95
CA GLY F 351 -19.28 -20.90 -35.19
C GLY F 351 -17.92 -21.56 -35.05
N ILE F 352 -17.53 -22.21 -36.14
CA ILE F 352 -16.26 -22.93 -36.23
C ILE F 352 -15.53 -22.32 -37.42
N ILE F 353 -14.54 -21.45 -37.14
CA ILE F 353 -13.92 -20.61 -38.16
C ILE F 353 -12.40 -20.76 -38.08
N LYS F 354 -11.73 -20.14 -39.04
CA LYS F 354 -10.27 -20.09 -39.12
C LYS F 354 -9.88 -18.62 -39.18
N ALA F 355 -9.13 -18.16 -38.18
CA ALA F 355 -8.80 -16.75 -38.10
C ALA F 355 -7.60 -16.56 -37.18
N ASP F 356 -7.05 -15.36 -37.22
CA ASP F 356 -6.05 -14.89 -36.27
C ASP F 356 -6.75 -14.09 -35.18
N ILE F 357 -6.31 -14.27 -33.94
CA ILE F 357 -6.90 -13.63 -32.78
C ILE F 357 -5.89 -12.63 -32.24
N GLY F 358 -6.22 -11.34 -32.32
CA GLY F 358 -5.38 -10.30 -31.76
C GLY F 358 -5.85 -9.93 -30.37
N ILE F 359 -4.92 -9.92 -29.43
CA ILE F 359 -5.16 -9.66 -28.02
C ILE F 359 -4.47 -8.35 -27.66
N LYS F 360 -5.17 -7.48 -26.94
CA LYS F 360 -4.62 -6.20 -26.53
C LYS F 360 -5.21 -5.82 -25.19
N ASP F 361 -4.32 -5.50 -24.23
CA ASP F 361 -4.71 -5.14 -22.86
C ASP F 361 -5.50 -6.26 -22.18
N GLY F 362 -5.21 -7.50 -22.54
CA GLY F 362 -5.85 -8.63 -21.92
C GLY F 362 -7.21 -9.00 -22.46
N LEU F 363 -7.72 -8.26 -23.43
CA LEU F 363 -9.01 -8.53 -24.05
C LEU F 363 -8.80 -9.03 -25.47
N ILE F 364 -9.81 -9.71 -26.00
CA ILE F 364 -9.76 -10.15 -27.39
C ILE F 364 -9.95 -8.91 -28.24
N ALA F 365 -8.83 -8.34 -28.71
CA ALA F 365 -8.90 -7.09 -29.45
C ALA F 365 -9.63 -7.27 -30.77
N SER F 366 -9.39 -8.38 -31.46
CA SER F 366 -10.03 -8.58 -32.75
C SER F 366 -9.87 -10.03 -33.18
N ILE F 367 -10.72 -10.44 -34.10
CA ILE F 367 -10.65 -11.75 -34.75
C ILE F 367 -10.76 -11.50 -36.24
N GLY F 368 -9.81 -12.05 -37.01
CA GLY F 368 -9.83 -11.82 -38.44
C GLY F 368 -8.55 -12.23 -39.14
N LYS F 369 -7.98 -11.34 -39.94
CA LYS F 369 -6.70 -11.54 -40.59
C LYS F 369 -5.70 -10.54 -40.02
N ALA F 370 -4.61 -11.04 -39.47
CA ALA F 370 -3.51 -10.23 -38.99
C ALA F 370 -2.44 -10.11 -40.06
N GLY F 371 -1.55 -9.15 -39.89
CA GLY F 371 -0.42 -9.01 -40.76
C GLY F 371 0.00 -7.56 -40.88
N ASN F 372 0.45 -7.20 -42.08
CA ASN F 372 0.99 -5.87 -42.39
C ASN F 372 0.14 -5.22 -43.47
N PRO F 373 -0.60 -4.14 -43.20
CA PRO F 373 -1.38 -3.51 -44.28
C PRO F 373 -0.54 -2.92 -45.39
N ASP F 374 0.76 -2.71 -45.16
CA ASP F 374 1.64 -2.25 -46.23
C ASP F 374 1.87 -3.31 -47.29
N ILE F 375 1.84 -4.58 -46.90
CA ILE F 375 2.22 -5.68 -47.78
C ILE F 375 1.04 -6.58 -48.12
N MET F 376 -0.02 -6.57 -47.32
CA MET F 376 -1.08 -7.57 -47.37
C MET F 376 -2.43 -6.88 -47.55
N ASN F 377 -3.34 -7.59 -48.21
CA ASN F 377 -4.72 -7.13 -48.35
C ASN F 377 -5.57 -7.73 -47.24
N GLY F 378 -6.55 -6.96 -46.79
CA GLY F 378 -7.49 -7.45 -45.80
C GLY F 378 -7.06 -7.33 -44.37
N VAL F 379 -6.12 -6.44 -44.06
CA VAL F 379 -5.64 -6.21 -42.70
C VAL F 379 -6.23 -4.89 -42.23
N PHE F 380 -7.03 -4.95 -41.17
CA PHE F 380 -7.62 -3.76 -40.57
C PHE F 380 -6.73 -3.23 -39.45
N SER F 381 -7.01 -1.99 -39.05
CA SER F 381 -6.15 -1.30 -38.09
C SER F 381 -6.15 -1.91 -36.70
N ASN F 382 -7.09 -2.80 -36.40
CA ASN F 382 -7.10 -3.53 -35.13
C ASN F 382 -6.47 -4.91 -35.24
N MET F 383 -5.72 -5.17 -36.31
CA MET F 383 -5.10 -6.47 -36.55
C MET F 383 -3.67 -6.30 -37.08
N ILE F 384 -2.98 -5.25 -36.66
CA ILE F 384 -1.64 -4.95 -37.14
C ILE F 384 -0.62 -5.60 -36.21
N ILE F 385 0.26 -6.42 -36.77
CA ILE F 385 1.38 -7.00 -36.03
C ILE F 385 2.53 -6.00 -36.10
N GLY F 386 2.87 -5.40 -34.97
CA GLY F 386 3.98 -4.48 -34.87
C GLY F 386 5.20 -5.11 -34.22
N ALA F 387 6.19 -4.26 -33.94
CA ALA F 387 7.40 -4.70 -33.27
C ALA F 387 7.20 -4.94 -31.78
N ASN F 388 6.05 -4.58 -31.22
CA ASN F 388 5.72 -4.82 -29.82
C ASN F 388 4.70 -5.93 -29.66
N THR F 389 4.59 -6.82 -30.65
CA THR F 389 3.57 -7.86 -30.68
C THR F 389 4.22 -9.21 -30.45
N GLU F 390 3.79 -9.91 -29.42
CA GLU F 390 4.15 -11.31 -29.23
C GLU F 390 3.33 -12.19 -30.15
N VAL F 391 3.90 -13.34 -30.51
CA VAL F 391 3.30 -14.28 -31.45
C VAL F 391 3.08 -15.61 -30.74
N ILE F 392 1.87 -16.16 -30.88
CA ILE F 392 1.56 -17.53 -30.51
C ILE F 392 1.15 -18.24 -31.79
N ALA F 393 1.70 -19.43 -32.00
CA ALA F 393 1.48 -20.19 -33.24
C ALA F 393 0.26 -21.07 -33.03
N GLY F 394 -0.83 -20.75 -33.74
CA GLY F 394 -2.02 -21.57 -33.73
C GLY F 394 -2.13 -22.47 -34.93
N GLU F 395 -1.03 -22.68 -35.65
CA GLU F 395 -1.04 -23.51 -36.84
C GLU F 395 -1.36 -24.95 -36.44
N GLY F 396 -2.54 -25.43 -36.84
CA GLY F 396 -2.93 -26.78 -36.56
C GLY F 396 -3.47 -27.03 -35.17
N LEU F 397 -3.67 -25.98 -34.37
CA LEU F 397 -4.25 -26.08 -33.04
C LEU F 397 -5.65 -25.48 -33.04
N ILE F 398 -6.44 -25.88 -32.04
CA ILE F 398 -7.80 -25.40 -31.86
C ILE F 398 -7.83 -24.44 -30.68
N VAL F 399 -8.56 -23.34 -30.83
CA VAL F 399 -8.69 -22.31 -29.81
C VAL F 399 -10.11 -22.36 -29.27
N THR F 400 -10.23 -22.38 -27.94
CA THR F 400 -11.52 -22.46 -27.29
C THR F 400 -11.56 -21.47 -26.14
N ALA F 401 -12.74 -20.94 -25.85
CA ALA F 401 -12.90 -20.11 -24.67
C ALA F 401 -12.71 -20.96 -23.41
N GLY F 402 -12.10 -20.36 -22.40
CA GLY F 402 -11.92 -21.06 -21.14
C GLY F 402 -13.26 -21.48 -20.55
N ALA F 403 -13.33 -22.73 -20.11
CA ALA F 403 -14.57 -23.26 -19.57
C ALA F 403 -14.94 -22.56 -18.28
N ILE F 404 -16.25 -22.51 -18.01
CA ILE F 404 -16.80 -21.92 -16.80
C ILE F 404 -17.47 -23.03 -16.02
N ASP F 405 -17.00 -23.25 -14.78
CA ASP F 405 -17.53 -24.28 -13.90
C ASP F 405 -18.33 -23.60 -12.81
N CYS F 406 -19.65 -23.80 -12.82
CA CYS F 406 -20.57 -23.04 -11.99
C CYS F 406 -21.03 -23.78 -10.73
N HIS F 407 -20.46 -24.94 -10.44
CA HIS F 407 -20.85 -25.74 -9.28
C HIS F 407 -19.61 -26.28 -8.59
N VAL F 408 -18.66 -25.41 -8.30
CA VAL F 408 -17.46 -25.77 -7.57
C VAL F 408 -17.73 -25.70 -6.08
N HIS F 409 -17.27 -26.71 -5.35
CA HIS F 409 -17.18 -26.66 -3.89
C HIS F 409 -15.73 -26.37 -3.54
N TYR F 410 -15.49 -25.23 -2.90
CA TYR F 410 -14.13 -24.82 -2.56
C TYR F 410 -13.72 -25.60 -1.32
N ILE F 411 -13.39 -26.88 -1.54
CA ILE F 411 -13.00 -27.78 -0.46
C ILE F 411 -11.48 -27.76 -0.25
N CYS F 412 -10.72 -27.51 -1.30
CA CYS F 412 -9.27 -27.39 -1.18
C CYS F 412 -8.78 -26.47 -2.31
N PRO F 413 -7.57 -25.90 -2.18
CA PRO F 413 -7.02 -25.12 -3.29
C PRO F 413 -6.41 -25.95 -4.40
N GLN F 414 -6.24 -27.26 -4.21
CA GLN F 414 -5.65 -28.08 -5.25
C GLN F 414 -6.63 -28.36 -6.40
N LEU F 415 -7.93 -28.29 -6.14
CA LEU F 415 -8.89 -28.40 -7.23
C LEU F 415 -8.80 -27.20 -8.15
N VAL F 416 -8.32 -26.06 -7.68
CA VAL F 416 -8.11 -24.92 -8.56
C VAL F 416 -7.02 -25.24 -9.59
N TYR F 417 -5.92 -25.84 -9.13
CA TYR F 417 -4.86 -26.23 -10.05
C TYR F 417 -5.35 -27.31 -11.00
N GLU F 418 -6.09 -28.29 -10.49
CA GLU F 418 -6.63 -29.33 -11.35
C GLU F 418 -7.57 -28.77 -12.39
N ALA F 419 -8.36 -27.75 -12.03
CA ALA F 419 -9.30 -27.17 -12.97
C ALA F 419 -8.58 -26.36 -14.04
N ILE F 420 -7.64 -25.50 -13.64
CA ILE F 420 -6.98 -24.65 -14.63
C ILE F 420 -6.09 -25.49 -15.54
N SER F 421 -5.54 -26.60 -15.05
CA SER F 421 -4.74 -27.47 -15.90
C SER F 421 -5.58 -28.18 -16.95
N SER F 422 -6.91 -28.17 -16.84
CA SER F 422 -7.81 -28.83 -17.79
C SER F 422 -8.57 -27.85 -18.67
N GLY F 423 -8.30 -26.55 -18.57
CA GLY F 423 -8.93 -25.56 -19.42
C GLY F 423 -10.11 -24.82 -18.82
N ILE F 424 -10.31 -24.89 -17.51
CA ILE F 424 -11.35 -24.13 -16.83
C ILE F 424 -10.71 -22.85 -16.30
N THR F 425 -11.23 -21.70 -16.73
CA THR F 425 -10.69 -20.41 -16.36
C THR F 425 -11.54 -19.64 -15.36
N THR F 426 -12.77 -20.09 -15.09
CA THR F 426 -13.68 -19.41 -14.18
C THR F 426 -14.37 -20.45 -13.32
N LEU F 427 -14.34 -20.23 -12.00
CA LEU F 427 -15.05 -21.04 -11.03
C LEU F 427 -16.08 -20.18 -10.33
N VAL F 428 -17.32 -20.64 -10.31
CA VAL F 428 -18.38 -20.05 -9.50
C VAL F 428 -18.88 -21.13 -8.54
N GLY F 429 -19.07 -20.75 -7.29
CA GLY F 429 -19.45 -21.73 -6.28
C GLY F 429 -19.42 -21.13 -4.90
N GLY F 430 -19.12 -21.97 -3.92
CA GLY F 430 -19.04 -21.51 -2.55
C GLY F 430 -18.30 -22.51 -1.69
N GLY F 431 -17.75 -22.02 -0.60
CA GLY F 431 -17.02 -22.85 0.33
C GLY F 431 -16.00 -22.06 1.09
N THR F 432 -15.38 -22.72 2.06
CA THR F 432 -14.36 -22.12 2.91
C THR F 432 -13.20 -23.06 3.20
N GLY F 433 -13.19 -24.27 2.64
CA GLY F 433 -12.25 -25.29 3.02
C GLY F 433 -12.97 -26.61 3.25
N PRO F 434 -12.30 -27.58 3.88
CA PRO F 434 -12.92 -28.90 4.06
C PRO F 434 -13.86 -28.99 5.25
N ALA F 435 -14.36 -27.85 5.76
CA ALA F 435 -15.39 -27.88 6.77
C ALA F 435 -16.60 -28.68 6.29
N ALA F 436 -17.33 -29.28 7.24
CA ALA F 436 -18.42 -30.18 6.90
C ALA F 436 -19.53 -29.46 6.14
N GLY F 437 -19.71 -28.16 6.38
CA GLY F 437 -20.77 -27.44 5.70
C GLY F 437 -20.50 -27.21 4.23
N THR F 438 -19.24 -27.17 3.83
CA THR F 438 -18.86 -26.90 2.45
C THR F 438 -18.54 -28.16 1.66
N ARG F 439 -18.25 -29.27 2.34
CA ARG F 439 -18.18 -30.56 1.67
C ARG F 439 -19.52 -31.00 1.13
N ALA F 440 -20.62 -30.44 1.65
CA ALA F 440 -21.97 -30.78 1.20
C ALA F 440 -22.62 -29.71 0.35
N THR F 441 -22.33 -28.43 0.58
CA THR F 441 -23.04 -27.33 -0.06
C THR F 441 -22.04 -26.33 -0.63
N THR F 442 -22.48 -25.60 -1.64
CA THR F 442 -21.71 -24.50 -2.22
C THR F 442 -22.05 -23.17 -1.57
N CYS F 443 -21.98 -23.12 -0.24
CA CYS F 443 -22.33 -21.95 0.54
C CYS F 443 -21.09 -21.42 1.25
N THR F 444 -20.89 -20.11 1.16
CA THR F 444 -19.88 -19.39 1.93
C THR F 444 -20.61 -18.57 2.98
N PRO F 445 -20.92 -19.14 4.16
CA PRO F 445 -21.90 -18.49 5.05
C PRO F 445 -21.46 -17.16 5.63
N SER F 446 -20.28 -17.13 6.24
CA SER F 446 -19.92 -15.96 7.03
C SER F 446 -19.36 -14.85 6.13
N PRO F 447 -19.64 -13.57 6.44
CA PRO F 447 -18.94 -12.50 5.71
C PRO F 447 -17.44 -12.49 5.94
N THR F 448 -16.98 -12.89 7.13
CA THR F 448 -15.55 -12.96 7.37
C THR F 448 -14.92 -14.03 6.50
N GLN F 449 -15.61 -15.16 6.34
CA GLN F 449 -15.15 -16.18 5.42
C GLN F 449 -15.18 -15.70 3.97
N MET F 450 -16.16 -14.86 3.62
CA MET F 450 -16.17 -14.27 2.28
C MET F 450 -14.93 -13.42 2.06
N ARG F 451 -14.59 -12.57 3.04
CA ARG F 451 -13.37 -11.76 2.94
C ARG F 451 -12.13 -12.65 2.83
N LEU F 452 -12.04 -13.67 3.68
CA LEU F 452 -10.87 -14.53 3.68
C LEU F 452 -10.73 -15.29 2.37
N MET F 453 -11.85 -15.71 1.77
CA MET F 453 -11.80 -16.47 0.54
C MET F 453 -11.46 -15.57 -0.64
N LEU F 454 -11.98 -14.34 -0.65
CA LEU F 454 -11.58 -13.42 -1.69
C LEU F 454 -10.11 -13.03 -1.57
N GLN F 455 -9.59 -12.97 -0.35
CA GLN F 455 -8.18 -12.63 -0.15
C GLN F 455 -7.24 -13.79 -0.48
N SER F 456 -7.66 -15.02 -0.17
CA SER F 456 -6.79 -16.16 -0.40
C SER F 456 -6.66 -16.49 -1.88
N THR F 457 -7.75 -16.34 -2.64
CA THR F 457 -7.75 -16.59 -4.07
C THR F 457 -7.36 -15.36 -4.88
N ASP F 458 -6.78 -14.34 -4.25
CA ASP F 458 -6.50 -13.10 -4.93
C ASP F 458 -5.38 -13.24 -5.96
N ASP F 459 -4.40 -14.10 -5.69
CA ASP F 459 -3.24 -14.26 -6.56
C ASP F 459 -3.42 -15.37 -7.60
N LEU F 460 -4.50 -16.15 -7.52
CA LEU F 460 -4.66 -17.24 -8.47
C LEU F 460 -5.13 -16.70 -9.82
N PRO F 461 -4.64 -17.27 -10.95
CA PRO F 461 -5.02 -16.73 -12.27
C PRO F 461 -6.30 -17.37 -12.81
N LEU F 462 -7.37 -17.28 -12.03
CA LEU F 462 -8.69 -17.71 -12.42
C LEU F 462 -9.70 -16.64 -12.04
N ASN F 463 -10.83 -16.64 -12.73
CA ASN F 463 -11.97 -15.84 -12.31
C ASN F 463 -12.74 -16.60 -11.24
N PHE F 464 -13.17 -15.88 -10.22
CA PHE F 464 -13.80 -16.48 -9.05
C PHE F 464 -15.12 -15.79 -8.74
N GLY F 465 -16.12 -16.60 -8.40
CA GLY F 465 -17.38 -16.11 -7.88
C GLY F 465 -17.82 -16.95 -6.70
N PHE F 466 -18.16 -16.29 -5.59
CA PHE F 466 -18.53 -16.96 -4.35
C PHE F 466 -20.00 -16.72 -4.05
N THR F 467 -20.68 -17.77 -3.58
CA THR F 467 -22.09 -17.71 -3.24
C THR F 467 -22.27 -17.94 -1.73
N GLY F 468 -23.33 -17.34 -1.19
CA GLY F 468 -23.65 -17.46 0.22
C GLY F 468 -24.76 -18.47 0.48
N LYS F 469 -25.10 -18.60 1.75
CA LYS F 469 -26.15 -19.52 2.20
C LYS F 469 -27.48 -18.79 2.17
N GLY F 470 -28.32 -19.12 1.20
CA GLY F 470 -29.63 -18.55 1.04
C GLY F 470 -30.75 -19.28 1.76
N SER F 471 -30.43 -20.31 2.55
CA SER F 471 -31.45 -21.14 3.18
C SER F 471 -31.88 -20.52 4.50
N SER F 472 -32.67 -19.46 4.39
CA SER F 472 -33.22 -18.77 5.55
C SER F 472 -34.61 -18.25 5.19
N SER F 473 -35.52 -18.27 6.16
CA SER F 473 -36.87 -17.77 5.96
C SER F 473 -37.00 -16.27 6.22
N LYS F 474 -35.99 -15.64 6.84
CA LYS F 474 -35.93 -14.19 7.03
C LYS F 474 -34.77 -13.61 6.22
N PRO F 475 -34.86 -12.36 5.76
CA PRO F 475 -33.88 -11.86 4.78
C PRO F 475 -32.64 -11.20 5.34
N ASP F 476 -32.40 -11.25 6.66
CA ASP F 476 -31.39 -10.39 7.27
C ASP F 476 -29.98 -10.85 6.90
N GLU F 477 -29.64 -12.08 7.28
CA GLU F 477 -28.30 -12.60 7.04
C GLU F 477 -28.03 -12.77 5.56
N LEU F 478 -29.06 -12.99 4.76
CA LEU F 478 -28.87 -13.06 3.31
C LEU F 478 -28.44 -11.71 2.76
N HIS F 479 -29.06 -10.63 3.25
CA HIS F 479 -28.60 -9.29 2.87
C HIS F 479 -27.16 -9.08 3.30
N GLU F 480 -26.82 -9.52 4.52
CA GLU F 480 -25.46 -9.32 5.01
C GLU F 480 -24.43 -10.04 4.14
N ILE F 481 -24.71 -11.28 3.75
CA ILE F 481 -23.72 -12.02 2.97
C ILE F 481 -23.69 -11.55 1.52
N ILE F 482 -24.80 -11.05 0.98
CA ILE F 482 -24.76 -10.48 -0.36
C ILE F 482 -23.94 -9.20 -0.36
N LYS F 483 -24.09 -8.39 0.69
CA LYS F 483 -23.34 -7.14 0.79
C LYS F 483 -21.84 -7.36 0.90
N ALA F 484 -21.42 -8.52 1.40
CA ALA F 484 -20.02 -8.77 1.68
C ALA F 484 -19.23 -9.27 0.47
N GLY F 485 -19.91 -9.65 -0.62
CA GLY F 485 -19.22 -10.12 -1.81
C GLY F 485 -19.91 -11.24 -2.55
N ALA F 486 -20.92 -11.87 -1.93
CA ALA F 486 -21.55 -13.03 -2.54
C ALA F 486 -22.29 -12.62 -3.81
N MET F 487 -21.97 -13.28 -4.92
CA MET F 487 -22.61 -13.04 -6.20
C MET F 487 -23.80 -13.98 -6.46
N GLY F 488 -24.18 -14.80 -5.48
CA GLY F 488 -25.34 -15.65 -5.61
C GLY F 488 -25.62 -16.30 -4.28
N LEU F 489 -26.78 -16.95 -4.21
CA LEU F 489 -27.17 -17.70 -3.01
C LEU F 489 -27.55 -19.12 -3.38
N KCX F 490 -27.19 -20.05 -2.51
CA KCX F 490 -27.48 -21.46 -2.69
CB KCX F 490 -26.19 -22.28 -2.54
CG KCX F 490 -26.33 -23.80 -2.63
CD KCX F 490 -26.80 -24.26 -3.99
CE KCX F 490 -26.85 -25.77 -4.08
NZ KCX F 490 -25.52 -26.40 -3.90
C KCX F 490 -28.53 -21.92 -1.68
O KCX F 490 -28.33 -21.81 -0.48
CX KCX F 490 -25.31 -27.68 -4.22
OQ1 KCX F 490 -26.24 -28.36 -4.68
OQ2 KCX F 490 -24.19 -28.19 -4.07
N LEU F 491 -29.65 -22.43 -2.19
CA LEU F 491 -30.61 -23.15 -1.38
C LEU F 491 -30.27 -24.62 -1.42
N HIS F 492 -30.11 -25.23 -0.25
CA HIS F 492 -29.64 -26.61 -0.15
C HIS F 492 -30.52 -27.38 0.81
N GLU F 493 -30.71 -28.67 0.51
CA GLU F 493 -31.49 -29.55 1.36
C GLU F 493 -30.91 -29.64 2.76
N ASP F 494 -29.59 -29.47 2.91
CA ASP F 494 -28.92 -29.67 4.18
C ASP F 494 -29.09 -28.50 5.13
N TRP F 495 -29.45 -27.32 4.61
CA TRP F 495 -29.75 -26.15 5.42
C TRP F 495 -31.23 -25.85 5.50
N GLY F 496 -32.06 -26.48 4.66
CA GLY F 496 -33.48 -26.20 4.58
C GLY F 496 -33.85 -25.55 3.27
N SER F 497 -34.40 -26.35 2.35
CA SER F 497 -34.79 -25.92 1.02
C SER F 497 -36.31 -25.90 0.88
N THR F 498 -36.99 -25.43 1.92
CA THR F 498 -38.44 -25.45 1.99
C THR F 498 -39.02 -24.32 1.15
N PRO F 499 -40.34 -24.33 0.91
CA PRO F 499 -40.94 -23.24 0.12
C PRO F 499 -40.75 -21.86 0.72
N ALA F 500 -40.75 -21.73 2.05
CA ALA F 500 -40.54 -20.42 2.66
C ALA F 500 -39.15 -19.89 2.34
N ALA F 501 -38.13 -20.74 2.45
CA ALA F 501 -36.77 -20.33 2.11
C ALA F 501 -36.66 -19.98 0.64
N ILE F 502 -37.35 -20.73 -0.23
CA ILE F 502 -37.32 -20.45 -1.66
C ILE F 502 -37.90 -19.07 -1.94
N ASP F 503 -39.06 -18.78 -1.35
CA ASP F 503 -39.69 -17.48 -1.57
C ASP F 503 -38.81 -16.35 -1.06
N ASN F 504 -38.24 -16.50 0.13
CA ASN F 504 -37.40 -15.46 0.70
C ASN F 504 -36.16 -15.22 -0.16
N CYS F 505 -35.48 -16.30 -0.54
CA CYS F 505 -34.27 -16.17 -1.34
C CYS F 505 -34.58 -15.55 -2.69
N LEU F 506 -35.73 -15.89 -3.29
CA LEU F 506 -36.05 -15.36 -4.61
C LEU F 506 -36.42 -13.90 -4.56
N THR F 507 -37.14 -13.45 -3.52
CA THR F 507 -37.42 -12.02 -3.44
C THR F 507 -36.15 -11.23 -3.17
N ILE F 508 -35.24 -11.76 -2.36
CA ILE F 508 -33.96 -11.09 -2.16
C ILE F 508 -33.15 -11.06 -3.46
N ALA F 509 -33.24 -12.14 -4.25
CA ALA F 509 -32.56 -12.15 -5.54
C ALA F 509 -33.10 -11.07 -6.47
N GLU F 510 -34.43 -10.94 -6.52
CA GLU F 510 -35.02 -9.89 -7.34
C GLU F 510 -34.60 -8.51 -6.87
N HIS F 511 -34.42 -8.35 -5.55
CA HIS F 511 -33.89 -7.09 -5.03
C HIS F 511 -32.46 -6.85 -5.54
N HIS F 512 -31.58 -7.84 -5.38
CA HIS F 512 -30.15 -7.63 -5.53
C HIS F 512 -29.60 -7.98 -6.91
N ASP F 513 -30.42 -8.55 -7.80
CA ASP F 513 -29.97 -8.90 -9.15
C ASP F 513 -28.82 -9.91 -9.12
N ILE F 514 -28.99 -10.95 -8.33
CA ILE F 514 -28.08 -12.08 -8.28
C ILE F 514 -28.85 -13.34 -8.67
N GLN F 515 -28.10 -14.40 -8.96
CA GLN F 515 -28.70 -15.67 -9.33
C GLN F 515 -28.89 -16.55 -8.10
N ILE F 516 -29.93 -17.37 -8.12
CA ILE F 516 -30.24 -18.30 -7.05
C ILE F 516 -30.04 -19.71 -7.60
N ASN F 517 -29.12 -20.44 -7.00
CA ASN F 517 -28.94 -21.86 -7.25
C ASN F 517 -29.68 -22.62 -6.16
N ILE F 518 -30.35 -23.71 -6.54
CA ILE F 518 -31.19 -24.46 -5.63
C ILE F 518 -30.88 -25.94 -5.74
N HIS F 519 -30.80 -26.60 -4.60
CA HIS F 519 -30.77 -28.05 -4.46
C HIS F 519 -31.99 -28.39 -3.61
N THR F 520 -33.02 -28.92 -4.25
CA THR F 520 -34.35 -28.99 -3.68
C THR F 520 -34.45 -30.13 -2.66
N ASP F 521 -35.60 -30.23 -2.03
CA ASP F 521 -35.83 -31.17 -0.93
C ASP F 521 -36.02 -32.57 -1.51
N THR F 522 -35.04 -33.44 -1.29
CA THR F 522 -35.14 -34.81 -1.79
C THR F 522 -36.08 -35.65 -0.95
N LEU F 523 -36.20 -35.35 0.34
CA LEU F 523 -37.09 -36.09 1.22
C LEU F 523 -38.56 -35.80 0.96
N ASN F 524 -38.89 -34.81 0.15
CA ASN F 524 -40.27 -34.37 -0.06
C ASN F 524 -40.92 -34.01 1.27
N GLU F 525 -40.15 -33.31 2.11
CA GLU F 525 -40.54 -33.09 3.51
C GLU F 525 -41.52 -31.94 3.67
N ALA F 526 -41.25 -30.80 3.01
CA ALA F 526 -42.18 -29.69 3.02
C ALA F 526 -43.19 -29.78 1.89
N GLY F 527 -42.82 -30.41 0.79
CA GLY F 527 -43.72 -30.56 -0.33
C GLY F 527 -43.05 -31.37 -1.41
N PHE F 528 -43.82 -31.67 -2.44
CA PHE F 528 -43.33 -32.29 -3.66
C PHE F 528 -42.80 -31.22 -4.61
N VAL F 529 -42.36 -31.64 -5.80
CA VAL F 529 -41.68 -30.72 -6.72
C VAL F 529 -42.64 -29.69 -7.28
N GLU F 530 -43.93 -30.03 -7.42
CA GLU F 530 -44.90 -29.04 -7.84
C GLU F 530 -45.00 -27.90 -6.84
N HIS F 531 -44.83 -28.20 -5.56
CA HIS F 531 -44.87 -27.15 -4.54
C HIS F 531 -43.62 -26.28 -4.56
N SER F 532 -42.45 -26.87 -4.86
CA SER F 532 -41.26 -26.05 -5.08
C SER F 532 -41.44 -25.14 -6.29
N ILE F 533 -42.00 -25.67 -7.38
CA ILE F 533 -42.23 -24.86 -8.57
C ILE F 533 -43.25 -23.76 -8.28
N ALA F 534 -44.25 -24.06 -7.45
CA ALA F 534 -45.18 -23.02 -7.01
C ALA F 534 -44.45 -21.95 -6.19
N ALA F 535 -43.51 -22.38 -5.35
CA ALA F 535 -42.73 -21.41 -4.58
C ALA F 535 -41.85 -20.55 -5.47
N PHE F 536 -41.46 -21.05 -6.65
CA PHE F 536 -40.70 -20.22 -7.57
C PHE F 536 -41.51 -19.01 -8.02
N LYS F 537 -42.81 -19.19 -8.21
CA LYS F 537 -43.73 -18.13 -8.63
C LYS F 537 -43.28 -17.49 -9.94
N GLY F 538 -42.79 -18.32 -10.87
CA GLY F 538 -42.39 -17.83 -12.17
C GLY F 538 -41.12 -17.01 -12.18
N ARG F 539 -40.38 -16.97 -11.08
CA ARG F 539 -39.15 -16.20 -11.00
C ARG F 539 -37.97 -17.03 -11.46
N THR F 540 -36.97 -16.36 -12.02
CA THR F 540 -35.79 -17.04 -12.52
C THR F 540 -35.06 -17.77 -11.41
N ILE F 541 -34.63 -19.00 -11.69
CA ILE F 541 -33.87 -19.78 -10.73
C ILE F 541 -33.02 -20.78 -11.50
N HIS F 542 -31.77 -20.92 -11.08
CA HIS F 542 -30.87 -21.95 -11.59
C HIS F 542 -31.05 -23.19 -10.74
N THR F 543 -31.27 -24.33 -11.37
CA THR F 543 -31.38 -25.61 -10.68
C THR F 543 -30.14 -26.43 -10.93
N TYR F 544 -29.44 -26.79 -9.86
CA TYR F 544 -28.26 -27.63 -9.96
C TYR F 544 -28.68 -29.09 -10.01
N HIS F 545 -27.94 -29.89 -10.80
CA HIS F 545 -28.17 -31.33 -11.01
C HIS F 545 -29.66 -31.65 -11.13
N SER F 546 -30.29 -31.12 -12.18
CA SER F 546 -31.74 -31.17 -12.31
C SER F 546 -32.28 -32.59 -12.40
N GLU F 547 -31.47 -33.54 -12.90
CA GLU F 547 -31.89 -34.93 -12.88
C GLU F 547 -32.15 -35.44 -11.47
N GLY F 548 -31.29 -35.09 -10.53
CA GLY F 548 -31.46 -35.46 -9.14
C GLY F 548 -30.55 -36.57 -8.64
N ALA F 549 -29.59 -37.03 -9.44
CA ALA F 549 -28.56 -37.91 -8.90
C ALA F 549 -27.75 -37.18 -7.84
N GLY F 550 -27.37 -35.94 -8.13
CA GLY F 550 -26.77 -35.11 -7.09
C GLY F 550 -27.76 -34.81 -5.97
N GLY F 551 -29.01 -34.63 -6.32
CA GLY F 551 -30.08 -34.50 -5.35
C GLY F 551 -31.20 -33.64 -5.89
N GLY F 552 -32.36 -33.75 -5.22
CA GLY F 552 -33.55 -33.06 -5.63
C GLY F 552 -34.76 -33.92 -5.34
N HIS F 553 -35.96 -33.39 -5.55
CA HIS F 553 -37.20 -34.11 -5.25
C HIS F 553 -37.22 -35.46 -5.93
N ALA F 554 -37.23 -36.52 -5.13
CA ALA F 554 -37.19 -37.87 -5.65
C ALA F 554 -38.58 -38.28 -6.13
N PRO F 555 -38.76 -38.70 -7.40
CA PRO F 555 -37.90 -38.77 -8.59
C PRO F 555 -38.20 -37.70 -9.62
N ASP F 556 -39.07 -36.75 -9.27
CA ASP F 556 -39.71 -35.88 -10.23
C ASP F 556 -39.00 -34.55 -10.43
N ILE F 557 -37.78 -34.39 -9.89
CA ILE F 557 -37.09 -33.11 -10.00
C ILE F 557 -36.79 -32.77 -11.45
N ILE F 558 -36.58 -33.79 -12.30
CA ILE F 558 -36.25 -33.58 -13.70
C ILE F 558 -37.33 -32.80 -14.43
N LYS F 559 -38.55 -32.74 -13.89
CA LYS F 559 -39.62 -31.95 -14.48
C LYS F 559 -39.23 -30.48 -14.64
N VAL F 560 -38.30 -29.99 -13.82
CA VAL F 560 -37.88 -28.60 -13.92
C VAL F 560 -37.24 -28.30 -15.28
N CYS F 561 -36.81 -29.32 -16.02
CA CYS F 561 -36.29 -29.07 -17.37
C CYS F 561 -37.36 -28.56 -18.32
N GLY F 562 -38.64 -28.68 -17.99
CA GLY F 562 -39.71 -28.19 -18.85
C GLY F 562 -40.22 -26.80 -18.48
N ILE F 563 -39.80 -26.29 -17.32
CA ILE F 563 -40.28 -25.00 -16.84
C ILE F 563 -39.52 -23.88 -17.55
N LYS F 564 -40.25 -22.82 -17.92
CA LYS F 564 -39.66 -21.76 -18.73
C LYS F 564 -38.67 -20.92 -17.93
N ASN F 565 -39.01 -20.58 -16.68
CA ASN F 565 -38.16 -19.69 -15.89
C ASN F 565 -37.00 -20.41 -15.22
N VAL F 566 -36.94 -21.74 -15.26
CA VAL F 566 -35.87 -22.49 -14.63
C VAL F 566 -34.73 -22.66 -15.63
N LEU F 567 -33.51 -22.32 -15.20
CA LEU F 567 -32.31 -22.62 -15.96
C LEU F 567 -31.74 -23.92 -15.42
N PRO F 568 -31.82 -25.04 -16.14
CA PRO F 568 -31.34 -26.30 -15.57
C PRO F 568 -29.89 -26.61 -15.92
N SER F 569 -29.26 -27.36 -15.03
CA SER F 569 -27.91 -27.85 -15.23
C SER F 569 -27.81 -29.27 -14.74
N SER F 570 -26.82 -29.98 -15.27
CA SER F 570 -26.48 -31.33 -14.84
C SER F 570 -25.02 -31.34 -14.43
N THR F 571 -24.68 -32.25 -13.53
CA THR F 571 -23.30 -32.42 -13.06
C THR F 571 -22.62 -33.51 -13.88
N ASN F 572 -21.29 -33.48 -13.88
CA ASN F 572 -20.56 -34.35 -14.80
C ASN F 572 -20.52 -35.85 -14.44
N PRO F 573 -20.56 -36.30 -13.17
CA PRO F 573 -20.24 -37.71 -12.93
C PRO F 573 -21.26 -38.68 -13.50
N THR F 574 -22.45 -38.21 -13.88
CA THR F 574 -23.43 -39.01 -14.60
C THR F 574 -23.35 -38.82 -16.11
N ARG F 575 -22.39 -38.03 -16.61
CA ARG F 575 -22.33 -37.69 -18.03
C ARG F 575 -21.26 -38.55 -18.70
N PRO F 576 -21.62 -39.50 -19.57
CA PRO F 576 -22.91 -40.10 -19.96
C PRO F 576 -23.25 -41.31 -19.10
N LEU F 577 -24.45 -41.86 -19.26
CA LEU F 577 -24.77 -43.12 -18.59
C LEU F 577 -23.90 -44.23 -19.16
N THR F 578 -23.25 -44.98 -18.28
CA THR F 578 -22.39 -46.09 -18.66
C THR F 578 -22.70 -47.27 -17.74
N SER F 579 -22.06 -48.41 -18.02
CA SER F 579 -22.39 -49.63 -17.30
C SER F 579 -22.05 -49.54 -15.82
N ASN F 580 -21.02 -48.78 -15.46
CA ASN F 580 -20.57 -48.67 -14.08
C ASN F 580 -21.20 -47.50 -13.35
N THR F 581 -22.14 -46.78 -13.97
CA THR F 581 -22.68 -45.56 -13.39
C THR F 581 -23.48 -45.84 -12.13
N ILE F 582 -24.42 -46.79 -12.20
CA ILE F 582 -25.39 -46.93 -11.12
C ILE F 582 -24.76 -47.47 -9.86
N ASP F 583 -23.89 -48.49 -9.98
CA ASP F 583 -23.22 -49.02 -8.80
C ASP F 583 -22.33 -47.97 -8.16
N GLU F 584 -21.58 -47.25 -8.99
CA GLU F 584 -20.72 -46.15 -8.52
C GLU F 584 -21.52 -45.16 -7.70
N HIS F 585 -22.54 -44.54 -8.30
CA HIS F 585 -23.31 -43.52 -7.59
C HIS F 585 -24.09 -44.08 -6.42
N LEU F 586 -24.59 -45.31 -6.51
CA LEU F 586 -25.35 -45.87 -5.40
C LEU F 586 -24.49 -46.00 -4.16
N ASP F 587 -23.32 -46.63 -4.29
CA ASP F 587 -22.50 -46.81 -3.11
C ASP F 587 -21.77 -45.52 -2.74
N MET F 588 -21.55 -44.61 -3.70
CA MET F 588 -21.08 -43.27 -3.40
C MET F 588 -22.05 -42.55 -2.49
N LEU F 589 -23.34 -42.63 -2.81
CA LEU F 589 -24.37 -42.03 -1.97
C LEU F 589 -24.40 -42.67 -0.60
N MET F 590 -24.25 -43.99 -0.54
CA MET F 590 -24.18 -44.66 0.75
C MET F 590 -23.02 -44.13 1.59
N VAL F 591 -21.86 -43.92 0.96
CA VAL F 591 -20.72 -43.39 1.70
C VAL F 591 -20.98 -41.96 2.15
N CYS F 592 -21.50 -41.12 1.25
CA CYS F 592 -21.69 -39.70 1.55
C CYS F 592 -22.67 -39.51 2.69
N HIS F 593 -23.79 -40.23 2.66
CA HIS F 593 -24.85 -40.03 3.65
C HIS F 593 -24.73 -40.99 4.83
N HIS F 594 -23.65 -41.77 4.91
CA HIS F 594 -23.40 -42.66 6.05
C HIS F 594 -24.55 -43.64 6.23
N LEU F 595 -25.04 -44.16 5.11
CA LEU F 595 -26.16 -45.08 5.08
C LEU F 595 -25.67 -46.53 5.16
N ASP F 596 -26.55 -47.40 5.64
CA ASP F 596 -26.27 -48.82 5.78
C ASP F 596 -27.13 -49.60 4.80
N ARG F 597 -26.50 -50.43 3.97
CA ARG F 597 -27.23 -51.24 3.01
C ARG F 597 -28.17 -52.24 3.70
N GLU F 598 -27.89 -52.61 4.94
CA GLU F 598 -28.69 -53.60 5.65
C GLU F 598 -29.94 -53.02 6.30
N ILE F 599 -30.08 -51.69 6.36
CA ILE F 599 -31.26 -51.05 6.89
C ILE F 599 -32.22 -50.81 5.73
N PRO F 600 -33.47 -51.33 5.77
CA PRO F 600 -34.36 -51.16 4.60
C PRO F 600 -34.65 -49.71 4.25
N GLU F 601 -34.81 -48.82 5.23
CA GLU F 601 -35.13 -47.43 4.93
C GLU F 601 -33.97 -46.74 4.22
N ASP F 602 -32.74 -47.01 4.67
CA ASP F 602 -31.58 -46.38 4.05
C ASP F 602 -31.44 -46.79 2.58
N LEU F 603 -31.57 -48.08 2.31
CA LEU F 603 -31.44 -48.55 0.94
C LEU F 603 -32.62 -48.10 0.09
N ALA F 604 -33.81 -47.99 0.68
CA ALA F 604 -34.95 -47.46 -0.05
C ALA F 604 -34.72 -46.02 -0.46
N PHE F 605 -34.18 -45.20 0.45
CA PHE F 605 -33.83 -43.83 0.11
C PHE F 605 -32.79 -43.78 -1.00
N ALA F 606 -31.75 -44.61 -0.88
CA ALA F 606 -30.68 -44.62 -1.87
C ALA F 606 -31.21 -44.99 -3.25
N HIS F 607 -32.06 -46.03 -3.33
CA HIS F 607 -32.63 -46.41 -4.61
C HIS F 607 -33.64 -45.37 -5.11
N SER F 608 -34.27 -44.64 -4.19
CA SER F 608 -35.15 -43.56 -4.60
C SER F 608 -34.39 -42.45 -5.31
N ARG F 609 -33.16 -42.17 -4.88
CA ARG F 609 -32.38 -41.13 -5.54
C ARG F 609 -31.62 -41.58 -6.79
N ILE F 610 -30.95 -42.73 -6.75
CA ILE F 610 -30.10 -43.16 -7.86
C ILE F 610 -30.97 -44.02 -8.77
N ARG F 611 -31.37 -43.46 -9.91
CA ARG F 611 -32.35 -44.05 -10.81
C ARG F 611 -31.77 -44.09 -12.22
N LYS F 612 -31.84 -45.26 -12.85
CA LYS F 612 -31.36 -45.40 -14.22
C LYS F 612 -32.17 -44.58 -15.20
N LYS F 613 -33.50 -44.57 -15.05
CA LYS F 613 -34.36 -44.01 -16.08
C LYS F 613 -34.17 -42.51 -16.21
N THR F 614 -34.07 -41.79 -15.10
CA THR F 614 -33.89 -40.34 -15.18
C THR F 614 -32.47 -39.98 -15.62
N ILE F 615 -31.47 -40.77 -15.22
CA ILE F 615 -30.11 -40.53 -15.68
C ILE F 615 -30.02 -40.72 -17.19
N ALA F 616 -30.74 -41.71 -17.71
CA ALA F 616 -30.78 -41.92 -19.16
C ALA F 616 -31.60 -40.84 -19.85
N ALA F 617 -32.65 -40.35 -19.20
CA ALA F 617 -33.45 -39.28 -19.76
C ALA F 617 -32.62 -38.01 -19.94
N GLU F 618 -31.77 -37.69 -18.95
CA GLU F 618 -31.05 -36.44 -19.04
C GLU F 618 -30.00 -36.46 -20.15
N ASP F 619 -29.59 -37.64 -20.64
CA ASP F 619 -28.77 -37.68 -21.84
C ASP F 619 -29.52 -37.11 -23.03
N VAL F 620 -30.76 -37.56 -23.24
CA VAL F 620 -31.57 -37.03 -24.32
C VAL F 620 -31.84 -35.56 -24.12
N LEU F 621 -32.10 -35.16 -22.87
CA LEU F 621 -32.42 -33.76 -22.59
C LEU F 621 -31.21 -32.87 -22.85
N ASN F 622 -30.00 -33.36 -22.56
CA ASN F 622 -28.79 -32.65 -22.95
C ASN F 622 -28.68 -32.55 -24.46
N ASP F 623 -29.01 -33.65 -25.17
CA ASP F 623 -28.87 -33.65 -26.63
C ASP F 623 -29.82 -32.65 -27.28
N ILE F 624 -31.10 -32.69 -26.91
CA ILE F 624 -32.08 -31.82 -27.57
C ILE F 624 -32.04 -30.39 -27.08
N GLY F 625 -31.25 -30.10 -26.03
CA GLY F 625 -31.11 -28.76 -25.51
C GLY F 625 -31.99 -28.43 -24.33
N ALA F 626 -32.66 -29.43 -23.74
CA ALA F 626 -33.50 -29.15 -22.58
C ALA F 626 -32.67 -28.86 -21.33
N ILE F 627 -31.45 -29.41 -21.25
CA ILE F 627 -30.50 -29.10 -20.19
C ILE F 627 -29.41 -28.22 -20.79
N SER F 628 -29.18 -27.06 -20.19
CA SER F 628 -28.39 -26.01 -20.82
C SER F 628 -26.96 -25.90 -20.31
N ILE F 629 -26.66 -26.41 -19.12
CA ILE F 629 -25.37 -26.22 -18.47
C ILE F 629 -24.87 -27.57 -17.98
N ILE F 630 -23.56 -27.78 -18.06
CA ILE F 630 -22.90 -28.94 -17.48
C ILE F 630 -21.84 -28.43 -16.51
N SER F 631 -21.97 -28.79 -15.25
CA SER F 631 -21.14 -28.30 -14.15
C SER F 631 -20.39 -29.48 -13.52
N SER F 632 -19.75 -29.23 -12.38
CA SER F 632 -18.90 -30.21 -11.73
C SER F 632 -19.54 -30.79 -10.46
N ASP F 633 -19.86 -29.95 -9.47
CA ASP F 633 -20.17 -30.38 -8.11
C ASP F 633 -18.91 -30.98 -7.47
N SER F 634 -17.79 -30.28 -7.64
CA SER F 634 -16.46 -30.86 -7.44
C SER F 634 -16.26 -31.33 -6.00
N GLN F 635 -15.80 -32.58 -5.86
CA GLN F 635 -15.54 -33.23 -4.58
C GLN F 635 -16.80 -33.32 -3.71
N ALA F 636 -17.98 -33.17 -4.31
CA ALA F 636 -19.27 -33.31 -3.64
C ALA F 636 -20.19 -34.12 -4.56
N MET F 637 -19.70 -35.28 -4.99
CA MET F 637 -20.20 -36.03 -6.15
C MET F 637 -19.91 -35.26 -7.43
N GLY F 638 -18.64 -34.98 -7.69
CA GLY F 638 -18.24 -34.28 -8.90
C GLY F 638 -16.74 -34.17 -9.10
N ARG F 639 -16.31 -34.08 -10.36
CA ARG F 639 -14.90 -34.04 -10.72
C ARG F 639 -14.63 -32.75 -11.49
N VAL F 640 -13.82 -31.87 -10.91
CA VAL F 640 -13.62 -30.55 -11.49
C VAL F 640 -12.87 -30.63 -12.81
N GLY F 641 -12.00 -31.61 -12.97
CA GLY F 641 -11.17 -31.74 -14.15
C GLY F 641 -11.79 -32.51 -15.30
N GLU F 642 -13.10 -32.79 -15.24
CA GLU F 642 -13.79 -33.54 -16.28
C GLU F 642 -15.07 -32.86 -16.74
N VAL F 643 -15.22 -31.56 -16.47
CA VAL F 643 -16.39 -30.84 -17.00
C VAL F 643 -16.37 -30.83 -18.51
N ILE F 644 -15.19 -30.62 -19.08
CA ILE F 644 -15.06 -30.55 -20.54
C ILE F 644 -15.17 -31.94 -21.14
N SER F 645 -14.30 -32.85 -20.71
CA SER F 645 -14.21 -34.19 -21.30
C SER F 645 -15.57 -34.89 -21.27
N ARG F 646 -16.18 -34.95 -20.10
CA ARG F 646 -17.47 -35.62 -19.94
C ARG F 646 -18.50 -35.02 -20.90
N THR F 647 -18.50 -33.69 -21.04
CA THR F 647 -19.43 -33.06 -21.98
C THR F 647 -19.26 -33.64 -23.37
N TRP F 648 -18.03 -33.66 -23.88
CA TRP F 648 -17.82 -34.17 -25.22
C TRP F 648 -18.12 -35.65 -25.29
N GLN F 649 -17.86 -36.38 -24.20
CA GLN F 649 -18.22 -37.80 -24.17
C GLN F 649 -19.71 -37.96 -24.40
N THR F 650 -20.51 -37.13 -23.73
CA THR F 650 -21.95 -37.17 -23.93
C THR F 650 -22.29 -36.96 -25.40
N ALA F 651 -21.67 -35.94 -26.01
CA ALA F 651 -21.95 -35.67 -27.42
C ALA F 651 -21.62 -36.89 -28.27
N ASP F 652 -20.46 -37.51 -28.01
CA ASP F 652 -20.07 -38.70 -28.74
C ASP F 652 -21.15 -39.76 -28.63
N LYS F 653 -21.62 -40.02 -27.40
CA LYS F 653 -22.61 -41.06 -27.20
C LYS F 653 -23.87 -40.73 -27.98
N MET F 654 -24.29 -39.48 -27.96
CA MET F 654 -25.54 -39.14 -28.61
C MET F 654 -25.41 -39.13 -30.11
N LYS F 655 -24.20 -39.03 -30.64
CA LYS F 655 -24.03 -39.24 -32.07
C LYS F 655 -24.00 -40.73 -32.41
N ALA F 656 -23.55 -41.56 -31.47
CA ALA F 656 -23.46 -42.99 -31.73
C ALA F 656 -24.85 -43.63 -31.75
N GLN F 657 -25.73 -43.20 -30.85
CA GLN F 657 -27.00 -43.86 -30.60
C GLN F 657 -28.21 -43.07 -31.10
N THR F 658 -28.01 -41.90 -31.71
CA THR F 658 -29.11 -41.16 -32.32
C THR F 658 -28.77 -40.59 -33.69
N GLY F 659 -27.52 -40.64 -34.14
CA GLY F 659 -27.16 -40.09 -35.42
C GLY F 659 -27.05 -38.58 -35.37
N PRO F 660 -26.88 -37.94 -36.53
CA PRO F 660 -26.82 -36.48 -36.55
C PRO F 660 -28.14 -35.85 -36.11
N LEU F 661 -28.04 -34.67 -35.53
CA LEU F 661 -29.24 -33.91 -35.17
C LEU F 661 -29.98 -33.49 -36.44
N LYS F 662 -31.18 -32.93 -36.24
CA LYS F 662 -31.96 -32.46 -37.39
C LYS F 662 -31.22 -31.37 -38.15
N CYS F 663 -30.63 -30.42 -37.42
CA CYS F 663 -29.91 -29.32 -38.06
C CYS F 663 -28.58 -29.75 -38.65
N ASP F 664 -28.07 -30.93 -38.31
CA ASP F 664 -26.82 -31.44 -38.85
C ASP F 664 -27.08 -32.25 -40.11
N SER F 665 -25.99 -32.65 -40.77
CA SER F 665 -26.01 -33.51 -41.95
C SER F 665 -24.98 -34.60 -41.77
N SER F 666 -24.84 -35.45 -42.78
CA SER F 666 -23.82 -36.49 -42.76
C SER F 666 -22.41 -35.93 -42.96
N ASP F 667 -22.28 -34.66 -43.32
CA ASP F 667 -20.97 -34.08 -43.59
C ASP F 667 -20.25 -33.71 -42.30
N ASN F 668 -20.85 -32.81 -41.50
CA ASN F 668 -20.24 -32.29 -40.30
C ASN F 668 -21.21 -32.42 -39.13
N ASP F 669 -20.70 -32.11 -37.94
CA ASP F 669 -21.45 -32.08 -36.70
C ASP F 669 -21.37 -30.71 -36.05
N ASN F 670 -21.39 -29.66 -36.87
CA ASN F 670 -21.14 -28.31 -36.38
C ASN F 670 -22.20 -27.87 -35.39
N PHE F 671 -23.47 -28.17 -35.67
CA PHE F 671 -24.53 -27.74 -34.77
C PHE F 671 -24.43 -28.44 -33.41
N ARG F 672 -24.15 -29.74 -33.42
CA ARG F 672 -23.99 -30.46 -32.16
C ARG F 672 -22.77 -29.94 -31.39
N ILE F 673 -21.68 -29.66 -32.10
CA ILE F 673 -20.48 -29.14 -31.45
C ILE F 673 -20.77 -27.80 -30.80
N ARG F 674 -21.49 -26.92 -31.52
CA ARG F 674 -21.84 -25.63 -30.95
C ARG F 674 -22.76 -25.78 -29.75
N ARG F 675 -23.76 -26.65 -29.85
CA ARG F 675 -24.70 -26.84 -28.75
C ARG F 675 -23.98 -27.34 -27.51
N TYR F 676 -23.03 -28.25 -27.67
CA TYR F 676 -22.36 -28.82 -26.51
C TYR F 676 -21.27 -27.92 -25.96
N ILE F 677 -20.57 -27.15 -26.81
CA ILE F 677 -19.59 -26.21 -26.28
C ILE F 677 -20.26 -25.03 -25.63
N ALA F 678 -21.51 -24.73 -25.99
CA ALA F 678 -22.25 -23.71 -25.26
C ALA F 678 -22.56 -24.12 -23.82
N LYS F 679 -22.54 -25.42 -23.53
CA LYS F 679 -22.99 -25.90 -22.22
C LYS F 679 -22.01 -25.60 -21.10
N TYR F 680 -20.74 -25.32 -21.41
CA TYR F 680 -19.73 -25.03 -20.39
C TYR F 680 -18.94 -23.75 -20.66
N THR F 681 -19.29 -22.99 -21.70
CA THR F 681 -18.61 -21.72 -21.98
C THR F 681 -19.54 -20.53 -21.81
N ILE F 682 -20.64 -20.47 -22.55
CA ILE F 682 -21.48 -19.27 -22.60
C ILE F 682 -22.71 -19.40 -21.71
N ASN F 683 -23.29 -20.59 -21.61
CA ASN F 683 -24.51 -20.74 -20.82
C ASN F 683 -24.27 -20.51 -19.34
N PRO F 684 -23.21 -21.06 -18.71
CA PRO F 684 -22.92 -20.66 -17.33
C PRO F 684 -22.69 -19.17 -17.16
N ALA F 685 -22.05 -18.52 -18.13
CA ALA F 685 -21.81 -17.09 -18.05
C ALA F 685 -23.12 -16.31 -18.09
N ILE F 686 -24.03 -16.69 -18.97
CA ILE F 686 -25.33 -16.03 -19.03
C ILE F 686 -26.11 -16.28 -17.74
N ALA F 687 -26.09 -17.52 -17.26
CA ALA F 687 -26.90 -17.88 -16.09
C ALA F 687 -26.42 -17.13 -14.85
N ASN F 688 -25.10 -17.01 -14.68
CA ASN F 688 -24.57 -16.38 -13.47
C ASN F 688 -24.42 -14.88 -13.59
N GLY F 689 -24.37 -14.33 -14.81
CA GLY F 689 -24.49 -12.90 -14.99
C GLY F 689 -23.20 -12.18 -15.32
N PHE F 690 -22.26 -12.85 -15.98
CA PHE F 690 -21.01 -12.21 -16.41
C PHE F 690 -20.66 -12.66 -17.83
N SER F 691 -21.67 -12.76 -18.69
CA SER F 691 -21.44 -13.16 -20.07
C SER F 691 -20.81 -12.07 -20.92
N GLN F 692 -20.80 -10.82 -20.44
CA GLN F 692 -20.17 -9.75 -21.19
C GLN F 692 -18.64 -9.75 -21.07
N TYR F 693 -18.09 -10.47 -20.09
CA TYR F 693 -16.66 -10.55 -19.86
C TYR F 693 -16.04 -11.84 -20.38
N VAL F 694 -16.67 -12.98 -20.11
CA VAL F 694 -16.12 -14.29 -20.43
C VAL F 694 -17.20 -15.13 -21.10
N GLY F 695 -16.78 -16.29 -21.60
CA GLY F 695 -17.68 -17.31 -22.09
C GLY F 695 -17.69 -17.54 -23.57
N SER F 696 -16.92 -16.77 -24.35
CA SER F 696 -16.87 -16.99 -25.79
C SER F 696 -15.63 -16.33 -26.34
N VAL F 697 -15.24 -16.76 -27.53
CA VAL F 697 -14.14 -16.11 -28.26
C VAL F 697 -14.78 -15.00 -29.09
N GLU F 698 -14.99 -13.86 -28.44
CA GLU F 698 -15.65 -12.71 -29.04
C GLU F 698 -14.84 -11.47 -28.74
N VAL F 699 -14.87 -10.52 -29.69
CA VAL F 699 -14.11 -9.29 -29.54
C VAL F 699 -14.65 -8.50 -28.34
N GLY F 700 -13.73 -7.97 -27.54
CA GLY F 700 -14.08 -7.20 -26.37
C GLY F 700 -14.15 -7.99 -25.08
N LYS F 701 -14.12 -9.32 -25.15
CA LYS F 701 -14.17 -10.16 -23.97
C LYS F 701 -12.77 -10.46 -23.47
N LEU F 702 -12.70 -10.92 -22.22
CA LEU F 702 -11.41 -11.27 -21.63
C LEU F 702 -10.79 -12.44 -22.39
N ALA F 703 -9.47 -12.39 -22.57
CA ALA F 703 -8.77 -13.36 -23.39
C ALA F 703 -8.41 -14.61 -22.59
N ASP F 704 -9.46 -15.27 -22.08
CA ASP F 704 -9.31 -16.55 -21.39
C ASP F 704 -9.43 -17.65 -22.42
N LEU F 705 -8.30 -17.98 -23.04
CA LEU F 705 -8.26 -18.90 -24.18
C LEU F 705 -7.58 -20.19 -23.80
N VAL F 706 -7.88 -21.24 -24.55
CA VAL F 706 -7.29 -22.56 -24.36
C VAL F 706 -6.85 -23.07 -25.72
N MET F 707 -5.57 -23.41 -25.82
CA MET F 707 -4.95 -23.95 -27.02
C MET F 707 -4.87 -25.46 -26.88
N TRP F 708 -5.43 -26.17 -27.87
CA TRP F 708 -5.56 -27.62 -27.86
C TRP F 708 -4.90 -28.18 -29.11
N LYS F 709 -4.25 -29.33 -28.98
CA LYS F 709 -4.01 -30.14 -30.15
C LYS F 709 -5.33 -30.76 -30.60
N PRO F 710 -5.60 -30.85 -31.91
CA PRO F 710 -6.81 -31.57 -32.33
C PRO F 710 -6.82 -33.02 -31.90
N SER F 711 -5.64 -33.63 -31.83
CA SER F 711 -5.54 -35.00 -31.32
C SER F 711 -5.98 -35.09 -29.87
N PHE F 712 -5.65 -34.08 -29.07
CA PHE F 712 -5.87 -34.10 -27.62
C PHE F 712 -7.05 -33.22 -27.20
N PHE F 713 -7.91 -32.81 -28.13
CA PHE F 713 -9.03 -31.94 -27.80
C PHE F 713 -9.95 -32.63 -26.80
N GLY F 714 -10.31 -31.90 -25.74
CA GLY F 714 -11.23 -32.38 -24.74
C GLY F 714 -10.60 -33.03 -23.53
N THR F 715 -9.30 -33.36 -23.57
CA THR F 715 -8.61 -34.02 -22.47
C THR F 715 -7.53 -33.15 -21.86
N LYS F 716 -6.53 -32.72 -22.65
CA LYS F 716 -5.31 -32.10 -22.14
C LYS F 716 -4.93 -30.95 -23.05
N PRO F 717 -5.14 -29.69 -22.66
CA PRO F 717 -4.79 -28.58 -23.54
C PRO F 717 -3.30 -28.36 -23.62
N GLU F 718 -2.88 -27.71 -24.72
CA GLU F 718 -1.48 -27.30 -24.84
C GLU F 718 -1.18 -26.12 -23.95
N MET F 719 -2.08 -25.14 -23.89
CA MET F 719 -1.84 -24.07 -22.93
C MET F 719 -3.15 -23.37 -22.60
N VAL F 720 -3.15 -22.76 -21.42
CA VAL F 720 -4.27 -21.98 -20.92
C VAL F 720 -3.76 -20.56 -20.76
N ILE F 721 -4.30 -19.66 -21.58
CA ILE F 721 -3.98 -18.24 -21.58
C ILE F 721 -5.03 -17.53 -20.76
N LYS F 722 -4.59 -16.71 -19.81
CA LYS F 722 -5.48 -15.96 -18.93
C LYS F 722 -5.15 -14.48 -19.09
N GLY F 723 -6.12 -13.73 -19.61
CA GLY F 723 -5.93 -12.29 -19.78
C GLY F 723 -4.79 -11.93 -20.72
N GLY F 724 -4.61 -12.70 -21.78
CA GLY F 724 -3.57 -12.41 -22.75
C GLY F 724 -2.19 -12.86 -22.35
N MET F 725 -2.05 -13.67 -21.30
CA MET F 725 -0.77 -14.17 -20.83
C MET F 725 -0.92 -15.66 -20.54
N VAL F 726 0.10 -16.43 -20.87
CA VAL F 726 0.04 -17.88 -20.70
C VAL F 726 0.03 -18.17 -19.20
N ALA F 727 -1.11 -18.64 -18.70
CA ALA F 727 -1.23 -18.96 -17.28
C ALA F 727 -0.65 -20.34 -16.98
N TRP F 728 -1.00 -21.34 -17.79
CA TRP F 728 -0.48 -22.70 -17.60
C TRP F 728 -0.11 -23.27 -18.95
N ALA F 729 0.89 -24.17 -18.96
CA ALA F 729 1.33 -24.70 -20.25
C ALA F 729 2.05 -26.03 -20.05
N ASP F 730 2.03 -26.85 -21.11
CA ASP F 730 2.73 -28.13 -21.11
C ASP F 730 4.20 -27.87 -21.44
N ILE F 731 5.07 -28.09 -20.45
CA ILE F 731 6.49 -27.80 -20.58
C ILE F 731 7.30 -28.97 -20.05
N GLY F 732 8.49 -29.15 -20.61
CA GLY F 732 9.38 -30.24 -20.29
C GLY F 732 10.40 -29.90 -19.23
N ASP F 733 11.57 -30.52 -19.35
CA ASP F 733 12.60 -30.37 -18.34
C ASP F 733 13.11 -28.93 -18.31
N PRO F 734 13.17 -28.27 -17.14
CA PRO F 734 13.69 -26.90 -17.12
C PRO F 734 15.14 -26.77 -17.52
N ASN F 735 15.93 -27.84 -17.42
CA ASN F 735 17.33 -27.84 -17.81
C ASN F 735 17.53 -28.44 -19.20
N ALA F 736 16.49 -28.49 -20.01
CA ALA F 736 16.62 -29.02 -21.35
C ALA F 736 17.13 -27.95 -22.30
N SER F 737 17.70 -28.41 -23.41
CA SER F 737 18.12 -27.49 -24.46
C SER F 737 16.93 -26.85 -25.17
N ILE F 738 15.77 -27.52 -25.15
CA ILE F 738 14.55 -27.02 -25.78
C ILE F 738 13.39 -27.36 -24.84
N PRO F 739 12.18 -26.81 -25.02
CA PRO F 739 11.14 -27.01 -24.01
C PRO F 739 10.46 -28.38 -24.02
N THR F 740 10.53 -29.11 -25.12
CA THR F 740 9.83 -30.37 -25.34
C THR F 740 10.25 -31.61 -24.55
N PRO F 741 11.51 -31.79 -24.10
CA PRO F 741 11.90 -33.11 -23.58
C PRO F 741 11.14 -33.53 -22.34
N GLU F 742 11.00 -34.84 -22.18
CA GLU F 742 10.28 -35.39 -21.04
C GLU F 742 11.04 -35.09 -19.75
N PRO F 743 10.35 -35.04 -18.60
CA PRO F 743 8.90 -35.19 -18.37
C PRO F 743 8.12 -33.93 -18.74
N VAL F 744 7.26 -34.04 -19.74
CA VAL F 744 6.40 -32.92 -20.12
C VAL F 744 5.19 -32.95 -19.20
N LYS F 745 5.02 -31.88 -18.42
CA LYS F 745 3.92 -31.75 -17.48
C LYS F 745 3.22 -30.42 -17.72
N MET F 746 1.94 -30.39 -17.42
CA MET F 746 1.17 -29.16 -17.44
C MET F 746 1.56 -28.37 -16.18
N ARG F 747 2.44 -27.40 -16.35
CA ARG F 747 3.06 -26.64 -15.28
C ARG F 747 2.51 -25.22 -15.23
N PRO F 748 2.58 -24.55 -14.07
CA PRO F 748 2.21 -23.14 -14.01
C PRO F 748 3.30 -22.24 -14.57
N MET F 749 2.88 -21.23 -15.32
CA MET F 749 3.77 -20.30 -16.00
C MET F 749 3.85 -19.01 -15.20
N TYR F 750 4.45 -17.97 -15.80
CA TYR F 750 4.64 -16.70 -15.11
C TYR F 750 3.33 -16.00 -14.78
N GLY F 751 2.21 -16.43 -15.36
CA GLY F 751 0.91 -15.91 -14.96
C GLY F 751 0.45 -16.31 -13.58
N THR F 752 1.20 -17.17 -12.89
CA THR F 752 0.84 -17.66 -11.56
C THR F 752 1.70 -17.09 -10.44
N LEU F 753 2.72 -16.29 -10.76
CA LEU F 753 3.70 -15.84 -9.79
C LEU F 753 3.51 -14.38 -9.46
N GLY F 754 3.89 -14.01 -8.23
CA GLY F 754 3.85 -12.64 -7.79
C GLY F 754 2.44 -12.09 -7.81
N LYS F 755 2.34 -10.78 -8.10
CA LYS F 755 1.06 -10.10 -8.27
C LYS F 755 0.61 -10.08 -9.72
N ALA F 756 1.08 -11.02 -10.54
CA ALA F 756 0.69 -11.10 -11.93
C ALA F 756 -0.60 -11.89 -12.13
N GLY F 757 -0.80 -12.95 -11.34
CA GLY F 757 -1.99 -13.76 -11.49
C GLY F 757 -3.27 -12.99 -11.21
N GLY F 758 -3.20 -12.02 -10.31
CA GLY F 758 -4.35 -11.17 -10.06
C GLY F 758 -4.57 -10.09 -11.11
N ALA F 759 -3.52 -9.71 -11.83
CA ALA F 759 -3.64 -8.72 -12.88
C ALA F 759 -4.38 -9.24 -14.11
N LEU F 760 -4.60 -10.56 -14.22
CA LEU F 760 -5.14 -11.18 -15.41
C LEU F 760 -6.56 -11.71 -15.22
N SER F 761 -7.18 -11.45 -14.07
CA SER F 761 -8.38 -12.15 -13.64
C SER F 761 -9.43 -11.17 -13.15
N ILE F 762 -10.64 -11.67 -12.96
CA ILE F 762 -11.77 -10.89 -12.46
C ILE F 762 -12.39 -11.64 -11.29
N ALA F 763 -12.67 -10.92 -10.20
CA ALA F 763 -13.42 -11.45 -9.08
C ALA F 763 -14.86 -10.97 -9.20
N PHE F 764 -15.77 -11.88 -9.50
CA PHE F 764 -17.17 -11.53 -9.71
C PHE F 764 -17.88 -11.45 -8.37
N VAL F 765 -18.47 -10.29 -8.09
CA VAL F 765 -19.19 -10.02 -6.85
C VAL F 765 -20.57 -9.46 -7.21
N SER F 766 -21.35 -9.14 -6.19
CA SER F 766 -22.65 -8.53 -6.40
C SER F 766 -22.50 -7.03 -6.64
N LYS F 767 -23.60 -6.40 -7.04
CA LYS F 767 -23.60 -4.95 -7.19
C LYS F 767 -23.47 -4.26 -5.85
N ALA F 768 -24.10 -4.82 -4.81
CA ALA F 768 -24.01 -4.23 -3.48
C ALA F 768 -22.58 -4.22 -2.98
N ALA F 769 -21.84 -5.31 -3.22
CA ALA F 769 -20.46 -5.38 -2.76
C ALA F 769 -19.56 -4.42 -3.53
N LEU F 770 -19.80 -4.27 -4.84
CA LEU F 770 -18.99 -3.35 -5.63
C LEU F 770 -19.30 -1.90 -5.27
N ASP F 771 -20.54 -1.59 -4.92
CA ASP F 771 -20.87 -0.26 -4.45
C ASP F 771 -20.16 0.04 -3.13
N GLN F 772 -20.02 -0.97 -2.27
CA GLN F 772 -19.26 -0.84 -1.03
C GLN F 772 -17.75 -0.83 -1.28
N ARG F 773 -17.30 -1.17 -2.49
CA ARG F 773 -15.89 -1.24 -2.85
C ARG F 773 -15.15 -2.23 -1.95
N VAL F 774 -15.61 -3.49 -2.02
CA VAL F 774 -14.96 -4.56 -1.28
C VAL F 774 -13.57 -4.86 -1.82
N ASN F 775 -13.28 -4.47 -3.07
CA ASN F 775 -11.94 -4.65 -3.60
C ASN F 775 -10.94 -3.74 -2.89
N VAL F 776 -11.40 -2.61 -2.36
CA VAL F 776 -10.55 -1.72 -1.58
C VAL F 776 -10.53 -2.13 -0.11
N LEU F 777 -11.68 -2.55 0.42
CA LEU F 777 -11.75 -2.96 1.82
C LEU F 777 -10.88 -4.17 2.10
N TYR F 778 -10.95 -5.17 1.24
CA TYR F 778 -10.20 -6.41 1.42
C TYR F 778 -8.79 -6.33 0.85
N GLY F 779 -8.43 -5.25 0.18
CA GLY F 779 -7.11 -5.14 -0.41
C GLY F 779 -6.87 -6.12 -1.54
N LEU F 780 -7.86 -6.30 -2.41
CA LEU F 780 -7.73 -7.24 -3.51
C LEU F 780 -6.97 -6.60 -4.67
N ASN F 781 -5.95 -7.29 -5.14
CA ASN F 781 -5.24 -6.88 -6.34
C ASN F 781 -6.01 -7.23 -7.61
N LYS F 782 -6.97 -8.13 -7.54
CA LYS F 782 -7.71 -8.56 -8.71
C LYS F 782 -8.72 -7.51 -9.16
N ARG F 783 -9.01 -7.54 -10.44
CA ARG F 783 -10.14 -6.79 -10.98
C ARG F 783 -11.43 -7.35 -10.39
N VAL F 784 -12.39 -6.48 -10.13
CA VAL F 784 -13.67 -6.85 -9.54
C VAL F 784 -14.78 -6.25 -10.38
N GLU F 785 -15.75 -7.07 -10.75
CA GLU F 785 -16.88 -6.67 -11.57
C GLU F 785 -18.16 -7.20 -10.94
N ALA F 786 -19.26 -6.51 -11.21
CA ALA F 786 -20.56 -6.88 -10.68
C ALA F 786 -21.31 -7.74 -11.68
N VAL F 787 -21.97 -8.78 -11.18
CA VAL F 787 -22.82 -9.61 -12.01
C VAL F 787 -24.17 -8.93 -12.19
N SER F 788 -24.81 -9.17 -13.32
CA SER F 788 -26.04 -8.46 -13.66
C SER F 788 -26.79 -9.24 -14.73
N ASN F 789 -28.05 -8.85 -14.93
CA ASN F 789 -28.93 -9.42 -15.95
C ASN F 789 -29.12 -10.92 -15.74
N VAL F 790 -29.72 -11.26 -14.60
CA VAL F 790 -29.97 -12.66 -14.23
C VAL F 790 -31.39 -12.90 -13.74
N ARG F 791 -32.18 -11.83 -13.54
CA ARG F 791 -33.52 -11.97 -13.02
C ARG F 791 -34.59 -12.02 -14.10
N LYS F 792 -34.32 -11.46 -15.28
CA LYS F 792 -35.25 -11.52 -16.41
C LYS F 792 -34.95 -12.69 -17.33
N LEU F 793 -34.05 -13.59 -16.95
CA LEU F 793 -33.67 -14.70 -17.81
C LEU F 793 -34.73 -15.80 -17.78
N THR F 794 -34.97 -16.38 -18.95
CA THR F 794 -35.82 -17.55 -19.11
C THR F 794 -35.00 -18.63 -19.81
N LYS F 795 -35.65 -19.77 -20.06
CA LYS F 795 -34.98 -20.86 -20.77
C LYS F 795 -34.56 -20.44 -22.18
N LEU F 796 -35.29 -19.50 -22.78
CA LEU F 796 -35.00 -19.08 -24.14
C LEU F 796 -33.72 -18.26 -24.26
N ASP F 797 -33.15 -17.82 -23.15
CA ASP F 797 -31.91 -17.05 -23.16
C ASP F 797 -30.67 -17.92 -23.17
N MET F 798 -30.79 -19.21 -22.89
CA MET F 798 -29.66 -20.12 -23.02
C MET F 798 -29.38 -20.37 -24.49
N LYS F 799 -28.12 -20.20 -24.89
CA LYS F 799 -27.77 -20.29 -26.31
C LYS F 799 -27.76 -21.74 -26.76
N LEU F 800 -28.57 -22.04 -27.79
CA LEU F 800 -28.64 -23.35 -28.43
C LEU F 800 -29.17 -24.44 -27.51
N ASN F 801 -29.68 -24.10 -26.33
CA ASN F 801 -30.21 -25.07 -25.36
C ASN F 801 -31.50 -24.54 -24.76
N ASP F 802 -32.42 -24.09 -25.63
CA ASP F 802 -33.63 -23.40 -25.22
C ASP F 802 -34.88 -24.26 -25.32
N ALA F 803 -34.74 -25.57 -25.52
CA ALA F 803 -35.91 -26.44 -25.64
C ALA F 803 -36.66 -26.53 -24.32
N LEU F 804 -37.98 -26.66 -24.42
CA LEU F 804 -38.87 -26.72 -23.25
C LEU F 804 -39.85 -27.89 -23.42
N PRO F 805 -39.37 -29.13 -23.31
CA PRO F 805 -40.29 -30.26 -23.39
C PRO F 805 -41.19 -30.33 -22.18
N GLU F 806 -42.35 -30.98 -22.37
CA GLU F 806 -43.28 -31.26 -21.29
C GLU F 806 -42.88 -32.60 -20.68
N ILE F 807 -42.24 -32.55 -19.53
CA ILE F 807 -41.69 -33.74 -18.88
C ILE F 807 -42.73 -34.34 -17.98
N THR F 808 -42.77 -35.68 -17.95
CA THR F 808 -43.65 -36.44 -17.07
C THR F 808 -42.90 -37.65 -16.56
N VAL F 809 -42.86 -37.81 -15.24
CA VAL F 809 -42.17 -38.92 -14.59
C VAL F 809 -43.20 -39.79 -13.89
N ASP F 810 -43.10 -41.09 -14.09
CA ASP F 810 -44.00 -42.01 -13.41
C ASP F 810 -43.61 -42.12 -11.94
N PRO F 811 -44.53 -41.94 -10.99
CA PRO F 811 -44.12 -42.05 -9.57
C PRO F 811 -43.58 -43.41 -9.19
N GLU F 812 -44.01 -44.48 -9.85
CA GLU F 812 -43.67 -45.85 -9.45
C GLU F 812 -42.49 -46.40 -10.24
N SER F 813 -42.56 -46.40 -11.57
CA SER F 813 -41.52 -46.97 -12.41
C SER F 813 -40.42 -45.97 -12.78
N TYR F 814 -40.58 -44.69 -12.44
CA TYR F 814 -39.59 -43.66 -12.73
C TYR F 814 -39.37 -43.47 -14.23
N THR F 815 -40.39 -43.75 -15.04
CA THR F 815 -40.27 -43.66 -16.49
C THR F 815 -40.54 -42.22 -16.92
N VAL F 816 -39.67 -41.70 -17.79
CA VAL F 816 -39.66 -40.28 -18.17
C VAL F 816 -40.15 -40.15 -19.60
N LYS F 817 -41.11 -39.26 -19.82
CA LYS F 817 -41.63 -38.95 -21.14
C LYS F 817 -41.52 -37.45 -21.38
N ALA F 818 -41.15 -37.07 -22.61
CA ALA F 818 -41.06 -35.67 -23.02
C ALA F 818 -42.01 -35.45 -24.19
N ASP F 819 -43.00 -34.57 -23.97
CA ASP F 819 -44.06 -34.33 -24.95
C ASP F 819 -44.82 -35.61 -25.29
N GLY F 820 -44.93 -36.51 -24.32
CA GLY F 820 -45.63 -37.77 -24.51
C GLY F 820 -44.80 -38.89 -25.11
N LYS F 821 -43.56 -38.61 -25.52
CA LYS F 821 -42.69 -39.60 -26.14
C LYS F 821 -41.71 -40.14 -25.12
N LEU F 822 -41.57 -41.46 -25.09
CA LEU F 822 -40.72 -42.11 -24.09
C LEU F 822 -39.26 -41.76 -24.34
N LEU F 823 -38.56 -41.38 -23.28
CA LEU F 823 -37.14 -41.08 -23.34
C LEU F 823 -36.36 -42.26 -22.77
N CYS F 824 -35.44 -42.80 -23.56
CA CYS F 824 -34.67 -43.96 -23.15
C CYS F 824 -33.38 -44.01 -23.95
N VAL F 825 -32.27 -44.27 -23.26
CA VAL F 825 -30.97 -44.40 -23.89
C VAL F 825 -30.29 -45.64 -23.30
N SER F 826 -29.49 -46.30 -24.13
CA SER F 826 -28.77 -47.48 -23.69
C SER F 826 -27.49 -47.08 -22.95
N GLU F 827 -27.01 -48.00 -22.12
CA GLU F 827 -25.72 -47.81 -21.48
C GLU F 827 -24.62 -47.75 -22.53
N ALA F 828 -23.61 -46.93 -22.28
CA ALA F 828 -22.39 -46.89 -23.07
C ALA F 828 -21.31 -47.67 -22.34
N THR F 829 -20.85 -48.76 -22.94
CA THR F 829 -19.80 -49.57 -22.34
C THR F 829 -18.41 -48.97 -22.54
N THR F 830 -18.27 -47.94 -23.37
CA THR F 830 -16.99 -47.31 -23.63
C THR F 830 -17.25 -45.82 -23.86
N VAL F 831 -16.26 -45.00 -23.53
CA VAL F 831 -16.30 -43.57 -23.81
C VAL F 831 -14.97 -43.16 -24.42
N PRO F 832 -14.92 -42.14 -25.26
CA PRO F 832 -13.62 -41.64 -25.74
C PRO F 832 -13.03 -40.69 -24.71
N LEU F 833 -11.86 -40.14 -25.04
CA LEU F 833 -11.22 -39.09 -24.25
C LEU F 833 -10.85 -39.54 -22.84
N SER F 834 -10.80 -40.85 -22.60
CA SER F 834 -10.49 -41.40 -21.27
C SER F 834 -9.26 -42.27 -21.26
N ARG F 835 -9.20 -43.31 -22.10
CA ARG F 835 -8.22 -44.37 -21.94
C ARG F 835 -6.98 -44.19 -22.80
N ASN F 836 -7.09 -43.49 -23.94
CA ASN F 836 -5.93 -43.24 -24.78
C ASN F 836 -4.98 -42.20 -24.20
N TYR F 837 -5.37 -41.51 -23.12
CA TYR F 837 -4.75 -40.25 -22.73
C TYR F 837 -4.18 -40.22 -21.33
N PHE F 838 -4.76 -40.96 -20.38
CA PHE F 838 -4.47 -40.79 -18.97
C PHE F 838 -3.70 -41.98 -18.42
N LEU F 839 -2.65 -41.69 -17.67
CA LEU F 839 -1.79 -42.73 -17.11
C LEU F 839 -2.55 -43.62 -16.14
N PHE F 840 -3.39 -43.02 -15.29
CA PHE F 840 -4.13 -43.74 -14.26
C PHE F 840 -5.62 -43.57 -14.44
NI NI G . -11.43 28.26 -26.63
P PO4 H . -10.08 30.83 -25.15
O1 PO4 H . -11.32 31.59 -24.74
O2 PO4 H . -9.51 31.48 -26.39
O3 PO4 H . -10.44 29.40 -25.43
O4 PO4 H . -9.06 30.91 -24.05
NI NI I . -27.97 15.65 24.95
P PO4 J . -27.56 18.13 22.77
O1 PO4 J . -27.42 19.52 23.36
O2 PO4 J . -28.66 18.16 21.74
O3 PO4 J . -27.91 17.15 23.85
O4 PO4 J . -26.27 17.72 22.11
NI NI K . 23.59 27.76 13.53
P PO4 L . 22.94 29.23 15.19
O1 PO4 L . 22.76 30.71 14.93
O2 PO4 L . 22.00 28.44 14.33
O3 PO4 L . 22.62 28.96 16.63
O4 PO4 L . 24.37 28.83 14.88
NI NI M . 20.31 -16.38 -30.94
P PO4 N . 18.25 -18.74 -30.32
O1 PO4 N . 18.94 -17.61 -31.05
O2 PO4 N . 16.99 -19.12 -31.04
O3 PO4 N . 17.92 -18.26 -28.93
O4 PO4 N . 19.17 -19.93 -30.26
NI NI O . 20.72 -25.45 23.45
P PO4 P . 21.23 -26.86 20.78
O1 PO4 P . 21.65 -26.04 21.98
O2 PO4 P . 20.86 -28.25 21.22
O3 PO4 P . 22.37 -26.95 19.80
O4 PO4 P . 20.06 -26.17 20.14
NI NI Q . -25.99 -30.68 -4.27
P PO4 R . -24.37 -33.27 -3.04
O1 PO4 R . -24.59 -31.85 -3.50
O2 PO4 R . -25.52 -33.74 -2.19
O3 PO4 R . -23.09 -33.35 -2.23
O4 PO4 R . -24.24 -34.18 -4.24
#